data_2PAN
#
_entry.id   2PAN
#
_cell.length_a   188.180
_cell.length_b   188.180
_cell.length_c   249.400
_cell.angle_alpha   90.00
_cell.angle_beta   90.00
_cell.angle_gamma   90.00
#
_symmetry.space_group_name_H-M   'P 41 21 2'
#
loop_
_entity.id
_entity.type
_entity.pdbx_description
1 polymer 'Glyoxylate carboligase'
2 non-polymer 'MAGNESIUM ION'
3 non-polymer 'FLAVIN-ADENINE DINUCLEOTIDE'
4 non-polymer 'THIAMINE DIPHOSPHATE'
5 non-polymer 2,3-DIHYDROXY-1,4-DITHIOBUTANE
6 non-polymer 'PENTAETHYLENE GLYCOL'
7 water water
#
_entity_poly.entity_id   1
_entity_poly.type   'polypeptide(L)'
_entity_poly.pdbx_seq_one_letter_code
;(MSE)GSSHHHHHHSSGLVPRGSH(MSE)AS(MSE)AK(MSE)RAVDAA(MSE)YVLEKEGITTAFGVPGAAINPFYSA
(MSE)RKHGGIRHILARHVEGASH(MSE)AEGYTRATAGNIGVCLGTSGPAGTD(MSE)ITALYSASADSIPILCITGQA
PRARLHKEDFQAVDIEAIAKPVSK(MSE)AVTVREAALVPRVLQQAFHL(MSE)RSGRPGPVLVDLPFDVQVAEIEFDPD
(MSE)YEPLPVYKPAASR(MSE)QIEKAVE(MSE)LIQAERPVIVAGGGVINADAAALLQQFAELTSVPVIPTL(MSE)G
WGCIPDDHEL(MSE)AG(MSE)VGLQTAHRYGNATLLASD(MSE)VFGIGNRFANRHTGSVEKYTEGRKIVHIDIEPTQI
GRVLCPDLGIVSDAKAALTLLVEVAQE(MSE)QKAGRLPCRKEWVADCQQRKRTLLRKTHFDNVPVKPQRVYEE(MSE)N
KAFGRDVCYVTTIGLSQIAAAQ(MSE)LHVFKDRHWINCGQAGPLGWTIPAALGVCAADPKRNVVAISGDFDFQFLIEEL
AVGAQFNIPYIHVLVNNAYLGLIRQSQRAFD(MSE)DYCVQLAFENINSSEVNGYGVDHVKVAEGLGCKAIRVFKPEDIA
PAFEQAKAL(MSE)AQYRVPVVVEVILERVTNIS(MSE)GSELDNV(MSE)EFEDIADNAADAPTETCF(MSE)HYE
;
_entity_poly.pdbx_strand_id   A,B,C,D,E,F
#
# COMPACT_ATOMS: atom_id res chain seq x y z
N ALA A 25 19.87 17.04 -24.21
CA ALA A 25 20.87 17.60 -23.22
C ALA A 25 20.92 16.86 -21.88
N LYS A 26 19.91 16.04 -21.57
CA LYS A 26 19.98 15.11 -20.42
C LYS A 26 20.88 13.93 -20.77
N ARG A 28 24.31 11.15 -18.89
CA ARG A 28 25.14 10.69 -17.76
C ARG A 28 26.30 11.65 -17.51
N ALA A 29 26.74 11.75 -16.27
CA ALA A 29 27.88 12.62 -15.93
C ALA A 29 29.15 12.22 -16.71
N VAL A 30 29.40 10.92 -16.84
CA VAL A 30 30.51 10.41 -17.65
C VAL A 30 30.39 10.73 -19.16
N ASP A 31 29.17 10.79 -19.67
CA ASP A 31 28.95 11.18 -21.06
C ASP A 31 29.36 12.62 -21.27
N ALA A 32 28.96 13.50 -20.35
CA ALA A 32 29.38 14.89 -20.39
C ALA A 32 30.89 15.05 -20.27
N ALA A 33 31.52 14.16 -19.49
CA ALA A 33 32.97 14.18 -19.34
C ALA A 33 33.68 13.96 -20.67
N TYR A 35 32.59 14.87 -23.74
CA TYR A 35 32.54 16.15 -24.44
C TYR A 35 33.60 17.10 -23.94
N VAL A 36 33.74 17.20 -22.62
CA VAL A 36 34.74 18.10 -22.04
C VAL A 36 36.14 17.69 -22.46
N LEU A 37 36.47 16.41 -22.32
CA LEU A 37 37.80 15.91 -22.69
C LEU A 37 38.14 16.16 -24.16
N GLU A 38 37.15 16.00 -25.03
CA GLU A 38 37.34 16.21 -26.47
C GLU A 38 37.55 17.68 -26.81
N LYS A 39 36.70 18.55 -26.27
CA LYS A 39 36.83 19.98 -26.52
C LYS A 39 38.12 20.55 -25.94
N GLU A 40 38.69 19.81 -25.00
CA GLU A 40 39.87 20.22 -24.26
C GLU A 40 41.14 19.57 -24.84
N GLY A 41 41.00 18.85 -25.95
CA GLY A 41 42.14 18.38 -26.75
C GLY A 41 42.53 16.90 -26.68
N ILE A 42 41.91 16.11 -25.78
CA ILE A 42 42.35 14.72 -25.56
C ILE A 42 41.94 13.80 -26.70
N THR A 43 42.92 13.04 -27.22
CA THR A 43 42.67 12.00 -28.23
C THR A 43 43.22 10.63 -27.83
N THR A 44 43.88 10.54 -26.69
CA THR A 44 44.54 9.31 -26.26
C THR A 44 44.38 9.07 -24.75
N ALA A 45 44.34 7.81 -24.36
CA ALA A 45 44.23 7.47 -22.95
C ALA A 45 44.89 6.12 -22.68
N PHE A 46 45.64 6.06 -21.59
CA PHE A 46 46.31 4.84 -21.16
C PHE A 46 45.66 4.40 -19.88
N GLY A 47 45.35 3.10 -19.75
CA GLY A 47 44.71 2.64 -18.55
C GLY A 47 44.51 1.16 -18.34
N VAL A 48 43.85 0.85 -17.23
CA VAL A 48 43.47 -0.51 -16.86
C VAL A 48 42.06 -0.47 -16.29
N PRO A 49 41.10 -1.11 -16.97
CA PRO A 49 39.72 -0.99 -16.50
C PRO A 49 39.41 -1.82 -15.25
N GLY A 50 38.25 -1.52 -14.67
CA GLY A 50 37.76 -2.19 -13.46
C GLY A 50 36.30 -1.85 -13.25
N ALA A 51 35.63 -2.63 -12.41
CA ALA A 51 34.19 -2.45 -12.19
C ALA A 51 33.84 -1.02 -11.79
N ALA A 52 34.61 -0.44 -10.88
CA ALA A 52 34.34 0.91 -10.37
C ALA A 52 34.48 2.04 -11.42
N ILE A 53 35.24 1.77 -12.50
CA ILE A 53 35.43 2.76 -13.58
C ILE A 53 34.78 2.34 -14.91
N ASN A 54 33.97 1.27 -14.90
CA ASN A 54 33.29 0.82 -16.11
C ASN A 54 32.36 1.87 -16.78
N PRO A 55 31.60 2.63 -15.99
CA PRO A 55 30.75 3.65 -16.62
C PRO A 55 31.53 4.66 -17.49
N PHE A 56 32.72 5.04 -17.03
CA PHE A 56 33.60 5.91 -17.79
C PHE A 56 34.01 5.25 -19.11
N TYR A 57 34.46 4.01 -19.05
CA TYR A 57 34.83 3.24 -20.24
C TYR A 57 33.66 3.09 -21.22
N SER A 58 32.47 2.92 -20.67
CA SER A 58 31.24 2.82 -21.45
C SER A 58 30.94 4.10 -22.23
N ALA A 59 31.09 5.24 -21.56
CA ALA A 59 30.88 6.54 -22.18
C ALA A 59 31.93 6.83 -23.26
N ARG A 61 33.50 4.57 -25.12
CA ARG A 61 33.20 3.74 -26.29
C ARG A 61 32.04 4.30 -27.10
N LYS A 62 31.00 4.73 -26.40
CA LYS A 62 29.82 5.31 -27.01
C LYS A 62 30.16 6.60 -27.77
N HIS A 63 31.04 7.42 -27.20
CA HIS A 63 31.36 8.72 -27.77
C HIS A 63 32.36 8.63 -28.93
N GLY A 64 33.33 7.73 -28.82
CA GLY A 64 34.39 7.64 -29.81
C GLY A 64 35.37 8.80 -29.69
N GLY A 65 36.45 8.74 -30.48
CA GLY A 65 37.43 9.84 -30.55
C GLY A 65 38.62 9.76 -29.63
N ILE A 66 38.62 8.82 -28.69
CA ILE A 66 39.77 8.58 -27.83
C ILE A 66 40.32 7.17 -28.06
N ARG A 67 41.60 7.09 -28.38
CA ARG A 67 42.28 5.81 -28.52
C ARG A 67 42.77 5.33 -27.16
N HIS A 68 42.28 4.17 -26.71
CA HIS A 68 42.71 3.58 -25.44
C HIS A 68 43.83 2.55 -25.63
N ILE A 69 44.93 2.72 -24.90
CA ILE A 69 45.96 1.69 -24.78
C ILE A 69 45.85 0.99 -23.42
N LEU A 70 45.67 -0.33 -23.47
CA LEU A 70 45.63 -1.17 -22.27
C LEU A 70 47.04 -1.44 -21.78
N ALA A 71 47.35 -0.99 -20.57
CA ALA A 71 48.64 -1.28 -19.94
C ALA A 71 48.61 -2.64 -19.23
N ARG A 72 49.78 -3.13 -18.83
CA ARG A 72 49.92 -4.38 -18.09
C ARG A 72 50.48 -4.12 -16.69
N HIS A 73 50.37 -2.86 -16.27
CA HIS A 73 50.52 -2.43 -14.88
C HIS A 73 50.00 -1.00 -14.84
N VAL A 74 49.24 -0.63 -13.81
CA VAL A 74 48.74 0.73 -13.68
C VAL A 74 49.90 1.74 -13.65
N GLU A 75 50.97 1.42 -12.94
CA GLU A 75 52.18 2.26 -12.94
C GLU A 75 52.66 2.50 -14.36
N GLY A 76 52.60 1.46 -15.20
CA GLY A 76 52.94 1.55 -16.61
C GLY A 76 52.05 2.56 -17.34
N ALA A 77 50.75 2.48 -17.10
CA ALA A 77 49.79 3.43 -17.67
C ALA A 77 50.11 4.87 -17.27
N SER A 78 50.49 5.05 -16.01
CA SER A 78 50.82 6.37 -15.47
C SER A 78 52.02 6.96 -16.19
N HIS A 79 53.07 6.17 -16.35
CA HIS A 79 54.32 6.68 -16.93
C HIS A 79 54.20 6.85 -18.44
N ALA A 81 51.46 8.05 -19.76
CA ALA A 81 50.86 9.38 -19.75
C ALA A 81 51.92 10.48 -19.63
N GLU A 82 52.91 10.26 -18.76
CA GLU A 82 53.98 11.23 -18.55
C GLU A 82 54.77 11.45 -19.84
N GLY A 83 55.12 10.36 -20.51
CA GLY A 83 55.84 10.43 -21.77
C GLY A 83 55.04 11.14 -22.83
N TYR A 84 53.75 10.83 -22.91
CA TYR A 84 52.83 11.45 -23.87
C TYR A 84 52.80 12.97 -23.68
N THR A 85 52.77 13.41 -22.42
CA THR A 85 52.77 14.84 -22.11
C THR A 85 54.08 15.48 -22.54
N ARG A 86 55.18 14.88 -22.11
CA ARG A 86 56.50 15.44 -22.34
C ARG A 86 56.92 15.50 -23.80
N ALA A 87 56.28 14.70 -24.65
CA ALA A 87 56.66 14.59 -26.07
C ALA A 87 56.44 15.86 -26.88
N THR A 88 55.31 16.55 -26.66
CA THR A 88 54.90 17.68 -27.47
C THR A 88 54.16 18.73 -26.63
N ALA A 89 54.39 20.01 -26.97
CA ALA A 89 54.06 21.16 -26.11
C ALA A 89 52.63 21.24 -25.54
N GLY A 90 51.61 21.01 -26.33
CA GLY A 90 50.25 21.09 -25.75
C GLY A 90 49.68 19.80 -25.15
N ASN A 91 50.46 18.72 -25.16
CA ASN A 91 49.95 17.40 -24.79
C ASN A 91 49.64 17.22 -23.32
N ILE A 92 48.53 16.57 -23.03
CA ILE A 92 48.19 16.15 -21.69
C ILE A 92 47.84 14.68 -21.70
N GLY A 93 48.77 13.87 -21.20
CA GLY A 93 48.57 12.42 -21.07
C GLY A 93 47.51 12.08 -20.05
N VAL A 94 46.68 11.11 -20.37
CA VAL A 94 45.57 10.69 -19.50
C VAL A 94 45.74 9.24 -19.02
N CYS A 95 45.56 9.05 -17.72
CA CYS A 95 45.75 7.77 -17.07
C CYS A 95 44.46 7.32 -16.38
N LEU A 96 43.97 6.13 -16.75
CA LEU A 96 42.68 5.63 -16.26
C LEU A 96 42.84 4.37 -15.42
N GLY A 97 42.15 4.32 -14.29
CA GLY A 97 42.17 3.17 -13.39
C GLY A 97 40.92 2.98 -12.56
N THR A 98 40.87 1.86 -11.84
CA THR A 98 39.74 1.56 -10.98
C THR A 98 39.93 2.17 -9.58
N SER A 99 39.13 1.75 -8.62
CA SER A 99 39.27 2.22 -7.25
C SER A 99 40.44 1.53 -6.54
N GLY A 100 40.67 1.89 -5.29
CA GLY A 100 41.59 1.17 -4.43
C GLY A 100 43.03 1.17 -4.89
N PRO A 101 43.60 -0.02 -5.16
CA PRO A 101 45.04 -0.11 -5.42
C PRO A 101 45.49 0.45 -6.75
N ALA A 102 44.55 0.73 -7.66
CA ALA A 102 44.88 1.39 -8.92
C ALA A 102 45.38 2.80 -8.64
N GLY A 103 44.69 3.49 -7.72
CA GLY A 103 45.03 4.83 -7.30
C GLY A 103 46.34 4.90 -6.58
N THR A 104 46.62 3.90 -5.74
CA THR A 104 47.90 3.88 -5.02
C THR A 104 49.09 3.49 -5.92
N ASP A 105 48.82 2.89 -7.07
CA ASP A 105 49.84 2.57 -8.08
C ASP A 105 50.18 3.77 -8.99
N ILE A 107 50.67 7.01 -7.61
CA ILE A 107 51.29 8.03 -6.78
C ILE A 107 52.72 8.37 -7.24
N THR A 108 53.48 7.35 -7.65
CA THR A 108 54.85 7.55 -8.12
C THR A 108 54.90 8.44 -9.37
N ALA A 109 53.94 8.28 -10.27
CA ALA A 109 53.86 9.11 -11.47
C ALA A 109 53.41 10.53 -11.19
N LEU A 110 52.43 10.68 -10.31
CA LEU A 110 52.00 12.00 -9.87
C LEU A 110 53.17 12.76 -9.26
N TYR A 111 53.96 12.06 -8.46
CA TYR A 111 55.16 12.64 -7.86
C TYR A 111 56.16 13.06 -8.95
N SER A 112 56.47 12.15 -9.86
CA SER A 112 57.39 12.39 -10.94
C SER A 112 56.97 13.62 -11.79
N ALA A 113 55.69 13.67 -12.12
CA ALA A 113 55.16 14.75 -12.94
C ALA A 113 55.20 16.09 -12.21
N SER A 114 54.77 16.09 -10.94
CA SER A 114 54.84 17.26 -10.08
C SER A 114 56.26 17.79 -10.03
N ALA A 115 57.18 16.88 -9.73
CA ALA A 115 58.58 17.20 -9.51
C ALA A 115 59.25 17.89 -10.71
N ASP A 116 58.85 17.49 -11.91
CA ASP A 116 59.39 18.08 -13.14
C ASP A 116 58.47 19.17 -13.77
N SER A 117 57.49 19.65 -13.02
CA SER A 117 56.59 20.72 -13.48
C SER A 117 55.82 20.40 -14.77
N ILE A 118 55.33 19.16 -14.88
CA ILE A 118 54.54 18.74 -16.06
C ILE A 118 53.25 18.05 -15.63
N PRO A 119 52.17 18.22 -16.42
CA PRO A 119 50.89 17.63 -16.07
C PRO A 119 50.61 16.25 -16.63
N ILE A 120 49.92 15.43 -15.84
CA ILE A 120 49.12 14.32 -16.36
C ILE A 120 47.77 14.40 -15.70
N LEU A 121 46.77 13.78 -16.34
CA LEU A 121 45.44 13.70 -15.76
C LEU A 121 45.13 12.25 -15.41
N CYS A 122 45.04 11.98 -14.10
CA CYS A 122 44.64 10.68 -13.59
C CYS A 122 43.17 10.67 -13.24
N ILE A 123 42.47 9.64 -13.70
CA ILE A 123 41.07 9.46 -13.37
C ILE A 123 40.92 8.08 -12.75
N THR A 124 40.41 8.02 -11.53
CA THR A 124 40.15 6.76 -10.84
C THR A 124 38.66 6.55 -10.54
N GLY A 125 38.22 5.30 -10.60
CA GLY A 125 36.90 4.93 -10.12
C GLY A 125 36.89 4.92 -8.61
N GLN A 126 35.71 4.82 -8.01
CA GLN A 126 35.56 4.86 -6.56
C GLN A 126 34.19 4.27 -6.17
N ALA A 127 34.11 3.73 -4.96
CA ALA A 127 32.86 3.20 -4.43
C ALA A 127 31.82 4.31 -4.26
N PRO A 128 30.52 3.94 -4.19
CA PRO A 128 29.48 4.96 -4.04
C PRO A 128 29.68 5.82 -2.79
N ARG A 129 29.18 7.05 -2.83
CA ARG A 129 29.36 8.01 -1.73
C ARG A 129 28.84 7.51 -0.39
N ALA A 130 27.68 6.85 -0.41
CA ALA A 130 27.04 6.34 0.81
C ALA A 130 27.90 5.33 1.55
N ARG A 131 28.88 4.78 0.85
CA ARG A 131 29.70 3.71 1.40
C ARG A 131 31.18 4.02 1.54
N LEU A 132 31.56 5.28 1.33
CA LEU A 132 32.97 5.69 1.44
C LEU A 132 33.57 5.51 2.85
N HIS A 133 32.74 5.52 3.89
CA HIS A 133 33.25 5.37 5.27
C HIS A 133 32.88 4.07 5.95
N LYS A 134 32.11 3.23 5.25
CA LYS A 134 32.01 1.81 5.58
C LYS A 134 33.19 1.23 4.82
N GLU A 135 33.74 0.10 5.21
CA GLU A 135 34.99 -0.34 4.55
C GLU A 135 34.69 -1.07 3.25
N ASP A 136 34.15 -0.34 2.30
CA ASP A 136 33.66 -0.95 1.07
C ASP A 136 34.85 -1.50 0.30
N PHE A 137 34.68 -2.67 -0.32
CA PHE A 137 35.74 -3.33 -1.08
C PHE A 137 36.51 -2.36 -1.99
N GLN A 138 37.83 -2.33 -1.83
CA GLN A 138 38.72 -1.48 -2.63
C GLN A 138 38.41 0.01 -2.56
N ALA A 139 37.94 0.46 -1.39
CA ALA A 139 37.68 1.87 -1.16
C ALA A 139 38.78 2.47 -0.29
N VAL A 140 39.50 3.45 -0.85
CA VAL A 140 40.59 4.11 -0.16
C VAL A 140 40.45 5.62 -0.33
N ASP A 141 40.99 6.37 0.62
CA ASP A 141 40.95 7.82 0.61
C ASP A 141 42.10 8.35 -0.26
N ILE A 142 41.97 8.11 -1.56
CA ILE A 142 43.00 8.48 -2.52
C ILE A 142 43.24 10.00 -2.55
N GLU A 143 42.18 10.75 -2.27
CA GLU A 143 42.26 12.22 -2.15
C GLU A 143 43.34 12.67 -1.17
N ALA A 144 43.32 12.11 0.04
CA ALA A 144 44.32 12.42 1.06
C ALA A 144 45.73 11.96 0.67
N ILE A 145 45.81 10.78 0.07
CA ILE A 145 47.09 10.18 -0.30
C ILE A 145 47.79 10.96 -1.42
N ALA A 146 47.02 11.46 -2.36
CA ALA A 146 47.58 12.10 -3.55
C ALA A 146 47.80 13.62 -3.41
N LYS A 147 47.18 14.22 -2.40
CA LYS A 147 47.26 15.67 -2.13
C LYS A 147 48.68 16.27 -2.15
N PRO A 148 49.63 15.63 -1.45
CA PRO A 148 50.99 16.18 -1.38
C PRO A 148 51.80 16.15 -2.67
N VAL A 149 51.33 15.42 -3.69
CA VAL A 149 52.05 15.29 -4.96
C VAL A 149 51.19 15.60 -6.20
N SER A 150 50.24 16.53 -6.06
CA SER A 150 49.46 16.99 -7.20
C SER A 150 48.96 18.40 -6.98
N LYS A 151 48.72 19.13 -8.05
CA LYS A 151 48.15 20.49 -7.95
C LYS A 151 46.72 20.42 -7.43
N ALA A 153 43.87 17.12 -6.11
CA ALA A 153 43.41 15.75 -5.98
C ALA A 153 42.04 15.82 -5.30
N VAL A 154 41.01 15.39 -5.99
CA VAL A 154 39.64 15.59 -5.52
C VAL A 154 38.72 14.41 -5.81
N THR A 155 37.87 14.10 -4.84
CA THR A 155 36.76 13.17 -5.02
C THR A 155 35.53 13.98 -5.42
N VAL A 156 34.95 13.68 -6.58
CA VAL A 156 33.81 14.45 -7.09
C VAL A 156 32.56 14.03 -6.36
N ARG A 157 31.92 14.97 -5.68
CA ARG A 157 30.80 14.69 -4.78
C ARG A 157 29.40 14.81 -5.41
N GLU A 158 29.32 15.38 -6.61
CA GLU A 158 28.05 15.49 -7.34
C GLU A 158 28.24 15.22 -8.82
N ALA A 159 27.25 14.56 -9.43
CA ALA A 159 27.27 14.25 -10.86
C ALA A 159 27.53 15.49 -11.72
N ALA A 160 26.79 16.57 -11.42
CA ALA A 160 26.88 17.82 -12.16
C ALA A 160 28.25 18.51 -12.06
N LEU A 161 29.05 18.15 -11.05
CA LEU A 161 30.41 18.67 -10.90
C LEU A 161 31.47 17.92 -11.72
N VAL A 162 31.13 16.76 -12.26
CA VAL A 162 32.09 16.01 -13.06
C VAL A 162 32.69 16.87 -14.20
N PRO A 163 31.85 17.42 -15.09
CA PRO A 163 32.43 18.29 -16.14
C PRO A 163 33.15 19.52 -15.61
N ARG A 164 32.73 20.04 -14.47
CA ARG A 164 33.33 21.26 -13.89
C ARG A 164 34.69 21.03 -13.24
N VAL A 165 34.87 19.88 -12.61
CA VAL A 165 36.15 19.52 -12.02
C VAL A 165 37.20 19.32 -13.13
N LEU A 166 36.78 18.68 -14.22
CA LEU A 166 37.65 18.54 -15.39
C LEU A 166 37.97 19.92 -16.01
N GLN A 167 36.96 20.78 -16.11
CA GLN A 167 37.19 22.17 -16.55
C GLN A 167 38.26 22.85 -15.70
N GLN A 168 38.12 22.73 -14.38
CA GLN A 168 39.10 23.32 -13.45
C GLN A 168 40.47 22.65 -13.55
N ALA A 169 40.46 21.33 -13.82
CA ALA A 169 41.70 20.55 -13.89
C ALA A 169 42.60 21.01 -15.04
N PHE A 170 42.01 21.27 -16.20
CA PHE A 170 42.78 21.70 -17.36
C PHE A 170 43.33 23.10 -17.21
N HIS A 171 42.62 23.94 -16.45
CA HIS A 171 43.16 25.25 -16.11
C HIS A 171 44.44 25.12 -15.29
N LEU A 172 44.37 24.32 -14.21
CA LEU A 172 45.51 24.12 -13.32
C LEU A 172 46.69 23.45 -14.02
N ARG A 174 47.60 23.63 -17.11
CA ARG A 174 48.25 24.52 -18.07
C ARG A 174 48.79 25.82 -17.44
N SER A 175 48.21 26.25 -16.31
CA SER A 175 48.51 27.57 -15.74
C SER A 175 49.65 27.55 -14.74
N GLY A 176 50.25 28.72 -14.54
CA GLY A 176 51.33 28.93 -13.57
C GLY A 176 52.44 27.91 -13.73
N ARG A 177 52.88 27.34 -12.62
CA ARG A 177 53.76 26.18 -12.64
C ARG A 177 52.89 24.97 -12.93
N PRO A 178 53.06 24.35 -14.11
CA PRO A 178 52.22 23.20 -14.42
C PRO A 178 52.47 21.99 -13.52
N GLY A 179 51.42 21.21 -13.29
CA GLY A 179 51.51 19.98 -12.50
C GLY A 179 50.33 19.06 -12.76
N PRO A 180 50.37 17.84 -12.19
CA PRO A 180 49.34 16.84 -12.43
C PRO A 180 48.08 17.01 -11.58
N VAL A 181 46.99 16.39 -12.02
CA VAL A 181 45.72 16.39 -11.27
C VAL A 181 45.14 14.99 -11.24
N LEU A 182 44.55 14.63 -10.10
CA LEU A 182 43.84 13.36 -9.93
C LEU A 182 42.37 13.61 -9.68
N VAL A 183 41.52 12.95 -10.46
CA VAL A 183 40.07 13.06 -10.34
C VAL A 183 39.50 11.69 -9.95
N ASP A 184 38.82 11.66 -8.82
CA ASP A 184 38.31 10.43 -8.22
C ASP A 184 36.78 10.41 -8.32
N LEU A 185 36.24 9.42 -9.04
CA LEU A 185 34.83 9.39 -9.44
C LEU A 185 34.03 8.25 -8.79
N PRO A 186 33.24 8.56 -7.76
CA PRO A 186 32.32 7.57 -7.19
C PRO A 186 31.34 6.99 -8.22
N PHE A 187 31.10 5.69 -8.12
CA PHE A 187 30.28 4.97 -9.10
C PHE A 187 28.93 5.66 -9.36
N ASP A 188 28.25 6.00 -8.29
CA ASP A 188 26.92 6.61 -8.41
C ASP A 188 26.98 8.02 -9.03
N VAL A 189 28.08 8.72 -8.83
CA VAL A 189 28.28 10.04 -9.43
C VAL A 189 28.47 9.94 -10.95
N GLN A 190 29.20 8.91 -11.38
CA GLN A 190 29.42 8.67 -12.82
C GLN A 190 28.12 8.42 -13.59
N VAL A 191 27.27 7.56 -13.05
CA VAL A 191 26.09 7.07 -13.77
C VAL A 191 24.85 7.97 -13.67
N ALA A 192 24.88 8.95 -12.77
CA ALA A 192 23.73 9.83 -12.55
C ALA A 192 23.50 10.78 -13.73
N GLU A 193 22.23 11.07 -14.00
CA GLU A 193 21.89 11.98 -15.09
C GLU A 193 22.07 13.43 -14.69
N ILE A 194 22.60 14.22 -15.62
CA ILE A 194 22.70 15.68 -15.46
C ILE A 194 22.24 16.38 -16.73
N GLU A 195 21.98 17.69 -16.60
CA GLU A 195 21.72 18.51 -17.77
C GLU A 195 23.01 19.22 -18.17
N PHE A 196 23.39 19.08 -19.44
CA PHE A 196 24.66 19.62 -19.91
C PHE A 196 24.55 19.96 -21.40
N ASP A 197 24.86 21.21 -21.75
CA ASP A 197 24.90 21.64 -23.13
C ASP A 197 26.36 21.76 -23.58
N PRO A 198 26.84 20.81 -24.38
CA PRO A 198 28.26 20.83 -24.78
C PRO A 198 28.63 22.02 -25.69
N ASP A 199 27.67 22.54 -26.47
CA ASP A 199 27.90 23.74 -27.27
C ASP A 199 28.22 24.96 -26.42
N TYR A 201 29.97 24.83 -23.55
CA TYR A 201 31.20 24.61 -22.78
C TYR A 201 32.38 25.39 -23.35
N GLU A 202 33.05 26.14 -22.48
CA GLU A 202 34.20 26.99 -22.84
C GLU A 202 35.43 26.66 -21.97
N PRO A 203 36.53 26.18 -22.58
CA PRO A 203 37.76 26.04 -21.79
C PRO A 203 38.20 27.34 -21.13
N LEU A 204 38.66 27.27 -19.89
CA LEU A 204 39.04 28.47 -19.14
C LEU A 204 40.33 29.10 -19.67
N PRO A 205 40.51 30.41 -19.46
CA PRO A 205 41.73 31.03 -19.95
C PRO A 205 42.93 30.57 -19.15
N VAL A 206 44.08 30.48 -19.80
CA VAL A 206 45.30 30.00 -19.16
C VAL A 206 45.99 31.17 -18.47
N TYR A 207 46.27 31.04 -17.18
CA TYR A 207 46.98 32.08 -16.44
C TYR A 207 48.51 31.94 -16.54
N LYS A 208 49.17 33.02 -16.93
CA LYS A 208 50.64 33.08 -16.95
C LYS A 208 51.13 34.49 -16.63
N PRO A 209 52.00 34.65 -15.63
CA PRO A 209 52.58 35.98 -15.41
C PRO A 209 53.59 36.35 -16.50
N ALA A 210 53.74 37.65 -16.74
CA ALA A 210 54.64 38.17 -17.76
C ALA A 210 55.51 39.29 -17.20
N ALA A 211 56.78 39.30 -17.59
CA ALA A 211 57.71 40.34 -17.17
C ALA A 211 57.36 41.68 -17.79
N SER A 212 57.80 42.76 -17.14
CA SER A 212 57.62 44.11 -17.66
C SER A 212 58.85 44.55 -18.42
N ARG A 213 58.68 45.50 -19.33
CA ARG A 213 59.81 46.07 -20.09
C ARG A 213 60.91 46.54 -19.16
N GLN A 215 61.78 45.54 -16.11
CA GLN A 215 62.52 44.45 -15.49
C GLN A 215 63.53 43.87 -16.46
N ILE A 216 63.12 43.66 -17.71
CA ILE A 216 63.97 43.05 -18.72
C ILE A 216 65.11 43.99 -19.12
N GLU A 217 64.81 45.29 -19.22
CA GLU A 217 65.84 46.28 -19.48
C GLU A 217 66.93 46.22 -18.42
N LYS A 218 66.55 46.12 -17.15
CA LYS A 218 67.50 46.01 -16.03
C LYS A 218 68.36 44.74 -16.17
N ALA A 219 67.72 43.65 -16.56
CA ALA A 219 68.41 42.39 -16.75
C ALA A 219 69.45 42.48 -17.87
N VAL A 220 69.09 43.10 -18.99
CA VAL A 220 70.01 43.24 -20.11
C VAL A 220 71.12 44.23 -19.78
N GLU A 221 70.77 45.32 -19.10
CA GLU A 221 71.77 46.29 -18.64
C GLU A 221 72.82 45.60 -17.74
N LEU A 223 73.50 42.20 -17.81
CA LEU A 223 74.20 41.25 -18.68
C LEU A 223 75.34 41.92 -19.47
N ILE A 224 75.09 43.13 -19.96
CA ILE A 224 76.08 43.86 -20.76
C ILE A 224 77.35 44.19 -20.00
N GLN A 225 77.24 44.47 -18.70
CA GLN A 225 78.44 44.80 -17.92
C GLN A 225 79.15 43.57 -17.32
N ALA A 226 78.64 42.38 -17.61
CA ALA A 226 79.32 41.13 -17.28
C ALA A 226 80.43 40.86 -18.31
N GLU A 227 81.61 40.49 -17.83
CA GLU A 227 82.74 40.17 -18.69
C GLU A 227 82.67 38.77 -19.29
N ARG A 228 82.17 37.82 -18.50
CA ARG A 228 82.14 36.41 -18.84
C ARG A 228 80.80 35.73 -18.48
N PRO A 229 79.71 36.18 -19.12
CA PRO A 229 78.38 35.70 -18.76
C PRO A 229 78.03 34.37 -19.38
N VAL A 230 77.15 33.64 -18.71
CA VAL A 230 76.60 32.41 -19.21
C VAL A 230 75.07 32.36 -19.00
N ILE A 231 74.35 31.85 -19.98
CA ILE A 231 72.92 31.63 -19.85
C ILE A 231 72.71 30.18 -19.43
N VAL A 232 71.96 29.97 -18.35
CA VAL A 232 71.54 28.63 -17.96
C VAL A 232 70.08 28.47 -18.33
N ALA A 233 69.83 27.61 -19.32
CA ALA A 233 68.50 27.42 -19.88
C ALA A 233 67.87 26.15 -19.32
N GLY A 234 66.76 26.32 -18.59
CA GLY A 234 66.13 25.21 -17.89
C GLY A 234 64.90 24.68 -18.59
N GLY A 235 64.31 23.64 -17.99
CA GLY A 235 63.13 22.98 -18.53
C GLY A 235 61.91 23.88 -18.65
N GLY A 236 61.96 25.04 -18.00
CA GLY A 236 60.91 26.04 -18.15
C GLY A 236 60.84 26.62 -19.56
N VAL A 237 61.98 26.74 -20.22
CA VAL A 237 62.03 27.21 -21.61
C VAL A 237 61.27 26.24 -22.49
N ILE A 238 61.56 24.97 -22.33
CA ILE A 238 60.88 23.89 -23.05
C ILE A 238 59.38 23.84 -22.71
N ASN A 239 59.07 24.03 -21.43
CA ASN A 239 57.68 24.03 -20.98
C ASN A 239 56.88 25.13 -21.66
N ALA A 240 57.52 26.29 -21.80
CA ALA A 240 56.90 27.47 -22.42
C ALA A 240 56.92 27.44 -23.95
N ASP A 241 57.58 26.44 -24.53
CA ASP A 241 57.69 26.28 -25.98
C ASP A 241 58.46 27.46 -26.60
N ALA A 242 59.61 27.78 -26.00
CA ALA A 242 60.37 28.98 -26.33
C ALA A 242 61.84 28.70 -26.71
N ALA A 243 62.10 27.54 -27.31
CA ALA A 243 63.48 27.16 -27.69
C ALA A 243 64.07 28.07 -28.78
N ALA A 244 63.28 28.35 -29.80
CA ALA A 244 63.73 29.20 -30.91
C ALA A 244 64.12 30.61 -30.41
N LEU A 245 63.30 31.16 -29.52
CA LEU A 245 63.53 32.49 -28.94
C LEU A 245 64.77 32.52 -28.03
N LEU A 246 65.01 31.44 -27.30
CA LEU A 246 66.21 31.34 -26.46
C LEU A 246 67.49 31.36 -27.30
N GLN A 247 67.52 30.51 -28.32
CA GLN A 247 68.62 30.48 -29.27
C GLN A 247 68.84 31.87 -29.88
N GLN A 248 67.74 32.52 -30.29
CA GLN A 248 67.83 33.84 -30.90
C GLN A 248 68.43 34.87 -29.95
N PHE A 249 68.01 34.84 -28.68
CA PHE A 249 68.53 35.78 -27.67
C PHE A 249 70.03 35.55 -27.41
N ALA A 250 70.43 34.29 -27.35
CA ALA A 250 71.85 33.92 -27.18
C ALA A 250 72.67 34.41 -28.37
N GLU A 251 72.15 34.19 -29.57
CA GLU A 251 72.81 34.62 -30.79
C GLU A 251 72.98 36.14 -30.83
N LEU A 252 71.92 36.87 -30.50
CA LEU A 252 71.95 38.35 -30.51
C LEU A 252 72.95 38.94 -29.51
N THR A 253 73.09 38.31 -28.35
CA THR A 253 73.97 38.79 -27.28
C THR A 253 75.34 38.14 -27.31
N SER A 254 75.48 37.08 -28.11
CA SER A 254 76.71 36.30 -28.17
C SER A 254 77.13 35.70 -26.81
N VAL A 255 76.14 35.18 -26.08
CA VAL A 255 76.36 34.63 -24.75
C VAL A 255 76.24 33.11 -24.78
N PRO A 256 77.27 32.38 -24.32
CA PRO A 256 77.21 30.92 -24.30
C PRO A 256 76.06 30.39 -23.46
N VAL A 257 75.53 29.24 -23.87
CA VAL A 257 74.38 28.60 -23.24
C VAL A 257 74.76 27.30 -22.54
N ILE A 258 74.33 27.16 -21.29
CA ILE A 258 74.41 25.92 -20.55
C ILE A 258 72.99 25.41 -20.32
N PRO A 259 72.57 24.36 -21.02
CA PRO A 259 71.28 23.83 -20.63
C PRO A 259 71.38 22.98 -19.36
N THR A 260 70.35 23.05 -18.52
CA THR A 260 70.18 22.07 -17.46
C THR A 260 69.82 20.75 -18.11
N LEU A 261 69.77 19.67 -17.32
CA LEU A 261 69.35 18.38 -17.85
C LEU A 261 67.94 18.46 -18.46
N GLY A 263 66.54 21.31 -19.52
CA GLY A 263 66.59 22.26 -20.65
C GLY A 263 67.32 21.74 -21.88
N TRP A 264 67.97 20.58 -21.73
CA TRP A 264 68.77 19.99 -22.80
C TRP A 264 67.99 19.86 -24.10
N GLY A 265 68.52 20.46 -25.16
CA GLY A 265 67.88 20.43 -26.48
C GLY A 265 67.30 21.77 -26.93
N CYS A 266 67.14 22.72 -26.02
CA CYS A 266 66.50 23.99 -26.36
C CYS A 266 67.41 24.89 -27.20
N ILE A 267 68.71 24.54 -27.20
CA ILE A 267 69.65 25.00 -28.24
C ILE A 267 70.41 23.75 -28.73
N PRO A 268 70.59 23.61 -30.05
CA PRO A 268 71.22 22.37 -30.54
C PRO A 268 72.66 22.16 -30.05
N ASP A 269 73.03 20.91 -29.80
CA ASP A 269 74.36 20.60 -29.27
C ASP A 269 75.52 21.02 -30.20
N ASP A 270 75.28 21.06 -31.50
CA ASP A 270 76.32 21.47 -32.44
C ASP A 270 76.36 22.99 -32.68
N HIS A 271 75.51 23.74 -31.98
CA HIS A 271 75.55 25.19 -32.02
C HIS A 271 76.86 25.70 -31.43
N GLU A 272 77.40 26.77 -32.00
CA GLU A 272 78.68 27.31 -31.57
C GLU A 272 78.65 27.89 -30.15
N LEU A 273 77.46 28.27 -29.68
CA LEU A 273 77.29 28.89 -28.35
C LEU A 273 76.90 27.93 -27.23
N ALA A 275 77.72 25.57 -24.62
CA ALA A 275 78.97 25.40 -23.89
C ALA A 275 79.02 24.16 -22.99
N GLY A 276 78.02 23.29 -23.10
CA GLY A 276 77.97 22.04 -22.31
C GLY A 276 77.01 22.10 -21.14
N VAL A 278 76.30 21.31 -16.82
CA VAL A 278 76.96 21.55 -15.54
C VAL A 278 76.31 20.70 -14.46
N GLY A 279 77.12 20.20 -13.53
CA GLY A 279 76.59 19.44 -12.40
C GLY A 279 77.52 18.40 -11.80
N LEU A 280 76.94 17.55 -10.96
CA LEU A 280 77.69 16.57 -10.20
C LEU A 280 77.79 15.22 -10.89
N GLN A 281 76.85 14.92 -11.79
CA GLN A 281 76.82 13.63 -12.46
C GLN A 281 76.58 13.76 -13.98
N THR A 282 75.40 14.21 -14.39
CA THR A 282 75.09 14.37 -15.81
C THR A 282 75.65 15.70 -16.32
N ALA A 283 76.97 15.79 -16.41
CA ALA A 283 77.64 17.03 -16.77
C ALA A 283 78.90 16.74 -17.57
N HIS A 284 79.45 17.79 -18.17
CA HIS A 284 80.72 17.70 -18.92
C HIS A 284 81.84 18.38 -18.14
N ARG A 285 83.07 17.95 -18.38
CA ARG A 285 84.22 18.59 -17.75
C ARG A 285 84.37 20.04 -18.21
N TYR A 286 84.11 20.27 -19.50
CA TYR A 286 84.14 21.64 -20.05
C TYR A 286 83.01 22.52 -19.50
N GLY A 287 81.82 21.96 -19.36
CA GLY A 287 80.69 22.66 -18.76
C GLY A 287 81.01 23.19 -17.37
N ASN A 288 81.49 22.31 -16.50
CA ASN A 288 81.84 22.69 -15.14
C ASN A 288 82.95 23.76 -15.11
N ALA A 289 83.93 23.65 -15.99
CA ALA A 289 85.04 24.58 -16.01
C ALA A 289 84.61 25.95 -16.50
N THR A 290 83.74 25.97 -17.52
CA THR A 290 83.19 27.22 -18.04
C THR A 290 82.40 27.95 -16.97
N LEU A 291 81.54 27.21 -16.25
CA LEU A 291 80.76 27.83 -15.21
C LEU A 291 81.64 28.39 -14.09
N LEU A 292 82.65 27.63 -13.65
CA LEU A 292 83.60 28.11 -12.64
C LEU A 292 84.45 29.29 -13.11
N ALA A 293 84.61 29.44 -14.43
CA ALA A 293 85.31 30.61 -14.99
C ALA A 293 84.38 31.81 -15.18
N SER A 294 83.07 31.61 -15.24
CA SER A 294 82.11 32.71 -15.54
C SER A 294 81.99 33.73 -14.41
N ASP A 295 81.49 34.92 -14.73
CA ASP A 295 81.20 35.94 -13.71
C ASP A 295 79.69 36.25 -13.59
N VAL A 297 75.61 34.06 -14.02
CA VAL A 297 74.64 33.05 -14.46
C VAL A 297 73.28 33.71 -14.70
N PHE A 298 72.85 33.71 -15.96
CA PHE A 298 71.56 34.27 -16.38
C PHE A 298 70.59 33.10 -16.49
N GLY A 299 69.87 32.85 -15.40
CA GLY A 299 68.99 31.70 -15.29
C GLY A 299 67.60 31.93 -15.86
N ILE A 300 67.25 31.16 -16.89
CA ILE A 300 65.96 31.28 -17.56
C ILE A 300 65.21 29.94 -17.54
N GLY A 301 64.13 29.87 -16.78
CA GLY A 301 63.32 28.66 -16.72
C GLY A 301 63.96 27.51 -15.96
N ASN A 302 64.97 27.83 -15.16
CA ASN A 302 65.60 26.85 -14.29
C ASN A 302 65.24 27.10 -12.84
N ARG A 303 65.35 26.06 -12.03
CA ARG A 303 65.48 26.21 -10.59
C ARG A 303 66.92 25.85 -10.41
N PHE A 304 67.48 25.89 -9.21
CA PHE A 304 68.92 25.61 -9.12
C PHE A 304 69.12 24.30 -8.43
N ALA A 305 68.88 23.24 -9.18
CA ALA A 305 68.78 21.90 -8.61
C ALA A 305 70.06 21.47 -7.92
N ASN A 306 69.85 20.81 -6.80
CA ASN A 306 70.88 20.19 -5.95
C ASN A 306 72.07 19.56 -6.71
N ARG A 307 71.79 18.77 -7.74
CA ARG A 307 72.84 18.07 -8.49
C ARG A 307 73.40 18.85 -9.67
N HIS A 308 72.81 20.01 -9.93
CA HIS A 308 73.36 20.98 -10.87
C HIS A 308 74.39 21.88 -10.18
N THR A 309 74.11 22.29 -8.93
CA THR A 309 74.94 23.30 -8.25
C THR A 309 76.03 22.76 -7.35
N GLY A 310 75.75 21.65 -6.69
CA GLY A 310 76.55 21.20 -5.55
C GLY A 310 76.27 22.18 -4.43
N SER A 311 77.28 22.49 -3.64
CA SER A 311 77.16 23.54 -2.62
C SER A 311 76.90 24.87 -3.29
N VAL A 312 75.79 25.51 -2.92
CA VAL A 312 75.38 26.80 -3.45
C VAL A 312 76.46 27.89 -3.28
N GLU A 313 77.16 27.87 -2.16
CA GLU A 313 78.25 28.82 -1.91
C GLU A 313 79.34 28.73 -2.99
N LYS A 314 79.66 27.52 -3.42
CA LYS A 314 80.65 27.31 -4.48
C LYS A 314 80.12 27.68 -5.86
N TYR A 315 78.85 27.37 -6.12
CA TYR A 315 78.20 27.69 -7.40
C TYR A 315 78.11 29.19 -7.66
N THR A 316 77.97 29.99 -6.59
CA THR A 316 77.75 31.44 -6.71
C THR A 316 78.99 32.29 -6.47
N GLU A 317 80.09 31.67 -6.03
CA GLU A 317 81.31 32.41 -5.71
C GLU A 317 81.74 33.35 -6.84
N GLY A 318 81.87 34.63 -6.51
CA GLY A 318 82.37 35.67 -7.41
C GLY A 318 81.53 35.84 -8.66
N ARG A 319 80.22 35.71 -8.51
CA ARG A 319 79.34 35.50 -9.65
C ARG A 319 77.99 36.16 -9.38
N LYS A 320 77.47 36.92 -10.33
CA LYS A 320 76.12 37.47 -10.21
C LYS A 320 75.09 36.49 -10.73
N ILE A 321 73.88 36.55 -10.18
CA ILE A 321 72.81 35.63 -10.55
C ILE A 321 71.53 36.36 -10.94
N VAL A 322 71.04 36.07 -12.14
CA VAL A 322 69.71 36.49 -12.54
C VAL A 322 68.84 35.25 -12.64
N HIS A 323 67.61 35.35 -12.20
CA HIS A 323 66.70 34.21 -12.17
C HIS A 323 65.30 34.58 -12.65
N ILE A 324 64.90 34.00 -13.78
CA ILE A 324 63.57 34.21 -14.33
C ILE A 324 62.78 32.90 -14.25
N ASP A 325 61.68 32.91 -13.51
CA ASP A 325 60.83 31.72 -13.31
C ASP A 325 59.37 32.13 -13.34
N ILE A 326 58.51 31.22 -13.77
CA ILE A 326 57.06 31.47 -13.77
C ILE A 326 56.46 31.45 -12.38
N GLU A 327 57.13 30.78 -11.45
CA GLU A 327 56.64 30.58 -10.10
C GLU A 327 57.39 31.44 -9.07
N PRO A 328 56.70 32.41 -8.44
CA PRO A 328 57.32 33.28 -7.44
C PRO A 328 58.11 32.54 -6.35
N THR A 329 57.53 31.49 -5.80
CA THR A 329 58.16 30.76 -4.68
C THR A 329 59.30 29.82 -5.09
N GLN A 330 59.67 29.82 -6.38
CA GLN A 330 60.87 29.14 -6.84
C GLN A 330 62.08 30.08 -6.85
N ILE A 331 61.83 31.37 -6.73
CA ILE A 331 62.89 32.39 -6.77
C ILE A 331 63.35 32.69 -5.34
N GLY A 332 64.57 32.29 -5.00
CA GLY A 332 65.09 32.48 -3.64
C GLY A 332 64.97 31.26 -2.76
N ARG A 333 64.49 30.17 -3.32
CA ARG A 333 64.26 28.94 -2.58
C ARG A 333 65.57 28.22 -2.20
N VAL A 334 66.53 28.24 -3.11
CA VAL A 334 67.79 27.54 -2.89
C VAL A 334 68.95 28.53 -2.73
N LEU A 335 68.93 29.61 -3.51
CA LEU A 335 69.86 30.73 -3.34
C LEU A 335 69.15 32.06 -3.63
N CYS A 336 69.70 33.14 -3.10
CA CYS A 336 69.12 34.46 -3.29
C CYS A 336 69.73 35.13 -4.52
N PRO A 337 68.91 35.38 -5.56
CA PRO A 337 69.44 35.94 -6.79
C PRO A 337 69.68 37.42 -6.67
N ASP A 338 70.60 37.96 -7.47
CA ASP A 338 70.82 39.40 -7.54
C ASP A 338 69.63 40.15 -8.11
N LEU A 339 68.91 39.55 -9.06
CA LEU A 339 67.73 40.21 -9.63
C LEU A 339 66.41 39.43 -9.38
N GLY A 340 66.19 38.34 -10.09
CA GLY A 340 64.94 37.58 -9.88
C GLY A 340 63.68 38.22 -10.45
N ILE A 341 63.10 37.59 -11.48
CA ILE A 341 61.89 38.09 -12.18
C ILE A 341 60.83 37.00 -12.34
N VAL A 342 59.58 37.33 -12.04
CA VAL A 342 58.48 36.38 -12.21
C VAL A 342 57.89 36.50 -13.60
N SER A 343 58.05 35.45 -14.41
CA SER A 343 57.55 35.46 -15.78
C SER A 343 57.54 34.10 -16.44
N ASP A 344 56.56 33.90 -17.31
CA ASP A 344 56.60 32.84 -18.31
C ASP A 344 57.82 33.07 -19.19
N ALA A 345 58.44 31.98 -19.63
CA ALA A 345 59.72 32.06 -20.35
C ALA A 345 59.56 32.58 -21.77
N LYS A 346 58.43 32.30 -22.40
CA LYS A 346 58.17 32.78 -23.76
C LYS A 346 57.95 34.28 -23.80
N ALA A 347 57.14 34.78 -22.87
CA ALA A 347 56.88 36.22 -22.75
C ALA A 347 58.17 36.99 -22.42
N ALA A 348 58.97 36.44 -21.50
CA ALA A 348 60.21 37.08 -21.10
C ALA A 348 61.23 37.11 -22.24
N LEU A 349 61.32 36.01 -22.99
CA LEU A 349 62.30 35.92 -24.08
C LEU A 349 61.90 36.78 -25.28
N THR A 350 60.59 36.95 -25.48
CA THR A 350 60.09 37.89 -26.50
C THR A 350 60.58 39.31 -26.21
N LEU A 351 60.44 39.75 -24.95
CA LEU A 351 60.98 41.05 -24.51
C LEU A 351 62.52 41.09 -24.60
N LEU A 352 63.19 40.03 -24.15
CA LEU A 352 64.66 39.98 -24.15
C LEU A 352 65.23 40.15 -25.56
N VAL A 353 64.62 39.49 -26.53
CA VAL A 353 65.00 39.63 -27.94
C VAL A 353 64.76 41.07 -28.45
N GLU A 354 63.60 41.61 -28.12
CA GLU A 354 63.25 42.99 -28.48
C GLU A 354 64.24 43.99 -27.91
N VAL A 355 64.56 43.86 -26.61
CA VAL A 355 65.47 44.78 -25.94
C VAL A 355 66.89 44.62 -26.46
N ALA A 356 67.31 43.37 -26.69
CA ALA A 356 68.62 43.09 -27.30
C ALA A 356 68.78 43.77 -28.67
N GLN A 357 67.74 43.67 -29.50
CA GLN A 357 67.73 44.28 -30.83
C GLN A 357 67.89 45.79 -30.78
N GLU A 358 67.28 46.41 -29.77
CA GLU A 358 67.41 47.86 -29.56
C GLU A 358 68.80 48.26 -29.08
N GLN A 360 71.49 46.57 -29.80
CA GLN A 360 72.34 46.34 -30.97
C GLN A 360 72.28 47.50 -31.96
N LYS A 361 71.11 48.12 -32.11
CA LYS A 361 70.95 49.26 -33.02
C LYS A 361 71.68 50.50 -32.50
N ALA A 362 71.70 50.67 -31.19
CA ALA A 362 72.69 51.53 -30.53
C ALA A 362 74.02 50.75 -30.50
N GLY A 363 75.07 51.33 -29.95
CA GLY A 363 76.36 50.62 -29.91
C GLY A 363 76.62 50.01 -28.55
N ARG A 364 75.61 49.38 -27.98
CA ARG A 364 75.62 49.06 -26.55
C ARG A 364 75.82 47.59 -26.19
N LEU A 365 75.71 46.67 -27.15
CA LEU A 365 76.01 45.26 -26.90
C LEU A 365 77.51 45.00 -27.11
N PRO A 366 78.21 44.52 -26.07
CA PRO A 366 79.64 44.29 -26.21
C PRO A 366 79.98 43.09 -27.09
N CYS A 367 81.17 43.13 -27.67
CA CYS A 367 81.72 42.02 -28.41
C CYS A 367 82.25 40.99 -27.41
N ARG A 368 81.92 39.71 -27.63
CA ARG A 368 82.29 38.65 -26.69
C ARG A 368 83.12 37.54 -27.36
N LYS A 369 83.88 37.93 -28.37
CA LYS A 369 84.64 36.97 -29.20
C LYS A 369 85.59 36.09 -28.38
N GLU A 370 86.36 36.71 -27.48
CA GLU A 370 87.36 36.01 -26.67
C GLU A 370 86.75 35.00 -25.70
N TRP A 371 85.71 35.40 -24.97
CA TRP A 371 85.05 34.52 -23.99
C TRP A 371 84.39 33.32 -24.67
N VAL A 372 83.69 33.58 -25.77
CA VAL A 372 83.10 32.50 -26.56
C VAL A 372 84.17 31.55 -27.06
N ALA A 373 85.31 32.11 -27.46
CA ALA A 373 86.41 31.33 -28.00
C ALA A 373 86.97 30.34 -26.99
N ASP A 374 87.32 30.80 -25.80
CA ASP A 374 87.93 29.90 -24.82
C ASP A 374 86.95 28.94 -24.15
N CYS A 375 85.65 29.24 -24.23
CA CYS A 375 84.62 28.24 -23.91
C CYS A 375 84.68 27.07 -24.88
N GLN A 376 84.81 27.38 -26.17
CA GLN A 376 84.95 26.37 -27.21
C GLN A 376 86.27 25.60 -27.10
N GLN A 377 87.32 26.27 -26.64
CA GLN A 377 88.62 25.62 -26.41
C GLN A 377 88.52 24.53 -25.36
N ARG A 378 87.83 24.85 -24.27
CA ARG A 378 87.55 23.86 -23.23
C ARG A 378 86.77 22.70 -23.81
N LYS A 379 85.79 23.02 -24.63
CA LYS A 379 84.86 22.04 -25.19
C LYS A 379 85.53 21.01 -26.11
N ARG A 380 86.70 21.35 -26.67
CA ARG A 380 87.45 20.40 -27.53
C ARG A 380 88.73 19.81 -26.89
N THR A 381 88.95 20.05 -25.61
CA THR A 381 90.11 19.47 -24.91
C THR A 381 89.78 18.72 -23.61
N LEU A 382 88.69 19.10 -22.94
CA LEU A 382 88.30 18.51 -21.66
C LEU A 382 87.27 17.40 -21.87
N LEU A 383 87.72 16.29 -22.45
CA LEU A 383 86.82 15.22 -22.90
C LEU A 383 87.00 13.94 -22.10
N ARG A 384 86.11 12.98 -22.37
CA ARG A 384 86.19 11.65 -21.78
C ARG A 384 86.29 10.60 -22.89
N LYS A 385 87.13 9.59 -22.69
CA LYS A 385 87.34 8.56 -23.70
C LYS A 385 86.08 7.71 -23.89
N THR A 386 85.74 7.45 -25.15
CA THR A 386 84.61 6.56 -25.51
C THR A 386 85.02 5.40 -26.42
N HIS A 387 86.13 5.53 -27.15
CA HIS A 387 86.52 4.52 -28.13
C HIS A 387 87.34 3.38 -27.52
N PHE A 388 86.64 2.47 -26.85
CA PHE A 388 87.24 1.28 -26.22
C PHE A 388 86.93 0.03 -27.05
N ASP A 389 87.95 -0.78 -27.33
CA ASP A 389 87.79 -2.04 -28.07
C ASP A 389 87.66 -3.27 -27.14
N ASN A 390 87.60 -3.01 -25.83
CA ASN A 390 87.54 -4.07 -24.81
C ASN A 390 86.39 -5.06 -24.99
N VAL A 391 86.64 -6.30 -24.56
CA VAL A 391 85.62 -7.33 -24.39
C VAL A 391 85.90 -7.96 -23.03
N PRO A 392 84.92 -7.92 -22.10
CA PRO A 392 83.56 -7.39 -22.27
C PRO A 392 83.52 -5.86 -22.45
N VAL A 393 82.43 -5.42 -23.04
CA VAL A 393 82.29 -4.06 -23.55
C VAL A 393 82.25 -3.01 -22.44
N LYS A 394 82.95 -1.90 -22.67
CA LYS A 394 82.84 -0.74 -21.81
C LYS A 394 81.64 0.12 -22.24
N PRO A 395 80.83 0.59 -21.29
CA PRO A 395 79.56 1.22 -21.62
C PRO A 395 79.72 2.51 -22.43
N GLN A 396 80.83 3.22 -22.23
CA GLN A 396 81.05 4.48 -22.97
C GLN A 396 81.25 4.26 -24.47
N ARG A 397 81.65 3.05 -24.87
CA ARG A 397 81.68 2.70 -26.30
C ARG A 397 80.28 2.56 -26.92
N VAL A 398 79.30 2.19 -26.11
CA VAL A 398 77.93 2.04 -26.59
C VAL A 398 77.39 3.39 -27.06
N TYR A 399 77.61 4.43 -26.28
CA TYR A 399 77.04 5.75 -26.57
C TYR A 399 77.67 6.35 -27.82
N GLU A 400 78.96 6.08 -28.02
CA GLU A 400 79.66 6.46 -29.25
C GLU A 400 78.99 5.85 -30.48
N GLU A 401 78.68 4.56 -30.40
CA GLU A 401 78.03 3.86 -31.52
C GLU A 401 76.59 4.32 -31.77
N ASN A 403 75.49 7.47 -31.24
CA ASN A 403 75.64 8.76 -31.92
C ASN A 403 75.88 8.59 -33.43
N LYS A 404 76.72 7.61 -33.79
CA LYS A 404 77.01 7.26 -35.19
C LYS A 404 75.81 6.64 -35.91
N ALA A 405 75.09 5.76 -35.24
CA ALA A 405 74.02 4.94 -35.84
C ALA A 405 72.72 5.69 -36.07
N PHE A 406 72.42 6.65 -35.20
CA PHE A 406 71.12 7.33 -35.28
C PHE A 406 71.27 8.75 -35.80
N GLY A 407 70.22 9.21 -36.46
CA GLY A 407 70.21 10.53 -37.08
C GLY A 407 70.08 11.65 -36.07
N ARG A 408 70.12 12.85 -36.59
CA ARG A 408 70.06 14.07 -35.80
C ARG A 408 68.69 14.27 -35.13
N ASP A 409 67.64 13.72 -35.74
CA ASP A 409 66.27 13.82 -35.23
C ASP A 409 65.94 12.76 -34.17
N VAL A 410 66.95 12.02 -33.73
CA VAL A 410 66.78 10.98 -32.71
C VAL A 410 66.20 11.57 -31.40
N CYS A 411 65.40 10.77 -30.71
CA CYS A 411 64.72 11.17 -29.47
C CYS A 411 64.97 10.16 -28.36
N TYR A 412 65.81 10.53 -27.40
CA TYR A 412 66.23 9.59 -26.35
C TYR A 412 65.30 9.62 -25.15
N VAL A 413 65.00 8.44 -24.63
CA VAL A 413 64.20 8.29 -23.43
C VAL A 413 64.97 7.49 -22.40
N THR A 414 65.08 8.00 -21.19
CA THR A 414 65.83 7.31 -20.15
C THR A 414 65.41 7.76 -18.75
N THR A 415 65.96 7.11 -17.73
CA THR A 415 65.52 7.32 -16.35
C THR A 415 66.67 7.61 -15.38
N ILE A 416 67.30 6.55 -14.86
CA ILE A 416 68.31 6.68 -13.82
C ILE A 416 69.26 5.49 -13.84
N GLY A 417 70.50 5.71 -13.38
CA GLY A 417 71.52 4.67 -13.32
C GLY A 417 72.83 5.13 -13.94
N LEU A 418 73.86 4.29 -13.87
CA LEU A 418 75.11 4.57 -14.60
C LEU A 418 74.82 4.59 -16.09
N SER A 419 73.83 3.79 -16.48
CA SER A 419 73.29 3.79 -17.83
C SER A 419 72.93 5.18 -18.32
N GLN A 420 72.12 5.92 -17.56
CA GLN A 420 71.66 7.25 -18.00
C GLN A 420 72.60 8.39 -17.65
N ILE A 421 73.43 8.23 -16.61
CA ILE A 421 74.43 9.25 -16.27
C ILE A 421 75.45 9.37 -17.40
N ALA A 422 76.03 8.23 -17.78
CA ALA A 422 77.00 8.17 -18.87
C ALA A 422 76.37 8.56 -20.20
N ALA A 423 75.12 8.17 -20.40
CA ALA A 423 74.36 8.55 -21.60
C ALA A 423 74.26 10.07 -21.69
N ALA A 424 73.90 10.68 -20.56
CA ALA A 424 73.75 12.13 -20.51
C ALA A 424 75.06 12.86 -20.74
N GLN A 425 76.19 12.25 -20.37
CA GLN A 425 77.46 12.92 -20.55
C GLN A 425 78.17 12.61 -21.87
N LEU A 427 75.99 11.22 -25.03
CA LEU A 427 75.06 11.34 -26.17
C LEU A 427 74.85 12.80 -26.55
N HIS A 428 74.29 13.02 -27.73
CA HIS A 428 73.97 14.36 -28.20
C HIS A 428 72.58 14.47 -28.79
N VAL A 429 71.99 15.64 -28.55
CA VAL A 429 70.58 15.92 -28.83
C VAL A 429 70.51 17.27 -29.57
N PHE A 430 69.57 17.41 -30.49
CA PHE A 430 69.59 18.55 -31.42
C PHE A 430 68.28 19.30 -31.58
N LYS A 431 67.33 19.03 -30.71
CA LYS A 431 66.04 19.72 -30.70
C LYS A 431 65.40 19.57 -29.32
N ASP A 432 64.44 20.42 -29.00
CA ASP A 432 63.76 20.36 -27.70
C ASP A 432 62.76 19.21 -27.67
N ARG A 433 62.67 18.57 -26.50
CA ARG A 433 61.87 17.35 -26.31
C ARG A 433 62.41 16.14 -27.08
N HIS A 434 63.72 16.15 -27.31
CA HIS A 434 64.42 14.96 -27.81
C HIS A 434 65.31 14.36 -26.71
N TRP A 435 65.15 14.87 -25.49
CA TRP A 435 65.63 14.21 -24.29
C TRP A 435 64.48 14.11 -23.29
N ILE A 436 63.88 12.93 -23.18
CA ILE A 436 62.76 12.68 -22.29
C ILE A 436 63.29 11.93 -21.06
N ASN A 437 63.38 12.64 -19.94
CA ASN A 437 64.02 12.13 -18.72
C ASN A 437 63.36 12.67 -17.45
N CYS A 438 62.97 11.78 -16.56
CA CYS A 438 62.38 12.15 -15.27
C CYS A 438 63.47 12.56 -14.29
N GLY A 439 63.92 13.81 -14.41
CA GLY A 439 65.14 14.28 -13.76
C GLY A 439 65.16 14.46 -12.25
N GLN A 440 64.01 14.69 -11.63
CA GLN A 440 63.95 14.95 -10.18
C GLN A 440 63.60 13.72 -9.33
N ALA A 441 62.73 12.86 -9.87
CA ALA A 441 62.25 11.69 -9.12
C ALA A 441 62.95 10.40 -9.57
N GLY A 442 63.21 10.28 -10.86
CA GLY A 442 63.90 9.10 -11.41
C GLY A 442 63.43 7.73 -10.93
N PRO A 443 62.13 7.41 -11.10
CA PRO A 443 61.64 6.12 -10.61
C PRO A 443 62.00 4.98 -11.57
N LEU A 444 62.64 3.94 -11.05
CA LEU A 444 63.00 2.78 -11.86
C LEU A 444 61.75 2.16 -12.48
N GLY A 445 61.88 1.73 -13.73
CA GLY A 445 60.75 1.18 -14.48
C GLY A 445 60.10 2.18 -15.42
N TRP A 446 60.49 3.44 -15.30
CA TRP A 446 59.89 4.55 -16.05
C TRP A 446 60.10 4.43 -17.57
N THR A 447 61.28 3.94 -17.96
CA THR A 447 61.78 4.06 -19.33
C THR A 447 60.91 3.40 -20.41
N ILE A 448 60.52 2.14 -20.21
CA ILE A 448 59.69 1.44 -21.21
C ILE A 448 58.34 2.14 -21.45
N PRO A 449 57.50 2.27 -20.41
CA PRO A 449 56.21 2.95 -20.63
C PRO A 449 56.35 4.39 -21.13
N ALA A 450 57.30 5.15 -20.60
CA ALA A 450 57.52 6.53 -21.06
C ALA A 450 57.78 6.57 -22.58
N ALA A 451 58.65 5.68 -23.03
CA ALA A 451 58.96 5.56 -24.45
C ALA A 451 57.71 5.25 -25.27
N LEU A 452 56.91 4.29 -24.81
CA LEU A 452 55.67 3.93 -25.49
C LEU A 452 54.71 5.11 -25.58
N GLY A 453 54.66 5.93 -24.52
CA GLY A 453 53.84 7.13 -24.52
C GLY A 453 54.26 8.19 -25.52
N VAL A 454 55.57 8.36 -25.68
CA VAL A 454 56.11 9.29 -26.68
C VAL A 454 55.72 8.80 -28.08
N CYS A 455 55.87 7.50 -28.32
CA CYS A 455 55.52 6.90 -29.62
C CYS A 455 54.03 7.07 -29.93
N ALA A 456 53.18 6.91 -28.92
CA ALA A 456 51.75 7.11 -29.10
C ALA A 456 51.42 8.58 -29.36
N ALA A 457 52.22 9.48 -28.80
CA ALA A 457 52.06 10.91 -29.02
C ALA A 457 52.51 11.33 -30.42
N ASP A 458 53.51 10.65 -30.97
CA ASP A 458 54.03 10.97 -32.30
C ASP A 458 54.63 9.71 -32.98
N PRO A 459 53.84 9.07 -33.86
CA PRO A 459 54.31 7.92 -34.64
C PRO A 459 55.47 8.20 -35.60
N LYS A 460 55.78 9.47 -35.87
CA LYS A 460 56.92 9.85 -36.71
C LYS A 460 58.22 10.03 -35.92
N ARG A 461 58.12 10.04 -34.59
CA ARG A 461 59.28 10.25 -33.73
C ARG A 461 60.24 9.05 -33.76
N ASN A 462 61.51 9.32 -33.99
CA ASN A 462 62.57 8.31 -33.98
C ASN A 462 63.03 8.05 -32.55
N VAL A 463 62.22 7.29 -31.81
CA VAL A 463 62.42 7.08 -30.38
C VAL A 463 63.43 5.97 -30.07
N VAL A 464 64.40 6.29 -29.22
CA VAL A 464 65.41 5.33 -28.77
C VAL A 464 65.58 5.44 -27.27
N ALA A 465 65.39 4.34 -26.56
CA ALA A 465 65.49 4.34 -25.09
C ALA A 465 66.80 3.73 -24.61
N ILE A 466 67.28 4.21 -23.46
CA ILE A 466 68.43 3.61 -22.78
C ILE A 466 68.02 3.16 -21.38
N SER A 467 68.33 1.91 -21.05
CA SER A 467 68.14 1.38 -19.71
C SER A 467 69.32 0.51 -19.29
N GLY A 468 69.54 0.43 -17.98
CA GLY A 468 70.32 -0.63 -17.38
C GLY A 468 69.43 -1.83 -17.15
N ASP A 469 70.03 -2.95 -16.72
CA ASP A 469 69.29 -4.20 -16.56
C ASP A 469 68.19 -4.13 -15.47
N PHE A 470 68.48 -3.43 -14.38
CA PHE A 470 67.53 -3.33 -13.27
C PHE A 470 66.33 -2.44 -13.61
N ASP A 471 66.58 -1.29 -14.22
CA ASP A 471 65.51 -0.40 -14.73
C ASP A 471 64.61 -1.16 -15.71
N PHE A 472 65.24 -1.90 -16.63
CA PHE A 472 64.54 -2.67 -17.64
C PHE A 472 63.58 -3.70 -17.05
N GLN A 473 63.95 -4.30 -15.92
CA GLN A 473 63.18 -5.38 -15.31
C GLN A 473 61.97 -4.91 -14.49
N PHE A 474 62.08 -3.76 -13.83
CA PHE A 474 60.97 -3.23 -12.99
C PHE A 474 59.59 -3.39 -13.63
N LEU A 475 59.44 -2.86 -14.85
CA LEU A 475 58.17 -2.92 -15.59
C LEU A 475 58.37 -3.54 -16.98
N ILE A 476 59.10 -4.65 -16.99
CA ILE A 476 59.48 -5.34 -18.22
C ILE A 476 58.28 -5.82 -19.07
N GLU A 477 57.18 -6.13 -18.39
CA GLU A 477 55.97 -6.66 -19.03
C GLU A 477 55.28 -5.67 -19.97
N GLU A 478 55.55 -4.38 -19.82
CA GLU A 478 54.96 -3.35 -20.70
C GLU A 478 55.45 -3.45 -22.15
N LEU A 479 56.54 -4.18 -22.39
CA LEU A 479 56.93 -4.50 -23.75
C LEU A 479 55.79 -5.19 -24.52
N ALA A 480 55.01 -6.01 -23.81
CA ALA A 480 53.87 -6.69 -24.45
C ALA A 480 52.74 -5.75 -24.89
N VAL A 481 52.67 -4.56 -24.29
CA VAL A 481 51.79 -3.48 -24.76
C VAL A 481 52.25 -3.04 -26.15
N GLY A 482 53.56 -2.84 -26.29
CA GLY A 482 54.16 -2.49 -27.55
C GLY A 482 53.96 -3.55 -28.61
N ALA A 483 53.83 -4.80 -28.20
CA ALA A 483 53.58 -5.89 -29.14
C ALA A 483 52.10 -6.00 -29.52
N GLN A 484 51.21 -5.97 -28.53
CA GLN A 484 49.78 -6.12 -28.78
C GLN A 484 49.26 -5.01 -29.68
N PHE A 485 49.50 -3.78 -29.26
CA PHE A 485 49.27 -2.61 -30.10
C PHE A 485 50.58 -2.56 -30.84
N ASN A 486 50.65 -2.05 -32.06
CA ASN A 486 51.94 -2.16 -32.78
C ASN A 486 52.74 -0.87 -32.67
N ILE A 487 53.40 -0.69 -31.52
CA ILE A 487 54.09 0.55 -31.19
C ILE A 487 55.60 0.33 -31.21
N PRO A 488 56.26 0.60 -32.34
CA PRO A 488 57.68 0.32 -32.49
C PRO A 488 58.63 1.42 -31.99
N TYR A 489 59.72 0.99 -31.36
CA TYR A 489 60.84 1.85 -30.99
C TYR A 489 62.04 0.93 -30.72
N ILE A 490 63.21 1.52 -30.49
CA ILE A 490 64.41 0.74 -30.19
C ILE A 490 64.79 0.96 -28.73
N HIS A 491 65.02 -0.13 -28.00
CA HIS A 491 65.43 -0.05 -26.60
C HIS A 491 66.83 -0.60 -26.42
N VAL A 492 67.77 0.29 -26.09
CA VAL A 492 69.15 -0.09 -25.84
C VAL A 492 69.26 -0.50 -24.39
N LEU A 493 69.66 -1.74 -24.15
CA LEU A 493 69.78 -2.32 -22.82
C LEU A 493 71.26 -2.59 -22.50
N VAL A 494 71.82 -1.84 -21.57
CA VAL A 494 73.20 -2.04 -21.19
C VAL A 494 73.24 -2.85 -19.91
N ASN A 495 73.72 -4.09 -20.02
CA ASN A 495 73.60 -5.10 -18.97
C ASN A 495 74.92 -5.41 -18.28
N ASN A 496 75.01 -5.08 -17.00
CA ASN A 496 76.17 -5.38 -16.17
C ASN A 496 75.85 -6.29 -14.96
N ALA A 497 74.65 -6.86 -14.93
CA ALA A 497 74.19 -7.72 -13.83
C ALA A 497 74.43 -7.07 -12.44
N TYR A 498 74.15 -5.78 -12.36
CA TYR A 498 74.46 -4.97 -11.17
C TYR A 498 73.49 -3.81 -11.03
N LEU A 499 73.23 -3.42 -9.78
CA LEU A 499 72.72 -2.06 -9.51
C LEU A 499 73.98 -1.19 -9.52
N GLY A 500 74.37 -0.78 -10.72
CA GLY A 500 75.65 -0.14 -10.92
C GLY A 500 75.88 1.10 -10.08
N LEU A 501 74.95 2.05 -10.17
CA LEU A 501 75.06 3.34 -9.50
C LEU A 501 75.23 3.14 -8.00
N ILE A 502 74.44 2.23 -7.43
CA ILE A 502 74.44 1.98 -5.99
C ILE A 502 75.75 1.32 -5.56
N ARG A 503 76.21 0.35 -6.34
CA ARG A 503 77.53 -0.26 -6.12
C ARG A 503 78.61 0.82 -6.03
N GLN A 504 78.59 1.76 -6.97
CA GLN A 504 79.57 2.86 -6.98
C GLN A 504 79.43 3.75 -5.73
N SER A 505 78.21 4.06 -5.32
CA SER A 505 77.98 4.86 -4.11
C SER A 505 78.40 4.14 -2.84
N GLN A 506 78.41 2.82 -2.87
CA GLN A 506 78.79 2.01 -1.70
C GLN A 506 80.31 1.97 -1.46
N ARG A 507 81.10 2.49 -2.40
CA ARG A 507 82.56 2.54 -2.23
C ARG A 507 82.95 3.31 -0.98
N ALA A 508 82.26 4.43 -0.75
CA ALA A 508 82.51 5.26 0.44
C ALA A 508 82.28 4.50 1.76
N PHE A 509 81.39 3.49 1.72
CA PHE A 509 81.14 2.61 2.88
C PHE A 509 81.96 1.33 2.82
N ASP A 510 82.90 1.24 1.89
CA ASP A 510 83.81 0.09 1.75
C ASP A 510 83.08 -1.26 1.64
N ASP A 512 80.29 -4.01 -1.03
CA ASP A 512 79.58 -4.42 -2.24
C ASP A 512 78.49 -5.39 -1.78
N TYR A 513 77.30 -4.86 -1.52
CA TYR A 513 76.31 -5.55 -0.67
C TYR A 513 74.88 -5.34 -1.17
N CYS A 514 74.22 -6.44 -1.53
CA CYS A 514 72.84 -6.43 -2.04
C CYS A 514 72.66 -5.65 -3.34
N VAL A 515 73.69 -5.58 -4.16
CA VAL A 515 73.62 -4.84 -5.43
C VAL A 515 73.86 -5.68 -6.69
N GLN A 516 74.11 -6.97 -6.51
CA GLN A 516 74.33 -7.89 -7.64
C GLN A 516 73.05 -8.60 -8.07
N LEU A 517 72.89 -8.74 -9.39
CA LEU A 517 71.76 -9.47 -9.98
C LEU A 517 72.18 -10.76 -10.69
N ALA A 518 73.46 -11.08 -10.65
CA ALA A 518 74.00 -12.22 -11.38
C ALA A 518 73.63 -13.57 -10.76
N PHE A 519 73.30 -14.53 -11.61
CA PHE A 519 73.19 -15.93 -11.23
C PHE A 519 73.34 -16.80 -12.47
N GLU A 520 73.64 -18.08 -12.26
CA GLU A 520 73.76 -19.03 -13.37
C GLU A 520 72.36 -19.47 -13.80
N ASN A 521 71.92 -18.98 -14.96
CA ASN A 521 70.60 -19.27 -15.49
C ASN A 521 70.57 -20.70 -15.97
N ILE A 522 69.71 -21.50 -15.33
CA ILE A 522 69.62 -22.95 -15.63
C ILE A 522 69.05 -23.27 -17.02
N ASN A 523 68.51 -22.27 -17.68
CA ASN A 523 68.02 -22.40 -19.06
C ASN A 523 68.92 -21.74 -20.11
N SER A 524 69.97 -21.03 -19.68
CA SER A 524 70.76 -20.19 -20.59
C SER A 524 72.27 -20.04 -20.25
N SER A 525 73.10 -20.89 -20.85
CA SER A 525 74.56 -20.78 -20.74
C SER A 525 75.09 -19.52 -21.43
N GLU A 526 74.44 -19.16 -22.53
CA GLU A 526 74.86 -18.06 -23.39
C GLU A 526 75.08 -16.76 -22.63
N VAL A 527 74.31 -16.54 -21.56
CA VAL A 527 74.45 -15.32 -20.74
C VAL A 527 75.59 -15.35 -19.71
N ASN A 528 76.31 -16.47 -19.61
CA ASN A 528 77.53 -16.53 -18.78
C ASN A 528 77.33 -16.07 -17.33
N GLY A 529 76.28 -16.56 -16.67
CA GLY A 529 76.04 -16.22 -15.27
C GLY A 529 75.67 -14.77 -15.00
N TYR A 530 75.20 -14.05 -16.02
CA TYR A 530 74.68 -12.68 -15.85
C TYR A 530 73.24 -12.68 -15.33
N GLY A 531 72.59 -13.84 -15.32
CA GLY A 531 71.28 -14.00 -14.69
C GLY A 531 70.14 -14.03 -15.68
N VAL A 532 69.34 -12.96 -15.69
CA VAL A 532 68.17 -12.89 -16.54
C VAL A 532 68.57 -12.90 -18.02
N ASP A 533 67.84 -13.71 -18.79
CA ASP A 533 67.98 -13.76 -20.25
C ASP A 533 66.97 -12.81 -20.87
N HIS A 534 67.38 -11.58 -21.08
CA HIS A 534 66.50 -10.51 -21.60
C HIS A 534 66.01 -10.78 -23.03
N VAL A 535 66.78 -11.52 -23.81
CA VAL A 535 66.37 -11.89 -25.17
C VAL A 535 65.17 -12.84 -25.15
N LYS A 536 65.22 -13.90 -24.33
CA LYS A 536 64.10 -14.82 -24.18
C LYS A 536 62.88 -14.13 -23.57
N VAL A 537 63.10 -13.26 -22.59
CA VAL A 537 61.97 -12.53 -21.97
C VAL A 537 61.30 -11.62 -22.99
N ALA A 538 62.09 -10.88 -23.75
CA ALA A 538 61.57 -9.94 -24.77
C ALA A 538 60.81 -10.66 -25.88
N GLU A 539 61.35 -11.80 -26.32
CA GLU A 539 60.69 -12.60 -27.35
C GLU A 539 59.36 -13.20 -26.87
N GLY A 540 59.37 -13.70 -25.63
CA GLY A 540 58.16 -14.21 -24.99
C GLY A 540 57.07 -13.16 -24.88
N LEU A 541 57.48 -11.92 -24.63
CA LEU A 541 56.54 -10.79 -24.57
C LEU A 541 56.10 -10.27 -25.96
N GLY A 542 56.61 -10.87 -27.03
CA GLY A 542 56.13 -10.61 -28.39
C GLY A 542 56.98 -9.66 -29.20
N CYS A 543 58.15 -9.33 -28.66
CA CYS A 543 59.06 -8.37 -29.27
C CYS A 543 60.26 -9.05 -29.92
N LYS A 544 61.11 -8.25 -30.54
CA LYS A 544 62.36 -8.76 -31.09
C LYS A 544 63.52 -8.25 -30.24
N ALA A 545 64.61 -9.02 -30.23
CA ALA A 545 65.76 -8.74 -29.38
C ALA A 545 67.06 -9.29 -29.98
N ILE A 546 68.14 -8.51 -29.81
CA ILE A 546 69.46 -8.89 -30.28
C ILE A 546 70.42 -8.72 -29.10
N ARG A 547 71.34 -9.67 -28.96
CA ARG A 547 72.39 -9.58 -27.96
C ARG A 547 73.76 -9.39 -28.61
N VAL A 548 74.55 -8.50 -28.02
CA VAL A 548 75.86 -8.13 -28.53
C VAL A 548 76.92 -8.33 -27.45
N PHE A 549 77.98 -9.08 -27.78
CA PHE A 549 79.11 -9.32 -26.88
C PHE A 549 80.36 -8.52 -27.22
N LYS A 550 80.48 -8.10 -28.48
CA LYS A 550 81.67 -7.39 -28.98
C LYS A 550 81.33 -5.98 -29.49
N PRO A 551 82.24 -5.00 -29.29
CA PRO A 551 81.96 -3.60 -29.68
C PRO A 551 81.71 -3.39 -31.17
N GLU A 552 82.41 -4.14 -32.01
CA GLU A 552 82.26 -4.05 -33.46
C GLU A 552 80.90 -4.58 -33.97
N ASP A 553 80.20 -5.38 -33.16
CA ASP A 553 78.87 -5.89 -33.51
C ASP A 553 77.71 -4.94 -33.15
N ILE A 554 78.01 -3.81 -32.52
CA ILE A 554 76.99 -2.87 -32.09
C ILE A 554 76.37 -2.14 -33.28
N ALA A 555 77.20 -1.62 -34.18
CA ALA A 555 76.69 -0.90 -35.35
C ALA A 555 75.76 -1.77 -36.22
N PRO A 556 76.22 -2.97 -36.64
CA PRO A 556 75.32 -3.86 -37.38
C PRO A 556 74.01 -4.20 -36.63
N ALA A 557 74.09 -4.33 -35.32
CA ALA A 557 72.92 -4.66 -34.51
C ALA A 557 71.85 -3.57 -34.62
N PHE A 558 72.27 -2.32 -34.59
CA PHE A 558 71.37 -1.18 -34.74
C PHE A 558 70.70 -1.15 -36.11
N GLU A 559 71.45 -1.51 -37.15
CA GLU A 559 70.90 -1.63 -38.51
C GLU A 559 69.87 -2.76 -38.59
N GLN A 560 70.21 -3.91 -38.02
CA GLN A 560 69.28 -5.04 -37.90
C GLN A 560 68.00 -4.62 -37.16
N ALA A 561 68.16 -3.88 -36.08
CA ALA A 561 67.03 -3.39 -35.29
C ALA A 561 66.08 -2.51 -36.10
N LYS A 562 66.64 -1.58 -36.88
CA LYS A 562 65.86 -0.69 -37.74
C LYS A 562 65.00 -1.48 -38.76
N ALA A 563 65.58 -2.55 -39.29
CA ALA A 563 64.91 -3.43 -40.24
C ALA A 563 63.76 -4.19 -39.61
N LEU A 564 64.01 -4.77 -38.44
CA LEU A 564 63.00 -5.52 -37.70
C LEU A 564 61.79 -4.66 -37.31
N ALA A 566 60.66 -2.06 -38.97
CA ALA A 566 59.92 -1.70 -40.17
C ALA A 566 58.93 -2.79 -40.57
N GLN A 567 59.40 -4.02 -40.49
CA GLN A 567 58.63 -5.19 -40.93
C GLN A 567 57.64 -5.72 -39.89
N TYR A 568 58.10 -5.84 -38.65
CA TYR A 568 57.29 -6.42 -37.57
C TYR A 568 56.50 -5.38 -36.76
N ARG A 569 56.93 -4.13 -36.76
CA ARG A 569 56.18 -3.05 -36.10
C ARG A 569 56.04 -3.24 -34.59
N VAL A 570 57.13 -3.65 -33.94
CA VAL A 570 57.14 -3.88 -32.50
C VAL A 570 58.42 -3.31 -31.87
N PRO A 571 58.44 -3.15 -30.54
CA PRO A 571 59.69 -2.79 -29.88
C PRO A 571 60.80 -3.79 -30.19
N VAL A 572 62.01 -3.27 -30.39
CA VAL A 572 63.19 -4.10 -30.64
C VAL A 572 64.25 -3.76 -29.60
N VAL A 573 64.63 -4.76 -28.83
CA VAL A 573 65.60 -4.61 -27.75
C VAL A 573 67.01 -4.96 -28.23
N VAL A 574 67.96 -4.06 -28.04
CA VAL A 574 69.37 -4.36 -28.33
C VAL A 574 70.12 -4.44 -27.00
N GLU A 575 70.43 -5.67 -26.57
CA GLU A 575 71.16 -5.90 -25.33
C GLU A 575 72.67 -5.92 -25.57
N VAL A 576 73.39 -5.09 -24.81
CA VAL A 576 74.85 -5.10 -24.82
C VAL A 576 75.39 -5.63 -23.50
N ILE A 577 76.20 -6.67 -23.58
CA ILE A 577 76.81 -7.26 -22.38
C ILE A 577 78.02 -6.43 -21.98
N LEU A 578 77.88 -5.71 -20.87
CA LEU A 578 78.93 -4.86 -20.37
C LEU A 578 79.90 -5.61 -19.47
N GLU A 579 81.08 -5.02 -19.27
CA GLU A 579 81.94 -5.44 -18.17
C GLU A 579 81.19 -5.16 -16.87
N ARG A 580 81.47 -5.95 -15.86
CA ARG A 580 80.68 -5.94 -14.63
C ARG A 580 80.78 -4.65 -13.84
N VAL A 581 81.99 -4.13 -13.70
CA VAL A 581 82.24 -2.94 -12.91
C VAL A 581 82.92 -1.82 -13.71
N THR A 582 82.23 -0.69 -13.83
CA THR A 582 82.77 0.52 -14.42
C THR A 582 82.34 1.74 -13.59
N ASN A 583 83.31 2.53 -13.17
CA ASN A 583 83.05 3.71 -12.35
C ASN A 583 82.94 4.96 -13.22
N ILE A 584 81.73 5.52 -13.24
CA ILE A 584 81.43 6.68 -14.06
C ILE A 584 81.84 7.95 -13.31
N SER A 585 82.25 8.97 -14.06
CA SER A 585 82.70 10.22 -13.47
C SER A 585 81.57 10.93 -12.73
N GLY A 587 81.00 13.58 -8.70
CA GLY A 587 81.54 14.18 -7.49
C GLY A 587 80.50 14.92 -6.69
N SER A 588 80.90 15.47 -5.55
CA SER A 588 79.98 16.21 -4.68
C SER A 588 80.04 17.72 -4.89
N GLU A 589 81.01 18.19 -5.69
CA GLU A 589 81.12 19.61 -6.06
C GLU A 589 81.60 19.75 -7.51
N LEU A 590 81.30 20.89 -8.12
CA LEU A 590 81.71 21.15 -9.50
C LEU A 590 83.23 21.08 -9.71
N ASP A 591 83.99 21.52 -8.71
CA ASP A 591 85.48 21.51 -8.75
C ASP A 591 86.09 20.22 -8.22
N ASN A 592 85.26 19.20 -8.06
CA ASN A 592 85.58 18.02 -7.30
C ASN A 592 85.12 16.74 -8.01
N VAL A 593 84.73 16.83 -9.28
CA VAL A 593 84.27 15.65 -10.00
C VAL A 593 85.44 14.73 -10.28
N GLU A 595 87.39 11.58 -12.11
CA GLU A 595 87.53 10.80 -13.33
C GLU A 595 88.20 9.46 -13.00
N PHE A 596 87.42 8.39 -13.05
CA PHE A 596 87.91 7.03 -12.79
C PHE A 596 88.40 6.35 -14.07
N GLU A 597 87.60 6.49 -15.12
CA GLU A 597 87.94 5.97 -16.44
C GLU A 597 88.79 7.00 -17.18
N ASP A 598 89.40 6.56 -18.28
CA ASP A 598 90.33 7.42 -19.04
C ASP A 598 89.66 8.69 -19.52
N ILE A 599 90.35 9.81 -19.31
CA ILE A 599 89.97 11.09 -19.92
C ILE A 599 90.50 11.14 -21.36
N ALA A 600 90.19 12.21 -22.07
CA ALA A 600 90.64 12.38 -23.45
C ALA A 600 90.80 13.86 -23.81
N ASP A 601 91.79 14.14 -24.66
CA ASP A 601 92.03 15.51 -25.16
C ASP A 601 92.07 15.61 -26.70
N ASN A 602 91.63 14.56 -27.38
CA ASN A 602 91.62 14.51 -28.84
C ASN A 602 90.47 13.66 -29.36
N ALA A 603 90.19 13.80 -30.65
CA ALA A 603 89.02 13.15 -31.25
C ALA A 603 89.17 11.63 -31.42
N ALA A 604 90.40 11.13 -31.55
CA ALA A 604 90.63 9.69 -31.70
C ALA A 604 89.97 8.87 -30.58
N ASP A 605 90.08 9.39 -29.36
CA ASP A 605 89.49 8.75 -28.18
C ASP A 605 88.02 9.09 -27.97
N ALA A 606 87.60 10.25 -28.45
CA ALA A 606 86.21 10.72 -28.28
C ALA A 606 85.63 11.25 -29.60
N PRO A 607 85.48 10.36 -30.60
CA PRO A 607 85.20 10.77 -31.96
C PRO A 607 83.81 11.37 -32.24
N THR A 608 82.86 11.27 -31.31
CA THR A 608 81.49 11.70 -31.58
C THR A 608 81.09 13.02 -30.90
N GLU A 609 82.06 13.76 -30.38
CA GLU A 609 81.81 15.13 -29.95
C GLU A 609 81.41 15.98 -31.16
N THR A 610 80.45 16.89 -30.97
CA THR A 610 79.85 17.62 -32.11
C THR A 610 80.85 18.49 -32.87
N CYS A 611 81.92 18.91 -32.21
CA CYS A 611 82.92 19.70 -32.91
C CYS A 611 83.84 18.85 -33.82
N PHE A 612 83.84 17.54 -33.62
CA PHE A 612 84.62 16.62 -34.45
C PHE A 612 83.76 15.89 -35.49
N HIS A 614 79.94 15.92 -37.88
CA HIS A 614 78.71 16.51 -38.42
C HIS A 614 77.57 15.53 -38.23
N TYR A 615 76.47 16.01 -37.68
CA TYR A 615 75.32 15.16 -37.39
C TYR A 615 74.22 15.30 -38.47
N GLU A 616 73.95 14.19 -39.16
CA GLU A 616 73.13 14.11 -40.38
C GLU A 616 73.54 15.08 -41.46
N ALA B 25 70.62 47.67 -1.47
CA ALA B 25 69.65 46.56 -1.76
C ALA B 25 69.76 45.35 -0.81
N LYS B 26 70.85 45.24 -0.04
CA LYS B 26 70.96 44.28 1.06
C LYS B 26 70.09 44.73 2.23
N ARG B 28 67.03 43.08 5.53
CA ARG B 28 66.34 41.99 6.25
C ARG B 28 65.13 41.53 5.44
N ALA B 29 64.78 40.25 5.55
CA ALA B 29 63.61 39.71 4.86
C ALA B 29 62.35 40.48 5.20
N VAL B 30 62.17 40.77 6.48
CA VAL B 30 61.02 41.57 6.95
C VAL B 30 61.00 43.01 6.42
N ASP B 31 62.17 43.58 6.17
CA ASP B 31 62.25 44.92 5.58
C ASP B 31 61.76 44.90 4.13
N ALA B 32 62.14 43.87 3.38
CA ALA B 32 61.63 43.62 2.04
C ALA B 32 60.12 43.38 2.03
N ALA B 33 59.62 42.71 3.05
CA ALA B 33 58.19 42.46 3.19
C ALA B 33 57.38 43.76 3.26
N TYR B 35 58.19 46.72 1.81
CA TYR B 35 58.10 47.23 0.43
C TYR B 35 56.98 46.52 -0.35
N VAL B 36 56.93 45.19 -0.23
CA VAL B 36 55.93 44.41 -0.95
C VAL B 36 54.52 44.82 -0.50
N LEU B 37 54.30 44.84 0.80
CA LEU B 37 52.98 45.19 1.35
C LEU B 37 52.52 46.58 0.90
N GLU B 38 53.46 47.52 0.87
CA GLU B 38 53.19 48.88 0.46
C GLU B 38 52.80 48.95 -1.01
N LYS B 39 53.62 48.36 -1.88
CA LYS B 39 53.37 48.37 -3.33
C LYS B 39 52.09 47.61 -3.67
N GLU B 40 51.66 46.77 -2.74
CA GLU B 40 50.53 45.90 -2.93
C GLU B 40 49.25 46.48 -2.27
N GLY B 41 49.35 47.70 -1.73
CA GLY B 41 48.19 48.48 -1.30
C GLY B 41 47.91 48.62 0.19
N ILE B 42 48.64 47.90 1.04
CA ILE B 42 48.33 47.88 2.48
C ILE B 42 48.74 49.17 3.19
N THR B 43 47.80 49.74 3.94
CA THR B 43 48.03 50.92 4.79
C THR B 43 47.61 50.70 6.25
N THR B 44 47.01 49.55 6.56
CA THR B 44 46.49 49.28 7.89
C THR B 44 46.77 47.85 8.32
N ALA B 45 46.91 47.65 9.63
CA ALA B 45 47.16 46.34 10.18
C ALA B 45 46.59 46.22 11.59
N PHE B 46 45.94 45.10 11.86
CA PHE B 46 45.40 44.82 13.18
C PHE B 46 46.18 43.68 13.77
N GLY B 47 46.59 43.78 15.03
CA GLY B 47 47.35 42.68 15.62
C GLY B 47 47.67 42.73 17.09
N VAL B 48 48.45 41.73 17.50
CA VAL B 48 48.94 41.59 18.87
C VAL B 48 50.39 41.14 18.80
N PRO B 49 51.34 41.97 19.26
CA PRO B 49 52.75 41.59 19.10
C PRO B 49 53.22 40.51 20.07
N GLY B 50 54.40 39.97 19.78
CA GLY B 50 55.03 38.93 20.60
C GLY B 50 56.48 38.76 20.18
N ALA B 51 57.27 38.06 20.99
CA ALA B 51 58.69 37.93 20.72
C ALA B 51 58.96 37.32 19.34
N ALA B 52 58.21 36.30 18.96
CA ALA B 52 58.45 35.62 17.69
C ALA B 52 58.15 36.47 16.45
N ILE B 53 57.35 37.54 16.61
CA ILE B 53 56.99 38.41 15.50
C ILE B 53 57.56 39.83 15.66
N ASN B 54 58.44 40.04 16.64
CA ASN B 54 59.05 41.37 16.85
C ASN B 54 59.85 41.91 15.65
N PRO B 55 60.62 41.05 14.96
CA PRO B 55 61.34 41.57 13.79
C PRO B 55 60.42 42.22 12.75
N PHE B 56 59.25 41.62 12.53
CA PHE B 56 58.26 42.20 11.63
C PHE B 56 57.83 43.59 12.10
N TYR B 57 57.44 43.68 13.38
CA TYR B 57 57.03 44.95 13.98
C TYR B 57 58.12 46.01 13.88
N SER B 58 59.37 45.58 14.04
CA SER B 58 60.54 46.45 13.92
C SER B 58 60.66 47.03 12.52
N ALA B 59 60.49 46.18 11.51
CA ALA B 59 60.56 46.59 10.10
C ALA B 59 59.42 47.55 9.73
N ARG B 61 57.85 49.63 11.81
CA ARG B 61 58.11 50.94 12.42
C ARG B 61 59.19 51.72 11.67
N LYS B 62 60.25 51.02 11.29
CA LYS B 62 61.34 51.61 10.52
C LYS B 62 60.88 52.13 9.17
N HIS B 63 59.96 51.39 8.53
CA HIS B 63 59.51 51.72 7.18
C HIS B 63 58.43 52.82 7.17
N GLY B 64 57.53 52.79 8.14
CA GLY B 64 56.40 53.71 8.17
C GLY B 64 55.34 53.33 7.14
N GLY B 65 54.22 54.05 7.16
CA GLY B 65 53.19 53.89 6.14
C GLY B 65 52.07 52.91 6.46
N ILE B 66 52.22 52.13 7.52
CA ILE B 66 51.14 51.25 7.98
C ILE B 66 50.69 51.65 9.38
N ARG B 67 49.40 51.88 9.53
CA ARG B 67 48.79 52.18 10.81
C ARG B 67 48.47 50.88 11.53
N HIS B 68 49.06 50.68 12.71
CA HIS B 68 48.78 49.49 13.53
C HIS B 68 47.73 49.75 14.60
N ILE B 69 46.67 48.94 14.61
CA ILE B 69 45.72 48.93 15.73
C ILE B 69 46.00 47.71 16.61
N LEU B 70 46.25 47.95 17.90
CA LEU B 70 46.45 46.91 18.89
C LEU B 70 45.10 46.38 19.34
N ALA B 71 44.84 45.11 19.10
CA ALA B 71 43.62 44.45 19.59
C ALA B 71 43.82 43.96 21.03
N ARG B 72 42.72 43.56 21.66
CA ARG B 72 42.73 43.00 23.02
C ARG B 72 42.26 41.54 23.03
N HIS B 73 42.31 40.94 21.84
CA HIS B 73 42.25 39.50 21.64
C HIS B 73 42.68 39.27 20.19
N VAL B 74 43.46 38.23 19.93
CA VAL B 74 43.88 37.92 18.56
C VAL B 74 42.67 37.66 17.66
N GLU B 75 41.68 36.94 18.17
CA GLU B 75 40.43 36.73 17.44
C GLU B 75 39.82 38.08 17.05
N GLY B 76 39.90 39.06 17.94
CA GLY B 76 39.45 40.40 17.64
C GLY B 76 40.18 41.04 16.48
N ALA B 77 41.51 40.90 16.48
CA ALA B 77 42.34 41.42 15.38
C ALA B 77 41.96 40.75 14.05
N SER B 78 41.66 39.46 14.10
CA SER B 78 41.26 38.70 12.93
C SER B 78 39.98 39.21 12.32
N HIS B 79 38.98 39.45 13.16
CA HIS B 79 37.67 39.86 12.69
C HIS B 79 37.64 41.32 12.28
N ALA B 81 40.19 42.60 10.66
CA ALA B 81 40.70 42.43 9.31
C ALA B 81 39.58 42.05 8.34
N GLU B 82 38.68 41.17 8.77
CA GLU B 82 37.56 40.76 7.91
C GLU B 82 36.66 41.94 7.56
N GLY B 83 36.31 42.74 8.56
CA GLY B 83 35.51 43.94 8.36
C GLY B 83 36.19 44.95 7.45
N TYR B 84 37.48 45.14 7.65
CA TYR B 84 38.28 46.04 6.82
C TYR B 84 38.22 45.63 5.35
N THR B 85 38.31 44.33 5.09
CA THR B 85 38.22 43.79 3.73
C THR B 85 36.85 44.02 3.13
N ARG B 86 35.83 43.62 3.87
CA ARG B 86 34.45 43.66 3.40
C ARG B 86 33.90 45.07 3.17
N ALA B 87 34.53 46.08 3.76
CA ALA B 87 34.06 47.45 3.69
C ALA B 87 34.16 48.07 2.28
N THR B 88 35.24 47.80 1.56
CA THR B 88 35.49 48.46 0.28
C THR B 88 36.21 47.52 -0.68
N ALA B 89 35.87 47.65 -1.97
CA ALA B 89 36.19 46.64 -3.00
C ALA B 89 37.65 46.15 -3.09
N GLY B 90 38.62 47.03 -3.10
CA GLY B 90 40.02 46.56 -3.20
C GLY B 90 40.71 46.20 -1.89
N ASN B 91 40.02 46.35 -0.76
CA ASN B 91 40.66 46.23 0.56
C ASN B 91 41.07 44.81 0.93
N ILE B 92 42.26 44.70 1.52
CA ILE B 92 42.76 43.46 2.09
C ILE B 92 43.16 43.74 3.53
N GLY B 93 42.35 43.30 4.48
CA GLY B 93 42.65 43.43 5.91
C GLY B 93 43.80 42.52 6.32
N VAL B 94 44.69 43.04 7.17
CA VAL B 94 45.87 42.32 7.61
C VAL B 94 45.85 42.06 9.12
N CYS B 95 46.15 40.82 9.49
CA CYS B 95 46.09 40.36 10.87
C CYS B 95 47.46 39.84 11.33
N LEU B 96 47.99 40.42 12.40
CA LEU B 96 49.34 40.13 12.86
C LEU B 96 49.36 39.48 14.24
N GLY B 97 50.14 38.41 14.39
CA GLY B 97 50.26 37.71 15.67
C GLY B 97 51.58 36.99 15.88
N THR B 98 51.77 36.48 17.08
CA THR B 98 53.01 35.76 17.40
C THR B 98 52.86 34.26 17.06
N SER B 99 53.77 33.43 17.56
CA SER B 99 53.70 31.99 17.30
C SER B 99 52.64 31.34 18.18
N GLY B 100 52.50 30.03 18.04
CA GLY B 100 51.69 29.23 18.96
C GLY B 100 50.21 29.58 19.00
N PRO B 101 49.71 29.98 20.17
CA PRO B 101 48.27 30.19 20.34
C PRO B 101 47.68 31.39 19.59
N ALA B 102 48.52 32.29 19.13
CA ALA B 102 48.05 33.41 18.31
C ALA B 102 47.47 32.86 17.01
N GLY B 103 48.20 31.93 16.41
CA GLY B 103 47.78 31.30 15.18
C GLY B 103 46.54 30.45 15.33
N THR B 104 46.40 29.76 16.45
CA THR B 104 45.19 28.98 16.70
C THR B 104 43.97 29.84 17.05
N ASP B 105 44.20 31.10 17.45
CA ASP B 105 43.09 32.06 17.68
C ASP B 105 42.59 32.73 16.39
N ILE B 107 41.97 30.88 13.49
CA ILE B 107 41.37 29.85 12.65
C ILE B 107 39.89 30.16 12.37
N THR B 108 39.17 30.64 13.37
CA THR B 108 37.76 30.99 13.21
C THR B 108 37.55 32.04 12.11
N ALA B 109 38.44 33.02 12.05
CA ALA B 109 38.35 34.09 11.07
C ALA B 109 38.72 33.62 9.67
N LEU B 110 39.76 32.81 9.58
CA LEU B 110 40.15 32.21 8.30
C LEU B 110 38.99 31.42 7.74
N TYR B 111 38.30 30.69 8.61
CA TYR B 111 37.11 29.94 8.23
C TYR B 111 36.00 30.87 7.70
N SER B 112 35.71 31.89 8.51
CA SER B 112 34.68 32.87 8.19
C SER B 112 34.94 33.54 6.84
N ALA B 113 36.19 33.94 6.61
CA ALA B 113 36.58 34.61 5.37
C ALA B 113 36.50 33.65 4.17
N SER B 114 37.03 32.45 4.34
CA SER B 114 36.94 31.39 3.31
C SER B 114 35.49 31.18 2.93
N ALA B 115 34.66 30.95 3.95
CA ALA B 115 33.26 30.60 3.78
C ALA B 115 32.46 31.61 2.96
N ASP B 116 32.79 32.90 3.13
CA ASP B 116 32.12 33.98 2.42
C ASP B 116 32.90 34.51 1.18
N SER B 117 33.91 33.77 0.73
CA SER B 117 34.70 34.11 -0.46
C SER B 117 35.39 35.48 -0.41
N ILE B 118 35.95 35.82 0.75
CA ILE B 118 36.64 37.09 0.92
C ILE B 118 38.02 36.86 1.56
N PRO B 119 39.00 37.70 1.22
CA PRO B 119 40.35 37.53 1.73
C PRO B 119 40.69 38.31 3.01
N ILE B 120 41.49 37.69 3.86
CA ILE B 120 42.33 38.41 4.82
C ILE B 120 43.75 37.86 4.72
N LEU B 121 44.73 38.65 5.13
CA LEU B 121 46.11 38.19 5.19
C LEU B 121 46.53 38.07 6.65
N CYS B 122 46.74 36.84 7.11
CA CYS B 122 47.26 36.56 8.43
C CYS B 122 48.74 36.32 8.37
N ILE B 123 49.47 36.97 9.27
CA ILE B 123 50.91 36.79 9.39
C ILE B 123 51.22 36.42 10.83
N THR B 124 51.85 35.27 11.03
CA THR B 124 52.24 34.80 12.37
C THR B 124 53.75 34.63 12.48
N GLY B 125 54.27 34.90 13.69
CA GLY B 125 55.64 34.57 14.03
C GLY B 125 55.76 33.07 14.25
N GLN B 126 56.99 32.58 14.34
CA GLN B 126 57.26 31.15 14.51
C GLN B 126 58.69 30.95 15.02
N ALA B 127 58.91 29.86 15.73
CA ALA B 127 60.23 29.50 16.23
C ALA B 127 61.20 29.23 15.09
N PRO B 128 62.52 29.31 15.34
CA PRO B 128 63.49 29.06 14.26
C PRO B 128 63.33 27.68 13.62
N ARG B 129 63.75 27.54 12.36
CA ARG B 129 63.58 26.29 11.61
C ARG B 129 64.26 25.08 12.25
N ALA B 130 65.44 25.30 12.81
CA ALA B 130 66.20 24.23 13.44
C ALA B 130 65.46 23.59 14.61
N ARG B 131 64.49 24.31 15.16
CA ARG B 131 63.81 23.89 16.37
C ARG B 131 62.33 23.60 16.20
N LEU B 132 61.84 23.58 14.95
CA LEU B 132 60.41 23.31 14.70
C LEU B 132 59.93 21.93 15.12
N HIS B 133 60.84 20.95 15.21
CA HIS B 133 60.46 19.58 15.59
C HIS B 133 60.95 19.16 16.97
N LYS B 134 61.75 20.00 17.61
CA LYS B 134 61.97 19.91 19.06
C LYS B 134 60.74 20.64 19.60
N GLU B 135 60.29 20.40 20.82
CA GLU B 135 59.04 21.05 21.26
C GLU B 135 59.30 22.47 21.75
N ASP B 136 59.73 23.34 20.84
CA ASP B 136 60.16 24.68 21.20
C ASP B 136 58.94 25.44 21.73
N PHE B 137 59.15 26.23 22.76
CA PHE B 137 58.08 27.01 23.39
C PHE B 137 57.17 27.72 22.38
N GLN B 138 55.88 27.48 22.48
CA GLN B 138 54.87 28.09 21.60
C GLN B 138 55.10 27.80 20.10
N ALA B 139 55.60 26.61 19.79
CA ALA B 139 55.78 26.17 18.42
C ALA B 139 54.72 25.13 18.05
N VAL B 140 53.89 25.47 17.08
CA VAL B 140 52.82 24.60 16.62
C VAL B 140 52.83 24.56 15.08
N ASP B 141 52.32 23.46 14.51
CA ASP B 141 52.25 23.27 13.07
C ASP B 141 50.99 23.96 12.54
N ILE B 142 51.03 25.29 12.56
CA ILE B 142 49.92 26.14 12.14
C ILE B 142 49.60 25.92 10.65
N GLU B 143 50.61 25.58 9.88
CA GLU B 143 50.46 25.21 8.46
C GLU B 143 49.42 24.09 8.25
N ALA B 144 49.55 22.99 8.98
CA ALA B 144 48.60 21.87 8.86
C ALA B 144 47.20 22.24 9.40
N ILE B 145 47.16 23.00 10.49
CA ILE B 145 45.91 23.37 11.13
C ILE B 145 45.07 24.29 10.25
N ALA B 146 45.73 25.22 9.56
CA ALA B 146 45.04 26.26 8.78
C ALA B 146 44.70 25.84 7.34
N LYS B 147 45.36 24.80 6.84
CA LYS B 147 45.20 24.29 5.47
C LYS B 147 43.75 24.15 5.01
N PRO B 148 42.90 23.48 5.79
CA PRO B 148 41.51 23.24 5.35
C PRO B 148 40.62 24.48 5.25
N VAL B 149 41.06 25.62 5.78
CA VAL B 149 40.25 26.85 5.78
C VAL B 149 40.99 28.08 5.24
N SER B 150 41.88 27.86 4.28
CA SER B 150 42.53 28.97 3.60
C SER B 150 42.95 28.55 2.18
N LYS B 151 43.07 29.52 1.28
CA LYS B 151 43.54 29.25 -0.09
C LYS B 151 45.02 28.85 -0.06
N ALA B 153 48.17 28.24 3.17
CA ALA B 153 48.76 28.35 4.50
C ALA B 153 50.14 27.77 4.41
N VAL B 154 51.15 28.59 4.64
CA VAL B 154 52.54 28.18 4.38
C VAL B 154 53.50 28.73 5.43
N THR B 155 54.45 27.86 5.85
CA THR B 155 55.60 28.28 6.63
C THR B 155 56.74 28.62 5.68
N VAL B 156 57.23 29.85 5.75
CA VAL B 156 58.27 30.32 4.84
C VAL B 156 59.61 29.74 5.26
N ARG B 157 60.23 28.98 4.36
CA ARG B 157 61.44 28.20 4.69
C ARG B 157 62.76 28.88 4.36
N GLU B 158 62.72 29.98 3.62
CA GLU B 158 63.91 30.78 3.29
C GLU B 158 63.62 32.26 3.39
N ALA B 159 64.61 33.02 3.82
CA ALA B 159 64.50 34.48 3.92
C ALA B 159 64.10 35.10 2.59
N ALA B 160 64.78 34.69 1.52
CA ALA B 160 64.54 35.25 0.18
C ALA B 160 63.14 34.94 -0.38
N LEU B 161 62.46 33.95 0.18
CA LEU B 161 61.09 33.60 -0.19
C LEU B 161 60.01 34.47 0.49
N VAL B 162 60.39 35.21 1.54
CA VAL B 162 59.43 36.04 2.26
C VAL B 162 58.67 37.00 1.31
N PRO B 163 59.38 37.82 0.52
CA PRO B 163 58.67 38.68 -0.43
C PRO B 163 57.92 37.94 -1.52
N ARG B 164 58.39 36.75 -1.88
CA ARG B 164 57.77 35.95 -2.95
C ARG B 164 56.49 35.27 -2.50
N VAL B 165 56.45 34.79 -1.27
CA VAL B 165 55.22 34.20 -0.71
C VAL B 165 54.10 35.26 -0.60
N LEU B 166 54.47 36.47 -0.19
CA LEU B 166 53.52 37.58 -0.15
C LEU B 166 53.04 37.93 -1.56
N GLN B 167 53.98 37.98 -2.51
CA GLN B 167 53.64 38.20 -3.92
C GLN B 167 52.60 37.19 -4.38
N GLN B 168 52.85 35.91 -4.09
CA GLN B 168 51.90 34.85 -4.46
C GLN B 168 50.58 34.95 -3.69
N ALA B 169 50.65 35.39 -2.43
CA ALA B 169 49.48 35.51 -1.57
C ALA B 169 48.46 36.51 -2.12
N PHE B 170 48.93 37.65 -2.60
CA PHE B 170 48.05 38.67 -3.13
C PHE B 170 47.42 38.25 -4.44
N HIS B 171 48.12 37.44 -5.21
CA HIS B 171 47.54 36.87 -6.42
C HIS B 171 46.33 36.00 -6.06
N LEU B 172 46.54 35.08 -5.11
CA LEU B 172 45.49 34.15 -4.68
C LEU B 172 44.30 34.84 -4.02
N ARG B 174 43.15 37.84 -4.61
CA ARG B 174 42.35 38.58 -5.58
C ARG B 174 41.76 37.72 -6.71
N SER B 175 42.39 36.58 -7.01
CA SER B 175 42.07 35.79 -8.21
C SER B 175 41.01 34.75 -7.94
N GLY B 176 40.35 34.32 -9.02
CA GLY B 176 39.35 33.25 -8.98
C GLY B 176 38.30 33.51 -7.91
N ARG B 177 38.00 32.47 -7.14
CA ARG B 177 37.19 32.62 -5.94
C ARG B 177 38.10 33.17 -4.85
N PRO B 178 37.86 34.40 -4.39
CA PRO B 178 38.78 34.95 -3.39
C PRO B 178 38.70 34.20 -2.07
N GLY B 179 39.82 34.17 -1.35
CA GLY B 179 39.90 33.59 -0.02
C GLY B 179 41.13 34.06 0.76
N PRO B 180 41.22 33.67 2.05
CA PRO B 180 42.27 34.15 2.92
C PRO B 180 43.57 33.36 2.81
N VAL B 181 44.66 33.98 3.26
CA VAL B 181 45.98 33.35 3.27
C VAL B 181 46.64 33.55 4.63
N LEU B 182 47.36 32.52 5.08
CA LEU B 182 48.19 32.61 6.29
C LEU B 182 49.65 32.42 5.95
N VAL B 183 50.47 33.35 6.42
CA VAL B 183 51.92 33.30 6.23
C VAL B 183 52.61 33.16 7.58
N ASP B 184 53.39 32.10 7.73
CA ASP B 184 54.03 31.74 8.98
C ASP B 184 55.54 31.96 8.87
N LEU B 185 56.08 32.85 9.70
CA LEU B 185 57.46 33.35 9.53
C LEU B 185 58.39 32.95 10.67
N PRO B 186 59.22 31.93 10.47
CA PRO B 186 60.23 31.58 11.48
C PRO B 186 61.18 32.73 11.81
N PHE B 187 61.51 32.87 13.09
CA PHE B 187 62.30 33.99 13.59
C PHE B 187 63.57 34.22 12.78
N ASP B 188 64.32 33.16 12.53
CA ASP B 188 65.58 33.28 11.80
C ASP B 188 65.40 33.66 10.32
N VAL B 189 64.26 33.30 9.74
CA VAL B 189 63.91 33.68 8.37
C VAL B 189 63.63 35.18 8.28
N GLN B 190 62.93 35.71 9.28
CA GLN B 190 62.60 37.14 9.34
C GLN B 190 63.85 38.03 9.37
N VAL B 191 64.82 37.67 10.22
CA VAL B 191 65.99 38.55 10.47
C VAL B 191 67.15 38.37 9.50
N ALA B 192 67.13 37.34 8.68
CA ALA B 192 68.23 37.08 7.74
C ALA B 192 68.29 38.11 6.63
N GLU B 193 69.51 38.40 6.18
CA GLU B 193 69.74 39.36 5.10
C GLU B 193 69.46 38.74 3.74
N ILE B 194 68.80 39.49 2.87
CA ILE B 194 68.57 39.10 1.49
C ILE B 194 68.91 40.26 0.56
N GLU B 195 69.05 39.95 -0.72
CA GLU B 195 69.19 40.97 -1.74
C GLU B 195 67.82 41.17 -2.39
N PHE B 196 67.37 42.41 -2.43
CA PHE B 196 66.04 42.74 -2.94
C PHE B 196 66.00 44.16 -3.52
N ASP B 197 65.57 44.27 -4.77
CA ASP B 197 65.38 45.57 -5.41
C ASP B 197 63.88 45.89 -5.47
N PRO B 198 63.41 46.79 -4.60
CA PRO B 198 61.98 47.08 -4.57
C PRO B 198 61.44 47.77 -5.83
N ASP B 199 62.30 48.53 -6.53
CA ASP B 199 61.93 49.13 -7.82
C ASP B 199 61.57 48.07 -8.87
N TYR B 201 60.09 45.13 -8.17
CA TYR B 201 58.95 44.32 -7.75
C TYR B 201 57.66 44.68 -8.50
N GLU B 202 57.02 43.66 -9.08
CA GLU B 202 55.80 43.84 -9.87
C GLU B 202 54.69 42.94 -9.33
N PRO B 203 53.56 43.54 -8.88
CA PRO B 203 52.41 42.70 -8.50
C PRO B 203 51.96 41.81 -9.64
N LEU B 204 51.55 40.59 -9.35
CA LEU B 204 51.15 39.63 -10.38
C LEU B 204 49.80 39.98 -10.97
N PRO B 205 49.55 39.55 -12.22
CA PRO B 205 48.25 39.85 -12.80
C PRO B 205 47.14 39.05 -12.13
N VAL B 206 45.96 39.63 -12.04
CA VAL B 206 44.83 38.98 -11.37
C VAL B 206 44.10 38.08 -12.38
N TYR B 207 43.92 36.81 -12.02
CA TYR B 207 43.20 35.87 -12.87
C TYR B 207 41.69 35.90 -12.62
N LYS B 208 40.92 36.07 -13.70
CA LYS B 208 39.45 36.00 -13.64
C LYS B 208 38.88 35.44 -14.95
N PRO B 209 38.08 34.35 -14.87
CA PRO B 209 37.44 33.88 -16.10
C PRO B 209 36.33 34.82 -16.55
N ALA B 210 36.09 34.84 -17.86
CA ALA B 210 35.09 35.72 -18.47
C ALA B 210 34.19 34.94 -19.40
N ALA B 211 32.89 35.24 -19.37
CA ALA B 211 31.91 34.59 -20.24
C ALA B 211 32.10 35.03 -21.69
N SER B 212 31.65 34.19 -22.62
CA SER B 212 31.70 34.52 -24.04
C SER B 212 30.36 35.11 -24.50
N ARG B 213 30.41 35.86 -25.59
CA ARG B 213 29.22 36.45 -26.20
C ARG B 213 28.15 35.40 -26.44
N GLN B 215 27.57 32.49 -24.89
CA GLN B 215 26.96 32.00 -23.66
C GLN B 215 25.91 32.98 -23.16
N ILE B 216 26.25 34.25 -23.17
CA ILE B 216 25.37 35.30 -22.67
C ILE B 216 24.15 35.46 -23.56
N GLU B 217 24.33 35.39 -24.87
CA GLU B 217 23.22 35.41 -25.81
C GLU B 217 22.21 34.29 -25.52
N LYS B 218 22.71 33.09 -25.25
CA LYS B 218 21.86 31.95 -24.88
C LYS B 218 21.09 32.24 -23.59
N ALA B 219 21.77 32.83 -22.61
CA ALA B 219 21.16 33.18 -21.34
C ALA B 219 20.04 34.19 -21.50
N VAL B 220 20.26 35.22 -22.30
CA VAL B 220 19.25 36.25 -22.54
C VAL B 220 18.10 35.69 -23.40
N GLU B 221 18.42 34.86 -24.38
CA GLU B 221 17.40 34.19 -25.18
C GLU B 221 16.46 33.35 -24.30
N LEU B 223 16.04 33.92 -20.92
CA LEU B 223 15.34 34.88 -20.06
C LEU B 223 14.11 35.46 -20.73
N ILE B 224 14.20 35.78 -22.02
CA ILE B 224 13.07 36.42 -22.71
C ILE B 224 11.86 35.49 -22.90
N GLN B 225 12.07 34.17 -22.95
CA GLN B 225 10.95 33.23 -23.07
C GLN B 225 10.32 32.89 -21.71
N ALA B 226 10.92 33.36 -20.62
CA ALA B 226 10.35 33.18 -19.30
C ALA B 226 9.18 34.15 -19.10
N GLU B 227 8.08 33.65 -18.56
CA GLU B 227 6.91 34.48 -18.30
C GLU B 227 7.03 35.29 -17.01
N ARG B 228 7.65 34.70 -15.99
CA ARG B 228 7.73 35.27 -14.64
C ARG B 228 9.14 35.11 -14.04
N PRO B 229 10.16 35.71 -14.68
CA PRO B 229 11.55 35.51 -14.24
C PRO B 229 11.92 36.36 -13.03
N VAL B 230 12.88 35.87 -12.24
CA VAL B 230 13.54 36.69 -11.22
C VAL B 230 15.05 36.53 -11.31
N ILE B 231 15.75 37.62 -10.99
CA ILE B 231 17.19 37.62 -10.86
C ILE B 231 17.52 37.44 -9.38
N VAL B 232 18.36 36.46 -9.07
CA VAL B 232 18.91 36.29 -7.72
C VAL B 232 20.34 36.79 -7.74
N ALA B 233 20.57 37.92 -7.06
CA ALA B 233 21.87 38.58 -7.05
C ALA B 233 22.64 38.24 -5.79
N GLY B 234 23.79 37.58 -5.95
CA GLY B 234 24.56 37.09 -4.81
C GLY B 234 25.74 37.97 -4.46
N GLY B 235 26.44 37.59 -3.40
CA GLY B 235 27.62 38.30 -2.94
C GLY B 235 28.76 38.37 -3.94
N GLY B 236 28.71 37.54 -4.97
CA GLY B 236 29.67 37.60 -6.07
C GLY B 236 29.58 38.90 -6.86
N VAL B 237 28.37 39.44 -6.97
CA VAL B 237 28.15 40.73 -7.64
C VAL B 237 28.91 41.82 -6.89
N ILE B 238 28.74 41.83 -5.57
CA ILE B 238 29.45 42.76 -4.69
C ILE B 238 30.96 42.52 -4.73
N ASN B 239 31.37 41.25 -4.71
CA ASN B 239 32.79 40.90 -4.76
C ASN B 239 33.44 41.45 -6.02
N ALA B 240 32.74 41.39 -7.14
CA ALA B 240 33.22 41.87 -8.44
C ALA B 240 33.09 43.39 -8.62
N ASP B 241 32.44 44.05 -7.66
CA ASP B 241 32.19 45.50 -7.71
C ASP B 241 31.29 45.86 -8.90
N ALA B 242 30.19 45.12 -9.03
CA ALA B 242 29.34 45.19 -10.21
C ALA B 242 27.87 45.53 -9.90
N ALA B 243 27.64 46.31 -8.84
CA ALA B 243 26.27 46.65 -8.41
C ALA B 243 25.54 47.54 -9.41
N ALA B 244 26.23 48.56 -9.92
CA ALA B 244 25.63 49.48 -10.90
C ALA B 244 25.19 48.73 -12.14
N LEU B 245 26.04 47.84 -12.62
CA LEU B 245 25.75 47.04 -13.82
C LEU B 245 24.60 46.06 -13.62
N LEU B 246 24.48 45.49 -12.42
CA LEU B 246 23.38 44.60 -12.11
C LEU B 246 22.04 45.35 -12.14
N GLN B 247 22.00 46.48 -11.46
CA GLN B 247 20.83 47.36 -11.48
C GLN B 247 20.46 47.74 -12.91
N GLN B 248 21.47 48.11 -13.71
CA GLN B 248 21.23 48.48 -15.11
C GLN B 248 20.64 47.33 -15.93
N PHE B 249 21.16 46.13 -15.75
CA PHE B 249 20.65 44.94 -16.45
C PHE B 249 19.20 44.62 -16.08
N ALA B 250 18.89 44.73 -14.79
CA ALA B 250 17.53 44.51 -14.31
C ALA B 250 16.57 45.57 -14.89
N GLU B 251 17.02 46.81 -14.90
CA GLU B 251 16.25 47.92 -15.44
C GLU B 251 15.94 47.73 -16.94
N LEU B 252 16.96 47.36 -17.71
CA LEU B 252 16.81 47.14 -19.15
C LEU B 252 15.87 45.99 -19.51
N THR B 253 15.87 44.92 -18.70
CA THR B 253 15.02 43.75 -18.96
C THR B 253 13.70 43.79 -18.18
N SER B 254 13.61 44.72 -17.24
CA SER B 254 12.44 44.85 -16.39
C SER B 254 12.17 43.59 -15.56
N VAL B 255 13.23 43.01 -14.99
CA VAL B 255 13.13 41.76 -14.23
C VAL B 255 13.38 42.03 -12.76
N PRO B 256 12.43 41.64 -11.88
CA PRO B 256 12.60 41.82 -10.45
C PRO B 256 13.86 41.15 -9.90
N VAL B 257 14.45 41.78 -8.88
CA VAL B 257 15.69 41.31 -8.27
C VAL B 257 15.47 40.82 -6.85
N ILE B 258 16.00 39.64 -6.56
CA ILE B 258 16.04 39.09 -5.22
C ILE B 258 17.50 39.00 -4.79
N PRO B 259 17.95 39.90 -3.91
CA PRO B 259 19.29 39.71 -3.41
C PRO B 259 19.36 38.60 -2.37
N THR B 260 20.44 37.84 -2.39
CA THR B 260 20.80 36.95 -1.33
C THR B 260 21.18 37.80 -0.12
N LEU B 261 21.31 37.20 1.06
CA LEU B 261 21.77 37.97 2.22
C LEU B 261 23.14 38.62 1.95
N GLY B 263 24.27 39.34 -1.13
CA GLY B 263 24.06 40.28 -2.24
C GLY B 263 23.27 41.51 -1.86
N TRP B 264 22.71 41.51 -0.64
CA TRP B 264 21.89 42.62 -0.13
C TRP B 264 22.58 43.97 -0.28
N GLY B 265 21.93 44.88 -0.99
CA GLY B 265 22.45 46.22 -1.23
C GLY B 265 22.91 46.50 -2.66
N CYS B 266 23.08 45.46 -3.46
CA CYS B 266 23.59 45.63 -4.83
C CYS B 266 22.55 46.27 -5.75
N ILE B 267 21.29 46.24 -5.30
CA ILE B 267 20.25 47.11 -5.84
C ILE B 267 19.52 47.74 -4.65
N PRO B 268 19.25 49.06 -4.68
CA PRO B 268 18.70 49.68 -3.47
C PRO B 268 17.32 49.14 -3.07
N ASP B 269 17.05 49.08 -1.77
CA ASP B 269 15.78 48.52 -1.26
C ASP B 269 14.52 49.27 -1.72
N ASP B 270 14.65 50.56 -1.99
CA ASP B 270 13.53 51.38 -2.45
C ASP B 270 13.37 51.40 -3.97
N HIS B 271 14.21 50.64 -4.68
CA HIS B 271 14.06 50.46 -6.14
C HIS B 271 12.76 49.70 -6.44
N GLU B 272 12.13 50.05 -7.55
CA GLU B 272 10.86 49.45 -7.95
C GLU B 272 10.96 47.95 -8.27
N LEU B 273 12.15 47.51 -8.68
CA LEU B 273 12.37 46.12 -9.09
C LEU B 273 12.90 45.20 -7.99
N ALA B 275 12.46 42.91 -5.21
CA ALA B 275 11.29 42.12 -4.82
C ALA B 275 11.40 41.45 -3.45
N GLY B 276 12.45 41.76 -2.70
CA GLY B 276 12.65 41.22 -1.35
C GLY B 276 13.69 40.11 -1.31
N VAL B 278 14.78 36.01 0.05
CA VAL B 278 14.21 34.67 0.08
C VAL B 278 15.00 33.77 1.03
N GLY B 279 14.29 32.87 1.70
CA GLY B 279 14.93 31.86 2.55
C GLY B 279 14.14 31.41 3.77
N LEU B 280 14.84 30.77 4.69
CA LEU B 280 14.23 30.13 5.84
C LEU B 280 14.16 31.01 7.08
N GLN B 281 15.05 32.00 7.17
CA GLN B 281 15.13 32.87 8.34
C GLN B 281 15.23 34.35 7.98
N THR B 282 16.34 34.76 7.35
CA THR B 282 16.54 36.17 6.96
C THR B 282 15.88 36.42 5.61
N ALA B 283 14.55 36.42 5.60
CA ALA B 283 13.77 36.55 4.38
C ALA B 283 12.47 37.27 4.64
N HIS B 284 11.78 37.66 3.57
CA HIS B 284 10.48 38.31 3.67
C HIS B 284 9.38 37.38 3.20
N ARG B 285 8.16 37.62 3.67
CA ARG B 285 7.01 36.83 3.24
C ARG B 285 6.75 37.05 1.74
N TYR B 286 6.90 38.30 1.30
CA TYR B 286 6.72 38.63 -0.11
C TYR B 286 7.82 38.04 -1.01
N GLY B 287 9.06 38.07 -0.51
CA GLY B 287 10.16 37.43 -1.21
C GLY B 287 9.93 35.96 -1.49
N ASN B 288 9.58 35.20 -0.46
CA ASN B 288 9.31 33.77 -0.61
C ASN B 288 8.15 33.49 -1.57
N ALA B 289 7.11 34.33 -1.50
CA ALA B 289 5.93 34.13 -2.33
C ALA B 289 6.21 34.44 -3.81
N THR B 290 7.00 35.48 -4.06
CA THR B 290 7.42 35.84 -5.40
C THR B 290 8.26 34.73 -6.02
N LEU B 291 9.19 34.18 -5.24
CA LEU B 291 10.00 33.09 -5.75
C LEU B 291 9.16 31.86 -6.09
N LEU B 292 8.27 31.49 -5.18
CA LEU B 292 7.38 30.35 -5.40
C LEU B 292 6.43 30.56 -6.58
N ALA B 293 6.15 31.82 -6.93
CA ALA B 293 5.32 32.13 -8.09
C ALA B 293 6.13 32.21 -9.39
N SER B 294 7.44 32.39 -9.30
CA SER B 294 8.29 32.58 -10.50
C SER B 294 8.44 31.31 -11.35
N ASP B 295 8.82 31.46 -12.61
CA ASP B 295 9.13 30.32 -13.48
C ASP B 295 10.61 30.28 -13.89
N VAL B 297 14.80 31.29 -12.12
CA VAL B 297 15.79 31.95 -11.29
C VAL B 297 17.08 32.17 -12.10
N PHE B 298 17.41 33.44 -12.32
CA PHE B 298 18.61 33.85 -13.03
C PHE B 298 19.66 34.21 -11.98
N GLY B 299 20.47 33.22 -11.61
CA GLY B 299 21.44 33.35 -10.54
C GLY B 299 22.76 33.94 -10.97
N ILE B 300 23.11 35.09 -10.41
CA ILE B 300 24.34 35.80 -10.73
C ILE B 300 25.15 36.06 -9.47
N GLY B 301 26.30 35.40 -9.36
CA GLY B 301 27.19 35.61 -8.24
C GLY B 301 26.68 35.02 -6.94
N ASN B 302 25.70 34.11 -7.04
CA ASN B 302 25.23 33.37 -5.89
C ASN B 302 25.69 31.92 -5.95
N ARG B 303 25.70 31.26 -4.79
CA ARG B 303 25.68 29.81 -4.73
C ARG B 303 24.29 29.60 -4.22
N PHE B 304 23.82 28.38 -4.03
CA PHE B 304 22.41 28.25 -3.64
C PHE B 304 22.33 27.74 -2.22
N ALA B 305 22.60 28.67 -1.30
CA ALA B 305 22.83 28.33 0.10
C ALA B 305 21.66 27.62 0.73
N ASN B 306 22.01 26.64 1.55
CA ASN B 306 21.12 25.85 2.39
C ASN B 306 19.91 26.62 2.96
N ARG B 307 20.16 27.76 3.58
CA ARG B 307 19.08 28.52 4.24
C ARG B 307 18.38 29.55 3.32
N HIS B 308 18.87 29.67 2.09
CA HIS B 308 18.19 30.40 1.05
C HIS B 308 17.16 29.53 0.34
N THR B 309 17.49 28.25 0.10
CA THR B 309 16.65 27.37 -0.73
C THR B 309 15.67 26.50 0.04
N GLY B 310 16.08 26.02 1.20
CA GLY B 310 15.40 24.92 1.85
C GLY B 310 15.72 23.67 1.05
N SER B 311 14.73 22.78 0.94
CA SER B 311 14.85 21.62 0.07
C SER B 311 14.96 22.07 -1.37
N VAL B 312 16.05 21.68 -2.02
CA VAL B 312 16.34 22.01 -3.41
C VAL B 312 15.21 21.63 -4.38
N GLU B 313 14.57 20.48 -4.12
CA GLU B 313 13.45 20.03 -4.94
C GLU B 313 12.33 21.06 -4.95
N LYS B 314 12.06 21.63 -3.78
CA LYS B 314 11.01 22.64 -3.64
C LYS B 314 11.40 23.96 -4.25
N TYR B 315 12.66 24.37 -4.08
CA TYR B 315 13.16 25.62 -4.65
C TYR B 315 13.15 25.62 -6.18
N THR B 316 13.29 24.45 -6.79
CA THR B 316 13.44 24.31 -8.24
C THR B 316 12.16 23.91 -8.97
N GLU B 317 11.13 23.51 -8.22
CA GLU B 317 9.89 22.98 -8.79
C GLU B 317 9.30 23.92 -9.87
N GLY B 318 9.11 23.38 -11.06
CA GLY B 318 8.47 24.10 -12.18
C GLY B 318 9.19 25.35 -12.61
N ARG B 319 10.52 25.31 -12.57
CA ARG B 319 11.32 26.52 -12.61
C ARG B 319 12.64 26.24 -13.31
N LYS B 320 13.01 27.09 -14.26
CA LYS B 320 14.33 26.99 -14.91
C LYS B 320 15.38 27.73 -14.11
N ILE B 321 16.63 27.24 -14.17
CA ILE B 321 17.72 27.82 -13.40
C ILE B 321 18.91 28.18 -14.28
N VAL B 322 19.33 29.45 -14.22
CA VAL B 322 20.60 29.87 -14.80
C VAL B 322 21.54 30.19 -13.66
N HIS B 323 22.81 29.83 -13.79
CA HIS B 323 23.79 30.05 -12.73
C HIS B 323 25.11 30.57 -13.28
N ILE B 324 25.45 31.80 -12.93
CA ILE B 324 26.72 32.39 -13.32
C ILE B 324 27.60 32.57 -12.07
N ASP B 325 28.75 31.92 -12.07
CA ASP B 325 29.69 31.95 -10.95
C ASP B 325 31.14 32.00 -11.46
N ILE B 326 32.03 32.61 -10.68
CA ILE B 326 33.45 32.69 -11.06
C ILE B 326 34.16 31.34 -10.90
N GLU B 327 33.61 30.48 -10.04
CA GLU B 327 34.22 29.21 -9.68
C GLU B 327 33.49 28.02 -10.31
N PRO B 328 34.15 27.30 -11.24
CA PRO B 328 33.54 26.13 -11.88
C PRO B 328 32.88 25.14 -10.92
N THR B 329 33.57 24.79 -9.85
CA THR B 329 33.10 23.77 -8.91
C THR B 329 31.99 24.24 -7.98
N GLN B 330 31.55 25.48 -8.10
CA GLN B 330 30.35 25.97 -7.40
C GLN B 330 29.07 25.77 -8.24
N ILE B 331 29.24 25.48 -9.52
CA ILE B 331 28.12 25.27 -10.43
C ILE B 331 27.79 23.77 -10.48
N GLY B 332 26.62 23.39 -9.95
CA GLY B 332 26.17 22.00 -9.89
C GLY B 332 26.44 21.33 -8.54
N ARG B 333 26.96 22.10 -7.59
CA ARG B 333 27.33 21.56 -6.28
C ARG B 333 26.13 21.20 -5.43
N VAL B 334 25.08 22.02 -5.50
CA VAL B 334 23.90 21.85 -4.68
C VAL B 334 22.70 21.44 -5.54
N LEU B 335 22.58 22.04 -6.73
CA LEU B 335 21.59 21.67 -7.72
C LEU B 335 22.18 21.77 -9.11
N CYS B 336 21.60 21.05 -10.06
CA CYS B 336 22.07 21.09 -11.43
C CYS B 336 21.33 22.15 -12.25
N PRO B 337 22.04 23.19 -12.71
CA PRO B 337 21.37 24.28 -13.42
C PRO B 337 21.03 23.90 -14.87
N ASP B 338 20.00 24.55 -15.42
CA ASP B 338 19.67 24.38 -16.83
C ASP B 338 20.76 24.93 -17.75
N LEU B 339 21.45 25.99 -17.33
CA LEU B 339 22.53 26.54 -18.15
C LEU B 339 23.90 26.50 -17.45
N GLY B 340 24.17 27.38 -16.50
CA GLY B 340 25.49 27.36 -15.84
C GLY B 340 26.66 27.90 -16.66
N ILE B 341 27.19 29.05 -16.25
CA ILE B 341 28.28 29.74 -16.96
C ILE B 341 29.39 30.18 -15.99
N VAL B 342 30.64 29.91 -16.36
CA VAL B 342 31.79 30.28 -15.53
C VAL B 342 32.27 31.68 -15.91
N SER B 343 32.13 32.63 -14.99
CA SER B 343 32.50 34.01 -15.26
C SER B 343 32.56 34.89 -14.02
N ASP B 344 33.50 35.83 -14.03
CA ASP B 344 33.46 36.97 -13.12
C ASP B 344 32.16 37.74 -13.38
N ALA B 345 31.58 38.30 -12.34
CA ALA B 345 30.25 38.91 -12.40
C ALA B 345 30.24 40.24 -13.15
N LYS B 346 31.34 40.98 -13.08
CA LYS B 346 31.45 42.25 -13.78
C LYS B 346 31.56 42.04 -15.29
N ALA B 347 32.41 41.11 -15.69
CA ALA B 347 32.58 40.77 -17.11
C ALA B 347 31.26 40.26 -17.71
N ALA B 348 30.58 39.39 -16.97
CA ALA B 348 29.34 38.81 -17.42
C ALA B 348 28.22 39.85 -17.53
N LEU B 349 28.15 40.75 -16.57
CA LEU B 349 27.13 41.80 -16.56
C LEU B 349 27.37 42.86 -17.64
N THR B 350 28.64 43.11 -17.96
CA THR B 350 29.00 44.01 -19.05
C THR B 350 28.43 43.48 -20.37
N LEU B 351 28.61 42.17 -20.62
CA LEU B 351 28.00 41.50 -21.78
C LEU B 351 26.47 41.49 -21.72
N LEU B 352 25.93 41.17 -20.55
CA LEU B 352 24.48 41.09 -20.38
C LEU B 352 23.79 42.41 -20.72
N VAL B 353 24.37 43.52 -20.27
CA VAL B 353 23.88 44.86 -20.60
C VAL B 353 23.96 45.13 -22.10
N GLU B 354 25.11 44.79 -22.69
CA GLU B 354 25.35 44.96 -24.12
C GLU B 354 24.35 44.17 -24.95
N VAL B 355 24.13 42.91 -24.59
CA VAL B 355 23.21 42.03 -25.32
C VAL B 355 21.76 42.46 -25.11
N ALA B 356 21.41 42.87 -23.90
CA ALA B 356 20.07 43.42 -23.62
C ALA B 356 19.76 44.67 -24.45
N GLN B 357 20.74 45.58 -24.57
CA GLN B 357 20.59 46.78 -25.39
C GLN B 357 20.36 46.48 -26.87
N GLU B 358 20.99 45.43 -27.37
CA GLU B 358 20.77 44.97 -28.75
C GLU B 358 19.39 44.36 -28.95
N GLN B 360 16.78 45.17 -27.20
CA GLN B 360 15.88 46.32 -27.06
C GLN B 360 15.77 47.11 -28.35
N LYS B 361 16.88 47.25 -29.10
CA LYS B 361 16.87 47.96 -30.38
C LYS B 361 16.07 47.19 -31.44
N ALA B 362 16.16 45.87 -31.42
CA ALA B 362 15.18 45.03 -32.09
C ALA B 362 13.91 45.03 -31.21
N GLY B 363 12.88 44.30 -31.61
CA GLY B 363 11.66 44.29 -30.80
C GLY B 363 11.54 43.05 -29.95
N ARG B 364 12.64 42.65 -29.34
CA ARG B 364 12.76 41.30 -28.80
C ARG B 364 12.69 41.16 -27.28
N LEU B 365 12.77 42.25 -26.54
CA LEU B 365 12.58 42.19 -25.06
C LEU B 365 11.11 42.34 -24.71
N PRO B 366 10.52 41.33 -24.06
CA PRO B 366 9.11 41.44 -23.72
C PRO B 366 8.79 42.49 -22.65
N CYS B 367 7.55 42.96 -22.68
CA CYS B 367 7.03 43.84 -21.65
C CYS B 367 6.68 42.97 -20.45
N ARG B 368 7.07 43.41 -19.26
CA ARG B 368 6.84 42.63 -18.02
C ARG B 368 6.05 43.40 -16.98
N LYS B 369 5.18 44.30 -17.44
CA LYS B 369 4.42 45.21 -16.58
C LYS B 369 3.61 44.50 -15.50
N GLU B 370 2.88 43.47 -15.91
CA GLU B 370 1.99 42.70 -15.01
C GLU B 370 2.75 41.96 -13.91
N TRP B 371 3.80 41.23 -14.28
CA TRP B 371 4.60 40.45 -13.34
C TRP B 371 5.30 41.34 -12.31
N VAL B 372 5.90 42.42 -12.78
CA VAL B 372 6.48 43.43 -11.88
C VAL B 372 5.44 43.99 -10.93
N ALA B 373 4.24 44.22 -11.44
CA ALA B 373 3.17 44.82 -10.66
C ALA B 373 2.78 43.93 -9.48
N ASP B 374 2.48 42.66 -9.74
CA ASP B 374 1.99 41.80 -8.65
C ASP B 374 3.10 41.35 -7.67
N CYS B 375 4.36 41.47 -8.09
CA CYS B 375 5.49 41.38 -7.17
C CYS B 375 5.43 42.51 -6.16
N GLN B 376 5.19 43.71 -6.65
CA GLN B 376 5.02 44.91 -5.80
C GLN B 376 3.76 44.81 -4.92
N GLN B 377 2.70 44.20 -5.43
CA GLN B 377 1.46 44.02 -4.65
C GLN B 377 1.72 43.11 -3.43
N ARG B 378 2.49 42.05 -3.61
CA ARG B 378 2.92 41.20 -2.50
C ARG B 378 3.72 42.00 -1.49
N LYS B 379 4.62 42.83 -2.03
CA LYS B 379 5.56 43.60 -1.23
C LYS B 379 4.89 44.61 -0.30
N ARG B 380 3.66 45.02 -0.60
CA ARG B 380 2.94 45.94 0.25
C ARG B 380 1.74 45.35 1.00
N THR B 381 1.57 44.01 0.98
CA THR B 381 0.56 43.36 1.83
C THR B 381 1.04 42.22 2.72
N LEU B 382 2.13 41.56 2.33
CA LEU B 382 2.64 40.41 3.09
C LEU B 382 3.76 40.86 4.04
N LEU B 383 3.37 41.58 5.09
CA LEU B 383 4.33 42.24 5.99
C LEU B 383 4.29 41.66 7.40
N ARG B 384 5.21 42.15 8.23
CA ARG B 384 5.28 41.76 9.65
C ARG B 384 5.18 43.00 10.53
N LYS B 385 4.41 42.90 11.61
CA LYS B 385 4.17 44.03 12.50
C LYS B 385 5.46 44.45 13.21
N THR B 386 5.72 45.75 13.23
CA THR B 386 6.86 46.33 13.97
C THR B 386 6.46 47.35 15.02
N HIS B 387 5.30 47.99 14.86
CA HIS B 387 4.91 49.09 15.74
C HIS B 387 4.24 48.62 17.05
N PHE B 388 5.07 48.14 17.97
CA PHE B 388 4.62 47.68 19.29
C PHE B 388 4.93 48.72 20.36
N ASP B 389 3.95 49.04 21.20
CA ASP B 389 4.14 49.98 22.31
C ASP B 389 4.44 49.27 23.64
N ASN B 390 4.58 47.95 23.58
CA ASN B 390 4.77 47.13 24.77
C ASN B 390 5.96 47.53 25.63
N VAL B 391 5.83 47.27 26.93
CA VAL B 391 6.94 47.33 27.89
C VAL B 391 6.85 46.08 28.77
N PRO B 392 7.90 45.25 28.82
CA PRO B 392 9.18 45.40 28.14
C PRO B 392 9.10 45.31 26.60
N VAL B 393 10.11 45.89 25.96
CA VAL B 393 10.12 46.19 24.53
C VAL B 393 10.15 44.94 23.66
N LYS B 394 9.36 44.95 22.59
CA LYS B 394 9.44 43.94 21.56
C LYS B 394 10.55 44.29 20.55
N PRO B 395 11.40 43.32 20.18
CA PRO B 395 12.59 43.64 19.39
C PRO B 395 12.27 44.25 18.03
N GLN B 396 11.15 43.86 17.43
CA GLN B 396 10.78 44.37 16.12
C GLN B 396 10.48 45.87 16.13
N ARG B 397 10.15 46.43 17.28
CA ARG B 397 10.01 47.88 17.43
C ARG B 397 11.36 48.60 17.33
N VAL B 398 12.43 47.93 17.76
CA VAL B 398 13.78 48.51 17.71
C VAL B 398 14.20 48.79 16.27
N TYR B 399 13.94 47.84 15.36
CA TYR B 399 14.39 47.98 13.98
C TYR B 399 13.61 49.07 13.24
N GLU B 400 12.34 49.23 13.60
CA GLU B 400 11.52 50.33 13.11
C GLU B 400 12.16 51.68 13.45
N GLU B 401 12.55 51.85 14.70
CA GLU B 401 13.15 53.11 15.18
C GLU B 401 14.52 53.39 14.56
N ASN B 403 15.43 52.45 11.46
CA ASN B 403 15.12 52.91 10.10
C ASN B 403 14.80 54.40 10.07
N LYS B 404 14.00 54.85 11.04
CA LYS B 404 13.65 56.27 11.18
C LYS B 404 14.83 57.15 11.59
N ALA B 405 15.66 56.65 12.51
CA ALA B 405 16.73 57.45 13.12
C ALA B 405 17.93 57.66 12.24
N PHE B 406 18.24 56.67 11.40
CA PHE B 406 19.46 56.70 10.61
C PHE B 406 19.18 57.01 9.16
N GLY B 407 20.15 57.66 8.51
CA GLY B 407 20.00 58.07 7.13
C GLY B 407 20.14 56.90 6.17
N ARG B 408 19.97 57.23 4.89
CA ARG B 408 20.01 56.28 3.80
C ARG B 408 21.40 55.68 3.58
N ASP B 409 22.44 56.43 3.96
CA ASP B 409 23.84 55.98 3.84
C ASP B 409 24.33 55.11 5.02
N VAL B 410 23.41 54.70 5.90
CA VAL B 410 23.75 53.86 7.04
C VAL B 410 24.42 52.56 6.62
N CYS B 411 25.34 52.07 7.44
CA CYS B 411 26.04 50.82 7.17
C CYS B 411 25.92 49.89 8.38
N TYR B 412 25.16 48.81 8.22
CA TYR B 412 24.88 47.91 9.34
C TYR B 412 25.88 46.78 9.40
N VAL B 413 26.30 46.46 10.63
CA VAL B 413 27.22 45.35 10.89
C VAL B 413 26.57 44.41 11.91
N THR B 414 26.52 43.13 11.59
CA THR B 414 25.90 42.15 12.49
C THR B 414 26.41 40.73 12.24
N THR B 415 25.99 39.80 13.09
CA THR B 415 26.52 38.42 13.04
C THR B 415 25.44 37.34 12.99
N ILE B 416 24.91 36.97 14.15
CA ILE B 416 23.97 35.86 14.25
C ILE B 416 23.13 35.98 15.52
N GLY B 417 21.92 35.43 15.48
CA GLY B 417 20.98 35.47 16.59
C GLY B 417 19.59 35.92 16.14
N LEU B 418 18.63 35.91 17.06
CA LEU B 418 17.32 36.50 16.79
C LEU B 418 17.51 37.99 16.53
N SER B 419 18.51 38.57 17.18
CA SER B 419 18.92 39.94 16.94
C SER B 419 19.17 40.24 15.45
N GLN B 420 20.00 39.42 14.79
CA GLN B 420 20.31 39.67 13.35
C GLN B 420 19.28 39.09 12.37
N ILE B 421 18.58 38.02 12.75
CA ILE B 421 17.54 37.47 11.86
C ILE B 421 16.44 38.51 11.67
N ALA B 422 15.90 39.00 12.78
CA ALA B 422 14.84 40.03 12.75
C ALA B 422 15.32 41.34 12.12
N ALA B 423 16.60 41.67 12.37
CA ALA B 423 17.23 42.83 11.76
C ALA B 423 17.24 42.72 10.24
N ALA B 424 17.62 41.52 9.78
CA ALA B 424 17.67 41.24 8.34
C ALA B 424 16.30 41.29 7.70
N GLN B 425 15.25 40.94 8.43
CA GLN B 425 13.91 40.91 7.84
C GLN B 425 13.12 42.23 8.02
N LEU B 427 15.15 45.70 8.74
CA LEU B 427 15.98 46.85 8.38
C LEU B 427 16.07 47.02 6.87
N HIS B 428 16.51 48.21 6.44
CA HIS B 428 16.70 48.50 5.01
C HIS B 428 18.04 49.15 4.67
N VAL B 429 18.56 48.74 3.53
CA VAL B 429 19.91 49.07 3.07
C VAL B 429 19.81 49.59 1.63
N PHE B 430 20.67 50.55 1.29
CA PHE B 430 20.51 51.29 0.02
C PHE B 430 21.75 51.39 -0.86
N LYS B 431 22.78 50.62 -0.53
CA LYS B 431 24.01 50.60 -1.29
C LYS B 431 24.76 49.30 -0.99
N ASP B 432 25.68 48.92 -1.87
CA ASP B 432 26.45 47.69 -1.67
C ASP B 432 27.54 47.91 -0.61
N ARG B 433 27.77 46.86 0.19
CA ARG B 433 28.68 46.91 1.36
C ARG B 433 28.15 47.83 2.46
N HIS B 434 26.84 47.98 2.52
CA HIS B 434 26.17 48.60 3.67
C HIS B 434 25.43 47.56 4.49
N TRP B 435 25.66 46.29 4.20
CA TRP B 435 25.31 45.17 5.07
C TRP B 435 26.53 44.28 5.21
N ILE B 436 27.23 44.41 6.34
CA ILE B 436 28.42 43.64 6.62
C ILE B 436 28.06 42.51 7.60
N ASN B 437 28.02 41.28 7.08
CA ASN B 437 27.50 40.13 7.82
C ASN B 437 28.20 38.84 7.40
N CYS B 438 28.73 38.12 8.39
CA CYS B 438 29.38 36.83 8.16
C CYS B 438 28.35 35.72 7.99
N GLY B 439 27.81 35.62 6.79
CA GLY B 439 26.62 34.82 6.53
C GLY B 439 26.70 33.30 6.59
N GLN B 440 27.88 32.72 6.36
CA GLN B 440 28.03 31.27 6.31
C GLN B 440 28.56 30.64 7.59
N ALA B 441 29.42 31.35 8.31
CA ALA B 441 30.05 30.84 9.54
C ALA B 441 29.44 31.44 10.81
N GLY B 442 29.09 32.72 10.76
CA GLY B 442 28.44 33.41 11.88
C GLY B 442 29.01 33.16 13.27
N PRO B 443 30.32 33.44 13.47
CA PRO B 443 30.92 33.23 14.78
C PRO B 443 30.57 34.32 15.78
N LEU B 444 30.04 33.93 16.93
CA LEU B 444 29.69 34.89 17.97
C LEU B 444 30.93 35.66 18.40
N GLY B 445 30.77 36.96 18.65
CA GLY B 445 31.88 37.84 18.99
C GLY B 445 32.36 38.67 17.81
N TRP B 446 31.86 38.35 16.62
CA TRP B 446 32.33 38.96 15.36
C TRP B 446 32.01 40.45 15.25
N THR B 447 30.86 40.83 15.76
CA THR B 447 30.26 42.13 15.48
C THR B 447 31.10 43.34 15.88
N ILE B 448 31.58 43.36 17.12
CA ILE B 448 32.36 44.50 17.60
C ILE B 448 33.63 44.72 16.77
N PRO B 449 34.53 43.72 16.71
CA PRO B 449 35.76 43.94 15.92
C PRO B 449 35.49 44.22 14.44
N ALA B 450 34.53 43.51 13.85
CA ALA B 450 34.17 43.73 12.45
C ALA B 450 33.77 45.19 12.19
N ALA B 451 32.94 45.72 13.08
CA ALA B 451 32.54 47.12 13.04
C ALA B 451 33.74 48.06 13.09
N LEU B 452 34.64 47.79 14.02
CA LEU B 452 35.84 48.60 14.18
C LEU B 452 36.71 48.56 12.93
N GLY B 453 36.76 47.40 12.28
CA GLY B 453 37.49 47.22 11.03
C GLY B 453 36.94 48.03 9.86
N VAL B 454 35.61 48.11 9.79
CA VAL B 454 34.94 48.93 8.79
C VAL B 454 35.26 50.40 9.02
N CYS B 455 35.21 50.83 10.28
CA CYS B 455 35.49 52.23 10.63
C CYS B 455 36.89 52.63 10.31
N ALA B 456 37.83 51.72 10.53
CA ALA B 456 39.25 51.95 10.19
C ALA B 456 39.44 52.01 8.68
N ALA B 457 38.64 51.23 7.95
CA ALA B 457 38.68 51.23 6.49
C ALA B 457 38.10 52.51 5.91
N ASP B 458 37.12 53.10 6.60
CA ASP B 458 36.44 54.31 6.13
C ASP B 458 35.88 55.17 7.29
N PRO B 459 36.65 56.18 7.74
CA PRO B 459 36.21 57.12 8.78
C PRO B 459 34.96 57.95 8.44
N LYS B 460 34.55 58.00 7.17
CA LYS B 460 33.32 58.68 6.77
C LYS B 460 32.08 57.77 6.85
N ARG B 461 32.27 56.47 6.99
CA ARG B 461 31.16 55.51 6.99
C ARG B 461 30.29 55.64 8.27
N ASN B 462 28.98 55.76 8.06
CA ASN B 462 28.01 55.85 9.16
C ASN B 462 27.69 54.46 9.68
N VAL B 463 28.62 53.89 10.46
CA VAL B 463 28.54 52.50 10.91
C VAL B 463 27.65 52.28 12.13
N VAL B 464 26.72 51.34 12.02
CA VAL B 464 25.81 50.99 13.10
C VAL B 464 25.76 49.48 13.23
N ALA B 465 26.08 48.96 14.43
CA ALA B 465 26.09 47.52 14.66
C ALA B 465 24.86 47.05 15.43
N ILE B 466 24.43 45.81 15.17
CA ILE B 466 23.36 45.17 15.94
C ILE B 466 23.89 43.90 16.58
N SER B 467 23.70 43.75 17.89
CA SER B 467 24.03 42.50 18.59
C SER B 467 22.98 42.15 19.63
N GLY B 468 22.86 40.86 19.90
CA GLY B 468 22.22 40.36 21.11
C GLY B 468 23.23 40.35 22.25
N ASP B 469 22.76 40.08 23.47
CA ASP B 469 23.61 40.18 24.66
C ASP B 469 24.77 39.16 24.67
N PHE B 470 24.52 37.96 24.18
CA PHE B 470 25.53 36.90 24.15
C PHE B 470 26.64 37.22 23.15
N ASP B 471 26.25 37.60 21.92
CA ASP B 471 27.22 38.03 20.90
C ASP B 471 28.08 39.19 21.41
N PHE B 472 27.43 40.15 22.05
CA PHE B 472 28.09 41.33 22.61
C PHE B 472 29.18 40.97 23.63
N GLN B 473 28.93 39.92 24.41
CA GLN B 473 29.82 39.52 25.51
C GLN B 473 31.08 38.74 25.07
N PHE B 474 30.95 37.91 24.06
CA PHE B 474 32.07 37.07 23.57
C PHE B 474 33.40 37.80 23.48
N LEU B 475 33.41 38.94 22.77
CA LEU B 475 34.61 39.77 22.61
C LEU B 475 34.35 41.22 23.03
N ILE B 476 33.70 41.36 24.18
CA ILE B 476 33.27 42.66 24.73
C ILE B 476 34.44 43.62 24.98
N GLU B 477 35.61 43.08 25.30
CA GLU B 477 36.78 43.89 25.64
C GLU B 477 37.34 44.71 24.47
N GLU B 478 36.99 44.34 23.24
CA GLU B 478 37.45 45.07 22.04
C GLU B 478 36.86 46.47 21.94
N LEU B 479 35.80 46.77 22.71
CA LEU B 479 35.33 48.14 22.86
C LEU B 479 36.45 49.06 23.32
N ALA B 480 37.34 48.57 24.17
CA ALA B 480 38.47 49.37 24.67
C ALA B 480 39.49 49.73 23.59
N VAL B 481 39.51 48.96 22.48
CA VAL B 481 40.30 49.32 21.29
C VAL B 481 39.68 50.57 20.68
N GLY B 482 38.36 50.57 20.57
CA GLY B 482 37.64 51.74 20.08
C GLY B 482 37.83 52.98 20.93
N ALA B 483 38.07 52.78 22.22
CA ALA B 483 38.33 53.88 23.14
C ALA B 483 39.79 54.37 23.07
N GLN B 484 40.74 53.44 23.11
CA GLN B 484 42.16 53.79 23.12
C GLN B 484 42.53 54.55 21.86
N PHE B 485 42.26 53.94 20.72
CA PHE B 485 42.32 54.59 19.42
C PHE B 485 40.94 55.20 19.33
N ASN B 486 40.77 56.33 18.68
CA ASN B 486 39.46 56.99 18.78
C ASN B 486 38.59 56.63 17.58
N ILE B 487 37.99 55.43 17.63
CA ILE B 487 37.22 54.88 16.52
C ILE B 487 35.73 54.81 16.87
N PRO B 488 34.96 55.85 16.49
CA PRO B 488 33.56 55.94 16.86
C PRO B 488 32.60 55.20 15.92
N TYR B 489 31.59 54.58 16.52
CA TYR B 489 30.43 54.03 15.82
C TYR B 489 29.34 53.78 16.87
N ILE B 490 28.15 53.41 16.41
CA ILE B 490 27.01 53.16 17.30
C ILE B 490 26.72 51.67 17.37
N HIS B 491 26.66 51.11 18.58
CA HIS B 491 26.34 49.70 18.75
C HIS B 491 24.98 49.50 19.43
N VAL B 492 24.03 48.98 18.67
CA VAL B 492 22.70 48.71 19.21
C VAL B 492 22.72 47.33 19.84
N LEU B 493 22.43 47.27 21.13
CA LEU B 493 22.46 46.03 21.88
C LEU B 493 21.05 45.69 22.33
N VAL B 494 20.50 44.61 21.79
CA VAL B 494 19.16 44.16 22.17
C VAL B 494 19.27 43.01 23.17
N ASN B 495 18.88 43.28 24.41
CA ASN B 495 19.17 42.41 25.54
C ASN B 495 17.92 41.68 26.06
N ASN B 496 17.91 40.36 25.92
CA ASN B 496 16.84 39.52 26.46
C ASN B 496 17.33 38.51 27.51
N ALA B 497 18.57 38.65 27.97
CA ALA B 497 19.16 37.72 28.95
C ALA B 497 18.99 36.24 28.54
N TYR B 498 19.18 35.98 27.25
CA TYR B 498 18.91 34.68 26.66
C TYR B 498 19.83 34.43 25.47
N LEU B 499 20.12 33.15 25.24
CA LEU B 499 20.54 32.68 23.92
C LEU B 499 19.23 32.49 23.15
N GLY B 500 18.74 33.57 22.57
CA GLY B 500 17.40 33.63 21.99
C GLY B 500 17.14 32.58 20.92
N LEU B 501 17.99 32.57 19.89
CA LEU B 501 17.83 31.66 18.76
C LEU B 501 17.81 30.21 19.18
N ILE B 502 18.68 29.86 20.11
CA ILE B 502 18.82 28.48 20.58
C ILE B 502 17.61 28.07 21.41
N ARG B 503 17.16 28.96 22.30
CA ARG B 503 15.92 28.75 23.04
C ARG B 503 14.78 28.42 22.08
N GLN B 504 14.66 29.21 21.01
CA GLN B 504 13.62 28.98 20.00
C GLN B 504 13.78 27.61 19.31
N SER B 505 15.02 27.24 18.97
CA SER B 505 15.27 25.94 18.33
C SER B 505 15.01 24.75 19.26
N GLN B 506 15.08 25.00 20.57
CA GLN B 506 14.84 23.95 21.55
C GLN B 506 13.37 23.62 21.75
N ARG B 507 12.47 24.41 21.16
CA ARG B 507 11.02 24.17 21.24
C ARG B 507 10.66 22.78 20.70
N ALA B 508 11.29 22.41 19.59
CA ALA B 508 11.12 21.09 18.96
C ALA B 508 11.49 19.94 19.88
N PHE B 509 12.43 20.18 20.80
CA PHE B 509 12.84 19.20 21.82
C PHE B 509 12.11 19.38 23.14
N ASP B 510 11.11 20.27 23.17
CA ASP B 510 10.26 20.48 24.35
C ASP B 510 11.03 20.88 25.63
N ASP B 512 13.81 24.12 27.72
CA ASP B 512 14.47 25.43 27.86
C ASP B 512 15.64 25.19 28.82
N TYR B 513 16.82 24.95 28.24
CA TYR B 513 17.91 24.27 28.95
C TYR B 513 19.28 24.81 28.54
N CYS B 514 19.99 25.41 29.51
CA CYS B 514 21.33 25.99 29.32
C CYS B 514 21.37 27.18 28.37
N VAL B 515 20.26 27.91 28.27
CA VAL B 515 20.17 29.04 27.33
C VAL B 515 19.89 30.38 28.00
N GLN B 516 19.76 30.40 29.31
CA GLN B 516 19.51 31.63 30.07
C GLN B 516 20.81 32.25 30.59
N LEU B 517 20.89 33.58 30.52
CA LEU B 517 22.02 34.35 31.05
C LEU B 517 21.64 35.23 32.25
N ALA B 518 20.40 35.15 32.67
CA ALA B 518 19.88 36.01 33.74
C ALA B 518 20.40 35.63 35.12
N PHE B 519 20.72 36.65 35.91
CA PHE B 519 20.94 36.49 37.36
C PHE B 519 20.77 37.84 38.06
N GLU B 520 20.57 37.81 39.37
CA GLU B 520 20.49 39.04 40.16
C GLU B 520 21.88 39.62 40.36
N ASN B 521 22.16 40.71 39.66
CA ASN B 521 23.44 41.37 39.78
C ASN B 521 23.52 42.07 41.14
N ILE B 522 24.46 41.63 41.97
CA ILE B 522 24.59 42.16 43.33
C ILE B 522 25.05 43.62 43.40
N ASN B 523 25.50 44.17 42.27
CA ASN B 523 25.89 45.58 42.19
C ASN B 523 24.88 46.45 41.43
N SER B 524 23.83 45.84 40.87
CA SER B 524 22.93 46.55 39.94
C SER B 524 21.46 46.08 39.99
N SER B 525 20.64 46.76 40.78
CA SER B 525 19.20 46.52 40.81
C SER B 525 18.51 46.98 39.51
N GLU B 526 19.05 48.06 38.93
CA GLU B 526 18.49 48.71 37.74
C GLU B 526 18.19 47.73 36.61
N VAL B 527 19.03 46.70 36.47
CA VAL B 527 18.88 45.70 35.41
C VAL B 527 17.83 44.62 35.69
N ASN B 528 17.22 44.64 36.87
CA ASN B 528 16.09 43.76 37.18
C ASN B 528 16.36 42.27 36.91
N GLY B 529 17.49 41.77 37.39
CA GLY B 529 17.81 40.35 37.26
C GLY B 529 18.13 39.89 35.84
N TYR B 530 18.46 40.81 34.95
CA TYR B 530 18.89 40.46 33.59
C TYR B 530 20.36 40.04 33.54
N GLY B 531 21.09 40.24 34.63
CA GLY B 531 22.45 39.73 34.78
C GLY B 531 23.51 40.80 34.55
N VAL B 532 24.21 40.71 33.44
CA VAL B 532 25.31 41.61 33.14
C VAL B 532 24.81 43.03 32.95
N ASP B 533 25.52 43.97 33.57
CA ASP B 533 25.25 45.39 33.43
C ASP B 533 26.15 45.93 32.32
N HIS B 534 25.63 45.93 31.10
CA HIS B 534 26.39 46.33 29.92
C HIS B 534 26.79 47.80 29.93
N VAL B 535 26.00 48.63 30.60
CA VAL B 535 26.33 50.06 30.75
C VAL B 535 27.61 50.26 31.56
N LYS B 536 27.68 49.63 32.72
CA LYS B 536 28.89 49.69 33.56
C LYS B 536 30.10 49.08 32.87
N VAL B 537 29.91 47.95 32.19
CA VAL B 537 31.00 47.31 31.48
C VAL B 537 31.53 48.23 30.37
N ALA B 538 30.62 48.79 29.58
CA ALA B 538 30.98 49.65 28.47
C ALA B 538 31.71 50.91 28.94
N GLU B 539 31.24 51.50 30.03
CA GLU B 539 31.86 52.70 30.58
C GLU B 539 33.24 52.43 31.14
N GLY B 540 33.39 51.30 31.84
CA GLY B 540 34.69 50.85 32.34
C GLY B 540 35.71 50.61 31.23
N LEU B 541 35.22 50.14 30.09
CA LEU B 541 36.07 49.96 28.91
C LEU B 541 36.38 51.26 28.14
N GLY B 542 35.86 52.38 28.62
CA GLY B 542 36.21 53.71 28.08
C GLY B 542 35.20 54.30 27.10
N CYS B 543 34.05 53.65 26.99
CA CYS B 543 33.02 54.02 26.03
C CYS B 543 31.85 54.71 26.69
N LYS B 544 30.89 55.15 25.88
CA LYS B 544 29.63 55.68 26.36
C LYS B 544 28.53 54.67 26.11
N ALA B 545 27.50 54.72 26.95
CA ALA B 545 26.42 53.75 26.91
C ALA B 545 25.12 54.35 27.45
N ILE B 546 24.01 53.99 26.81
CA ILE B 546 22.68 54.45 27.23
C ILE B 546 21.76 53.24 27.28
N ARG B 547 20.95 53.16 28.34
CA ARG B 547 19.97 52.08 28.49
C ARG B 547 18.56 52.60 28.28
N VAL B 548 17.76 51.80 27.57
CA VAL B 548 16.39 52.16 27.23
C VAL B 548 15.42 51.06 27.67
N PHE B 549 14.41 51.45 28.46
CA PHE B 549 13.38 50.53 28.95
C PHE B 549 12.05 50.65 28.18
N LYS B 550 11.80 51.82 27.59
CA LYS B 550 10.53 52.11 26.92
C LYS B 550 10.72 52.43 25.42
N PRO B 551 9.76 52.04 24.56
CA PRO B 551 9.93 52.19 23.11
C PRO B 551 10.06 53.65 22.67
N GLU B 552 9.34 54.56 23.33
CA GLU B 552 9.40 56.00 22.97
C GLU B 552 10.75 56.65 23.31
N ASP B 553 11.53 56.02 24.18
CA ASP B 553 12.87 56.53 24.54
C ASP B 553 13.97 56.11 23.56
N ILE B 554 13.63 55.28 22.57
CA ILE B 554 14.64 54.79 21.61
C ILE B 554 15.12 55.90 20.67
N ALA B 555 14.17 56.65 20.10
CA ALA B 555 14.53 57.73 19.16
C ALA B 555 15.44 58.78 19.80
N PRO B 556 15.06 59.31 20.97
CA PRO B 556 15.94 60.25 21.69
C PRO B 556 17.31 59.68 22.00
N ALA B 557 17.37 58.39 22.35
CA ALA B 557 18.65 57.75 22.69
C ALA B 557 19.60 57.78 21.50
N PHE B 558 19.09 57.49 20.31
CA PHE B 558 19.92 57.51 19.09
C PHE B 558 20.45 58.91 18.78
N GLU B 559 19.66 59.94 19.04
CA GLU B 559 20.14 61.32 18.87
C GLU B 559 21.21 61.65 19.92
N GLN B 560 20.98 61.26 21.17
CA GLN B 560 22.00 61.37 22.22
C GLN B 560 23.29 60.67 21.79
N ALA B 561 23.16 59.46 21.25
CA ALA B 561 24.31 58.67 20.80
C ALA B 561 25.14 59.39 19.73
N LYS B 562 24.46 59.97 18.75
CA LYS B 562 25.16 60.73 17.68
C LYS B 562 25.94 61.92 18.23
N ALA B 563 25.39 62.58 19.24
CA ALA B 563 26.05 63.71 19.88
C ALA B 563 27.31 63.27 20.65
N LEU B 564 27.18 62.21 21.44
CA LEU B 564 28.30 61.66 22.21
C LEU B 564 29.46 61.22 21.32
N ALA B 566 30.30 62.49 18.42
CA ALA B 566 30.93 63.65 17.81
C ALA B 566 31.93 64.34 18.74
N GLN B 567 31.57 64.46 20.02
CA GLN B 567 32.47 65.14 20.98
C GLN B 567 33.52 64.21 21.56
N TYR B 568 33.14 62.99 21.93
CA TYR B 568 34.06 62.10 22.64
C TYR B 568 34.83 61.13 21.73
N ARG B 569 34.33 60.90 20.53
CA ARG B 569 35.06 60.12 19.51
C ARG B 569 35.30 58.67 19.93
N VAL B 570 34.29 58.04 20.51
CA VAL B 570 34.39 56.65 20.96
C VAL B 570 33.13 55.87 20.61
N PRO B 571 33.20 54.53 20.63
CA PRO B 571 31.98 53.75 20.47
C PRO B 571 30.91 54.12 21.49
N VAL B 572 29.67 54.17 21.04
CA VAL B 572 28.54 54.46 21.93
C VAL B 572 27.52 53.33 21.84
N VAL B 573 27.29 52.67 22.98
CA VAL B 573 26.39 51.54 23.07
C VAL B 573 25.00 51.97 23.47
N VAL B 574 24.00 51.56 22.70
CA VAL B 574 22.61 51.79 23.07
C VAL B 574 21.99 50.44 23.41
N GLU B 575 21.78 50.21 24.70
CA GLU B 575 21.18 48.98 25.17
C GLU B 575 19.67 49.11 25.31
N VAL B 576 18.93 48.20 24.66
CA VAL B 576 17.48 48.12 24.76
C VAL B 576 17.08 46.86 25.53
N ILE B 577 16.34 47.04 26.62
CA ILE B 577 15.86 45.93 27.43
C ILE B 577 14.62 45.31 26.79
N LEU B 578 14.80 44.11 26.24
CA LEU B 578 13.75 43.41 25.53
C LEU B 578 12.91 42.56 26.48
N GLU B 579 11.71 42.20 26.03
CA GLU B 579 10.96 41.14 26.68
C GLU B 579 11.78 39.86 26.54
N ARG B 580 11.65 38.97 27.52
CA ARG B 580 12.52 37.82 27.62
C ARG B 580 12.41 36.82 26.47
N VAL B 581 11.18 36.55 26.04
CA VAL B 581 10.90 35.54 25.01
C VAL B 581 10.08 36.12 23.85
N THR B 582 10.68 36.11 22.67
CA THR B 582 10.01 36.47 21.42
C THR B 582 10.43 35.48 20.34
N ASN B 583 9.43 34.86 19.69
CA ASN B 583 9.68 33.90 18.62
C ASN B 583 9.62 34.56 17.26
N ILE B 584 10.77 34.57 16.60
CA ILE B 584 10.94 35.22 15.30
C ILE B 584 10.50 34.26 14.19
N SER B 585 9.92 34.81 13.12
CA SER B 585 9.43 33.99 12.02
C SER B 585 10.55 33.23 11.31
N GLY B 587 11.28 28.90 9.27
CA GLY B 587 10.79 27.56 8.91
C GLY B 587 11.83 26.73 8.20
N SER B 588 11.48 25.50 7.87
CA SER B 588 12.41 24.59 7.19
C SER B 588 12.22 24.54 5.67
N GLU B 589 11.16 25.18 5.18
CA GLU B 589 10.92 25.33 3.74
C GLU B 589 10.33 26.71 3.42
N LEU B 590 10.50 27.16 2.18
CA LEU B 590 9.98 28.46 1.74
C LEU B 590 8.46 28.58 1.89
N ASP B 591 7.74 27.47 1.70
CA ASP B 591 6.26 27.46 1.83
C ASP B 591 5.78 27.07 3.23
N ASN B 592 6.69 27.13 4.18
CA ASN B 592 6.51 26.54 5.49
C ASN B 592 6.96 27.46 6.62
N VAL B 593 7.27 28.71 6.30
CA VAL B 593 7.79 29.64 7.29
C VAL B 593 6.65 30.01 8.24
N GLU B 595 4.78 32.12 11.25
CA GLU B 595 4.60 33.44 11.85
C GLU B 595 4.06 33.30 13.27
N PHE B 596 4.92 33.56 14.26
CA PHE B 596 4.54 33.47 15.66
C PHE B 596 4.00 34.81 16.17
N GLU B 597 4.71 35.88 15.84
CA GLU B 597 4.31 37.24 16.19
C GLU B 597 3.35 37.77 15.12
N ASP B 598 2.67 38.87 15.43
CA ASP B 598 1.64 39.42 14.57
C ASP B 598 2.17 39.75 13.19
N ILE B 599 1.44 39.32 12.17
CA ILE B 599 1.70 39.75 10.78
C ILE B 599 1.07 41.13 10.57
N ALA B 600 1.22 41.69 9.38
CA ALA B 600 0.68 42.99 9.05
C ALA B 600 0.40 43.12 7.56
N ASP B 601 -0.66 43.85 7.21
CA ASP B 601 -1.03 44.08 5.81
C ASP B 601 -1.19 45.57 5.46
N ASN B 602 -0.75 46.46 6.34
CA ASN B 602 -0.82 47.89 6.13
C ASN B 602 0.31 48.62 6.84
N ALA B 603 0.47 49.90 6.52
CA ALA B 603 1.60 50.70 7.02
C ALA B 603 1.52 51.10 8.49
N ALA B 604 0.33 51.19 9.05
CA ALA B 604 0.19 51.58 10.45
C ALA B 604 0.96 50.64 11.37
N ASP B 605 0.94 49.34 11.06
CA ASP B 605 1.64 48.32 11.82
C ASP B 605 3.10 48.13 11.39
N ALA B 606 3.40 48.45 10.13
CA ALA B 606 4.76 48.31 9.58
C ALA B 606 5.17 49.58 8.82
N PRO B 607 5.32 50.70 9.55
CA PRO B 607 5.49 52.01 8.90
C PRO B 607 6.82 52.29 8.17
N THR B 608 7.83 51.44 8.32
CA THR B 608 9.14 51.73 7.73
C THR B 608 9.50 50.89 6.50
N GLU B 609 8.52 50.19 5.93
CA GLU B 609 8.72 49.57 4.62
C GLU B 609 8.98 50.66 3.59
N THR B 610 9.88 50.41 2.64
CA THR B 610 10.33 51.46 1.71
C THR B 610 9.21 51.99 0.82
N CYS B 611 8.17 51.19 0.61
CA CYS B 611 7.01 51.63 -0.16
C CYS B 611 6.18 52.67 0.58
N PHE B 612 6.26 52.66 1.90
CA PHE B 612 5.50 53.55 2.77
C PHE B 612 6.29 54.76 3.23
N HIS B 614 9.88 57.42 2.51
CA HIS B 614 11.01 57.94 1.74
C HIS B 614 12.26 57.97 2.63
N TYR B 615 13.35 57.38 2.15
CA TYR B 615 14.57 57.29 2.94
C TYR B 615 15.52 58.41 2.58
N GLU B 616 15.63 59.36 3.53
CA GLU B 616 16.60 60.46 3.59
C GLU B 616 17.51 60.55 2.38
N ALA C 25 -49.57 -12.91 -27.06
CA ALA C 25 -48.59 -12.35 -26.07
C ALA C 25 -48.54 -13.11 -24.73
N LYS C 26 -49.56 -13.93 -24.43
CA LYS C 26 -49.51 -14.87 -23.29
C LYS C 26 -48.59 -16.05 -23.62
N ARG C 28 -45.16 -18.79 -21.72
CA ARG C 28 -44.34 -19.25 -20.59
C ARG C 28 -43.17 -18.29 -20.36
N ALA C 29 -42.72 -18.19 -19.11
CA ALA C 29 -41.59 -17.33 -18.77
C ALA C 29 -40.32 -17.71 -19.54
N VAL C 30 -40.07 -19.01 -19.68
CA VAL C 30 -38.94 -19.52 -20.48
C VAL C 30 -39.06 -19.21 -21.98
N ASP C 31 -40.28 -19.15 -22.50
CA ASP C 31 -40.50 -18.78 -23.89
C ASP C 31 -40.14 -17.32 -24.13
N ALA C 32 -40.51 -16.46 -23.18
CA ALA C 32 -40.10 -15.05 -23.20
C ALA C 32 -38.58 -14.90 -23.09
N ALA C 33 -37.95 -15.77 -22.32
CA ALA C 33 -36.49 -15.76 -22.16
C ALA C 33 -35.78 -15.98 -23.49
N TYR C 35 -36.88 -15.06 -26.56
CA TYR C 35 -36.94 -13.78 -27.28
C TYR C 35 -35.87 -12.82 -26.78
N VAL C 36 -35.73 -12.73 -25.47
CA VAL C 36 -34.74 -11.85 -24.86
C VAL C 36 -33.33 -12.26 -25.30
N LEU C 37 -32.99 -13.53 -25.15
CA LEU C 37 -31.67 -14.02 -25.51
C LEU C 37 -31.33 -13.77 -27.00
N GLU C 38 -32.32 -13.96 -27.86
CA GLU C 38 -32.13 -13.73 -29.29
C GLU C 38 -31.91 -12.25 -29.63
N LYS C 39 -32.77 -11.37 -29.10
CA LYS C 39 -32.64 -9.93 -29.35
C LYS C 39 -31.36 -9.37 -28.75
N GLU C 40 -30.79 -10.11 -27.81
CA GLU C 40 -29.60 -9.70 -27.07
C GLU C 40 -28.32 -10.34 -27.65
N GLY C 41 -28.46 -11.07 -28.76
CA GLY C 41 -27.31 -11.53 -29.56
C GLY C 41 -26.90 -13.00 -29.48
N ILE C 42 -27.53 -13.79 -28.62
CA ILE C 42 -27.10 -15.19 -28.39
C ILE C 42 -27.54 -16.13 -29.51
N THR C 43 -26.56 -16.88 -30.02
CA THR C 43 -26.80 -17.92 -31.03
C THR C 43 -26.23 -19.29 -30.64
N THR C 44 -25.55 -19.38 -29.51
CA THR C 44 -24.90 -20.62 -29.09
C THR C 44 -25.05 -20.83 -27.58
N ALA C 45 -25.09 -22.09 -27.18
CA ALA C 45 -25.22 -22.45 -25.77
C ALA C 45 -24.54 -23.79 -25.48
N PHE C 46 -23.78 -23.84 -24.39
CA PHE C 46 -23.10 -25.06 -23.95
C PHE C 46 -23.77 -25.50 -22.67
N GLY C 47 -24.09 -26.79 -22.55
CA GLY C 47 -24.75 -27.26 -21.34
C GLY C 47 -24.92 -28.74 -21.13
N VAL C 48 -25.58 -29.06 -20.02
CA VAL C 48 -25.94 -30.42 -19.67
C VAL C 48 -27.37 -30.38 -19.08
N PRO C 49 -28.33 -31.01 -19.77
CA PRO C 49 -29.71 -30.91 -19.30
C PRO C 49 -30.04 -31.74 -18.06
N GLY C 50 -31.19 -31.43 -17.48
CA GLY C 50 -31.68 -32.09 -16.28
C GLY C 50 -33.15 -31.76 -16.06
N ALA C 51 -33.81 -32.53 -15.21
CA ALA C 51 -35.25 -32.37 -14.99
C ALA C 51 -35.61 -30.93 -14.58
N ALA C 52 -34.84 -30.35 -13.68
CA ALA C 52 -35.13 -28.99 -13.19
C ALA C 52 -34.98 -27.88 -14.24
N ILE C 53 -34.22 -28.14 -15.31
CA ILE C 53 -34.03 -27.17 -16.38
C ILE C 53 -34.68 -27.58 -17.72
N ASN C 54 -35.47 -28.66 -17.71
CA ASN C 54 -36.15 -29.11 -18.93
C ASN C 54 -37.08 -28.07 -19.61
N PRO C 55 -37.86 -27.32 -18.82
CA PRO C 55 -38.70 -26.28 -19.44
C PRO C 55 -37.92 -25.29 -20.30
N PHE C 56 -36.74 -24.88 -19.83
CA PHE C 56 -35.85 -24.02 -20.61
C PHE C 56 -35.44 -24.67 -21.93
N TYR C 57 -34.99 -25.92 -21.86
CA TYR C 57 -34.62 -26.69 -23.07
C TYR C 57 -35.78 -26.84 -24.04
N SER C 58 -36.98 -27.02 -23.48
CA SER C 58 -38.20 -27.12 -24.28
C SER C 58 -38.49 -25.85 -25.05
N ALA C 59 -38.34 -24.71 -24.38
CA ALA C 59 -38.56 -23.40 -24.99
C ALA C 59 -37.52 -23.11 -26.08
N ARG C 61 -35.94 -25.36 -27.94
CA ARG C 61 -36.22 -26.20 -29.10
C ARG C 61 -37.39 -25.67 -29.92
N LYS C 62 -38.44 -25.23 -29.22
CA LYS C 62 -39.62 -24.65 -29.84
C LYS C 62 -39.29 -23.35 -30.59
N HIS C 63 -38.41 -22.54 -30.01
CA HIS C 63 -38.07 -21.22 -30.57
C HIS C 63 -37.09 -21.31 -31.74
N GLY C 64 -36.10 -22.20 -31.63
CA GLY C 64 -35.03 -22.30 -32.62
C GLY C 64 -34.04 -21.15 -32.48
N GLY C 65 -32.99 -21.19 -33.30
CA GLY C 65 -32.02 -20.09 -33.38
C GLY C 65 -30.81 -20.17 -32.46
N ILE C 66 -30.82 -21.11 -31.52
CA ILE C 66 -29.67 -21.35 -30.64
C ILE C 66 -29.13 -22.75 -30.86
N ARG C 67 -27.84 -22.84 -31.17
CA ARG C 67 -27.14 -24.11 -31.31
C ARG C 67 -26.67 -24.59 -29.94
N HIS C 68 -27.15 -25.76 -29.52
CA HIS C 68 -26.73 -26.35 -28.24
C HIS C 68 -25.62 -27.39 -28.41
N ILE C 69 -24.52 -27.21 -27.69
CA ILE C 69 -23.47 -28.24 -27.59
C ILE C 69 -23.57 -28.93 -26.23
N LEU C 70 -23.75 -30.25 -26.27
CA LEU C 70 -23.79 -31.08 -25.07
C LEU C 70 -22.38 -31.36 -24.57
N ALA C 71 -22.08 -30.88 -23.37
CA ALA C 71 -20.79 -31.18 -22.72
C ALA C 71 -20.83 -32.54 -22.02
N ARG C 72 -19.66 -33.02 -21.62
CA ARG C 72 -19.53 -34.28 -20.87
C ARG C 72 -18.97 -34.02 -19.46
N HIS C 73 -19.08 -32.76 -19.04
CA HIS C 73 -18.93 -32.32 -17.67
C HIS C 73 -19.45 -30.88 -17.63
N VAL C 74 -20.21 -30.53 -16.60
CA VAL C 74 -20.70 -29.16 -16.46
C VAL C 74 -19.57 -28.14 -16.42
N GLU C 75 -18.49 -28.45 -15.71
CA GLU C 75 -17.28 -27.61 -15.72
C GLU C 75 -16.77 -27.38 -17.14
N GLY C 76 -16.85 -28.43 -17.96
CA GLY C 76 -16.52 -28.33 -19.39
C GLY C 76 -17.39 -27.32 -20.11
N ALA C 77 -18.70 -27.41 -19.89
CA ALA C 77 -19.66 -26.46 -20.48
C ALA C 77 -19.37 -25.02 -20.06
N SER C 78 -18.98 -24.86 -18.79
CA SER C 78 -18.63 -23.55 -18.24
C SER C 78 -17.43 -22.93 -18.94
N HIS C 79 -16.37 -23.72 -19.11
CA HIS C 79 -15.13 -23.22 -19.69
C HIS C 79 -15.22 -23.05 -21.21
N ALA C 81 -17.99 -21.85 -22.55
CA ALA C 81 -18.60 -20.52 -22.54
C ALA C 81 -17.55 -19.40 -22.39
N GLU C 82 -16.56 -19.62 -21.53
CA GLU C 82 -15.47 -18.65 -21.34
C GLU C 82 -14.67 -18.43 -22.63
N GLY C 83 -14.31 -19.53 -23.27
CA GLY C 83 -13.59 -19.46 -24.55
C GLY C 83 -14.41 -18.76 -25.64
N TYR C 84 -15.70 -19.08 -25.70
CA TYR C 84 -16.62 -18.47 -26.65
C TYR C 84 -16.66 -16.95 -26.48
N THR C 85 -16.68 -16.48 -25.23
CA THR C 85 -16.69 -15.05 -24.92
C THR C 85 -15.39 -14.40 -25.33
N ARG C 86 -14.27 -15.01 -24.91
CA ARG C 86 -12.95 -14.44 -25.13
C ARG C 86 -12.52 -14.41 -26.60
N ALA C 87 -13.17 -15.20 -27.45
CA ALA C 87 -12.80 -15.31 -28.86
C ALA C 87 -13.01 -14.02 -29.68
N THR C 88 -14.15 -13.35 -29.44
CA THR C 88 -14.56 -12.22 -30.26
C THR C 88 -15.29 -11.16 -29.42
N ALA C 89 -15.07 -9.89 -29.76
CA ALA C 89 -15.41 -8.73 -28.91
C ALA C 89 -16.84 -8.67 -28.31
N GLY C 90 -17.86 -8.90 -29.12
CA GLY C 90 -19.24 -8.82 -28.59
C GLY C 90 -19.80 -10.10 -27.97
N ASN C 91 -19.02 -11.18 -27.98
CA ASN C 91 -19.53 -12.50 -27.60
C ASN C 91 -19.82 -12.67 -26.12
N ILE C 92 -20.95 -13.32 -25.82
CA ILE C 92 -21.30 -13.73 -24.47
C ILE C 92 -21.62 -15.22 -24.50
N GLY C 93 -20.70 -16.03 -24.00
CA GLY C 93 -20.90 -17.47 -23.89
C GLY C 93 -21.94 -17.83 -22.85
N VAL C 94 -22.78 -18.81 -23.17
CA VAL C 94 -23.88 -19.21 -22.30
C VAL C 94 -23.70 -20.65 -21.81
N CYS C 95 -23.89 -20.84 -20.51
CA CYS C 95 -23.70 -22.13 -19.84
C CYS C 95 -25.01 -22.59 -19.18
N LEU C 96 -25.47 -23.78 -19.54
CA LEU C 96 -26.77 -24.28 -19.06
C LEU C 96 -26.61 -25.54 -18.20
N GLY C 97 -27.31 -25.58 -17.08
CA GLY C 97 -27.25 -26.73 -16.17
C GLY C 97 -28.51 -26.93 -15.35
N THR C 98 -28.58 -28.05 -14.64
CA THR C 98 -29.73 -28.34 -13.77
C THR C 98 -29.52 -27.74 -12.38
N SER C 99 -30.33 -28.16 -11.43
CA SER C 99 -30.20 -27.69 -10.05
C SER C 99 -29.02 -28.36 -9.34
N GLY C 100 -28.80 -27.99 -8.09
CA GLY C 100 -27.87 -28.71 -7.21
C GLY C 100 -26.43 -28.71 -7.68
N PRO C 101 -25.85 -29.90 -7.93
CA PRO C 101 -24.42 -30.01 -8.21
C PRO C 101 -23.97 -29.44 -9.55
N ALA C 102 -24.91 -29.18 -10.46
CA ALA C 102 -24.59 -28.52 -11.72
C ALA C 102 -24.09 -27.10 -11.44
N GLY C 103 -24.79 -26.42 -10.54
CA GLY C 103 -24.44 -25.06 -10.12
C GLY C 103 -23.11 -24.99 -9.39
N THR C 104 -22.85 -25.97 -8.53
CA THR C 104 -21.57 -26.00 -7.81
C THR C 104 -20.38 -26.40 -8.71
N ASP C 105 -20.66 -27.00 -9.86
CA ASP C 105 -19.63 -27.32 -10.88
C ASP C 105 -19.28 -26.12 -11.78
N ILE C 107 -18.79 -22.90 -10.40
CA ILE C 107 -18.18 -21.87 -9.56
C ILE C 107 -16.75 -21.51 -10.02
N THR C 108 -15.99 -22.53 -10.42
CA THR C 108 -14.61 -22.33 -10.90
C THR C 108 -14.57 -21.42 -12.15
N ALA C 109 -15.52 -21.60 -13.05
CA ALA C 109 -15.59 -20.78 -14.26
C ALA C 109 -16.04 -19.35 -13.97
N LEU C 110 -17.03 -19.20 -13.10
CA LEU C 110 -17.48 -17.87 -12.66
C LEU C 110 -16.32 -17.11 -12.04
N TYR C 111 -15.53 -17.81 -11.24
CA TYR C 111 -14.33 -17.22 -10.64
C TYR C 111 -13.34 -16.80 -11.73
N SER C 112 -13.03 -17.72 -12.62
CA SER C 112 -12.09 -17.48 -13.72
C SER C 112 -12.51 -16.27 -14.57
N ALA C 113 -13.79 -16.19 -14.90
CA ALA C 113 -14.32 -15.11 -15.73
C ALA C 113 -14.31 -13.78 -14.99
N SER C 114 -14.73 -13.78 -13.73
CA SER C 114 -14.64 -12.60 -12.86
C SER C 114 -13.22 -12.09 -12.80
N ALA C 115 -12.31 -13.00 -12.49
CA ALA C 115 -10.90 -12.68 -12.30
C ALA C 115 -10.25 -11.99 -13.49
N ASP C 116 -10.65 -12.38 -14.70
CA ASP C 116 -10.11 -11.79 -15.93
C ASP C 116 -11.02 -10.70 -16.57
N SER C 117 -12.01 -10.23 -15.81
CA SER C 117 -12.91 -9.15 -16.26
C SER C 117 -13.68 -9.47 -17.55
N ILE C 118 -14.15 -10.72 -17.67
CA ILE C 118 -14.93 -11.14 -18.85
C ILE C 118 -16.24 -11.82 -18.42
N PRO C 119 -17.31 -11.65 -19.20
CA PRO C 119 -18.59 -12.23 -18.87
C PRO C 119 -18.87 -13.64 -19.44
N ILE C 120 -19.55 -14.45 -18.64
CA ILE C 120 -20.34 -15.58 -19.15
C ILE C 120 -21.72 -15.48 -18.51
N LEU C 121 -22.70 -16.11 -19.14
CA LEU C 121 -24.04 -16.19 -18.57
C LEU C 121 -24.33 -17.64 -18.20
N CYS C 122 -24.43 -17.89 -16.90
CA CYS C 122 -24.83 -19.20 -16.39
C CYS C 122 -26.31 -19.22 -16.05
N ILE C 123 -27.00 -20.25 -16.51
CA ILE C 123 -28.40 -20.44 -16.20
C ILE C 123 -28.55 -21.84 -15.59
N THR C 124 -29.07 -21.88 -14.36
CA THR C 124 -29.32 -23.15 -13.67
C THR C 124 -30.80 -23.36 -13.36
N GLY C 125 -31.23 -24.61 -13.41
CA GLY C 125 -32.55 -24.98 -12.92
C GLY C 125 -32.56 -24.98 -11.41
N GLN C 126 -33.76 -25.10 -10.82
CA GLN C 126 -33.92 -25.05 -9.37
C GLN C 126 -35.28 -25.64 -8.99
N ALA C 127 -35.36 -26.18 -7.78
CA ALA C 127 -36.63 -26.72 -7.24
C ALA C 127 -37.65 -25.60 -7.08
N PRO C 128 -38.95 -25.97 -7.02
CA PRO C 128 -40.00 -24.96 -6.86
C PRO C 128 -39.82 -24.10 -5.61
N ARG C 129 -40.31 -22.87 -5.65
CA ARG C 129 -40.14 -21.89 -4.56
C ARG C 129 -40.65 -22.39 -3.21
N ALA C 130 -41.81 -23.06 -3.24
CA ALA C 130 -42.46 -23.57 -2.02
C ALA C 130 -41.58 -24.57 -1.27
N ARG C 131 -40.61 -25.14 -1.96
CA ARG C 131 -39.78 -26.23 -1.41
C ARG C 131 -38.30 -25.90 -1.27
N LEU C 132 -37.94 -24.63 -1.48
CA LEU C 132 -36.53 -24.22 -1.37
C LEU C 132 -35.92 -24.38 0.04
N HIS C 133 -36.75 -24.39 1.07
CA HIS C 133 -36.27 -24.52 2.45
C HIS C 133 -36.63 -25.84 3.13
N LYS C 134 -37.41 -26.68 2.43
CA LYS C 134 -37.47 -28.11 2.75
C LYS C 134 -36.25 -28.65 2.01
N GLU C 135 -35.72 -29.80 2.40
CA GLU C 135 -34.48 -30.25 1.75
C GLU C 135 -34.79 -30.97 0.45
N ASP C 136 -35.33 -30.24 -0.51
CA ASP C 136 -35.81 -30.83 -1.76
C ASP C 136 -34.60 -31.40 -2.52
N PHE C 137 -34.79 -32.56 -3.14
CA PHE C 137 -33.73 -33.24 -3.88
C PHE C 137 -32.96 -32.27 -4.81
N GLN C 138 -31.64 -32.23 -4.64
CA GLN C 138 -30.74 -31.38 -5.45
C GLN C 138 -31.05 -29.89 -5.37
N ALA C 139 -31.52 -29.44 -4.20
CA ALA C 139 -31.79 -28.02 -3.97
C ALA C 139 -30.70 -27.42 -3.09
N VAL C 140 -29.97 -26.45 -3.65
CA VAL C 140 -28.88 -25.78 -2.96
C VAL C 140 -29.03 -24.27 -3.12
N ASP C 141 -28.50 -23.52 -2.15
CA ASP C 141 -28.53 -22.06 -2.20
C ASP C 141 -27.37 -21.55 -3.06
N ILE C 142 -27.50 -21.77 -4.37
CA ILE C 142 -26.46 -21.40 -5.32
C ILE C 142 -26.24 -19.88 -5.36
N GLU C 143 -27.30 -19.14 -5.07
CA GLU C 143 -27.24 -17.68 -4.97
C GLU C 143 -26.17 -17.21 -3.99
N ALA C 144 -26.18 -17.79 -2.78
CA ALA C 144 -25.19 -17.45 -1.75
C ALA C 144 -23.77 -17.92 -2.13
N ILE C 145 -23.68 -19.10 -2.72
CA ILE C 145 -22.40 -19.69 -3.08
C ILE C 145 -21.69 -18.91 -4.20
N ALA C 146 -22.46 -18.42 -5.17
CA ALA C 146 -21.90 -17.77 -6.36
C ALA C 146 -21.67 -16.26 -6.20
N LYS C 147 -22.31 -15.66 -5.19
CA LYS C 147 -22.24 -14.21 -4.92
C LYS C 147 -20.81 -13.63 -4.95
N PRO C 148 -19.85 -14.26 -4.25
CA PRO C 148 -18.50 -13.69 -4.18
C PRO C 148 -17.69 -13.71 -5.48
N VAL C 149 -18.16 -14.45 -6.49
CA VAL C 149 -17.43 -14.59 -7.76
C VAL C 149 -18.30 -14.28 -9.00
N SER C 150 -19.24 -13.36 -8.86
CA SER C 150 -20.03 -12.89 -10.00
C SER C 150 -20.54 -11.48 -9.77
N LYS C 151 -20.78 -10.74 -10.85
CA LYS C 151 -21.35 -9.40 -10.76
C LYS C 151 -22.78 -9.47 -10.23
N ALA C 153 -25.62 -12.79 -8.92
CA ALA C 153 -26.10 -14.16 -8.79
C ALA C 153 -27.45 -14.08 -8.11
N VAL C 154 -28.49 -14.51 -8.81
CA VAL C 154 -29.86 -14.31 -8.35
C VAL C 154 -30.77 -15.51 -8.62
N THR C 155 -31.63 -15.81 -7.64
CA THR C 155 -32.74 -16.75 -7.82
C THR C 155 -33.98 -15.94 -8.22
N VAL C 156 -34.54 -16.23 -9.40
CA VAL C 156 -35.67 -15.47 -9.93
C VAL C 156 -36.95 -15.89 -9.21
N ARG C 157 -37.57 -14.94 -8.52
CA ARG C 157 -38.68 -15.22 -7.61
C ARG C 157 -40.08 -15.11 -8.24
N GLU C 158 -40.16 -14.55 -9.45
CA GLU C 158 -41.43 -14.43 -10.18
C GLU C 158 -41.23 -14.71 -11.66
N ALA C 159 -42.22 -15.36 -12.26
CA ALA C 159 -42.22 -15.68 -13.69
C ALA C 159 -41.96 -14.44 -14.54
N ALA C 160 -42.69 -13.36 -14.26
CA ALA C 160 -42.60 -12.11 -15.00
C ALA C 160 -41.23 -11.41 -14.89
N LEU C 161 -40.44 -11.77 -13.88
CA LEU C 161 -39.08 -11.24 -13.72
C LEU C 161 -38.01 -11.99 -14.53
N VAL C 162 -38.35 -13.15 -15.09
CA VAL C 162 -37.38 -13.92 -15.88
C VAL C 162 -36.78 -13.08 -17.02
N PRO C 163 -37.63 -12.51 -17.90
CA PRO C 163 -37.07 -11.64 -18.96
C PRO C 163 -36.33 -10.41 -18.44
N ARG C 164 -36.77 -9.88 -17.29
CA ARG C 164 -36.18 -8.67 -16.72
C ARG C 164 -34.81 -8.89 -16.07
N VAL C 165 -34.62 -10.04 -15.43
CA VAL C 165 -33.34 -10.40 -14.84
C VAL C 165 -32.29 -10.60 -15.94
N LEU C 166 -32.70 -11.23 -17.04
CA LEU C 166 -31.82 -11.37 -18.21
C LEU C 166 -31.51 -10.00 -18.81
N GLN C 167 -32.52 -9.13 -18.93
CA GLN C 167 -32.30 -7.75 -19.38
C GLN C 167 -31.24 -7.04 -18.53
N GLN C 168 -31.36 -7.18 -17.22
CA GLN C 168 -30.40 -6.60 -16.27
C GLN C 168 -29.04 -7.27 -16.37
N ALA C 169 -29.03 -8.57 -16.63
CA ALA C 169 -27.80 -9.36 -16.71
C ALA C 169 -26.89 -8.91 -17.86
N PHE C 170 -27.48 -8.65 -19.02
CA PHE C 170 -26.71 -8.20 -20.18
C PHE C 170 -26.15 -6.80 -20.00
N HIS C 171 -26.87 -5.96 -19.26
CA HIS C 171 -26.33 -4.64 -18.92
C HIS C 171 -25.06 -4.77 -18.08
N LEU C 172 -25.13 -5.58 -17.02
CA LEU C 172 -23.98 -5.77 -16.13
C LEU C 172 -22.79 -6.46 -16.81
N ARG C 174 -21.89 -6.26 -19.92
CA ARG C 174 -21.25 -5.36 -20.88
C ARG C 174 -20.71 -4.06 -20.24
N SER C 175 -21.29 -3.63 -19.13
CA SER C 175 -21.01 -2.32 -18.54
C SER C 175 -19.86 -2.34 -17.55
N GLY C 176 -19.26 -1.17 -17.36
CA GLY C 176 -18.18 -0.96 -16.39
C GLY C 176 -17.07 -1.98 -16.54
N ARG C 177 -16.64 -2.54 -15.42
CA ARG C 177 -15.74 -3.69 -15.43
C ARG C 177 -16.59 -4.93 -15.73
N PRO C 178 -16.42 -5.54 -16.91
CA PRO C 178 -17.26 -6.69 -17.24
C PRO C 178 -17.03 -7.90 -16.32
N GLY C 179 -18.08 -8.67 -16.08
CA GLY C 179 -18.01 -9.89 -15.28
C GLY C 179 -19.19 -10.82 -15.53
N PRO C 180 -19.13 -12.05 -14.98
CA PRO C 180 -20.15 -13.06 -15.23
C PRO C 180 -21.42 -12.89 -14.38
N VAL C 181 -22.50 -13.51 -14.84
CA VAL C 181 -23.77 -13.52 -14.11
C VAL C 181 -24.34 -14.94 -14.06
N LEU C 182 -24.94 -15.27 -12.92
CA LEU C 182 -25.64 -16.54 -12.74
C LEU C 182 -27.12 -16.29 -12.48
N VAL C 183 -27.96 -16.95 -13.28
CA VAL C 183 -29.42 -16.84 -13.14
C VAL C 183 -29.99 -18.21 -12.76
N ASP C 184 -30.67 -18.24 -11.63
CA ASP C 184 -31.18 -19.48 -11.02
C ASP C 184 -32.71 -19.51 -11.13
N LEU C 185 -33.23 -20.48 -11.86
CA LEU C 185 -34.65 -20.52 -12.27
C LEU C 185 -35.44 -21.66 -11.62
N PRO C 186 -36.23 -21.36 -10.56
CA PRO C 186 -37.14 -22.36 -10.00
C PRO C 186 -38.13 -22.93 -11.03
N PHE C 187 -38.37 -24.23 -10.94
CA PHE C 187 -39.17 -24.97 -11.91
C PHE C 187 -40.52 -24.30 -12.17
N ASP C 188 -41.22 -23.94 -11.11
CA ASP C 188 -42.55 -23.33 -11.23
C ASP C 188 -42.51 -21.92 -11.87
N VAL C 189 -41.40 -21.21 -11.66
CA VAL C 189 -41.19 -19.89 -12.26
C VAL C 189 -41.01 -20.01 -13.78
N GLN C 190 -40.29 -21.03 -14.21
CA GLN C 190 -40.06 -21.29 -15.63
C GLN C 190 -41.35 -21.53 -16.42
N VAL C 191 -42.21 -22.39 -15.88
CA VAL C 191 -43.39 -22.88 -16.59
C VAL C 191 -44.63 -21.99 -16.48
N ALA C 192 -44.60 -21.01 -15.59
CA ALA C 192 -45.75 -20.12 -15.38
C ALA C 192 -45.97 -19.16 -16.56
N GLU C 193 -47.24 -18.87 -16.83
CA GLU C 193 -47.63 -17.99 -17.92
C GLU C 193 -47.45 -16.52 -17.53
N ILE C 194 -46.92 -15.73 -18.47
CA ILE C 194 -46.79 -14.30 -18.30
C ILE C 194 -47.27 -13.58 -19.57
N GLU C 195 -47.50 -12.28 -19.45
CA GLU C 195 -47.77 -11.44 -20.61
C GLU C 195 -46.47 -10.75 -21.00
N PHE C 196 -46.08 -10.88 -22.27
CA PHE C 196 -44.81 -10.35 -22.76
C PHE C 196 -44.93 -10.00 -24.25
N ASP C 197 -44.63 -8.76 -24.60
CA ASP C 197 -44.61 -8.31 -25.99
C ASP C 197 -43.13 -8.19 -26.42
N PRO C 198 -42.63 -9.15 -27.22
CA PRO C 198 -41.22 -9.13 -27.62
C PRO C 198 -40.84 -7.94 -28.52
N ASP C 199 -41.79 -7.42 -29.30
CA ASP C 199 -41.60 -6.21 -30.11
C ASP C 199 -41.26 -5.00 -29.25
N TYR C 201 -39.50 -5.13 -26.38
CA TYR C 201 -38.28 -5.34 -25.61
C TYR C 201 -37.10 -4.55 -26.18
N GLU C 202 -36.44 -3.78 -25.32
CA GLU C 202 -35.30 -2.93 -25.68
C GLU C 202 -34.07 -3.26 -24.80
N PRO C 203 -32.96 -3.73 -25.40
CA PRO C 203 -31.73 -3.88 -24.62
C PRO C 203 -31.30 -2.57 -23.96
N LEU C 204 -30.82 -2.64 -22.73
CA LEU C 204 -30.45 -1.45 -21.97
C LEU C 204 -29.17 -0.81 -22.50
N PRO C 205 -29.00 0.50 -22.29
CA PRO C 205 -27.77 1.13 -22.76
C PRO C 205 -26.56 0.66 -21.96
N VAL C 206 -25.42 0.56 -22.62
CA VAL C 206 -24.20 0.09 -21.97
C VAL C 206 -23.52 1.29 -21.28
N TYR C 207 -23.23 1.15 -19.99
CA TYR C 207 -22.53 2.18 -19.24
C TYR C 207 -21.00 2.04 -19.37
N LYS C 208 -20.33 3.12 -19.75
CA LYS C 208 -18.86 3.18 -19.77
C LYS C 208 -18.38 4.60 -19.46
N PRO C 209 -17.51 4.76 -18.45
CA PRO C 209 -16.95 6.08 -18.22
C PRO C 209 -15.92 6.46 -19.30
N ALA C 210 -15.79 7.76 -19.55
CA ALA C 210 -14.88 8.27 -20.58
C ALA C 210 -14.03 9.41 -20.01
N ALA C 211 -12.75 9.42 -20.41
CA ALA C 211 -11.82 10.46 -19.98
C ALA C 211 -12.16 11.80 -20.61
N SER C 212 -11.73 12.88 -19.95
CA SER C 212 -11.92 14.23 -20.47
C SER C 212 -10.67 14.67 -21.22
N ARG C 213 -10.84 15.62 -22.15
CA ARG C 213 -9.73 16.19 -22.92
C ARG C 213 -8.62 16.68 -22.01
N GLN C 215 -7.76 15.68 -18.93
CA GLN C 215 -7.02 14.57 -18.30
C GLN C 215 -6.00 13.99 -19.26
N ILE C 216 -6.41 13.79 -20.51
CA ILE C 216 -5.56 13.20 -21.53
C ILE C 216 -4.43 14.13 -21.94
N GLU C 217 -4.72 15.42 -22.04
CA GLU C 217 -3.68 16.41 -22.30
C GLU C 217 -2.59 16.39 -21.22
N LYS C 218 -3.00 16.27 -19.96
CA LYS C 218 -2.04 16.15 -18.84
C LYS C 218 -1.18 14.90 -18.98
N ALA C 219 -1.81 13.80 -19.38
CA ALA C 219 -1.11 12.52 -19.54
C ALA C 219 -0.06 12.61 -20.66
N VAL C 220 -0.43 13.23 -21.78
CA VAL C 220 0.48 13.38 -22.92
C VAL C 220 1.60 14.38 -22.59
N GLU C 221 1.25 15.46 -21.90
CA GLU C 221 2.26 16.43 -21.44
C GLU C 221 3.30 15.75 -20.54
N LEU C 223 3.97 12.37 -20.61
CA LEU C 223 4.67 11.42 -21.48
C LEU C 223 5.80 12.08 -22.27
N ILE C 224 5.57 13.29 -22.79
CA ILE C 224 6.60 13.96 -23.59
C ILE C 224 7.85 14.36 -22.80
N GLN C 225 7.72 14.61 -21.50
CA GLN C 225 8.90 14.96 -20.70
C GLN C 225 9.61 13.74 -20.10
N ALA C 226 9.11 12.55 -20.39
CA ALA C 226 9.80 11.31 -20.05
C ALA C 226 10.90 11.02 -21.07
N GLU C 227 12.08 10.65 -20.58
CA GLU C 227 13.22 10.34 -21.45
C GLU C 227 13.14 8.93 -22.05
N ARG C 228 12.66 7.98 -21.26
CA ARG C 228 12.64 6.56 -21.62
C ARG C 228 11.30 5.88 -21.26
N PRO C 229 10.20 6.32 -21.89
CA PRO C 229 8.87 5.84 -21.51
C PRO C 229 8.52 4.51 -22.14
N VAL C 230 7.68 3.74 -21.46
CA VAL C 230 7.06 2.54 -22.06
C VAL C 230 5.56 2.51 -21.79
N ILE C 231 4.82 2.02 -22.77
CA ILE C 231 3.39 1.78 -22.61
C ILE C 231 3.20 0.34 -22.21
N VAL C 232 2.47 0.12 -21.11
CA VAL C 232 2.06 -1.23 -20.71
C VAL C 232 0.59 -1.40 -21.10
N ALA C 233 0.34 -2.24 -22.10
CA ALA C 233 -0.99 -2.43 -22.67
C ALA C 233 -1.62 -3.70 -22.09
N GLY C 234 -2.73 -3.53 -21.37
CA GLY C 234 -3.37 -4.62 -20.67
C GLY C 234 -4.59 -5.19 -21.37
N GLY C 235 -5.17 -6.22 -20.78
CA GLY C 235 -6.36 -6.88 -21.31
C GLY C 235 -7.57 -5.98 -21.46
N GLY C 236 -7.54 -4.82 -20.79
CA GLY C 236 -8.59 -3.82 -20.94
C GLY C 236 -8.66 -3.22 -22.34
N VAL C 237 -7.50 -3.11 -22.99
CA VAL C 237 -7.44 -2.66 -24.38
C VAL C 237 -8.20 -3.62 -25.27
N ILE C 238 -7.92 -4.91 -25.09
CA ILE C 238 -8.59 -5.97 -25.84
C ILE C 238 -10.08 -6.03 -25.50
N ASN C 239 -10.41 -5.87 -24.22
CA ASN C 239 -11.80 -5.84 -23.77
C ASN C 239 -12.60 -4.74 -24.46
N ALA C 240 -11.96 -3.58 -24.60
CA ALA C 240 -12.56 -2.40 -25.23
C ALA C 240 -12.55 -2.44 -26.75
N ASP C 241 -11.89 -3.45 -27.33
CA ASP C 241 -11.79 -3.60 -28.78
C ASP C 241 -11.01 -2.42 -29.40
N ALA C 242 -9.87 -2.10 -28.79
CA ALA C 242 -9.11 -0.90 -29.13
C ALA C 242 -7.64 -1.18 -29.49
N ALA C 243 -7.36 -2.33 -30.09
CA ALA C 243 -5.99 -2.72 -30.48
C ALA C 243 -5.40 -1.83 -31.58
N ALA C 244 -6.20 -1.53 -32.60
CA ALA C 244 -5.75 -0.67 -33.69
C ALA C 244 -5.37 0.72 -33.20
N LEU C 245 -6.19 1.28 -32.31
CA LEU C 245 -5.94 2.61 -31.74
C LEU C 245 -4.71 2.66 -30.82
N LEU C 246 -4.46 1.57 -30.09
CA LEU C 246 -3.28 1.49 -29.24
C LEU C 246 -2.01 1.50 -30.07
N GLN C 247 -1.97 0.65 -31.10
CA GLN C 247 -0.88 0.61 -32.06
C GLN C 247 -0.65 1.99 -32.67
N GLN C 248 -1.74 2.63 -33.09
CA GLN C 248 -1.65 3.96 -33.70
C GLN C 248 -1.06 4.99 -32.73
N PHE C 249 -1.49 4.96 -31.46
CA PHE C 249 -0.97 5.90 -30.46
C PHE C 249 0.53 5.68 -30.19
N ALA C 250 0.94 4.42 -30.12
CA ALA C 250 2.36 4.05 -29.95
C ALA C 250 3.19 4.52 -31.14
N GLU C 251 2.66 4.31 -32.34
CA GLU C 251 3.33 4.76 -33.57
C GLU C 251 3.51 6.29 -33.61
N LEU C 252 2.44 7.02 -33.29
CA LEU C 252 2.47 8.48 -33.30
C LEU C 252 3.45 9.08 -32.29
N THR C 253 3.59 8.45 -31.13
CA THR C 253 4.48 8.93 -30.06
C THR C 253 5.86 8.27 -30.08
N SER C 254 5.99 7.22 -30.88
CA SER C 254 7.24 6.44 -30.96
C SER C 254 7.65 5.85 -29.59
N VAL C 255 6.66 5.31 -28.87
CA VAL C 255 6.88 4.77 -27.54
C VAL C 255 6.77 3.25 -27.57
N PRO C 256 7.81 2.53 -27.10
CA PRO C 256 7.73 1.07 -27.05
C PRO C 256 6.58 0.54 -26.21
N VAL C 257 6.05 -0.61 -26.63
CA VAL C 257 4.90 -1.25 -25.99
C VAL C 257 5.29 -2.56 -25.31
N ILE C 258 4.85 -2.69 -24.05
CA ILE C 258 4.95 -3.92 -23.30
C ILE C 258 3.52 -4.43 -23.05
N PRO C 259 3.10 -5.48 -23.78
CA PRO C 259 1.80 -6.02 -23.40
C PRO C 259 1.90 -6.86 -22.13
N THR C 260 0.86 -6.81 -21.30
CA THR C 260 0.70 -7.79 -20.23
C THR C 260 0.35 -9.12 -20.89
N LEU C 261 0.32 -10.19 -20.10
CA LEU C 261 -0.11 -11.50 -20.63
C LEU C 261 -1.53 -11.43 -21.23
N GLY C 263 -2.94 -8.57 -22.30
CA GLY C 263 -2.89 -7.61 -23.42
C GLY C 263 -2.17 -8.14 -24.65
N TRP C 264 -1.50 -9.28 -24.50
CA TRP C 264 -0.69 -9.88 -25.56
C TRP C 264 -1.47 -10.02 -26.88
N GLY C 265 -0.93 -9.39 -27.93
CA GLY C 265 -1.56 -9.42 -29.26
C GLY C 265 -2.14 -8.10 -29.71
N CYS C 266 -2.33 -7.14 -28.80
CA CYS C 266 -2.98 -5.88 -29.16
C CYS C 266 -2.05 -4.99 -29.99
N ILE C 267 -0.76 -5.32 -29.99
CA ILE C 267 0.19 -4.86 -31.01
C ILE C 267 0.94 -6.11 -31.49
N PRO C 268 1.13 -6.24 -32.83
CA PRO C 268 1.77 -7.49 -33.31
C PRO C 268 3.20 -7.68 -32.80
N ASP C 269 3.59 -8.94 -32.57
CA ASP C 269 4.92 -9.26 -32.02
C ASP C 269 6.08 -8.85 -32.94
N ASP C 270 5.84 -8.80 -34.25
CA ASP C 270 6.87 -8.40 -35.20
C ASP C 270 6.90 -6.89 -35.45
N HIS C 271 6.06 -6.13 -34.75
CA HIS C 271 6.08 -4.67 -34.80
C HIS C 271 7.40 -4.15 -34.20
N GLU C 272 7.93 -3.08 -34.77
CA GLU C 272 9.22 -2.53 -34.33
C GLU C 272 9.17 -1.96 -32.90
N LEU C 273 8.00 -1.57 -32.45
CA LEU C 273 7.82 -0.95 -31.12
C LEU C 273 7.42 -1.93 -30.01
N ALA C 275 8.25 -4.28 -27.36
CA ALA C 275 9.52 -4.45 -26.64
C ALA C 275 9.56 -5.69 -25.74
N GLY C 276 8.55 -6.56 -25.85
CA GLY C 276 8.51 -7.79 -25.07
C GLY C 276 7.53 -7.75 -23.90
N VAL C 278 6.81 -8.52 -19.59
CA VAL C 278 7.46 -8.29 -18.30
C VAL C 278 6.81 -9.15 -17.22
N GLY C 279 7.63 -9.64 -16.28
CA GLY C 279 7.11 -10.40 -15.14
C GLY C 279 8.03 -11.44 -14.55
N LEU C 280 7.45 -12.28 -13.71
CA LEU C 280 8.20 -13.27 -12.94
C LEU C 280 8.31 -14.62 -13.63
N GLN C 281 7.37 -14.94 -14.52
CA GLN C 281 7.35 -16.23 -15.21
C GLN C 281 7.12 -16.10 -16.73
N THR C 282 5.93 -15.64 -17.13
CA THR C 282 5.62 -15.47 -18.57
C THR C 282 6.17 -14.13 -19.07
N ALA C 283 7.50 -14.04 -19.14
CA ALA C 283 8.17 -12.81 -19.52
C ALA C 283 9.42 -13.09 -20.32
N HIS C 284 9.99 -12.05 -20.92
CA HIS C 284 11.25 -12.14 -21.65
C HIS C 284 12.37 -11.46 -20.87
N ARG C 285 13.60 -11.88 -21.12
CA ARG C 285 14.76 -11.23 -20.49
C ARG C 285 14.88 -9.79 -20.96
N TYR C 286 14.63 -9.55 -22.24
CA TYR C 286 14.67 -8.19 -22.81
C TYR C 286 13.53 -7.30 -22.28
N GLY C 287 12.35 -7.88 -22.11
CA GLY C 287 11.22 -7.18 -21.52
C GLY C 287 11.52 -6.64 -20.12
N ASN C 288 12.00 -7.53 -19.25
CA ASN C 288 12.34 -7.13 -17.87
C ASN C 288 13.45 -6.07 -17.84
N ALA C 289 14.43 -6.19 -18.73
CA ALA C 289 15.56 -5.26 -18.75
C ALA C 289 15.13 -3.89 -19.25
N THR C 290 14.25 -3.86 -20.26
CA THR C 290 13.70 -2.62 -20.79
C THR C 290 12.90 -1.88 -19.73
N LEU C 291 12.05 -2.60 -19.01
CA LEU C 291 11.25 -1.99 -17.96
C LEU C 291 12.15 -1.42 -16.85
N LEU C 292 13.16 -2.19 -16.42
CA LEU C 292 14.11 -1.72 -15.39
C LEU C 292 14.96 -0.53 -15.86
N ALA C 293 15.10 -0.38 -17.17
CA ALA C 293 15.79 0.78 -17.75
C ALA C 293 14.88 2.00 -17.94
N SER C 294 13.55 1.79 -18.00
CA SER C 294 12.61 2.87 -18.31
C SER C 294 12.45 3.87 -17.16
N ASP C 295 11.97 5.07 -17.48
CA ASP C 295 11.68 6.09 -16.46
C ASP C 295 10.18 6.40 -16.34
N VAL C 297 6.09 4.21 -16.79
CA VAL C 297 5.14 3.21 -17.24
C VAL C 297 3.77 3.87 -17.49
N PHE C 298 3.35 3.85 -18.76
CA PHE C 298 2.06 4.42 -19.18
C PHE C 298 1.08 3.25 -19.28
N GLY C 299 0.36 3.00 -18.18
CA GLY C 299 -0.53 1.85 -18.07
C GLY C 299 -1.90 2.10 -18.65
N ILE C 300 -2.25 1.33 -19.68
CA ILE C 300 -3.56 1.43 -20.34
C ILE C 300 -4.27 0.08 -20.32
N GLY C 301 -5.37 0.01 -19.57
CA GLY C 301 -6.18 -1.21 -19.51
C GLY C 301 -5.54 -2.35 -18.74
N ASN C 302 -4.52 -2.04 -17.95
CA ASN C 302 -3.88 -3.01 -17.09
C ASN C 302 -4.25 -2.75 -15.64
N ARG C 303 -4.15 -3.79 -14.83
CA ARG C 303 -4.02 -3.65 -13.38
C ARG C 303 -2.56 -3.99 -13.20
N PHE C 304 -2.02 -3.95 -12.00
CA PHE C 304 -0.57 -4.22 -11.89
C PHE C 304 -0.37 -5.53 -11.19
N ALA C 305 -0.61 -6.60 -11.94
CA ALA C 305 -0.71 -7.94 -11.40
C ALA C 305 0.56 -8.39 -10.69
N ASN C 306 0.34 -9.03 -9.57
CA ASN C 306 1.35 -9.68 -8.71
C ASN C 306 2.55 -10.29 -9.46
N ARG C 307 2.28 -11.08 -10.50
CA ARG C 307 3.36 -11.77 -11.24
C ARG C 307 3.90 -10.98 -12.43
N HIS C 308 3.31 -9.82 -12.69
CA HIS C 308 3.85 -8.85 -13.64
C HIS C 308 4.89 -7.96 -12.95
N THR C 309 4.62 -7.55 -11.71
CA THR C 309 5.43 -6.53 -11.02
C THR C 309 6.53 -7.07 -10.13
N GLY C 310 6.26 -8.18 -9.45
CA GLY C 310 7.04 -8.61 -8.31
C GLY C 310 6.75 -7.63 -7.19
N SER C 311 7.77 -7.32 -6.39
CA SER C 311 7.65 -6.29 -5.36
C SER C 311 7.40 -4.95 -6.04
N VAL C 312 6.28 -4.33 -5.67
CA VAL C 312 5.87 -3.02 -6.21
C VAL C 312 6.95 -1.94 -6.06
N GLU C 313 7.65 -1.95 -4.93
CA GLU C 313 8.73 -0.99 -4.68
C GLU C 313 9.82 -1.08 -5.76
N LYS C 314 10.15 -2.30 -6.19
CA LYS C 314 11.13 -2.52 -7.24
C LYS C 314 10.60 -2.15 -8.63
N TYR C 315 9.33 -2.47 -8.88
CA TYR C 315 8.67 -2.13 -10.16
C TYR C 315 8.59 -0.63 -10.42
N THR C 316 8.47 0.15 -9.34
CA THR C 316 8.19 1.59 -9.39
C THR C 316 9.46 2.46 -9.21
N GLU C 317 10.56 1.86 -8.79
CA GLU C 317 11.79 2.58 -8.47
C GLU C 317 12.25 3.53 -9.59
N GLY C 318 12.37 4.81 -9.26
CA GLY C 318 12.86 5.86 -10.17
C GLY C 318 12.01 6.03 -11.42
N ARG C 319 10.70 5.90 -11.28
CA ARG C 319 9.82 5.68 -12.41
C ARG C 319 8.45 6.30 -12.16
N LYS C 320 7.94 7.08 -13.10
CA LYS C 320 6.59 7.64 -12.99
C LYS C 320 5.56 6.67 -13.53
N ILE C 321 4.34 6.73 -12.97
CA ILE C 321 3.29 5.79 -13.33
C ILE C 321 2.01 6.54 -13.72
N VAL C 322 1.52 6.23 -14.92
CA VAL C 322 0.19 6.64 -15.34
C VAL C 322 -0.68 5.39 -15.41
N HIS C 323 -1.93 5.50 -14.98
CA HIS C 323 -2.81 4.35 -14.96
C HIS C 323 -4.21 4.72 -15.45
N ILE C 324 -4.60 4.14 -16.59
CA ILE C 324 -5.94 4.33 -17.15
C ILE C 324 -6.72 3.02 -17.06
N ASP C 325 -7.83 3.04 -16.33
CA ASP C 325 -8.66 1.86 -16.12
C ASP C 325 -10.14 2.26 -16.13
N ILE C 326 -11.01 1.34 -16.56
CA ILE C 326 -12.46 1.59 -16.58
C ILE C 326 -13.07 1.57 -15.17
N GLU C 327 -12.39 0.91 -14.24
CA GLU C 327 -12.86 0.71 -12.89
C GLU C 327 -12.11 1.61 -11.89
N PRO C 328 -12.82 2.56 -11.24
CA PRO C 328 -12.19 3.42 -10.23
C PRO C 328 -11.39 2.68 -9.16
N THR C 329 -11.98 1.62 -8.61
CA THR C 329 -11.41 0.86 -7.50
C THR C 329 -10.20 -0.03 -7.89
N GLN C 330 -9.85 -0.04 -9.18
CA GLN C 330 -8.64 -0.73 -9.66
C GLN C 330 -7.43 0.21 -9.66
N ILE C 331 -7.67 1.51 -9.54
CA ILE C 331 -6.61 2.52 -9.56
C ILE C 331 -6.17 2.85 -8.14
N GLY C 332 -4.95 2.44 -7.78
CA GLY C 332 -4.43 2.63 -6.43
C GLY C 332 -4.55 1.42 -5.54
N ARG C 333 -5.03 0.32 -6.11
CA ARG C 333 -5.26 -0.92 -5.37
C ARG C 333 -3.96 -1.64 -4.98
N VAL C 334 -2.99 -1.62 -5.89
CA VAL C 334 -1.72 -2.31 -5.67
C VAL C 334 -0.56 -1.32 -5.50
N LEU C 335 -0.59 -0.24 -6.29
CA LEU C 335 0.33 0.88 -6.11
C LEU C 335 -0.37 2.21 -6.41
N CYS C 336 0.17 3.29 -5.87
CA CYS C 336 -0.41 4.62 -6.06
C CYS C 336 0.19 5.30 -7.29
N PRO C 337 -0.62 5.53 -8.32
CA PRO C 337 -0.09 6.10 -9.56
C PRO C 337 0.13 7.59 -9.45
N ASP C 338 1.06 8.11 -10.25
CA ASP C 338 1.30 9.55 -10.31
C ASP C 338 0.12 10.31 -10.91
N LEU C 339 -0.62 9.70 -11.84
CA LEU C 339 -1.80 10.34 -12.44
C LEU C 339 -3.12 9.58 -12.18
N GLY C 340 -3.35 8.47 -12.89
CA GLY C 340 -4.59 7.72 -12.69
C GLY C 340 -5.83 8.38 -13.28
N ILE C 341 -6.41 7.74 -14.29
CA ILE C 341 -7.62 8.24 -15.00
C ILE C 341 -8.67 7.14 -15.13
N VAL C 342 -9.93 7.46 -14.84
CA VAL C 342 -11.02 6.50 -15.01
C VAL C 342 -11.60 6.62 -16.41
N SER C 343 -11.44 5.57 -17.22
CA SER C 343 -11.93 5.59 -18.59
C SER C 343 -11.95 4.21 -19.25
N ASP C 344 -12.95 4.02 -20.12
CA ASP C 344 -12.91 2.94 -21.11
C ASP C 344 -11.69 3.17 -22.01
N ALA C 345 -11.05 2.10 -22.44
CA ALA C 345 -9.78 2.17 -23.15
C ALA C 345 -9.92 2.70 -24.57
N LYS C 346 -11.07 2.43 -25.21
CA LYS C 346 -11.32 2.89 -26.57
C LYS C 346 -11.55 4.39 -26.62
N ALA C 347 -12.35 4.90 -25.67
CA ALA C 347 -12.61 6.33 -25.54
C ALA C 347 -11.33 7.10 -25.23
N ALA C 348 -10.53 6.55 -24.32
CA ALA C 348 -9.28 7.18 -23.90
C ALA C 348 -8.27 7.23 -25.04
N LEU C 349 -8.16 6.13 -25.79
CA LEU C 349 -7.20 6.03 -26.89
C LEU C 349 -7.61 6.89 -28.09
N THR C 350 -8.91 7.08 -28.30
CA THR C 350 -9.41 8.00 -29.31
C THR C 350 -8.92 9.44 -29.02
N LEU C 351 -9.04 9.87 -27.76
CA LEU C 351 -8.50 11.16 -27.32
C LEU C 351 -6.97 11.21 -27.41
N LEU C 352 -6.31 10.14 -26.95
CA LEU C 352 -4.83 10.07 -26.95
C LEU C 352 -4.27 10.28 -28.36
N VAL C 353 -4.88 9.61 -29.34
CA VAL C 353 -4.50 9.74 -30.75
C VAL C 353 -4.74 11.18 -31.25
N GLU C 354 -5.91 11.73 -30.92
CA GLU C 354 -6.25 13.11 -31.29
C GLU C 354 -5.26 14.12 -30.72
N VAL C 355 -4.95 13.99 -29.43
CA VAL C 355 -4.05 14.91 -28.73
C VAL C 355 -2.62 14.75 -29.25
N ALA C 356 -2.20 13.50 -29.49
CA ALA C 356 -0.90 13.22 -30.09
C ALA C 356 -0.73 13.90 -31.46
N GLN C 357 -1.76 13.80 -32.30
CA GLN C 357 -1.75 14.41 -33.63
C GLN C 357 -1.62 15.93 -33.58
N GLU C 358 -2.24 16.55 -32.57
CA GLU C 358 -2.11 18.00 -32.35
C GLU C 358 -0.71 18.39 -31.88
N GLN C 360 1.99 16.72 -32.61
CA GLN C 360 2.82 16.47 -33.77
C GLN C 360 2.77 17.62 -34.77
N LYS C 361 1.60 18.25 -34.92
CA LYS C 361 1.45 19.39 -35.83
C LYS C 361 2.18 20.63 -35.29
N ALA C 362 2.19 20.81 -33.98
CA ALA C 362 3.18 21.68 -33.34
C ALA C 362 4.50 20.90 -33.29
N GLY C 363 5.55 21.48 -32.73
CA GLY C 363 6.85 20.78 -32.69
C GLY C 363 7.12 20.15 -31.34
N ARG C 364 6.09 19.52 -30.77
CA ARG C 364 6.09 19.20 -29.34
C ARG C 364 6.30 17.73 -28.97
N LEU C 365 6.20 16.82 -29.94
CA LEU C 365 6.51 15.39 -29.69
C LEU C 365 8.00 15.14 -29.89
N PRO C 366 8.69 14.66 -28.84
CA PRO C 366 10.13 14.45 -28.98
C PRO C 366 10.48 13.25 -29.86
N CYS C 367 11.67 13.30 -30.45
CA CYS C 367 12.22 12.17 -31.19
C CYS C 367 12.76 11.14 -30.18
N ARG C 368 12.43 9.87 -30.39
CA ARG C 368 12.79 8.80 -29.45
C ARG C 368 13.62 7.69 -30.11
N LYS C 369 14.39 8.08 -31.13
CA LYS C 369 15.16 7.14 -31.96
C LYS C 369 16.11 6.26 -31.15
N GLU C 370 16.87 6.89 -30.24
CA GLU C 370 17.87 6.17 -29.43
C GLU C 370 17.27 5.18 -28.44
N TRP C 371 16.22 5.58 -27.74
CA TRP C 371 15.54 4.70 -26.77
C TRP C 371 14.87 3.51 -27.44
N VAL C 372 14.16 3.73 -28.54
CA VAL C 372 13.57 2.61 -29.30
C VAL C 372 14.68 1.69 -29.81
N ALA C 373 15.81 2.27 -30.20
CA ALA C 373 16.94 1.50 -30.75
C ALA C 373 17.49 0.50 -29.75
N ASP C 374 17.84 0.96 -28.55
CA ASP C 374 18.46 0.06 -27.56
C ASP C 374 17.47 -0.89 -26.88
N CYS C 375 16.17 -0.60 -26.97
CA CYS C 375 15.13 -1.59 -26.66
C CYS C 375 15.19 -2.76 -27.63
N GLN C 376 15.33 -2.45 -28.91
CA GLN C 376 15.48 -3.45 -29.97
C GLN C 376 16.80 -4.22 -29.85
N GLN C 377 17.84 -3.55 -29.39
CA GLN C 377 19.14 -4.17 -29.17
C GLN C 377 19.08 -5.26 -28.10
N ARG C 378 18.36 -4.97 -27.01
CA ARG C 378 18.08 -5.96 -25.96
C ARG C 378 17.30 -7.14 -26.54
N LYS C 379 16.31 -6.81 -27.38
CA LYS C 379 15.40 -7.80 -27.94
C LYS C 379 16.08 -8.83 -28.85
N ARG C 380 17.25 -8.49 -29.40
CA ARG C 380 17.99 -9.44 -30.26
C ARG C 380 19.27 -10.02 -29.63
N THR C 381 19.50 -9.78 -28.33
CA THR C 381 20.64 -10.37 -27.63
C THR C 381 20.31 -11.11 -26.33
N LEU C 382 19.22 -10.72 -25.67
CA LEU C 382 18.85 -11.33 -24.39
C LEU C 382 17.80 -12.42 -24.59
N LEU C 383 18.24 -13.54 -25.16
CA LEU C 383 17.35 -14.59 -25.62
C LEU C 383 17.51 -15.88 -24.83
N ARG C 384 16.65 -16.86 -25.10
CA ARG C 384 16.73 -18.18 -24.51
C ARG C 384 16.82 -19.24 -25.61
N LYS C 385 17.68 -20.24 -25.42
CA LYS C 385 17.89 -21.28 -26.41
C LYS C 385 16.64 -22.14 -26.61
N THR C 386 16.31 -22.39 -27.87
CA THR C 386 15.18 -23.26 -28.24
C THR C 386 15.59 -24.44 -29.13
N HIS C 387 16.70 -24.31 -29.87
CA HIS C 387 17.10 -25.33 -30.85
C HIS C 387 17.92 -26.47 -30.23
N PHE C 388 17.22 -27.38 -29.56
CA PHE C 388 17.82 -28.56 -28.93
C PHE C 388 17.51 -29.81 -29.76
N ASP C 389 18.54 -30.61 -30.04
CA ASP C 389 18.38 -31.88 -30.78
C ASP C 389 18.26 -33.10 -29.85
N ASN C 390 18.18 -32.84 -28.54
CA ASN C 390 18.12 -33.89 -27.52
C ASN C 390 16.97 -34.89 -27.69
N VAL C 391 17.23 -36.13 -27.27
CA VAL C 391 16.22 -37.16 -27.10
C VAL C 391 16.48 -37.80 -25.73
N PRO C 392 15.49 -37.76 -24.81
CA PRO C 392 14.14 -37.22 -24.98
C PRO C 392 14.10 -35.71 -25.17
N VAL C 393 13.00 -35.25 -25.76
CA VAL C 393 12.87 -33.90 -26.28
C VAL C 393 12.81 -32.85 -25.16
N LYS C 394 13.52 -31.73 -25.38
CA LYS C 394 13.40 -30.58 -24.51
C LYS C 394 12.21 -29.72 -24.95
N PRO C 395 11.41 -29.24 -23.99
CA PRO C 395 10.13 -28.61 -24.34
C PRO C 395 10.28 -27.32 -25.15
N GLN C 396 11.38 -26.61 -24.95
CA GLN C 396 11.61 -25.36 -25.68
C GLN C 396 11.81 -25.58 -27.19
N ARG C 397 12.20 -26.80 -27.59
CA ARG C 397 12.25 -27.17 -29.01
C ARG C 397 10.85 -27.29 -29.65
N VAL C 398 9.86 -27.66 -28.83
CA VAL C 398 8.50 -27.82 -29.33
C VAL C 398 7.94 -26.48 -29.79
N TYR C 399 8.18 -25.42 -29.00
CA TYR C 399 7.61 -24.11 -29.30
C TYR C 399 8.24 -23.49 -30.55
N GLU C 400 9.52 -23.77 -30.74
CA GLU C 400 10.23 -23.40 -31.97
C GLU C 400 9.55 -23.99 -33.20
N GLU C 401 9.25 -25.29 -33.14
CA GLU C 401 8.63 -26.00 -34.27
C GLU C 401 7.19 -25.56 -34.52
N ASN C 403 6.07 -22.40 -33.98
CA ASN C 403 6.21 -21.10 -34.67
C ASN C 403 6.48 -21.26 -36.17
N LYS C 404 7.31 -22.25 -36.53
CA LYS C 404 7.59 -22.60 -37.94
C LYS C 404 6.40 -23.22 -38.65
N ALA C 405 5.68 -24.10 -37.96
CA ALA C 405 4.62 -24.92 -38.59
C ALA C 405 3.30 -24.18 -38.81
N PHE C 406 2.99 -23.21 -37.95
CA PHE C 406 1.71 -22.54 -38.04
C PHE C 406 1.86 -21.12 -38.58
N GLY C 407 0.80 -20.65 -39.23
CA GLY C 407 0.78 -19.35 -39.84
C GLY C 407 0.64 -18.23 -38.83
N ARG C 408 0.69 -17.01 -39.35
CA ARG C 408 0.62 -15.80 -38.56
C ARG C 408 -0.74 -15.60 -37.90
N ASP C 409 -1.78 -16.15 -38.52
CA ASP C 409 -3.16 -16.06 -38.00
C ASP C 409 -3.50 -17.13 -36.93
N VAL C 410 -2.48 -17.85 -36.48
CA VAL C 410 -2.67 -18.89 -35.46
C VAL C 410 -3.25 -18.30 -34.16
N CYS C 411 -4.05 -19.11 -33.48
CA CYS C 411 -4.72 -18.70 -32.24
C CYS C 411 -4.45 -19.73 -31.14
N TYR C 412 -3.61 -19.36 -30.17
CA TYR C 412 -3.21 -20.29 -29.11
C TYR C 412 -4.15 -20.24 -27.92
N VAL C 413 -4.44 -21.43 -27.38
CA VAL C 413 -5.26 -21.58 -26.19
C VAL C 413 -4.45 -22.37 -25.17
N THR C 414 -4.36 -21.86 -23.95
CA THR C 414 -3.60 -22.55 -22.91
C THR C 414 -4.05 -22.12 -21.52
N THR C 415 -3.49 -22.74 -20.49
CA THR C 415 -3.94 -22.54 -19.11
C THR C 415 -2.79 -22.23 -18.14
N ILE C 416 -2.14 -23.28 -17.62
CA ILE C 416 -1.12 -23.15 -16.59
C ILE C 416 -0.19 -24.35 -16.60
N GLY C 417 1.04 -24.14 -16.15
CA GLY C 417 2.07 -25.19 -16.05
C GLY C 417 3.37 -24.72 -16.68
N LEU C 418 4.41 -25.55 -16.60
CA LEU C 418 5.66 -25.29 -17.33
C LEU C 418 5.38 -25.27 -18.83
N SER C 419 4.39 -26.05 -19.23
CA SER C 419 3.85 -26.08 -20.58
C SER C 419 3.49 -24.67 -21.08
N GLN C 420 2.68 -23.96 -20.30
CA GLN C 420 2.16 -22.64 -20.66
C GLN C 420 3.13 -21.48 -20.38
N ILE C 421 3.95 -21.61 -19.35
CA ILE C 421 4.96 -20.58 -19.02
C ILE C 421 5.99 -20.46 -20.14
N ALA C 422 6.57 -21.60 -20.52
CA ALA C 422 7.54 -21.67 -21.61
C ALA C 422 6.92 -21.27 -22.95
N ALA C 423 5.66 -21.68 -23.15
CA ALA C 423 4.91 -21.31 -24.35
C ALA C 423 4.77 -19.79 -24.46
N ALA C 424 4.44 -19.17 -23.33
CA ALA C 424 4.29 -17.72 -23.26
C ALA C 424 5.60 -16.98 -23.49
N GLN C 425 6.73 -17.58 -23.12
CA GLN C 425 8.01 -16.90 -23.28
C GLN C 425 8.72 -17.24 -24.62
N LEU C 427 6.54 -18.64 -27.78
CA LEU C 427 5.61 -18.53 -28.91
C LEU C 427 5.38 -17.07 -29.30
N HIS C 428 4.84 -16.86 -30.48
CA HIS C 428 4.53 -15.51 -30.96
C HIS C 428 3.13 -15.38 -31.56
N VAL C 429 2.54 -14.22 -31.31
CA VAL C 429 1.14 -13.94 -31.61
C VAL C 429 1.08 -12.59 -32.35
N PHE C 430 0.14 -12.45 -33.26
CA PHE C 430 0.16 -11.31 -34.19
C PHE C 430 -1.16 -10.56 -34.36
N LYS C 431 -2.12 -10.84 -33.47
CA LYS C 431 -3.42 -10.17 -33.47
C LYS C 431 -4.04 -10.29 -32.08
N ASP C 432 -5.03 -9.46 -31.77
CA ASP C 432 -5.70 -9.51 -30.48
C ASP C 432 -6.71 -10.66 -30.45
N ARG C 433 -6.82 -11.30 -29.28
CA ARG C 433 -7.61 -12.53 -29.09
C ARG C 433 -7.05 -13.72 -29.86
N HIS C 434 -5.73 -13.72 -30.09
CA HIS C 434 -5.01 -14.89 -30.59
C HIS C 434 -4.11 -15.48 -29.49
N TRP C 435 -4.31 -14.99 -28.26
CA TRP C 435 -3.80 -15.66 -27.06
C TRP C 435 -4.94 -15.75 -26.05
N ILE C 436 -5.55 -16.93 -25.96
CA ILE C 436 -6.67 -17.19 -25.07
C ILE C 436 -6.18 -17.95 -23.83
N ASN C 437 -6.08 -17.23 -22.71
CA ASN C 437 -5.44 -17.75 -21.50
C ASN C 437 -6.09 -17.19 -20.23
N CYS C 438 -6.49 -18.10 -19.33
CA CYS C 438 -7.08 -17.72 -18.04
C CYS C 438 -6.00 -17.28 -17.05
N GLY C 439 -5.57 -16.02 -17.17
CA GLY C 439 -4.36 -15.55 -16.52
C GLY C 439 -4.34 -15.40 -15.01
N GLN C 440 -5.49 -15.18 -14.40
CA GLN C 440 -5.55 -14.91 -12.95
C GLN C 440 -5.93 -16.14 -12.11
N ALA C 441 -6.78 -17.00 -12.64
CA ALA C 441 -7.26 -18.17 -11.90
C ALA C 441 -6.56 -19.46 -12.33
N GLY C 442 -6.27 -19.59 -13.63
CA GLY C 442 -5.57 -20.75 -14.18
C GLY C 442 -6.02 -22.12 -13.69
N PRO C 443 -7.33 -22.44 -13.83
CA PRO C 443 -7.83 -23.74 -13.37
C PRO C 443 -7.45 -24.87 -14.33
N LEU C 444 -6.82 -25.92 -13.80
CA LEU C 444 -6.45 -27.08 -14.62
C LEU C 444 -7.71 -27.70 -15.23
N GLY C 445 -7.59 -28.15 -16.48
CA GLY C 445 -8.71 -28.70 -17.24
C GLY C 445 -9.36 -27.71 -18.18
N TRP C 446 -8.96 -26.45 -18.07
CA TRP C 446 -9.56 -25.33 -18.82
C TRP C 446 -9.34 -25.44 -20.35
N THR C 447 -8.16 -25.93 -20.73
CA THR C 447 -7.67 -25.80 -22.10
C THR C 447 -8.54 -26.46 -23.18
N ILE C 448 -8.92 -27.72 -22.98
CA ILE C 448 -9.74 -28.43 -23.97
C ILE C 448 -11.09 -27.74 -24.22
N PRO C 449 -11.92 -27.59 -23.17
CA PRO C 449 -13.22 -26.94 -23.41
C PRO C 449 -13.10 -25.50 -23.91
N ALA C 450 -12.14 -24.73 -23.38
CA ALA C 450 -11.93 -23.35 -23.84
C ALA C 450 -11.66 -23.30 -25.35
N ALA C 451 -10.79 -24.19 -25.80
CA ALA C 451 -10.46 -24.32 -27.23
C ALA C 451 -11.72 -24.62 -28.05
N LEU C 452 -12.52 -25.58 -27.58
CA LEU C 452 -13.75 -25.95 -28.29
C LEU C 452 -14.72 -24.76 -28.37
N GLY C 453 -14.76 -23.96 -27.30
CA GLY C 453 -15.59 -22.76 -27.28
C GLY C 453 -15.17 -21.69 -28.28
N VAL C 454 -13.86 -21.52 -28.46
CA VAL C 454 -13.32 -20.59 -29.46
C VAL C 454 -13.71 -21.09 -30.86
N CYS C 455 -13.56 -22.40 -31.10
CA CYS C 455 -13.91 -23.00 -32.39
C CYS C 455 -15.39 -22.85 -32.72
N ALA C 456 -16.24 -22.99 -31.71
CA ALA C 456 -17.68 -22.79 -31.86
C ALA C 456 -18.01 -21.33 -32.15
N ALA C 457 -17.22 -20.43 -31.58
CA ALA C 457 -17.38 -18.98 -31.81
C ALA C 457 -16.94 -18.57 -33.22
N ASP C 458 -15.93 -19.27 -33.75
CA ASP C 458 -15.39 -18.95 -35.06
C ASP C 458 -14.80 -20.18 -35.75
N PRO C 459 -15.59 -20.83 -36.63
CA PRO C 459 -15.14 -21.98 -37.44
C PRO C 459 -13.97 -21.70 -38.40
N LYS C 460 -13.66 -20.42 -38.66
CA LYS C 460 -12.51 -20.03 -39.49
C LYS C 460 -11.21 -19.87 -38.69
N ARG C 461 -11.31 -19.84 -37.37
CA ARG C 461 -10.16 -19.63 -36.50
C ARG C 461 -9.19 -20.83 -36.53
N ASN C 462 -7.92 -20.55 -36.76
CA ASN C 462 -6.85 -21.56 -36.76
C ASN C 462 -6.41 -21.82 -35.32
N VAL C 463 -7.22 -22.58 -34.58
CA VAL C 463 -7.02 -22.79 -33.14
C VAL C 463 -6.01 -23.90 -32.84
N VAL C 464 -5.03 -23.58 -31.99
CA VAL C 464 -4.02 -24.54 -31.54
C VAL C 464 -3.85 -24.43 -30.03
N ALA C 465 -4.03 -25.55 -29.31
CA ALA C 465 -3.94 -25.55 -27.85
C ALA C 465 -2.62 -26.13 -27.37
N ILE C 466 -2.16 -25.66 -26.22
CA ILE C 466 -1.00 -26.25 -25.55
C ILE C 466 -1.40 -26.70 -24.14
N SER C 467 -1.10 -27.96 -23.81
CA SER C 467 -1.29 -28.47 -22.45
C SER C 467 -0.11 -29.35 -22.03
N GLY C 468 0.11 -29.42 -20.72
CA GLY C 468 0.89 -30.48 -20.11
C GLY C 468 -0.02 -31.68 -19.88
N ASP C 469 0.57 -32.80 -19.46
CA ASP C 469 -0.18 -34.05 -19.31
C ASP C 469 -1.26 -33.99 -18.22
N PHE C 470 -0.98 -33.28 -17.12
CA PHE C 470 -1.93 -33.19 -16.00
C PHE C 470 -3.14 -32.31 -16.36
N ASP C 471 -2.88 -31.14 -16.96
CA ASP C 471 -3.94 -30.26 -17.47
C ASP C 471 -4.83 -31.01 -18.46
N PHE C 472 -4.20 -31.75 -19.37
CA PHE C 472 -4.89 -32.53 -20.39
C PHE C 472 -5.87 -33.56 -19.80
N GLN C 473 -5.49 -34.16 -18.67
CA GLN C 473 -6.26 -35.24 -18.06
C GLN C 473 -7.49 -34.77 -17.25
N PHE C 474 -7.37 -33.63 -16.58
CA PHE C 474 -8.48 -33.09 -15.75
C PHE C 474 -9.87 -33.24 -16.39
N LEU C 475 -10.01 -32.71 -17.61
CA LEU C 475 -11.26 -32.77 -18.36
C LEU C 475 -11.05 -33.40 -19.74
N ILE C 476 -10.33 -34.51 -19.75
CA ILE C 476 -9.94 -35.20 -20.98
C ILE C 476 -11.15 -35.69 -21.81
N GLU C 477 -12.25 -36.00 -21.13
CA GLU C 477 -13.46 -36.53 -21.77
C GLU C 477 -14.15 -35.56 -22.73
N GLU C 478 -13.88 -34.26 -22.59
CA GLU C 478 -14.48 -33.24 -23.46
C GLU C 478 -13.97 -33.33 -24.92
N LEU C 479 -12.89 -34.05 -25.15
CA LEU C 479 -12.48 -34.38 -26.52
C LEU C 479 -13.63 -35.06 -27.29
N ALA C 480 -14.41 -35.89 -26.60
CA ALA C 480 -15.54 -36.59 -27.22
C ALA C 480 -16.67 -35.63 -27.67
N VAL C 481 -16.73 -34.45 -27.06
CA VAL C 481 -17.61 -33.38 -27.53
C VAL C 481 -17.17 -32.92 -28.92
N GLY C 482 -15.86 -32.72 -29.05
CA GLY C 482 -15.24 -32.37 -30.32
C GLY C 482 -15.42 -33.42 -31.40
N ALA C 483 -15.58 -34.68 -30.98
CA ALA C 483 -15.82 -35.78 -31.90
C ALA C 483 -17.31 -35.88 -32.30
N GLN C 484 -18.21 -35.87 -31.30
CA GLN C 484 -19.65 -36.02 -31.54
C GLN C 484 -20.16 -34.91 -32.45
N PHE C 485 -19.93 -33.68 -32.03
CA PHE C 485 -20.14 -32.51 -32.89
C PHE C 485 -18.82 -32.45 -33.61
N ASN C 486 -18.76 -31.95 -34.84
CA ASN C 486 -17.49 -32.03 -35.57
C ASN C 486 -16.70 -30.74 -35.45
N ILE C 487 -16.03 -30.58 -34.31
CA ILE C 487 -15.33 -29.33 -33.96
C ILE C 487 -13.81 -29.57 -33.97
N PRO C 488 -13.16 -29.31 -35.12
CA PRO C 488 -11.73 -29.56 -35.25
C PRO C 488 -10.78 -28.46 -34.75
N TYR C 489 -9.70 -28.90 -34.11
CA TYR C 489 -8.58 -28.04 -33.76
C TYR C 489 -7.38 -28.95 -33.49
N ILE C 490 -6.21 -28.35 -33.25
CA ILE C 490 -5.00 -29.11 -32.95
C ILE C 490 -4.62 -28.90 -31.50
N HIS C 491 -4.42 -30.01 -30.77
CA HIS C 491 -4.00 -29.92 -29.37
C HIS C 491 -2.58 -30.47 -29.19
N VAL C 492 -1.65 -29.57 -28.85
CA VAL C 492 -0.26 -29.96 -28.58
C VAL C 492 -0.15 -30.36 -27.12
N LEU C 493 0.25 -31.61 -26.90
CA LEU C 493 0.37 -32.17 -25.56
C LEU C 493 1.84 -32.44 -25.26
N VAL C 494 2.40 -31.69 -24.32
CA VAL C 494 3.80 -31.89 -23.93
C VAL C 494 3.83 -32.71 -22.64
N ASN C 495 4.31 -33.94 -22.76
CA ASN C 495 4.17 -34.95 -21.71
C ASN C 495 5.51 -35.25 -21.01
N ASN C 496 5.58 -34.92 -19.72
CA ASN C 496 6.74 -35.22 -18.88
C ASN C 496 6.41 -36.13 -17.68
N ALA C 497 5.21 -36.70 -17.66
CA ALA C 497 4.74 -37.56 -16.55
C ALA C 497 4.97 -36.92 -15.17
N TYR C 498 4.70 -35.62 -15.08
CA TYR C 498 4.99 -34.81 -13.90
C TYR C 498 4.01 -33.66 -13.75
N LEU C 499 3.76 -33.26 -12.50
CA LEU C 499 3.27 -31.91 -12.22
C LEU C 499 4.52 -31.02 -12.24
N GLY C 500 4.92 -30.60 -13.45
CA GLY C 500 6.21 -29.96 -13.67
C GLY C 500 6.45 -28.70 -12.85
N LEU C 501 5.51 -27.76 -12.93
CA LEU C 501 5.61 -26.49 -12.23
C LEU C 501 5.74 -26.68 -10.71
N ILE C 502 4.96 -27.59 -10.15
CA ILE C 502 4.97 -27.84 -8.70
C ILE C 502 6.27 -28.50 -8.29
N ARG C 503 6.74 -29.49 -9.06
CA ARG C 503 8.06 -30.09 -8.85
C ARG C 503 9.14 -29.01 -8.76
N GLN C 504 9.12 -28.07 -9.70
CA GLN C 504 10.10 -26.96 -9.70
C GLN C 504 9.97 -26.09 -8.44
N SER C 505 8.73 -25.78 -8.03
CA SER C 505 8.50 -24.96 -6.83
C SER C 505 8.94 -25.68 -5.55
N GLN C 506 8.93 -27.00 -5.58
CA GLN C 506 9.34 -27.81 -4.42
C GLN C 506 10.85 -27.88 -4.19
N ARG C 507 11.63 -27.33 -5.13
CA ARG C 507 13.10 -27.26 -4.98
C ARG C 507 13.48 -26.48 -3.72
N ALA C 508 12.78 -25.37 -3.47
CA ALA C 508 13.02 -24.54 -2.28
C ALA C 508 12.78 -25.30 -0.97
N PHE C 509 11.89 -26.31 -1.00
CA PHE C 509 11.65 -27.19 0.15
C PHE C 509 12.47 -28.49 0.11
N ASP C 510 13.42 -28.56 -0.82
CA ASP C 510 14.34 -29.71 -0.97
C ASP C 510 13.61 -31.07 -1.07
N ASP C 512 10.82 -33.83 -3.74
CA ASP C 512 10.11 -34.21 -4.96
C ASP C 512 9.03 -35.21 -4.50
N TYR C 513 7.85 -34.69 -4.24
CA TYR C 513 6.85 -35.37 -3.39
C TYR C 513 5.41 -35.16 -3.88
N CYS C 514 4.76 -36.26 -4.27
CA CYS C 514 3.38 -36.26 -4.77
C CYS C 514 3.18 -35.49 -6.07
N VAL C 515 4.23 -35.41 -6.89
CA VAL C 515 4.17 -34.66 -8.17
C VAL C 515 4.43 -35.51 -9.43
N GLN C 516 4.66 -36.81 -9.25
CA GLN C 516 4.88 -37.71 -10.38
C GLN C 516 3.60 -38.42 -10.80
N LEU C 517 3.44 -38.59 -12.12
CA LEU C 517 2.31 -39.31 -12.71
C LEU C 517 2.74 -40.60 -13.41
N ALA C 518 4.03 -40.92 -13.35
CA ALA C 518 4.57 -42.06 -14.10
C ALA C 518 4.20 -43.42 -13.47
N PHE C 519 3.88 -44.38 -14.33
CA PHE C 519 3.77 -45.78 -13.94
C PHE C 519 3.94 -46.65 -15.18
N GLU C 520 4.25 -47.92 -14.97
CA GLU C 520 4.36 -48.87 -16.09
C GLU C 520 2.94 -49.31 -16.52
N ASN C 521 2.53 -48.82 -17.68
CA ASN C 521 1.21 -49.13 -18.22
C ASN C 521 1.18 -50.59 -18.69
N ILE C 522 0.32 -51.38 -18.06
CA ILE C 522 0.23 -52.82 -18.35
C ILE C 522 -0.32 -53.13 -19.74
N ASN C 523 -0.88 -52.13 -20.41
CA ASN C 523 -1.37 -52.27 -21.78
C ASN C 523 -0.48 -51.59 -22.83
N SER C 524 0.58 -50.90 -22.40
CA SER C 524 1.37 -50.04 -23.32
C SER C 524 2.87 -49.90 -22.97
N SER C 525 3.71 -50.74 -23.58
CA SER C 525 5.18 -50.63 -23.47
C SER C 525 5.70 -49.37 -24.15
N GLU C 526 5.04 -49.00 -25.26
CA GLU C 526 5.45 -47.88 -26.12
C GLU C 526 5.70 -46.60 -25.35
N VAL C 527 4.93 -46.38 -24.29
CA VAL C 527 5.04 -45.16 -23.46
C VAL C 527 6.17 -45.18 -22.42
N ASN C 528 6.90 -46.30 -22.32
CA ASN C 528 8.12 -46.37 -21.49
C ASN C 528 7.92 -45.91 -20.04
N GLY C 529 6.88 -46.40 -19.38
CA GLY C 529 6.62 -46.06 -17.99
C GLY C 529 6.25 -44.61 -17.71
N TYR C 530 5.78 -43.90 -18.74
CA TYR C 530 5.26 -42.53 -18.58
C TYR C 530 3.81 -42.53 -18.05
N GLY C 531 3.16 -43.69 -18.04
CA GLY C 531 1.85 -43.86 -17.42
C GLY C 531 0.71 -43.88 -18.41
N VAL C 532 -0.08 -42.80 -18.43
CA VAL C 532 -1.26 -42.74 -19.28
C VAL C 532 -0.85 -42.76 -20.76
N ASP C 533 -1.56 -43.58 -21.54
CA ASP C 533 -1.41 -43.63 -22.99
C ASP C 533 -2.45 -42.69 -23.61
N HIS C 534 -2.03 -41.44 -23.84
CA HIS C 534 -2.91 -40.39 -24.33
C HIS C 534 -3.40 -40.66 -25.76
N VAL C 535 -2.61 -41.38 -26.56
CA VAL C 535 -3.03 -41.76 -27.92
C VAL C 535 -4.23 -42.73 -27.91
N LYS C 536 -4.17 -43.77 -27.07
CA LYS C 536 -5.30 -44.70 -26.91
C LYS C 536 -6.53 -44.03 -26.32
N VAL C 537 -6.31 -43.14 -25.34
CA VAL C 537 -7.43 -42.41 -24.72
C VAL C 537 -8.11 -41.49 -25.73
N ALA C 538 -7.31 -40.76 -26.50
CA ALA C 538 -7.83 -39.82 -27.50
C ALA C 538 -8.59 -40.53 -28.61
N GLU C 539 -8.06 -41.68 -29.06
CA GLU C 539 -8.70 -42.46 -30.11
C GLU C 539 -10.03 -43.07 -29.63
N GLY C 540 -10.03 -43.58 -28.40
CA GLY C 540 -11.24 -44.10 -27.78
C GLY C 540 -12.33 -43.05 -27.66
N LEU C 541 -11.93 -41.80 -27.42
CA LEU C 541 -12.86 -40.67 -27.35
C LEU C 541 -13.31 -40.15 -28.73
N GLY C 542 -12.80 -40.76 -29.80
CA GLY C 542 -13.27 -40.49 -31.15
C GLY C 542 -12.42 -39.53 -31.95
N CYS C 543 -11.25 -39.21 -31.42
CA CYS C 543 -10.33 -38.25 -32.02
C CYS C 543 -9.14 -38.93 -32.69
N LYS C 544 -8.28 -38.12 -33.31
CA LYS C 544 -7.02 -38.60 -33.86
C LYS C 544 -5.88 -38.13 -32.97
N ALA C 545 -4.79 -38.90 -32.98
CA ALA C 545 -3.64 -38.63 -32.12
C ALA C 545 -2.34 -39.15 -32.73
N ILE C 546 -1.27 -38.36 -32.56
CA ILE C 546 0.06 -38.73 -33.02
C ILE C 546 1.04 -38.57 -31.86
N ARG C 547 1.94 -39.53 -31.70
CA ARG C 547 3.00 -39.45 -30.71
C ARG C 547 4.36 -39.24 -31.35
N VAL C 548 5.15 -38.34 -30.75
CA VAL C 548 6.47 -37.98 -31.27
C VAL C 548 7.52 -38.18 -30.17
N PHE C 549 8.57 -38.93 -30.51
CA PHE C 549 9.70 -39.18 -29.59
C PHE C 549 10.95 -38.36 -29.93
N LYS C 550 11.07 -37.94 -31.19
CA LYS C 550 12.26 -37.23 -31.69
C LYS C 550 11.92 -35.83 -32.21
N PRO C 551 12.84 -34.85 -32.01
CA PRO C 551 12.57 -33.45 -32.39
C PRO C 551 12.31 -33.23 -33.90
N GLU C 552 13.01 -33.98 -34.73
CA GLU C 552 12.85 -33.86 -36.18
C GLU C 552 11.50 -34.42 -36.70
N ASP C 553 10.81 -35.22 -35.88
CA ASP C 553 9.48 -35.75 -36.23
C ASP C 553 8.32 -34.80 -35.86
N ILE C 554 8.63 -33.66 -35.25
CA ILE C 554 7.61 -32.71 -34.81
C ILE C 554 6.97 -31.98 -36.00
N ALA C 555 7.79 -31.47 -36.91
CA ALA C 555 7.29 -30.76 -38.09
C ALA C 555 6.36 -31.63 -38.96
N PRO C 556 6.82 -32.84 -39.36
CA PRO C 556 5.94 -33.73 -40.12
C PRO C 556 4.63 -34.08 -39.38
N ALA C 557 4.69 -34.20 -38.06
CA ALA C 557 3.51 -34.53 -37.26
C ALA C 557 2.45 -33.43 -37.37
N PHE C 558 2.87 -32.18 -37.33
CA PHE C 558 1.96 -31.04 -37.49
C PHE C 558 1.29 -31.00 -38.86
N GLU C 559 2.06 -31.37 -39.90
CA GLU C 559 1.50 -31.48 -41.25
C GLU C 559 0.48 -32.62 -41.34
N GLN C 560 0.82 -33.78 -40.76
CA GLN C 560 -0.11 -34.90 -40.65
C GLN C 560 -1.39 -34.48 -39.92
N ALA C 561 -1.23 -33.73 -38.83
CA ALA C 561 -2.36 -33.25 -38.03
C ALA C 561 -3.32 -32.36 -38.82
N LYS C 562 -2.76 -31.44 -39.61
CA LYS C 562 -3.56 -30.56 -40.49
C LYS C 562 -4.39 -31.35 -41.50
N ALA C 563 -3.80 -32.41 -42.04
CA ALA C 563 -4.47 -33.30 -43.00
C ALA C 563 -5.63 -34.07 -42.37
N LEU C 564 -5.37 -34.65 -41.20
CA LEU C 564 -6.39 -35.41 -40.46
C LEU C 564 -7.60 -34.54 -40.08
N ALA C 566 -8.73 -31.94 -41.72
CA ALA C 566 -9.47 -31.59 -42.92
C ALA C 566 -10.45 -32.68 -43.35
N GLN C 567 -10.00 -33.93 -43.28
CA GLN C 567 -10.81 -35.06 -43.74
C GLN C 567 -11.77 -35.60 -42.67
N TYR C 568 -11.30 -35.71 -41.43
CA TYR C 568 -12.09 -36.30 -40.35
C TYR C 568 -12.90 -35.28 -39.54
N ARG C 569 -12.47 -34.01 -39.52
CA ARG C 569 -13.23 -32.94 -38.87
C ARG C 569 -13.37 -33.14 -37.36
N VAL C 570 -12.28 -33.54 -36.72
CA VAL C 570 -12.26 -33.78 -35.27
C VAL C 570 -10.98 -33.22 -34.64
N PRO C 571 -10.97 -33.06 -33.31
CA PRO C 571 -9.72 -32.68 -32.64
C PRO C 571 -8.60 -33.67 -32.94
N VAL C 572 -7.39 -33.15 -33.15
CA VAL C 572 -6.21 -33.97 -33.40
C VAL C 572 -5.14 -33.63 -32.36
N VAL C 573 -4.77 -34.64 -31.57
CA VAL C 573 -3.79 -34.47 -30.50
C VAL C 573 -2.40 -34.84 -30.99
N VAL C 574 -1.44 -33.94 -30.77
CA VAL C 574 -0.04 -34.24 -31.07
C VAL C 574 0.70 -34.30 -29.74
N GLU C 575 1.01 -35.53 -29.30
CA GLU C 575 1.73 -35.76 -28.06
C GLU C 575 3.24 -35.78 -28.30
N VAL C 576 3.98 -34.94 -27.55
CA VAL C 576 5.44 -34.95 -27.57
C VAL C 576 5.98 -35.48 -26.24
N ILE C 577 6.79 -36.52 -26.30
CA ILE C 577 7.40 -37.10 -25.10
C ILE C 577 8.60 -36.26 -24.71
N LEU C 578 8.46 -35.55 -23.60
CA LEU C 578 9.53 -34.69 -23.10
C LEU C 578 10.47 -35.45 -22.19
N GLU C 579 11.65 -34.86 -21.98
CA GLU C 579 12.51 -35.28 -20.88
C GLU C 579 11.77 -34.99 -19.58
N ARG C 580 12.03 -35.81 -18.57
CA ARG C 580 11.22 -35.79 -17.34
C ARG C 580 11.33 -34.49 -16.55
N VAL C 581 12.54 -33.95 -16.43
CA VAL C 581 12.80 -32.76 -15.62
C VAL C 581 13.48 -31.65 -16.43
N THR C 582 12.79 -30.52 -16.54
CA THR C 582 13.34 -29.30 -17.14
C THR C 582 12.90 -28.11 -16.31
N ASN C 583 13.86 -27.29 -15.87
CA ASN C 583 13.58 -26.11 -15.06
C ASN C 583 13.47 -24.86 -15.93
N ILE C 584 12.26 -24.30 -15.98
CA ILE C 584 11.97 -23.14 -16.79
C ILE C 584 12.38 -21.88 -16.03
N SER C 585 12.78 -20.85 -16.78
CA SER C 585 13.23 -19.60 -16.19
C SER C 585 12.11 -18.88 -15.45
N GLY C 587 11.53 -16.23 -11.44
CA GLY C 587 12.07 -15.63 -10.23
C GLY C 587 11.02 -14.90 -9.43
N SER C 588 11.41 -14.34 -8.29
CA SER C 588 10.48 -13.60 -7.43
C SER C 588 10.55 -12.09 -7.63
N GLU C 589 11.52 -11.63 -8.42
CA GLU C 589 11.63 -10.20 -8.80
C GLU C 589 12.11 -10.07 -10.25
N LEU C 590 11.82 -8.93 -10.86
CA LEU C 590 12.23 -8.65 -12.25
C LEU C 590 13.74 -8.74 -12.45
N ASP C 591 14.50 -8.30 -11.45
CA ASP C 591 15.98 -8.31 -11.48
C ASP C 591 16.60 -9.60 -10.95
N ASN C 592 15.75 -10.61 -10.79
CA ASN C 592 16.09 -11.80 -10.02
C ASN C 592 15.61 -13.08 -10.72
N VAL C 593 15.23 -13.00 -12.00
CA VAL C 593 14.76 -14.17 -12.74
C VAL C 593 15.95 -15.06 -13.02
N GLU C 595 17.94 -18.22 -14.81
CA GLU C 595 18.05 -19.01 -16.02
C GLU C 595 18.74 -20.36 -15.71
N PHE C 596 17.96 -21.44 -15.77
CA PHE C 596 18.46 -22.79 -15.50
C PHE C 596 18.94 -23.45 -16.78
N GLU C 597 18.14 -23.34 -17.84
CA GLU C 597 18.49 -23.83 -19.16
C GLU C 597 19.36 -22.83 -19.88
N ASP C 598 19.95 -23.26 -20.99
CA ASP C 598 20.87 -22.41 -21.76
C ASP C 598 20.20 -21.12 -22.24
N ILE C 599 20.89 -20.00 -22.02
CA ILE C 599 20.53 -18.72 -22.64
C ILE C 599 21.05 -18.68 -24.07
N ALA C 600 20.74 -17.60 -24.78
CA ALA C 600 21.18 -17.44 -26.17
C ALA C 600 21.35 -15.97 -26.53
N ASP C 601 22.33 -15.69 -27.39
CA ASP C 601 22.60 -14.32 -27.87
C ASP C 601 22.60 -14.19 -29.41
N ASN C 602 22.17 -15.25 -30.09
CA ASN C 602 22.16 -15.31 -31.56
C ASN C 602 21.01 -16.16 -32.07
N ALA C 603 20.74 -16.04 -33.36
CA ALA C 603 19.58 -16.69 -33.96
C ALA C 603 19.74 -18.21 -34.15
N ALA C 604 20.97 -18.71 -34.26
CA ALA C 604 21.22 -20.15 -34.42
C ALA C 604 20.55 -20.96 -33.30
N ASP C 605 20.64 -20.44 -32.08
CA ASP C 605 20.06 -21.08 -30.90
C ASP C 605 18.57 -20.74 -30.68
N ALA C 606 18.16 -19.58 -31.16
CA ALA C 606 16.77 -19.11 -31.00
C ALA C 606 16.21 -18.58 -32.34
N PRO C 607 16.06 -19.48 -33.32
CA PRO C 607 15.77 -19.06 -34.69
C PRO C 607 14.38 -18.47 -34.98
N THR C 608 13.44 -18.57 -34.05
CA THR C 608 12.06 -18.15 -34.33
C THR C 608 11.65 -16.82 -33.66
N GLU C 609 12.62 -16.08 -33.11
CA GLU C 609 12.36 -14.71 -32.67
C GLU C 609 11.97 -13.87 -33.89
N THR C 610 11.01 -12.96 -33.71
CA THR C 610 10.41 -12.23 -34.85
C THR C 610 11.39 -11.36 -35.61
N CYS C 611 12.46 -10.94 -34.94
CA CYS C 611 13.48 -10.15 -35.63
C CYS C 611 14.39 -10.99 -36.54
N PHE C 612 14.41 -12.31 -36.34
CA PHE C 612 15.18 -13.22 -37.18
C PHE C 612 14.33 -13.95 -38.23
N HIS C 614 10.52 -13.95 -40.64
CA HIS C 614 9.28 -13.36 -41.17
C HIS C 614 8.14 -14.35 -40.96
N TYR C 615 7.04 -13.86 -40.42
CA TYR C 615 5.88 -14.71 -40.13
C TYR C 615 4.79 -14.56 -41.20
N GLU C 616 4.51 -15.67 -41.90
CA GLU C 616 3.62 -15.72 -43.08
C GLU C 616 4.14 -14.83 -44.20
N ALA D 25 1.24 17.70 -4.52
CA ALA D 25 0.28 16.57 -4.80
C ALA D 25 0.38 15.38 -3.82
N LYS D 26 1.49 15.28 -3.07
CA LYS D 26 1.61 14.32 -1.95
C LYS D 26 0.75 14.77 -0.78
N ARG D 28 -2.31 13.15 2.52
CA ARG D 28 -3.00 12.07 3.26
C ARG D 28 -4.21 11.61 2.45
N ALA D 29 -4.57 10.33 2.57
CA ALA D 29 -5.74 9.78 1.89
C ALA D 29 -7.00 10.55 2.24
N VAL D 30 -7.18 10.86 3.52
CA VAL D 30 -8.32 11.66 3.98
C VAL D 30 -8.34 13.10 3.44
N ASP D 31 -7.17 13.67 3.18
CA ASP D 31 -7.10 15.00 2.58
C ASP D 31 -7.58 14.97 1.13
N ALA D 32 -7.20 13.92 0.40
CA ALA D 32 -7.72 13.69 -0.96
C ALA D 32 -9.23 13.44 -0.96
N ALA D 33 -9.74 12.79 0.08
CA ALA D 33 -11.16 12.54 0.23
C ALA D 33 -11.97 13.85 0.30
N TYR D 35 -11.18 16.80 -1.19
CA TYR D 35 -11.28 17.30 -2.56
C TYR D 35 -12.38 16.57 -3.33
N VAL D 36 -12.44 15.25 -3.19
CA VAL D 36 -13.44 14.45 -3.89
C VAL D 36 -14.85 14.87 -3.45
N LEU D 37 -15.07 14.90 -2.14
CA LEU D 37 -16.38 15.26 -1.59
C LEU D 37 -16.83 16.66 -2.03
N GLU D 38 -15.89 17.59 -2.09
CA GLU D 38 -16.16 18.96 -2.50
C GLU D 38 -16.55 19.03 -3.98
N LYS D 39 -15.73 18.42 -4.85
CA LYS D 39 -16.00 18.42 -6.30
C LYS D 39 -17.28 17.64 -6.64
N GLU D 40 -17.71 16.81 -5.69
CA GLU D 40 -18.84 15.94 -5.86
C GLU D 40 -20.12 16.53 -5.22
N GLY D 41 -20.02 17.75 -4.68
CA GLY D 41 -21.18 18.54 -4.25
C GLY D 41 -21.45 18.71 -2.77
N ILE D 42 -20.70 17.99 -1.92
CA ILE D 42 -21.00 17.97 -0.47
C ILE D 42 -20.60 19.26 0.24
N THR D 43 -21.55 19.84 0.98
CA THR D 43 -21.31 21.03 1.81
C THR D 43 -21.70 20.83 3.28
N THR D 44 -22.32 19.68 3.61
CA THR D 44 -22.83 19.44 4.96
C THR D 44 -22.55 18.00 5.38
N ALA D 45 -22.39 17.80 6.69
CA ALA D 45 -22.14 16.48 7.24
C ALA D 45 -22.69 16.38 8.65
N PHE D 46 -23.35 15.27 8.95
CA PHE D 46 -23.89 14.99 10.27
C PHE D 46 -23.11 13.85 10.87
N GLY D 47 -22.69 13.97 12.13
CA GLY D 47 -21.92 12.89 12.72
C GLY D 47 -21.59 12.95 14.20
N VAL D 48 -20.83 11.95 14.61
CA VAL D 48 -20.34 11.82 15.98
C VAL D 48 -18.89 11.35 15.91
N PRO D 49 -17.93 12.19 16.33
CA PRO D 49 -16.53 11.81 16.18
C PRO D 49 -16.04 10.75 17.17
N GLY D 50 -14.87 10.20 16.87
CA GLY D 50 -14.24 9.16 17.67
C GLY D 50 -12.79 8.98 17.25
N ALA D 51 -12.01 8.29 18.08
CA ALA D 51 -10.60 8.11 17.83
C ALA D 51 -10.32 7.53 16.44
N ALA D 52 -11.07 6.50 16.07
CA ALA D 52 -10.85 5.80 14.78
C ALA D 52 -11.15 6.64 13.53
N ILE D 53 -11.94 7.70 13.70
CA ILE D 53 -12.30 8.59 12.58
C ILE D 53 -11.74 10.03 12.75
N ASN D 54 -10.85 10.22 13.72
CA ASN D 54 -10.23 11.54 13.92
C ASN D 54 -9.44 12.08 12.71
N PRO D 55 -8.69 11.22 11.99
CA PRO D 55 -7.97 11.72 10.82
C PRO D 55 -8.88 12.37 9.78
N PHE D 56 -10.05 11.78 9.56
CA PHE D 56 -11.05 12.35 8.67
C PHE D 56 -11.48 13.74 9.13
N TYR D 57 -11.86 13.85 10.41
CA TYR D 57 -12.28 15.13 11.01
C TYR D 57 -11.17 16.18 10.92
N SER D 58 -9.93 15.73 11.06
CA SER D 58 -8.75 16.59 10.93
C SER D 58 -8.62 17.17 9.51
N ALA D 59 -8.80 16.32 8.50
CA ALA D 59 -8.75 16.74 7.09
C ALA D 59 -9.90 17.68 6.72
N ARG D 61 -11.43 19.78 8.82
CA ARG D 61 -11.16 21.09 9.42
C ARG D 61 -10.09 21.87 8.65
N LYS D 62 -9.04 21.18 8.26
CA LYS D 62 -7.95 21.76 7.48
C LYS D 62 -8.43 22.26 6.12
N HIS D 63 -9.34 21.51 5.49
CA HIS D 63 -9.81 21.82 4.14
C HIS D 63 -10.88 22.93 4.13
N GLY D 64 -11.78 22.91 5.11
CA GLY D 64 -12.91 23.81 5.14
C GLY D 64 -13.98 23.43 4.12
N GLY D 65 -15.09 24.17 4.13
CA GLY D 65 -16.13 24.01 3.11
C GLY D 65 -17.26 23.06 3.45
N ILE D 66 -17.09 22.28 4.52
CA ILE D 66 -18.17 21.39 4.99
C ILE D 66 -18.61 21.80 6.39
N ARG D 67 -19.90 22.05 6.54
CA ARG D 67 -20.51 22.35 7.83
C ARG D 67 -20.84 21.05 8.57
N HIS D 68 -20.23 20.84 9.74
CA HIS D 68 -20.50 19.66 10.55
C HIS D 68 -21.53 19.93 11.64
N ILE D 69 -22.60 19.13 11.67
CA ILE D 69 -23.54 19.13 12.78
C ILE D 69 -23.28 17.92 13.68
N LEU D 70 -23.00 18.18 14.96
CA LEU D 70 -22.82 17.13 15.96
C LEU D 70 -24.16 16.60 16.46
N ALA D 71 -24.41 15.33 16.20
CA ALA D 71 -25.63 14.66 16.69
C ALA D 71 -25.43 14.18 18.15
N ARG D 72 -26.54 13.81 18.78
CA ARG D 72 -26.52 13.26 20.15
C ARG D 72 -26.99 11.79 20.17
N HIS D 73 -26.95 11.19 18.99
CA HIS D 73 -27.02 9.75 18.79
C HIS D 73 -26.60 9.51 17.34
N VAL D 74 -25.81 8.47 17.09
CA VAL D 74 -25.41 8.16 15.71
C VAL D 74 -26.62 7.89 14.81
N GLU D 75 -27.62 7.17 15.33
CA GLU D 75 -28.87 6.97 14.60
C GLU D 75 -29.49 8.31 14.21
N GLY D 76 -29.40 9.28 15.10
CA GLY D 76 -29.85 10.64 14.81
C GLY D 76 -29.12 11.24 13.62
N ALA D 77 -27.79 11.13 13.62
CA ALA D 77 -26.96 11.61 12.51
C ALA D 77 -27.34 10.95 11.20
N SER D 78 -27.64 9.66 11.27
CA SER D 78 -28.05 8.89 10.09
C SER D 78 -29.33 9.40 9.47
N HIS D 79 -30.33 9.62 10.32
CA HIS D 79 -31.66 10.03 9.85
C HIS D 79 -31.69 11.51 9.43
N ALA D 81 -29.13 12.77 7.79
CA ALA D 81 -28.61 12.61 6.43
C ALA D 81 -29.73 12.19 5.46
N GLU D 82 -30.64 11.33 5.90
CA GLU D 82 -31.78 10.91 5.09
C GLU D 82 -32.67 12.09 4.71
N GLY D 83 -33.01 12.90 5.72
CA GLY D 83 -33.82 14.10 5.51
C GLY D 83 -33.15 15.09 4.59
N TYR D 84 -31.85 15.28 4.78
CA TYR D 84 -31.04 16.17 3.94
C TYR D 84 -31.11 15.76 2.47
N THR D 85 -31.03 14.46 2.22
CA THR D 85 -31.13 13.92 0.86
C THR D 85 -32.50 14.14 0.27
N ARG D 86 -33.53 13.76 1.01
CA ARG D 86 -34.92 13.80 0.54
C ARG D 86 -35.45 15.22 0.30
N ALA D 87 -34.80 16.22 0.89
CA ALA D 87 -35.27 17.60 0.82
C ALA D 87 -35.19 18.21 -0.58
N THR D 88 -34.10 17.94 -1.31
CA THR D 88 -33.84 18.59 -2.60
C THR D 88 -33.15 17.62 -3.56
N ALA D 89 -33.49 17.73 -4.86
CA ALA D 89 -33.17 16.72 -5.88
C ALA D 89 -31.72 16.21 -5.96
N GLY D 90 -30.75 17.11 -5.99
CA GLY D 90 -29.35 16.65 -6.10
C GLY D 90 -28.66 16.28 -4.79
N ASN D 91 -29.33 16.44 -3.66
CA ASN D 91 -28.71 16.32 -2.34
C ASN D 91 -28.31 14.91 -1.96
N ILE D 92 -27.10 14.80 -1.38
CA ILE D 92 -26.63 13.56 -0.79
C ILE D 92 -26.17 13.84 0.65
N GLY D 93 -27.00 13.43 1.61
CA GLY D 93 -26.68 13.56 3.03
C GLY D 93 -25.54 12.65 3.44
N VAL D 94 -24.64 13.19 4.28
CA VAL D 94 -23.45 12.45 4.72
C VAL D 94 -23.47 12.22 6.23
N CYS D 95 -23.18 10.97 6.61
CA CYS D 95 -23.23 10.53 7.99
C CYS D 95 -21.85 10.00 8.45
N LEU D 96 -21.31 10.59 9.51
CA LEU D 96 -19.95 10.28 9.97
C LEU D 96 -19.93 9.66 11.36
N GLY D 97 -19.18 8.58 11.51
CA GLY D 97 -19.06 7.89 12.80
C GLY D 97 -17.73 7.20 13.00
N THR D 98 -17.51 6.68 14.21
CA THR D 98 -16.28 5.96 14.53
C THR D 98 -16.44 4.47 14.19
N SER D 99 -15.53 3.63 14.68
CA SER D 99 -15.62 2.20 14.44
C SER D 99 -16.67 1.56 15.33
N GLY D 100 -16.82 0.25 15.20
CA GLY D 100 -17.62 -0.55 16.12
C GLY D 100 -19.11 -0.20 16.18
N PRO D 101 -19.60 0.23 17.35
CA PRO D 101 -21.04 0.43 17.54
C PRO D 101 -21.63 1.62 16.79
N ALA D 102 -20.79 2.53 16.32
CA ALA D 102 -21.25 3.64 15.49
C ALA D 102 -21.83 3.09 14.18
N GLY D 103 -21.10 2.14 13.59
CA GLY D 103 -21.53 1.49 12.36
C GLY D 103 -22.79 0.66 12.52
N THR D 104 -22.92 -0.03 13.65
CA THR D 104 -24.13 -0.82 13.91
C THR D 104 -25.35 0.06 14.27
N ASP D 105 -25.12 1.31 14.66
CA ASP D 105 -26.21 2.29 14.90
C ASP D 105 -26.72 2.96 13.61
N ILE D 107 -27.36 1.08 10.71
CA ILE D 107 -27.97 0.03 9.89
C ILE D 107 -29.45 0.34 9.59
N THR D 108 -30.17 0.85 10.59
CA THR D 108 -31.59 1.19 10.43
C THR D 108 -31.80 2.25 9.34
N ALA D 109 -30.90 3.23 9.27
CA ALA D 109 -30.98 4.30 8.28
C ALA D 109 -30.61 3.82 6.88
N LEU D 110 -29.58 2.99 6.79
CA LEU D 110 -29.20 2.37 5.53
C LEU D 110 -30.36 1.56 4.97
N TYR D 111 -31.04 0.84 5.85
CA TYR D 111 -32.24 0.09 5.48
C TYR D 111 -33.36 1.02 4.98
N SER D 112 -33.65 2.04 5.77
CA SER D 112 -34.69 3.03 5.44
C SER D 112 -34.43 3.70 4.07
N ALA D 113 -33.17 4.08 3.83
CA ALA D 113 -32.78 4.74 2.59
C ALA D 113 -32.86 3.79 1.38
N SER D 114 -32.33 2.58 1.56
CA SER D 114 -32.44 1.52 0.55
C SER D 114 -33.89 1.29 0.17
N ALA D 115 -34.70 1.07 1.19
CA ALA D 115 -36.11 0.74 1.05
C ALA D 115 -36.92 1.75 0.23
N ASP D 116 -36.60 3.03 0.37
CA ASP D 116 -37.26 4.12 -0.35
C ASP D 116 -36.49 4.62 -1.59
N SER D 117 -35.47 3.87 -2.02
CA SER D 117 -34.69 4.19 -3.22
C SER D 117 -34.02 5.58 -3.19
N ILE D 118 -33.45 5.93 -2.04
CA ILE D 118 -32.73 7.20 -1.87
C ILE D 118 -31.35 6.96 -1.26
N PRO D 119 -30.37 7.80 -1.61
CA PRO D 119 -29.01 7.64 -1.10
C PRO D 119 -28.68 8.43 0.17
N ILE D 120 -27.87 7.82 1.03
CA ILE D 120 -27.03 8.55 1.99
C ILE D 120 -25.61 7.98 1.88
N LEU D 121 -24.63 8.77 2.28
CA LEU D 121 -23.24 8.31 2.33
C LEU D 121 -22.80 8.21 3.79
N CYS D 122 -22.60 6.98 4.25
CA CYS D 122 -22.06 6.72 5.57
C CYS D 122 -20.58 6.48 5.50
N ILE D 123 -19.85 7.13 6.39
CA ILE D 123 -18.41 6.94 6.50
C ILE D 123 -18.10 6.58 7.94
N THR D 124 -17.49 5.41 8.16
CA THR D 124 -17.09 4.97 9.49
C THR D 124 -15.57 4.80 9.61
N GLY D 125 -15.05 5.07 10.80
CA GLY D 125 -13.68 4.73 11.13
C GLY D 125 -13.57 3.23 11.39
N GLN D 126 -12.33 2.74 11.47
CA GLN D 126 -12.07 1.33 11.67
C GLN D 126 -10.64 1.13 12.16
N ALA D 127 -10.40 0.04 12.90
CA ALA D 127 -9.07 -0.31 13.39
C ALA D 127 -8.12 -0.60 12.23
N PRO D 128 -6.80 -0.53 12.48
CA PRO D 128 -5.83 -0.79 11.39
C PRO D 128 -6.00 -2.18 10.76
N ARG D 129 -5.59 -2.32 9.51
CA ARG D 129 -5.78 -3.58 8.75
C ARG D 129 -5.09 -4.78 9.41
N ALA D 130 -3.91 -4.56 9.97
CA ALA D 130 -3.13 -5.62 10.61
C ALA D 130 -3.86 -6.25 11.78
N ARG D 131 -4.84 -5.53 12.33
CA ARG D 131 -5.52 -5.94 13.55
C ARG D 131 -7.01 -6.24 13.38
N LEU D 132 -7.51 -6.26 12.14
CA LEU D 132 -8.94 -6.52 11.88
C LEU D 132 -9.41 -7.91 12.33
N HIS D 133 -8.51 -8.89 12.42
CA HIS D 133 -8.90 -10.24 12.81
C HIS D 133 -8.37 -10.68 14.18
N LYS D 134 -7.57 -9.82 14.82
CA LYS D 134 -7.37 -9.89 16.27
C LYS D 134 -8.60 -9.17 16.78
N GLU D 135 -9.02 -9.39 18.03
CA GLU D 135 -10.27 -8.74 18.49
C GLU D 135 -10.00 -7.31 18.97
N ASP D 136 -9.58 -6.45 18.04
CA ASP D 136 -9.15 -5.11 18.40
C ASP D 136 -10.36 -4.36 18.92
N PHE D 137 -10.14 -3.53 19.95
CA PHE D 137 -11.21 -2.74 20.58
C PHE D 137 -12.11 -2.04 19.56
N GLN D 138 -13.41 -2.29 19.66
CA GLN D 138 -14.43 -1.69 18.79
C GLN D 138 -14.21 -1.98 17.29
N ALA D 139 -13.72 -3.17 16.99
CA ALA D 139 -13.54 -3.61 15.60
C ALA D 139 -14.60 -4.66 15.25
N VAL D 140 -15.45 -4.33 14.29
CA VAL D 140 -16.52 -5.20 13.83
C VAL D 140 -16.51 -5.26 12.31
N ASP D 141 -17.02 -6.36 11.76
CA ASP D 141 -17.10 -6.57 10.31
C ASP D 141 -18.36 -5.87 9.77
N ILE D 142 -18.32 -4.54 9.79
CA ILE D 142 -19.43 -3.70 9.35
C ILE D 142 -19.78 -3.94 7.88
N GLU D 143 -18.75 -4.28 7.09
CA GLU D 143 -18.91 -4.64 5.69
C GLU D 143 -19.95 -5.75 5.47
N ALA D 144 -19.82 -6.85 6.23
CA ALA D 144 -20.76 -7.97 6.13
C ALA D 144 -22.16 -7.61 6.66
N ILE D 145 -22.20 -6.84 7.74
CA ILE D 145 -23.45 -6.46 8.39
C ILE D 145 -24.30 -5.53 7.51
N ALA D 146 -23.65 -4.62 6.80
CA ALA D 146 -24.34 -3.58 6.02
C ALA D 146 -24.68 -4.00 4.58
N LYS D 147 -24.02 -5.05 4.10
CA LYS D 147 -24.18 -5.57 2.72
C LYS D 147 -25.64 -5.73 2.25
N PRO D 148 -26.50 -6.38 3.07
CA PRO D 148 -27.87 -6.62 2.64
C PRO D 148 -28.77 -5.39 2.54
N VAL D 149 -28.32 -4.24 3.06
CA VAL D 149 -29.12 -3.01 3.06
C VAL D 149 -28.39 -1.79 2.49
N SER D 150 -27.52 -2.02 1.52
CA SER D 150 -26.87 -0.92 0.82
C SER D 150 -26.44 -1.35 -0.59
N LYS D 151 -26.33 -0.39 -1.50
CA LYS D 151 -25.86 -0.67 -2.87
C LYS D 151 -24.38 -1.07 -2.85
N ALA D 153 -21.22 -1.65 0.38
CA ALA D 153 -20.63 -1.54 1.71
C ALA D 153 -19.25 -2.14 1.63
N VAL D 154 -18.23 -1.31 1.85
CA VAL D 154 -16.85 -1.71 1.58
C VAL D 154 -15.86 -1.18 2.62
N THR D 155 -14.92 -2.03 3.03
CA THR D 155 -13.76 -1.61 3.81
C THR D 155 -12.63 -1.30 2.84
N VAL D 156 -12.14 -0.06 2.88
CA VAL D 156 -11.11 0.41 1.97
C VAL D 156 -9.76 -0.18 2.40
N ARG D 157 -9.14 -0.95 1.50
CA ARG D 157 -7.94 -1.73 1.84
C ARG D 157 -6.61 -1.04 1.50
N GLU D 158 -6.67 0.05 0.74
CA GLU D 158 -5.47 0.85 0.40
C GLU D 158 -5.76 2.33 0.50
N ALA D 159 -4.76 3.09 0.92
CA ALA D 159 -4.85 4.54 1.00
C ALA D 159 -5.27 5.17 -0.33
N ALA D 160 -4.60 4.76 -1.40
CA ALA D 160 -4.85 5.30 -2.74
C ALA D 160 -6.26 4.99 -3.29
N LEU D 161 -6.93 4.00 -2.70
CA LEU D 161 -8.30 3.65 -3.08
C LEU D 161 -9.37 4.53 -2.41
N VAL D 162 -8.98 5.29 -1.38
CA VAL D 162 -9.95 6.12 -0.65
C VAL D 162 -10.71 7.06 -1.59
N PRO D 163 -10.00 7.89 -2.39
CA PRO D 163 -10.70 8.74 -3.34
C PRO D 163 -11.48 7.99 -4.43
N ARG D 164 -11.01 6.80 -4.79
CA ARG D 164 -11.65 6.00 -5.84
C ARG D 164 -12.92 5.32 -5.38
N VAL D 165 -12.95 4.85 -4.15
CA VAL D 165 -14.16 4.26 -3.58
C VAL D 165 -15.28 5.32 -3.48
N LEU D 166 -14.91 6.53 -3.07
CA LEU D 166 -15.85 7.66 -3.05
C LEU D 166 -16.33 8.00 -4.45
N GLN D 167 -15.41 8.04 -5.40
CA GLN D 167 -15.76 8.26 -6.80
C GLN D 167 -16.81 7.23 -7.27
N GLN D 168 -16.56 5.95 -6.97
CA GLN D 168 -17.50 4.88 -7.31
C GLN D 168 -18.82 4.98 -6.53
N ALA D 169 -18.75 5.44 -5.29
CA ALA D 169 -19.92 5.56 -4.43
C ALA D 169 -20.94 6.56 -4.96
N PHE D 170 -20.47 7.70 -5.45
CA PHE D 170 -21.35 8.73 -5.98
C PHE D 170 -21.98 8.30 -7.30
N HIS D 171 -21.28 7.50 -8.08
CA HIS D 171 -21.88 6.90 -9.28
C HIS D 171 -23.08 6.03 -8.89
N LEU D 172 -22.88 5.13 -7.93
CA LEU D 172 -23.93 4.19 -7.50
C LEU D 172 -25.12 4.90 -6.84
N ARG D 174 -26.27 7.87 -7.46
CA ARG D 174 -27.05 8.61 -8.44
C ARG D 174 -27.66 7.74 -9.55
N SER D 175 -27.02 6.61 -9.85
CA SER D 175 -27.35 5.82 -11.03
C SER D 175 -28.42 4.77 -10.75
N GLY D 176 -29.08 4.34 -11.83
CA GLY D 176 -30.10 3.29 -11.79
C GLY D 176 -31.14 3.54 -10.71
N ARG D 177 -31.43 2.50 -9.93
CA ARG D 177 -32.21 2.66 -8.72
C ARG D 177 -31.30 3.22 -7.63
N PRO D 178 -31.54 4.47 -7.19
CA PRO D 178 -30.63 5.02 -6.18
C PRO D 178 -30.70 4.29 -4.85
N GLY D 179 -29.57 4.26 -4.14
CA GLY D 179 -29.48 3.67 -2.82
C GLY D 179 -28.26 4.14 -2.04
N PRO D 180 -28.17 3.78 -0.75
CA PRO D 180 -27.10 4.26 0.12
C PRO D 180 -25.80 3.47 -0.01
N VAL D 181 -24.71 4.09 0.43
CA VAL D 181 -23.40 3.46 0.44
C VAL D 181 -22.71 3.68 1.80
N LEU D 182 -22.01 2.65 2.27
CA LEU D 182 -21.18 2.75 3.47
C LEU D 182 -19.70 2.54 3.13
N VAL D 183 -18.87 3.48 3.57
CA VAL D 183 -17.43 3.41 3.37
C VAL D 183 -16.76 3.27 4.73
N ASP D 184 -15.98 2.20 4.89
CA ASP D 184 -15.33 1.88 6.14
C ASP D 184 -13.82 2.11 5.99
N LEU D 185 -13.27 3.00 6.82
CA LEU D 185 -11.90 3.48 6.65
C LEU D 185 -10.97 3.07 7.81
N PRO D 186 -10.13 2.04 7.61
CA PRO D 186 -9.12 1.70 8.61
C PRO D 186 -8.18 2.86 8.93
N PHE D 187 -7.83 3.01 10.20
CA PHE D 187 -7.03 4.14 10.69
C PHE D 187 -5.76 4.37 9.88
N ASP D 188 -5.00 3.31 9.62
CA ASP D 188 -3.74 3.42 8.88
C ASP D 188 -3.94 3.79 7.40
N VAL D 189 -5.09 3.41 6.85
CA VAL D 189 -5.46 3.78 5.47
C VAL D 189 -5.70 5.28 5.37
N GLN D 190 -6.40 5.83 6.36
CA GLN D 190 -6.73 7.25 6.39
C GLN D 190 -5.49 8.15 6.41
N VAL D 191 -4.51 7.81 7.27
CA VAL D 191 -3.34 8.68 7.51
C VAL D 191 -2.16 8.48 6.54
N ALA D 192 -2.20 7.44 5.72
CA ALA D 192 -1.11 7.16 4.80
C ALA D 192 -1.06 8.18 3.66
N GLU D 193 0.16 8.47 3.20
CA GLU D 193 0.38 9.44 2.13
C GLU D 193 0.11 8.80 0.76
N ILE D 194 -0.55 9.55 -0.10
CA ILE D 194 -0.79 9.15 -1.49
C ILE D 194 -0.46 10.30 -2.42
N GLU D 195 -0.31 9.98 -3.70
CA GLU D 195 -0.19 11.01 -4.73
C GLU D 195 -1.56 11.19 -5.38
N PHE D 196 -2.01 12.43 -5.42
CA PHE D 196 -3.35 12.76 -5.92
C PHE D 196 -3.39 14.17 -6.52
N ASP D 197 -3.82 14.28 -7.78
CA ASP D 197 -4.01 15.58 -8.41
C ASP D 197 -5.50 15.89 -8.47
N PRO D 198 -5.98 16.80 -7.60
CA PRO D 198 -7.41 17.10 -7.56
C PRO D 198 -7.94 17.79 -8.84
N ASP D 199 -7.09 18.52 -9.55
CA ASP D 199 -7.47 19.10 -10.84
C ASP D 199 -7.84 18.03 -11.87
N TYR D 201 -9.32 15.12 -11.16
CA TYR D 201 -10.47 14.33 -10.73
C TYR D 201 -11.74 14.69 -11.49
N GLU D 202 -12.39 13.66 -12.07
CA GLU D 202 -13.64 13.82 -12.83
C GLU D 202 -14.74 12.94 -12.25
N PRO D 203 -15.84 13.54 -11.78
CA PRO D 203 -17.01 12.71 -11.42
C PRO D 203 -17.47 11.82 -12.56
N LEU D 204 -17.88 10.59 -12.25
CA LEU D 204 -18.28 9.62 -13.25
C LEU D 204 -19.65 9.96 -13.85
N PRO D 205 -19.89 9.55 -15.10
CA PRO D 205 -21.20 9.83 -15.69
C PRO D 205 -22.31 9.03 -15.00
N VAL D 206 -23.50 9.62 -14.90
CA VAL D 206 -24.63 8.98 -14.23
C VAL D 206 -25.35 8.07 -15.23
N TYR D 207 -25.53 6.81 -14.86
CA TYR D 207 -26.26 5.85 -15.70
C TYR D 207 -27.77 5.90 -15.45
N LYS D 208 -28.54 6.07 -16.52
CA LYS D 208 -30.00 6.01 -16.45
C LYS D 208 -30.58 5.44 -17.75
N PRO D 209 -31.37 4.35 -17.66
CA PRO D 209 -32.02 3.86 -18.88
C PRO D 209 -33.15 4.80 -19.33
N ALA D 210 -33.40 4.81 -20.64
CA ALA D 210 -34.42 5.69 -21.22
C ALA D 210 -35.30 4.89 -22.17
N ALA D 211 -36.60 5.20 -22.15
CA ALA D 211 -37.58 4.54 -23.02
C ALA D 211 -37.38 4.97 -24.47
N SER D 212 -37.85 4.12 -25.38
CA SER D 212 -37.81 4.42 -26.81
C SER D 212 -39.14 5.02 -27.26
N ARG D 213 -39.10 5.78 -28.36
CA ARG D 213 -40.29 6.37 -28.96
C ARG D 213 -41.38 5.31 -29.20
N GLN D 215 -41.93 2.40 -27.62
CA GLN D 215 -42.55 1.92 -26.38
C GLN D 215 -43.59 2.92 -25.86
N ILE D 216 -43.24 4.20 -25.90
CA ILE D 216 -44.12 5.26 -25.40
C ILE D 216 -45.35 5.42 -26.29
N GLU D 217 -45.17 5.32 -27.61
CA GLU D 217 -46.30 5.34 -28.54
C GLU D 217 -47.30 4.23 -28.23
N LYS D 218 -46.81 3.02 -27.95
CA LYS D 218 -47.65 1.90 -27.58
C LYS D 218 -48.41 2.18 -26.29
N ALA D 219 -47.73 2.79 -25.31
CA ALA D 219 -48.35 3.13 -24.03
C ALA D 219 -49.48 4.15 -24.20
N VAL D 220 -49.24 5.18 -25.02
CA VAL D 220 -50.25 6.22 -25.25
C VAL D 220 -51.40 5.66 -26.10
N GLU D 221 -51.10 4.83 -27.08
CA GLU D 221 -52.14 4.16 -27.87
C GLU D 221 -53.06 3.31 -26.98
N LEU D 223 -53.46 3.90 -23.59
CA LEU D 223 -54.15 4.87 -22.75
C LEU D 223 -55.39 5.46 -23.42
N ILE D 224 -55.30 5.77 -24.71
CA ILE D 224 -56.41 6.41 -25.42
C ILE D 224 -57.63 5.49 -25.59
N GLN D 225 -57.43 4.18 -25.63
CA GLN D 225 -58.58 3.26 -25.73
C GLN D 225 -59.16 2.85 -24.37
N ALA D 226 -58.58 3.34 -23.28
CA ALA D 226 -59.14 3.16 -21.94
C ALA D 226 -60.29 4.15 -21.74
N GLU D 227 -61.41 3.66 -21.19
CA GLU D 227 -62.57 4.50 -20.93
C GLU D 227 -62.44 5.32 -19.65
N ARG D 228 -61.81 4.73 -18.63
CA ARG D 228 -61.72 5.31 -17.29
C ARG D 228 -60.32 5.15 -16.69
N PRO D 229 -59.31 5.76 -17.33
CA PRO D 229 -57.92 5.55 -16.90
C PRO D 229 -57.52 6.41 -15.70
N VAL D 230 -56.56 5.92 -14.92
CA VAL D 230 -55.90 6.73 -13.89
C VAL D 230 -54.39 6.58 -13.98
N ILE D 231 -53.69 7.66 -13.69
CA ILE D 231 -52.24 7.66 -13.57
C ILE D 231 -51.89 7.51 -12.10
N VAL D 232 -51.06 6.52 -11.78
CA VAL D 232 -50.52 6.36 -10.43
C VAL D 232 -49.07 6.85 -10.46
N ALA D 233 -48.84 7.99 -9.79
CA ALA D 233 -47.54 8.66 -9.80
C ALA D 233 -46.77 8.33 -8.53
N GLY D 234 -45.63 7.66 -8.69
CA GLY D 234 -44.85 7.18 -7.56
C GLY D 234 -43.67 8.06 -7.21
N GLY D 235 -42.96 7.68 -6.15
CA GLY D 235 -41.77 8.39 -5.69
C GLY D 235 -40.64 8.46 -6.70
N GLY D 236 -40.70 7.61 -7.73
CA GLY D 236 -39.75 7.67 -8.84
C GLY D 236 -39.83 8.96 -9.65
N VAL D 237 -41.04 9.50 -9.77
CA VAL D 237 -41.24 10.79 -10.45
C VAL D 237 -40.49 11.88 -9.69
N ILE D 238 -40.65 11.90 -8.37
CA ILE D 238 -39.94 12.84 -7.50
C ILE D 238 -38.42 12.60 -7.52
N ASN D 239 -38.03 11.33 -7.52
CA ASN D 239 -36.60 10.97 -7.57
C ASN D 239 -35.95 11.51 -8.85
N ALA D 240 -36.67 11.43 -9.96
CA ALA D 240 -36.19 11.89 -11.28
C ALA D 240 -36.32 13.40 -11.47
N ASP D 241 -36.96 14.09 -10.52
CA ASP D 241 -37.18 15.54 -10.58
C ASP D 241 -38.11 15.91 -11.76
N ALA D 242 -39.21 15.17 -11.87
CA ALA D 242 -40.08 15.23 -13.03
C ALA D 242 -41.55 15.57 -12.72
N ALA D 243 -41.77 16.35 -11.66
CA ALA D 243 -43.12 16.71 -11.22
C ALA D 243 -43.87 17.61 -12.22
N ALA D 244 -43.17 18.61 -12.75
CA ALA D 244 -43.78 19.52 -13.73
C ALA D 244 -44.22 18.77 -14.98
N LEU D 245 -43.37 17.85 -15.46
CA LEU D 245 -43.67 17.05 -16.65
C LEU D 245 -44.83 16.08 -16.44
N LEU D 246 -44.94 15.52 -15.24
CA LEU D 246 -46.06 14.63 -14.91
C LEU D 246 -47.38 15.37 -14.95
N GLN D 247 -47.43 16.50 -14.27
CA GLN D 247 -48.58 17.39 -14.28
C GLN D 247 -48.96 17.77 -15.72
N GLN D 248 -47.96 18.12 -16.52
CA GLN D 248 -48.19 18.49 -17.93
C GLN D 248 -48.80 17.34 -18.73
N PHE D 249 -48.28 16.13 -18.53
CA PHE D 249 -48.79 14.94 -19.24
C PHE D 249 -50.24 14.64 -18.86
N ALA D 250 -50.54 14.73 -17.56
CA ALA D 250 -51.90 14.54 -17.07
C ALA D 250 -52.86 15.58 -17.66
N GLU D 251 -52.43 16.83 -17.69
CA GLU D 251 -53.22 17.94 -18.25
C GLU D 251 -53.52 17.73 -19.73
N LEU D 252 -52.49 17.35 -20.50
CA LEU D 252 -52.65 17.13 -21.95
C LEU D 252 -53.59 15.97 -22.28
N THR D 253 -53.58 14.92 -21.47
CA THR D 253 -54.44 13.74 -21.71
C THR D 253 -55.76 13.79 -20.94
N SER D 254 -55.87 14.74 -20.00
CA SER D 254 -57.04 14.85 -19.13
C SER D 254 -57.28 13.59 -18.29
N VAL D 255 -56.21 13.03 -17.74
CA VAL D 255 -56.30 11.78 -16.97
C VAL D 255 -56.05 12.07 -15.49
N PRO D 256 -56.99 11.68 -14.60
CA PRO D 256 -56.81 11.88 -13.16
C PRO D 256 -55.55 11.22 -12.61
N VAL D 257 -54.96 11.85 -11.60
CA VAL D 257 -53.73 11.37 -11.00
C VAL D 257 -53.95 10.90 -9.57
N ILE D 258 -53.43 9.71 -9.28
CA ILE D 258 -53.35 9.16 -7.94
C ILE D 258 -51.89 9.12 -7.52
N PRO D 259 -51.45 10.03 -6.63
CA PRO D 259 -50.09 9.81 -6.14
C PRO D 259 -50.02 8.69 -5.11
N THR D 260 -48.94 7.93 -5.12
CA THR D 260 -48.63 7.04 -4.00
C THR D 260 -48.22 7.93 -2.84
N LEU D 261 -48.05 7.35 -1.66
CA LEU D 261 -47.59 8.12 -0.50
C LEU D 261 -46.23 8.77 -0.79
N GLY D 263 -45.11 9.45 -3.90
CA GLY D 263 -45.31 10.38 -5.01
C GLY D 263 -46.10 11.63 -4.64
N TRP D 264 -46.63 11.64 -3.42
CA TRP D 264 -47.46 12.73 -2.92
C TRP D 264 -46.79 14.11 -3.07
N GLY D 265 -47.45 15.00 -3.80
CA GLY D 265 -46.94 16.35 -4.04
C GLY D 265 -46.49 16.61 -5.46
N CYS D 266 -46.30 15.57 -6.26
CA CYS D 266 -45.79 15.74 -7.63
C CYS D 266 -46.84 16.36 -8.56
N ILE D 267 -48.09 16.34 -8.11
CA ILE D 267 -49.14 17.21 -8.65
C ILE D 267 -49.85 17.83 -7.44
N PRO D 268 -50.12 19.16 -7.48
CA PRO D 268 -50.68 19.80 -6.28
C PRO D 268 -52.06 19.27 -5.87
N ASP D 269 -52.32 19.21 -4.57
CA ASP D 269 -53.59 18.65 -4.05
C ASP D 269 -54.85 19.41 -4.50
N ASP D 270 -54.71 20.70 -4.78
CA ASP D 270 -55.85 21.51 -5.26
C ASP D 270 -56.00 21.51 -6.79
N HIS D 271 -55.17 20.74 -7.49
CA HIS D 271 -55.32 20.55 -8.93
C HIS D 271 -56.61 19.79 -9.21
N GLU D 272 -57.27 20.15 -10.32
CA GLU D 272 -58.54 19.54 -10.70
C GLU D 272 -58.45 18.03 -11.02
N LEU D 273 -57.26 17.58 -11.43
CA LEU D 273 -57.04 16.20 -11.85
C LEU D 273 -56.51 15.28 -10.74
N ALA D 275 -56.92 13.02 -7.93
CA ALA D 275 -58.10 12.23 -7.54
C ALA D 275 -57.99 11.56 -6.17
N GLY D 276 -56.95 11.88 -5.41
CA GLY D 276 -56.75 11.33 -4.08
C GLY D 276 -55.70 10.23 -4.03
N VAL D 278 -54.60 6.14 -2.66
CA VAL D 278 -55.17 4.80 -2.61
C VAL D 278 -54.38 3.91 -1.66
N GLY D 279 -55.08 3.02 -0.96
CA GLY D 279 -54.44 2.03 -0.11
C GLY D 279 -55.23 1.59 1.10
N LEU D 280 -54.52 0.95 2.03
CA LEU D 280 -55.14 0.31 3.21
C LEU D 280 -55.19 1.21 4.44
N GLN D 281 -54.29 2.20 4.51
CA GLN D 281 -54.22 3.09 5.68
C GLN D 281 -54.11 4.57 5.29
N THR D 282 -53.00 4.97 4.66
CA THR D 282 -52.81 6.37 4.25
C THR D 282 -53.48 6.64 2.90
N ALA D 283 -54.81 6.61 2.91
CA ALA D 283 -55.60 6.73 1.70
C ALA D 283 -56.90 7.47 1.96
N HIS D 284 -57.58 7.84 0.88
CA HIS D 284 -58.88 8.51 0.96
C HIS D 284 -59.99 7.57 0.53
N ARG D 285 -61.21 7.82 1.00
CA ARG D 285 -62.35 7.02 0.58
C ARG D 285 -62.61 7.23 -0.91
N TYR D 286 -62.47 8.47 -1.37
CA TYR D 286 -62.66 8.79 -2.79
C TYR D 286 -61.55 8.20 -3.68
N GLY D 287 -60.32 8.20 -3.18
CA GLY D 287 -59.21 7.58 -3.89
C GLY D 287 -59.45 6.10 -4.17
N ASN D 288 -59.80 5.35 -3.12
CA ASN D 288 -60.09 3.92 -3.26
C ASN D 288 -61.25 3.64 -4.21
N ALA D 289 -62.29 4.47 -4.14
CA ALA D 289 -63.48 4.28 -4.97
C ALA D 289 -63.19 4.57 -6.45
N THR D 290 -62.41 5.62 -6.69
CA THR D 290 -61.97 5.98 -8.05
C THR D 290 -61.15 4.84 -8.67
N LEU D 291 -60.22 4.28 -7.90
CA LEU D 291 -59.40 3.18 -8.40
C LEU D 291 -60.24 1.95 -8.72
N LEU D 292 -61.14 1.60 -7.81
CA LEU D 292 -62.05 0.46 -8.01
C LEU D 292 -63.02 0.67 -9.19
N ALA D 293 -63.28 1.92 -9.55
CA ALA D 293 -64.11 2.23 -10.71
C ALA D 293 -63.32 2.30 -12.01
N SER D 294 -61.99 2.47 -11.93
CA SER D 294 -61.15 2.66 -13.13
C SER D 294 -61.01 1.38 -13.96
N ASP D 295 -60.64 1.52 -15.23
CA ASP D 295 -60.33 0.36 -16.09
C ASP D 295 -58.86 0.29 -16.50
N VAL D 297 -54.65 1.34 -14.80
CA VAL D 297 -53.66 2.00 -13.96
C VAL D 297 -52.37 2.22 -14.77
N PHE D 298 -52.04 3.49 -14.99
CA PHE D 298 -50.83 3.89 -15.72
C PHE D 298 -49.78 4.24 -14.67
N GLY D 299 -48.97 3.25 -14.30
CA GLY D 299 -47.99 3.39 -13.23
C GLY D 299 -46.68 4.00 -13.68
N ILE D 300 -46.35 5.16 -13.13
CA ILE D 300 -45.10 5.86 -13.46
C ILE D 300 -44.28 6.12 -12.21
N GLY D 301 -43.14 5.46 -12.10
CA GLY D 301 -42.24 5.67 -10.97
C GLY D 301 -42.74 5.07 -9.67
N ASN D 302 -43.72 4.17 -9.77
CA ASN D 302 -44.20 3.45 -8.60
C ASN D 302 -43.75 1.99 -8.66
N ARG D 303 -43.70 1.36 -7.50
CA ARG D 303 -43.75 -0.11 -7.42
C ARG D 303 -45.15 -0.30 -6.92
N PHE D 304 -45.61 -1.53 -6.71
CA PHE D 304 -47.01 -1.67 -6.31
C PHE D 304 -47.07 -2.17 -4.88
N ALA D 305 -46.80 -1.23 -3.98
CA ALA D 305 -46.55 -1.56 -2.57
C ALA D 305 -47.73 -2.27 -1.93
N ASN D 306 -47.38 -3.25 -1.10
CA ASN D 306 -48.28 -4.03 -0.26
C ASN D 306 -49.48 -3.25 0.32
N ARG D 307 -49.22 -2.09 0.93
CA ARG D 307 -50.29 -1.30 1.58
C ARG D 307 -51.00 -0.30 0.66
N HIS D 308 -50.52 -0.21 -0.57
CA HIS D 308 -51.19 0.53 -1.63
C HIS D 308 -52.24 -0.34 -2.30
N THR D 309 -51.92 -1.61 -2.54
CA THR D 309 -52.75 -2.50 -3.36
C THR D 309 -53.73 -3.37 -2.59
N GLY D 310 -53.30 -3.83 -1.41
CA GLY D 310 -53.99 -4.93 -0.74
C GLY D 310 -53.69 -6.19 -1.53
N SER D 311 -54.67 -7.07 -1.63
CA SER D 311 -54.55 -8.25 -2.50
C SER D 311 -54.45 -7.80 -3.95
N VAL D 312 -53.36 -8.20 -4.59
CA VAL D 312 -53.07 -7.86 -6.00
C VAL D 312 -54.22 -8.26 -6.94
N GLU D 313 -54.85 -9.40 -6.69
CA GLU D 313 -55.98 -9.87 -7.49
C GLU D 313 -57.11 -8.85 -7.50
N LYS D 314 -57.38 -8.27 -6.34
CA LYS D 314 -58.44 -7.25 -6.20
C LYS D 314 -58.03 -5.93 -6.85
N TYR D 315 -56.78 -5.52 -6.67
CA TYR D 315 -56.27 -4.27 -7.25
C TYR D 315 -56.30 -4.26 -8.78
N THR D 316 -56.14 -5.44 -9.39
CA THR D 316 -56.00 -5.59 -10.83
C THR D 316 -57.30 -6.00 -11.56
N GLU D 317 -58.32 -6.40 -10.79
CA GLU D 317 -59.57 -6.93 -11.37
C GLU D 317 -60.17 -6.01 -12.43
N GLY D 318 -60.36 -6.55 -13.63
CA GLY D 318 -61.00 -5.85 -14.75
C GLY D 318 -60.27 -4.60 -15.21
N ARG D 319 -58.95 -4.64 -15.15
CA ARG D 319 -58.14 -3.43 -15.20
C ARG D 319 -56.82 -3.72 -15.89
N LYS D 320 -56.45 -2.89 -16.86
CA LYS D 320 -55.14 -3.01 -17.52
C LYS D 320 -54.08 -2.25 -16.74
N ILE D 321 -52.84 -2.73 -16.80
CA ILE D 321 -51.73 -2.15 -16.03
C ILE D 321 -50.55 -1.80 -16.92
N VAL D 322 -50.12 -0.54 -16.88
CA VAL D 322 -48.86 -0.13 -17.47
C VAL D 322 -47.92 0.24 -16.34
N HIS D 323 -46.65 -0.14 -16.47
CA HIS D 323 -45.68 0.09 -15.42
C HIS D 323 -44.36 0.59 -15.97
N ILE D 324 -44.01 1.82 -15.62
CA ILE D 324 -42.74 2.43 -16.02
C ILE D 324 -41.85 2.59 -14.78
N ASP D 325 -40.70 1.93 -14.79
CA ASP D 325 -39.75 1.96 -13.66
C ASP D 325 -38.31 2.01 -14.20
N ILE D 326 -37.42 2.63 -13.44
CA ILE D 326 -36.00 2.71 -13.81
C ILE D 326 -35.29 1.36 -13.63
N GLU D 327 -35.84 0.52 -12.75
CA GLU D 327 -35.24 -0.77 -12.40
C GLU D 327 -35.97 -1.95 -13.05
N PRO D 328 -35.31 -2.68 -13.95
CA PRO D 328 -35.92 -3.86 -14.58
C PRO D 328 -36.58 -4.83 -13.62
N THR D 329 -35.88 -5.19 -12.54
CA THR D 329 -36.36 -6.21 -11.59
C THR D 329 -37.46 -5.72 -10.64
N GLN D 330 -37.90 -4.47 -10.79
CA GLN D 330 -39.09 -3.97 -10.09
C GLN D 330 -40.38 -4.19 -10.91
N ILE D 331 -40.21 -4.50 -12.20
CA ILE D 331 -41.34 -4.71 -13.10
C ILE D 331 -41.69 -6.20 -13.14
N GLY D 332 -42.84 -6.57 -12.59
CA GLY D 332 -43.29 -7.96 -12.52
C GLY D 332 -43.00 -8.64 -11.17
N ARG D 333 -42.48 -7.86 -10.24
CA ARG D 333 -42.10 -8.37 -8.93
C ARG D 333 -43.32 -8.71 -8.04
N VAL D 334 -44.35 -7.87 -8.12
CA VAL D 334 -45.55 -8.04 -7.30
C VAL D 334 -46.74 -8.46 -8.16
N LEU D 335 -46.87 -7.85 -9.33
CA LEU D 335 -47.86 -8.27 -10.34
C LEU D 335 -47.28 -8.17 -11.73
N CYS D 336 -47.88 -8.90 -12.67
CA CYS D 336 -47.40 -8.89 -14.06
C CYS D 336 -48.15 -7.82 -14.87
N PRO D 337 -47.44 -6.77 -15.33
CA PRO D 337 -48.11 -5.70 -16.05
C PRO D 337 -48.47 -6.09 -17.49
N ASP D 338 -49.48 -5.43 -18.04
CA ASP D 338 -49.83 -5.60 -19.45
C ASP D 338 -48.75 -5.08 -20.39
N LEU D 339 -48.04 -4.02 -19.99
CA LEU D 339 -46.95 -3.47 -20.82
C LEU D 339 -45.57 -3.53 -20.13
N GLY D 340 -45.30 -2.62 -19.19
CA GLY D 340 -43.99 -2.63 -18.51
C GLY D 340 -42.83 -2.10 -19.36
N ILE D 341 -42.29 -0.95 -18.95
CA ILE D 341 -41.21 -0.26 -19.68
C ILE D 341 -40.08 0.15 -18.72
N VAL D 342 -38.84 -0.13 -19.10
CA VAL D 342 -37.69 0.26 -18.27
C VAL D 342 -37.20 1.66 -18.65
N SER D 343 -37.34 2.61 -17.74
CA SER D 343 -36.96 3.99 -18.03
C SER D 343 -36.89 4.89 -16.78
N ASP D 344 -35.95 5.84 -16.81
CA ASP D 344 -35.99 6.98 -15.91
C ASP D 344 -37.29 7.75 -16.17
N ALA D 345 -37.86 8.32 -15.12
CA ALA D 345 -39.19 8.92 -15.17
C ALA D 345 -39.21 10.26 -15.94
N LYS D 346 -38.10 10.99 -15.88
CA LYS D 346 -37.99 12.27 -16.58
C LYS D 346 -37.88 12.06 -18.09
N ALA D 347 -37.04 11.11 -18.50
CA ALA D 347 -36.89 10.75 -19.92
C ALA D 347 -38.19 10.23 -20.51
N ALA D 348 -38.88 9.37 -19.76
CA ALA D 348 -40.13 8.78 -20.20
C ALA D 348 -41.24 9.84 -20.32
N LEU D 349 -41.31 10.75 -19.36
CA LEU D 349 -42.33 11.80 -19.35
C LEU D 349 -42.10 12.86 -20.44
N THR D 350 -40.82 13.10 -20.77
CA THR D 350 -40.47 13.99 -21.88
C THR D 350 -41.03 13.44 -23.19
N LEU D 351 -40.86 12.14 -23.43
CA LEU D 351 -41.47 11.46 -24.58
C LEU D 351 -43.00 11.45 -24.51
N LEU D 352 -43.54 11.13 -23.34
CA LEU D 352 -45.01 11.05 -23.17
C LEU D 352 -45.69 12.37 -23.50
N VAL D 353 -45.11 13.48 -23.06
CA VAL D 353 -45.59 14.82 -23.40
C VAL D 353 -45.51 15.09 -24.90
N GLU D 354 -44.37 14.74 -25.49
CA GLU D 354 -44.15 14.91 -26.93
C GLU D 354 -45.15 14.10 -27.75
N VAL D 355 -45.35 12.83 -27.39
CA VAL D 355 -46.29 11.95 -28.09
C VAL D 355 -47.74 12.40 -27.89
N ALA D 356 -48.08 12.81 -26.67
CA ALA D 356 -49.41 13.37 -26.39
C ALA D 356 -49.72 14.63 -27.23
N GLN D 357 -48.75 15.52 -27.36
CA GLN D 357 -48.90 16.73 -28.19
C GLN D 357 -49.14 16.41 -29.67
N GLU D 358 -48.52 15.35 -30.16
CA GLU D 358 -48.73 14.90 -31.53
C GLU D 358 -50.11 14.26 -31.73
N GLN D 360 -52.72 15.10 -29.97
CA GLN D 360 -53.63 16.25 -29.84
C GLN D 360 -53.73 17.05 -31.13
N LYS D 361 -52.63 17.16 -31.87
CA LYS D 361 -52.63 17.86 -33.17
C LYS D 361 -53.43 17.10 -34.23
N ALA D 362 -53.35 15.77 -34.18
CA ALA D 362 -54.36 14.93 -34.85
C ALA D 362 -55.60 14.93 -33.97
N GLY D 363 -56.65 14.21 -34.36
CA GLY D 363 -57.88 14.20 -33.56
C GLY D 363 -58.00 12.97 -32.70
N ARG D 364 -56.89 12.57 -32.06
CA ARG D 364 -56.76 11.23 -31.53
C ARG D 364 -56.83 11.09 -30.00
N LEU D 365 -56.73 12.20 -29.26
CA LEU D 365 -56.91 12.16 -27.80
C LEU D 365 -58.38 12.31 -27.44
N PRO D 366 -58.97 11.30 -26.78
CA PRO D 366 -60.38 11.41 -26.44
C PRO D 366 -60.69 12.45 -25.36
N CYS D 367 -61.92 12.94 -25.38
CA CYS D 367 -62.44 13.82 -24.36
C CYS D 367 -62.79 12.97 -23.14
N ARG D 368 -62.40 13.42 -21.96
CA ARG D 368 -62.61 12.65 -20.73
C ARG D 368 -63.40 13.43 -19.68
N LYS D 369 -64.27 14.32 -20.15
CA LYS D 369 -65.02 15.25 -19.28
C LYS D 369 -65.84 14.53 -18.21
N GLU D 370 -66.58 13.50 -18.60
CA GLU D 370 -67.46 12.75 -17.70
C GLU D 370 -66.69 12.00 -16.59
N TRP D 371 -65.64 11.29 -16.97
CA TRP D 371 -64.85 10.51 -16.01
C TRP D 371 -64.13 11.41 -15.00
N VAL D 372 -63.53 12.51 -15.47
CA VAL D 372 -62.91 13.48 -14.54
C VAL D 372 -63.96 14.07 -13.61
N ALA D 373 -65.17 14.29 -14.13
CA ALA D 373 -66.24 14.89 -13.36
C ALA D 373 -66.62 14.02 -12.18
N ASP D 374 -66.94 12.75 -12.41
CA ASP D 374 -67.41 11.88 -11.32
C ASP D 374 -66.31 11.44 -10.36
N CYS D 375 -65.04 11.56 -10.78
CA CYS D 375 -63.90 11.47 -9.85
C CYS D 375 -63.95 12.62 -8.84
N GLN D 376 -64.21 13.82 -9.35
CA GLN D 376 -64.37 15.02 -8.49
C GLN D 376 -65.64 14.95 -7.61
N GLN D 377 -66.69 14.32 -8.12
CA GLN D 377 -67.92 14.14 -7.34
C GLN D 377 -67.66 13.25 -6.11
N ARG D 378 -66.90 12.18 -6.30
CA ARG D 378 -66.46 11.34 -5.18
C ARG D 378 -65.64 12.15 -4.19
N LYS D 379 -64.75 12.97 -4.72
CA LYS D 379 -63.80 13.74 -3.92
C LYS D 379 -64.47 14.76 -3.00
N ARG D 380 -65.70 15.17 -3.30
CA ARG D 380 -66.40 16.12 -2.42
C ARG D 380 -67.62 15.53 -1.68
N THR D 381 -67.77 14.21 -1.69
CA THR D 381 -68.80 13.55 -0.85
C THR D 381 -68.30 12.40 0.05
N LEU D 382 -67.21 11.75 -0.34
CA LEU D 382 -66.70 10.60 0.42
C LEU D 382 -65.58 11.06 1.37
N LEU D 383 -65.97 11.79 2.41
CA LEU D 383 -65.03 12.45 3.31
C LEU D 383 -65.04 11.88 4.72
N ARG D 384 -64.12 12.37 5.56
CA ARG D 384 -64.05 12.01 6.97
C ARG D 384 -64.14 13.26 7.83
N LYS D 385 -64.90 13.16 8.92
CA LYS D 385 -65.12 14.29 9.81
C LYS D 385 -63.83 14.71 10.50
N THR D 386 -63.57 16.02 10.52
CA THR D 386 -62.42 16.60 11.23
C THR D 386 -62.82 17.64 12.28
N HIS D 387 -63.97 18.28 12.12
CA HIS D 387 -64.36 19.39 13.00
C HIS D 387 -65.02 18.92 14.30
N PHE D 388 -64.19 18.45 15.22
CA PHE D 388 -64.64 18.00 16.55
C PHE D 388 -64.32 19.06 17.62
N ASP D 389 -65.31 19.39 18.45
CA ASP D 389 -65.11 20.33 19.56
C ASP D 389 -64.79 19.62 20.89
N ASN D 390 -64.64 18.31 20.84
CA ASN D 390 -64.45 17.48 22.03
C ASN D 390 -63.25 17.88 22.89
N VAL D 391 -63.39 17.65 24.19
CA VAL D 391 -62.28 17.72 25.16
C VAL D 391 -62.38 16.48 26.05
N PRO D 392 -61.33 15.63 26.09
CA PRO D 392 -60.05 15.77 25.39
C PRO D 392 -60.13 15.70 23.86
N VAL D 393 -59.11 16.27 23.23
CA VAL D 393 -59.11 16.55 21.79
C VAL D 393 -59.08 15.30 20.92
N LYS D 394 -59.88 15.29 19.86
CA LYS D 394 -59.80 14.25 18.84
C LYS D 394 -58.70 14.62 17.83
N PRO D 395 -57.86 13.64 17.45
CA PRO D 395 -56.68 13.94 16.65
C PRO D 395 -56.99 14.53 15.27
N GLN D 396 -58.13 14.14 14.69
CA GLN D 396 -58.51 14.64 13.38
C GLN D 396 -58.78 16.16 13.37
N ARG D 397 -59.11 16.73 14.53
CA ARG D 397 -59.25 18.17 14.67
C ARG D 397 -57.91 18.90 14.56
N VAL D 398 -56.83 18.22 14.99
CA VAL D 398 -55.48 18.79 14.93
C VAL D 398 -55.06 19.07 13.49
N TYR D 399 -55.33 18.12 12.61
CA TYR D 399 -54.90 18.22 11.20
C TYR D 399 -55.68 19.32 10.46
N GLU D 400 -56.95 19.48 10.81
CA GLU D 400 -57.77 20.59 10.32
C GLU D 400 -57.13 21.95 10.64
N GLU D 401 -56.71 22.11 11.91
CA GLU D 401 -56.11 23.36 12.37
C GLU D 401 -54.75 23.64 11.75
N ASN D 403 -53.86 22.67 8.63
CA ASN D 403 -54.17 23.12 7.27
C ASN D 403 -54.52 24.62 7.22
N LYS D 404 -55.29 25.08 8.21
CA LYS D 404 -55.64 26.50 8.35
C LYS D 404 -54.46 27.39 8.74
N ALA D 405 -53.63 26.90 9.66
CA ALA D 405 -52.56 27.70 10.27
C ALA D 405 -51.35 27.89 9.37
N PHE D 406 -51.04 26.91 8.54
CA PHE D 406 -49.81 26.95 7.73
C PHE D 406 -50.12 27.23 6.28
N GLY D 407 -49.15 27.87 5.62
CA GLY D 407 -49.29 28.26 4.23
C GLY D 407 -49.16 27.09 3.28
N ARG D 408 -49.33 27.40 2.00
CA ARG D 408 -49.31 26.43 0.91
C ARG D 408 -47.91 25.83 0.69
N ASP D 409 -46.88 26.58 1.07
CA ASP D 409 -45.47 26.16 0.97
C ASP D 409 -45.00 25.27 2.14
N VAL D 410 -45.91 24.87 3.03
CA VAL D 410 -45.56 24.04 4.18
C VAL D 410 -44.90 22.72 3.74
N CYS D 411 -43.98 22.25 4.58
CA CYS D 411 -43.28 21.00 4.32
C CYS D 411 -43.37 20.07 5.53
N TYR D 412 -44.15 19.01 5.39
CA TYR D 412 -44.43 18.10 6.50
C TYR D 412 -43.41 16.97 6.58
N VAL D 413 -42.99 16.66 7.80
CA VAL D 413 -42.07 15.56 8.09
C VAL D 413 -42.72 14.63 9.09
N THR D 414 -42.77 13.34 8.78
CA THR D 414 -43.40 12.38 9.69
C THR D 414 -42.90 10.96 9.45
N THR D 415 -43.31 10.03 10.30
CA THR D 415 -42.79 8.65 10.28
C THR D 415 -43.88 7.58 10.24
N ILE D 416 -44.39 7.21 11.41
CA ILE D 416 -45.32 6.08 11.53
C ILE D 416 -46.18 6.23 12.79
N GLY D 417 -47.39 5.69 12.75
CA GLY D 417 -48.34 5.72 13.86
C GLY D 417 -49.72 6.17 13.42
N LEU D 418 -50.67 6.18 14.34
CA LEU D 418 -51.99 6.77 14.08
C LEU D 418 -51.80 8.26 13.79
N SER D 419 -50.79 8.84 14.44
CA SER D 419 -50.36 10.20 14.19
C SER D 419 -50.14 10.49 12.69
N GLN D 420 -49.33 9.67 12.04
CA GLN D 420 -49.02 9.91 10.61
C GLN D 420 -50.03 9.32 9.63
N ILE D 421 -50.74 8.25 10.02
CA ILE D 421 -51.78 7.71 9.13
C ILE D 421 -52.90 8.74 8.95
N ALA D 422 -53.42 9.25 10.06
CA ALA D 422 -54.47 10.28 10.04
C ALA D 422 -53.98 11.58 9.39
N ALA D 423 -52.72 11.91 9.63
CA ALA D 423 -52.08 13.07 9.00
C ALA D 423 -52.07 12.94 7.50
N ALA D 424 -51.70 11.74 7.03
CA ALA D 424 -51.64 11.45 5.60
C ALA D 424 -53.02 11.49 4.95
N GLN D 425 -54.07 11.15 5.70
CA GLN D 425 -55.41 11.12 5.13
C GLN D 425 -56.20 12.44 5.30
N LEU D 427 -54.16 15.92 5.98
CA LEU D 427 -53.33 17.07 5.62
C LEU D 427 -53.23 17.20 4.10
N HIS D 428 -52.81 18.38 3.64
CA HIS D 428 -52.63 18.65 2.22
C HIS D 428 -51.30 19.30 1.87
N VAL D 429 -50.76 18.89 0.72
CA VAL D 429 -49.43 19.24 0.27
C VAL D 429 -49.55 19.75 -1.17
N PHE D 430 -48.69 20.70 -1.55
CA PHE D 430 -48.86 21.41 -2.82
C PHE D 430 -47.62 21.51 -3.70
N LYS D 431 -46.59 20.74 -3.37
CA LYS D 431 -45.35 20.71 -4.13
C LYS D 431 -44.61 19.41 -3.84
N ASP D 432 -43.68 19.03 -4.71
CA ASP D 432 -42.90 17.80 -4.51
C ASP D 432 -41.81 18.02 -3.46
N ARG D 433 -41.57 16.98 -2.66
CA ARG D 433 -40.67 17.03 -1.49
C ARG D 433 -41.17 17.97 -0.39
N HIS D 434 -42.49 18.12 -0.31
CA HIS D 434 -43.15 18.76 0.82
C HIS D 434 -43.91 17.73 1.66
N TRP D 435 -43.68 16.45 1.36
CA TRP D 435 -44.03 15.34 2.24
C TRP D 435 -42.80 14.45 2.40
N ILE D 436 -42.10 14.59 3.52
CA ILE D 436 -40.90 13.80 3.81
C ILE D 436 -41.25 12.69 4.79
N ASN D 437 -41.32 11.46 4.28
CA ASN D 437 -41.83 10.31 5.02
C ASN D 437 -41.15 9.01 4.62
N CYS D 438 -40.61 8.30 5.61
CA CYS D 438 -39.95 7.00 5.40
C CYS D 438 -40.99 5.88 5.23
N GLY D 439 -41.54 5.77 4.04
CA GLY D 439 -42.74 4.98 3.78
C GLY D 439 -42.67 3.46 3.87
N GLN D 440 -41.48 2.89 3.64
CA GLN D 440 -41.32 1.43 3.59
C GLN D 440 -40.80 0.83 4.90
N ALA D 441 -39.93 1.55 5.60
CA ALA D 441 -39.28 1.06 6.82
C ALA D 441 -39.91 1.64 8.09
N GLY D 442 -40.26 2.92 8.03
CA GLY D 442 -40.92 3.62 9.15
C GLY D 442 -40.32 3.40 10.53
N PRO D 443 -39.01 3.65 10.71
CA PRO D 443 -38.40 3.46 12.02
C PRO D 443 -38.77 4.56 13.01
N LEU D 444 -39.28 4.18 14.17
CA LEU D 444 -39.61 5.16 15.21
C LEU D 444 -38.35 5.92 15.62
N GLY D 445 -38.52 7.22 15.88
CA GLY D 445 -37.40 8.10 16.21
C GLY D 445 -36.91 8.91 15.01
N TRP D 446 -37.41 8.59 13.82
CA TRP D 446 -36.96 9.18 12.56
C TRP D 446 -37.28 10.67 12.43
N THR D 447 -38.44 11.07 12.97
CA THR D 447 -39.04 12.37 12.67
C THR D 447 -38.20 13.59 13.07
N ILE D 448 -37.71 13.62 14.31
CA ILE D 448 -36.92 14.77 14.78
C ILE D 448 -35.64 14.97 13.94
N PRO D 449 -34.74 13.97 13.87
CA PRO D 449 -33.53 14.18 13.07
C PRO D 449 -33.80 14.44 11.59
N ALA D 450 -34.76 13.73 11.00
CA ALA D 450 -35.12 13.93 9.60
C ALA D 450 -35.53 15.39 9.34
N ALA D 451 -36.35 15.93 10.23
CA ALA D 451 -36.76 17.34 10.16
C ALA D 451 -35.56 18.27 10.21
N LEU D 452 -34.65 18.01 11.15
CA LEU D 452 -33.45 18.83 11.29
C LEU D 452 -32.58 18.78 10.03
N GLY D 453 -32.53 17.61 9.39
CA GLY D 453 -31.79 17.43 8.15
C GLY D 453 -32.36 18.20 6.97
N VAL D 454 -33.69 18.28 6.90
CA VAL D 454 -34.36 19.10 5.88
C VAL D 454 -34.05 20.58 6.10
N CYS D 455 -34.11 21.02 7.36
CA CYS D 455 -33.81 22.40 7.72
C CYS D 455 -32.39 22.81 7.38
N ALA D 456 -31.46 21.89 7.60
CA ALA D 456 -30.05 22.11 7.26
C ALA D 456 -29.86 22.16 5.74
N ALA D 457 -30.66 21.39 5.02
CA ALA D 457 -30.63 21.37 3.56
C ALA D 457 -31.21 22.65 2.97
N ASP D 458 -32.18 23.25 3.66
CA ASP D 458 -32.88 24.45 3.18
C ASP D 458 -33.42 25.31 4.33
N PRO D 459 -32.64 26.32 4.77
CA PRO D 459 -33.07 27.28 5.80
C PRO D 459 -34.33 28.12 5.47
N LYS D 460 -34.75 28.14 4.21
CA LYS D 460 -35.97 28.84 3.78
C LYS D 460 -37.22 27.95 3.87
N ARG D 461 -37.02 26.64 4.06
CA ARG D 461 -38.13 25.69 4.07
C ARG D 461 -39.00 25.84 5.35
N ASN D 462 -40.31 25.95 5.15
CA ASN D 462 -41.27 26.05 6.25
C ASN D 462 -41.60 24.66 6.76
N VAL D 463 -40.68 24.09 7.54
CA VAL D 463 -40.76 22.69 8.01
C VAL D 463 -41.64 22.51 9.23
N VAL D 464 -42.57 21.57 9.14
CA VAL D 464 -43.48 21.23 10.23
C VAL D 464 -43.55 19.70 10.39
N ALA D 465 -43.21 19.20 11.57
CA ALA D 465 -43.19 17.76 11.82
C ALA D 465 -44.43 17.30 12.60
N ILE D 466 -44.84 16.06 12.35
CA ILE D 466 -45.90 15.42 13.13
C ILE D 466 -45.38 14.14 13.78
N SER D 467 -45.57 14.01 15.08
CA SER D 467 -45.25 12.78 15.80
C SER D 467 -46.30 12.44 16.84
N GLY D 468 -46.41 11.15 17.13
CA GLY D 468 -47.04 10.67 18.35
C GLY D 468 -46.03 10.66 19.48
N ASP D 469 -46.50 10.41 20.71
CA ASP D 469 -45.65 10.50 21.90
C ASP D 469 -44.50 9.50 21.92
N PHE D 470 -44.75 8.28 21.43
CA PHE D 470 -43.73 7.23 21.41
C PHE D 470 -42.63 7.54 20.39
N ASP D 471 -43.02 7.88 19.16
CA ASP D 471 -42.06 8.30 18.12
C ASP D 471 -41.19 9.47 18.60
N PHE D 472 -41.83 10.44 19.25
CA PHE D 472 -41.16 11.62 19.79
C PHE D 472 -40.06 11.25 20.81
N GLN D 473 -40.32 10.23 21.61
CA GLN D 473 -39.42 9.84 22.72
C GLN D 473 -38.18 9.04 22.30
N PHE D 474 -38.32 8.21 21.27
CA PHE D 474 -37.20 7.38 20.76
C PHE D 474 -35.87 8.11 20.68
N LEU D 475 -35.85 9.23 19.96
CA LEU D 475 -34.65 10.06 19.79
C LEU D 475 -34.92 11.51 20.22
N ILE D 476 -35.56 11.67 21.37
CA ILE D 476 -35.98 12.97 21.89
C ILE D 476 -34.81 13.95 22.13
N GLU D 477 -33.64 13.40 22.45
CA GLU D 477 -32.44 14.19 22.77
C GLU D 477 -31.90 15.00 21.59
N GLU D 478 -32.26 14.62 20.36
CA GLU D 478 -31.83 15.33 19.17
C GLU D 478 -32.40 16.75 19.07
N LEU D 479 -33.45 17.04 19.83
CA LEU D 479 -33.93 18.43 19.97
C LEU D 479 -32.80 19.36 20.42
N ALA D 480 -31.90 18.86 21.27
CA ALA D 480 -30.75 19.65 21.76
C ALA D 480 -29.75 19.99 20.66
N VAL D 481 -29.72 19.22 19.58
CA VAL D 481 -28.96 19.57 18.38
C VAL D 481 -29.56 20.82 17.75
N GLY D 482 -30.89 20.83 17.65
CA GLY D 482 -31.61 22.00 17.15
C GLY D 482 -31.41 23.24 17.99
N ALA D 483 -31.15 23.05 19.28
CA ALA D 483 -30.90 24.15 20.20
C ALA D 483 -29.45 24.65 20.11
N GLN D 484 -28.49 23.72 20.17
CA GLN D 484 -27.06 24.07 20.15
C GLN D 484 -26.70 24.80 18.87
N PHE D 485 -26.98 24.18 17.74
CA PHE D 485 -26.92 24.82 16.45
C PHE D 485 -28.31 25.43 16.34
N ASN D 486 -28.48 26.57 15.70
CA ASN D 486 -29.79 27.24 15.78
C ASN D 486 -30.66 26.85 14.59
N ILE D 487 -31.26 25.67 14.67
CA ILE D 487 -32.04 25.09 13.56
C ILE D 487 -33.54 25.04 13.91
N PRO D 488 -34.30 26.08 13.51
CA PRO D 488 -35.70 26.17 13.90
C PRO D 488 -36.67 25.42 12.98
N TYR D 489 -37.67 24.80 13.60
CA TYR D 489 -38.85 24.25 12.92
C TYR D 489 -39.94 24.04 13.96
N ILE D 490 -41.13 23.66 13.51
CA ILE D 490 -42.26 23.42 14.41
C ILE D 490 -42.54 21.93 14.49
N HIS D 491 -42.60 21.39 15.71
CA HIS D 491 -42.92 19.98 15.89
C HIS D 491 -44.27 19.79 16.58
N VAL D 492 -45.24 19.27 15.84
CA VAL D 492 -46.55 19.00 16.37
C VAL D 492 -46.53 17.61 17.02
N LEU D 493 -46.81 17.57 18.32
CA LEU D 493 -46.79 16.34 19.09
C LEU D 493 -48.20 16.00 19.54
N VAL D 494 -48.75 14.91 19.02
CA VAL D 494 -50.09 14.46 19.40
C VAL D 494 -49.97 13.32 20.42
N ASN D 495 -50.37 13.62 21.65
CA ASN D 495 -50.08 12.75 22.80
C ASN D 495 -51.33 12.03 23.32
N ASN D 496 -51.33 10.71 23.18
CA ASN D 496 -52.41 9.88 23.74
C ASN D 496 -51.92 8.86 24.79
N ALA D 497 -50.69 9.01 25.25
CA ALA D 497 -50.08 8.09 26.21
C ALA D 497 -50.24 6.61 25.82
N TYR D 498 -50.06 6.33 24.54
CA TYR D 498 -50.34 5.03 23.94
C TYR D 498 -49.43 4.75 22.76
N LEU D 499 -49.13 3.48 22.53
CA LEU D 499 -48.72 3.00 21.21
C LEU D 499 -50.03 2.82 20.46
N GLY D 500 -50.53 3.91 19.88
CA GLY D 500 -51.88 3.94 19.30
C GLY D 500 -52.15 2.90 18.24
N LEU D 501 -51.30 2.87 17.22
CA LEU D 501 -51.46 1.96 16.09
C LEU D 501 -51.47 0.49 16.52
N ILE D 502 -50.58 0.15 17.45
CA ILE D 502 -50.47 -1.24 17.93
C ILE D 502 -51.67 -1.62 18.78
N ARG D 503 -52.12 -0.72 19.66
CA ARG D 503 -53.36 -0.92 20.41
C ARG D 503 -54.52 -1.25 19.46
N GLN D 504 -54.64 -0.49 18.38
CA GLN D 504 -55.69 -0.73 17.38
C GLN D 504 -55.53 -2.09 16.69
N SER D 505 -54.30 -2.47 16.34
CA SER D 505 -54.05 -3.77 15.70
C SER D 505 -54.30 -4.95 16.65
N GLN D 506 -54.22 -4.71 17.95
CA GLN D 506 -54.45 -5.74 18.96
C GLN D 506 -55.95 -6.05 19.19
N ARG D 507 -56.84 -5.26 18.59
CA ARG D 507 -58.28 -5.50 18.67
C ARG D 507 -58.64 -6.89 18.14
N ALA D 508 -58.01 -7.27 17.02
CA ALA D 508 -58.20 -8.60 16.42
C ALA D 508 -57.83 -9.76 17.35
N PHE D 509 -56.89 -9.51 18.25
CA PHE D 509 -56.48 -10.49 19.28
C PHE D 509 -57.21 -10.29 20.62
N ASP D 510 -58.19 -9.39 20.64
CA ASP D 510 -59.04 -9.17 21.83
C ASP D 510 -58.24 -8.77 23.09
N ASP D 512 -55.47 -5.49 25.13
CA ASP D 512 -54.79 -4.18 25.26
C ASP D 512 -53.62 -4.44 26.21
N TYR D 513 -52.45 -4.71 25.63
CA TYR D 513 -51.35 -5.37 26.34
C TYR D 513 -49.98 -4.82 25.92
N CYS D 514 -49.27 -4.22 26.88
CA CYS D 514 -47.92 -3.65 26.68
C CYS D 514 -47.88 -2.46 25.72
N VAL D 515 -49.00 -1.73 25.62
CA VAL D 515 -49.09 -0.61 24.66
C VAL D 515 -49.38 0.74 25.32
N GLN D 516 -49.49 0.77 26.65
CA GLN D 516 -49.73 2.01 27.38
C GLN D 516 -48.44 2.63 27.91
N LEU D 517 -48.36 3.96 27.83
CA LEU D 517 -47.22 4.74 28.34
C LEU D 517 -47.60 5.63 29.53
N ALA D 518 -48.85 5.56 29.97
CA ALA D 518 -49.35 6.43 31.02
C ALA D 518 -48.80 6.06 32.41
N PHE D 519 -48.50 7.08 33.20
CA PHE D 519 -48.25 6.94 34.62
C PHE D 519 -48.44 8.29 35.31
N GLU D 520 -48.63 8.27 36.63
CA GLU D 520 -48.73 9.52 37.40
C GLU D 520 -47.32 10.08 37.61
N ASN D 521 -47.03 11.16 36.90
CA ASN D 521 -45.75 11.83 37.01
C ASN D 521 -45.66 12.53 38.36
N ILE D 522 -44.69 12.11 39.18
CA ILE D 522 -44.54 12.65 40.54
C ILE D 522 -44.08 14.10 40.59
N ASN D 523 -43.64 14.64 39.45
CA ASN D 523 -43.26 16.07 39.34
C ASN D 523 -44.28 16.93 38.60
N SER D 524 -45.34 16.31 38.05
CA SER D 524 -46.25 17.02 37.13
C SER D 524 -47.71 16.54 37.19
N SER D 525 -48.52 17.24 37.98
CA SER D 525 -49.98 17.00 38.02
C SER D 525 -50.67 17.45 36.72
N GLU D 526 -50.13 18.52 36.12
CA GLU D 526 -50.71 19.17 34.93
C GLU D 526 -50.98 18.18 33.79
N VAL D 527 -50.15 17.14 33.68
CA VAL D 527 -50.29 16.12 32.62
C VAL D 527 -51.35 15.05 32.90
N ASN D 528 -51.97 15.08 34.09
CA ASN D 528 -53.11 14.21 34.42
C ASN D 528 -52.85 12.71 34.16
N GLY D 529 -51.72 12.21 34.64
CA GLY D 529 -51.38 10.79 34.51
C GLY D 529 -51.06 10.31 33.10
N TYR D 530 -50.73 11.23 32.20
CA TYR D 530 -50.31 10.87 30.83
C TYR D 530 -48.84 10.44 30.78
N GLY D 531 -48.12 10.66 31.88
CA GLY D 531 -46.75 10.15 32.02
C GLY D 531 -45.69 11.21 31.78
N VAL D 532 -45.00 11.10 30.65
CA VAL D 532 -43.91 12.01 30.34
C VAL D 532 -44.41 13.44 30.16
N ASP D 533 -43.68 14.37 30.77
CA ASP D 533 -43.94 15.80 30.62
C ASP D 533 -43.03 16.31 29.49
N HIS D 534 -43.57 16.30 28.27
CA HIS D 534 -42.81 16.68 27.09
C HIS D 534 -42.40 18.18 27.07
N VAL D 535 -43.18 19.03 27.74
CA VAL D 535 -42.85 20.45 27.86
C VAL D 535 -41.58 20.64 28.69
N LYS D 536 -41.51 20.01 29.85
CA LYS D 536 -40.30 20.07 30.69
C LYS D 536 -39.09 19.46 30.01
N VAL D 537 -39.29 18.33 29.33
CA VAL D 537 -38.18 17.67 28.61
C VAL D 537 -37.67 18.58 27.50
N ALA D 538 -38.58 19.15 26.72
CA ALA D 538 -38.22 20.01 25.59
C ALA D 538 -37.50 21.27 26.04
N GLU D 539 -37.97 21.87 27.13
CA GLU D 539 -37.34 23.07 27.68
C GLU D 539 -35.94 22.79 28.24
N GLY D 540 -35.79 21.67 28.95
CA GLY D 540 -34.50 21.22 29.44
C GLY D 540 -33.49 20.97 28.33
N LEU D 541 -33.97 20.50 27.18
CA LEU D 541 -33.12 20.30 26.00
C LEU D 541 -32.81 21.59 25.23
N GLY D 542 -33.34 22.73 25.70
CA GLY D 542 -32.99 24.05 25.15
C GLY D 542 -34.01 24.63 24.17
N CYS D 543 -35.16 23.96 24.06
CA CYS D 543 -36.19 24.34 23.11
C CYS D 543 -37.37 25.04 23.77
N LYS D 544 -38.31 25.47 22.95
CA LYS D 544 -39.58 26.01 23.42
C LYS D 544 -40.69 25.00 23.20
N ALA D 545 -41.71 25.06 24.06
CA ALA D 545 -42.80 24.10 24.04
C ALA D 545 -44.10 24.70 24.57
N ILE D 546 -45.21 24.34 23.93
CA ILE D 546 -46.53 24.80 24.35
C ILE D 546 -47.45 23.59 24.42
N ARG D 547 -48.26 23.52 25.48
CA ARG D 547 -49.23 22.44 25.65
C ARG D 547 -50.65 22.96 25.45
N VAL D 548 -51.46 22.16 24.75
CA VAL D 548 -52.83 22.52 24.40
C VAL D 548 -53.79 21.42 24.87
N PHE D 549 -54.80 21.83 25.65
CA PHE D 549 -55.84 20.92 26.15
C PHE D 549 -57.16 21.03 25.38
N LYS D 550 -57.41 22.20 24.79
CA LYS D 550 -58.69 22.49 24.12
C LYS D 550 -58.49 22.78 22.63
N PRO D 551 -59.46 22.37 21.76
CA PRO D 551 -59.30 22.54 20.31
C PRO D 551 -59.17 24.00 19.85
N GLU D 552 -59.88 24.91 20.50
CA GLU D 552 -59.83 26.33 20.15
C GLU D 552 -58.48 27.00 20.48
N ASP D 553 -57.69 26.36 21.36
CA ASP D 553 -56.36 26.88 21.71
C ASP D 553 -55.26 26.44 20.73
N ILE D 554 -55.60 25.62 19.74
CA ILE D 554 -54.58 25.09 18.79
C ILE D 554 -54.11 26.19 17.81
N ALA D 555 -55.06 26.93 17.24
CA ALA D 555 -54.71 28.01 16.30
C ALA D 555 -53.78 29.07 16.93
N PRO D 556 -54.17 29.63 18.11
CA PRO D 556 -53.28 30.58 18.78
C PRO D 556 -51.90 30.00 19.12
N ALA D 557 -51.85 28.71 19.46
CA ALA D 557 -50.58 28.05 19.80
C ALA D 557 -49.63 28.07 18.62
N PHE D 558 -50.15 27.77 17.42
CA PHE D 558 -49.31 27.79 16.20
C PHE D 558 -48.77 29.18 15.89
N GLU D 559 -49.57 30.23 16.14
CA GLU D 559 -49.09 31.60 15.96
C GLU D 559 -48.01 31.94 17.01
N GLN D 560 -48.24 31.55 18.26
CA GLN D 560 -47.21 31.69 19.30
C GLN D 560 -45.92 30.98 18.86
N ALA D 561 -46.06 29.76 18.33
CA ALA D 561 -44.91 28.96 17.89
C ALA D 561 -44.09 29.65 16.81
N LYS D 562 -44.77 30.23 15.82
CA LYS D 562 -44.09 30.98 14.75
C LYS D 562 -43.29 32.17 15.29
N ALA D 563 -43.83 32.86 16.29
CA ALA D 563 -43.16 34.00 16.91
C ALA D 563 -41.90 33.56 17.68
N LEU D 564 -42.03 32.49 18.48
CA LEU D 564 -40.91 31.96 19.25
C LEU D 564 -39.75 31.52 18.36
N ALA D 566 -38.93 32.74 15.44
CA ALA D 566 -38.27 33.89 14.81
C ALA D 566 -37.28 34.56 15.75
N GLN D 567 -37.64 34.71 17.03
CA GLN D 567 -36.77 35.38 17.99
C GLN D 567 -35.69 34.46 18.54
N TYR D 568 -36.07 33.25 18.95
CA TYR D 568 -35.14 32.36 19.66
C TYR D 568 -34.38 31.39 18.75
N ARG D 569 -34.90 31.15 17.54
CA ARG D 569 -34.18 30.38 16.52
C ARG D 569 -33.93 28.91 16.94
N VAL D 570 -34.94 28.30 17.54
CA VAL D 570 -34.83 26.92 18.01
C VAL D 570 -36.11 26.15 17.68
N PRO D 571 -36.05 24.80 17.70
CA PRO D 571 -37.27 24.02 17.54
C PRO D 571 -38.32 24.41 18.56
N VAL D 572 -39.58 24.46 18.13
CA VAL D 572 -40.69 24.74 19.02
C VAL D 572 -41.70 23.58 18.95
N VAL D 573 -41.94 22.97 20.10
CA VAL D 573 -42.84 21.82 20.20
C VAL D 573 -44.24 22.29 20.59
N VAL D 574 -45.24 21.86 19.84
CA VAL D 574 -46.63 22.11 20.21
C VAL D 574 -47.27 20.77 20.57
N GLU D 575 -47.44 20.53 21.86
CA GLU D 575 -48.05 19.30 22.34
C GLU D 575 -49.57 19.45 22.48
N VAL D 576 -50.31 18.53 21.84
CA VAL D 576 -51.76 18.46 21.97
C VAL D 576 -52.15 17.20 22.75
N ILE D 577 -52.88 17.41 23.84
CA ILE D 577 -53.37 16.30 24.68
C ILE D 577 -54.61 15.68 24.02
N LEU D 578 -54.44 14.47 23.48
CA LEU D 578 -55.50 13.77 22.80
C LEU D 578 -56.34 12.94 23.75
N GLU D 579 -57.54 12.57 23.31
CA GLU D 579 -58.28 11.51 23.97
C GLU D 579 -57.47 10.22 23.83
N ARG D 580 -57.60 9.34 24.81
CA ARG D 580 -56.71 8.18 24.93
C ARG D 580 -56.84 7.20 23.77
N VAL D 581 -58.08 6.91 23.37
CA VAL D 581 -58.36 5.91 22.35
C VAL D 581 -59.18 6.47 21.20
N THR D 582 -58.59 6.46 20.00
CA THR D 582 -59.29 6.80 18.77
C THR D 582 -58.87 5.81 17.67
N ASN D 583 -59.86 5.18 17.04
CA ASN D 583 -59.60 4.20 15.99
C ASN D 583 -59.66 4.83 14.61
N ILE D 584 -58.52 4.86 13.94
CA ILE D 584 -58.37 5.50 12.63
C ILE D 584 -58.81 4.52 11.55
N SER D 585 -59.38 5.06 10.46
CA SER D 585 -59.89 4.24 9.38
C SER D 585 -58.77 3.48 8.67
N GLY D 587 -58.07 -0.87 6.66
CA GLY D 587 -58.56 -2.21 6.30
C GLY D 587 -57.52 -3.05 5.61
N SER D 588 -57.88 -4.29 5.28
CA SER D 588 -56.95 -5.21 4.60
C SER D 588 -57.15 -5.27 3.08
N GLU D 589 -58.21 -4.63 2.60
CA GLU D 589 -58.46 -4.48 1.15
C GLU D 589 -59.04 -3.10 0.84
N LEU D 590 -58.88 -2.67 -0.41
CA LEU D 590 -59.41 -1.38 -0.87
C LEU D 590 -60.92 -1.25 -0.68
N ASP D 591 -61.66 -2.35 -0.89
CA ASP D 591 -63.14 -2.38 -0.75
C ASP D 591 -63.60 -2.74 0.65
N ASN D 592 -62.68 -2.69 1.60
CA ASN D 592 -62.86 -3.28 2.93
C ASN D 592 -62.37 -2.35 4.04
N VAL D 593 -62.08 -1.10 3.71
CA VAL D 593 -61.57 -0.15 4.69
C VAL D 593 -62.70 0.24 5.64
N GLU D 595 -64.56 2.37 8.64
CA GLU D 595 -64.73 3.70 9.23
C GLU D 595 -65.26 3.55 10.66
N PHE D 596 -64.40 3.84 11.64
CA PHE D 596 -64.76 3.76 13.05
C PHE D 596 -65.30 5.11 13.54
N GLU D 597 -64.58 6.17 13.21
CA GLU D 597 -64.98 7.54 13.52
C GLU D 597 -65.96 8.04 12.48
N ASP D 598 -66.63 9.15 12.79
CA ASP D 598 -67.66 9.71 11.92
C ASP D 598 -67.14 10.03 10.52
N ILE D 599 -67.87 9.60 9.51
CA ILE D 599 -67.63 10.01 8.12
C ILE D 599 -68.27 11.38 7.89
N ALA D 600 -68.10 11.93 6.70
CA ALA D 600 -68.64 13.24 6.37
C ALA D 600 -68.94 13.35 4.88
N ASP D 601 -70.00 14.09 4.53
CA ASP D 601 -70.40 14.31 3.14
C ASP D 601 -70.54 15.81 2.77
N ASN D 602 -70.09 16.68 3.67
CA ASN D 602 -70.17 18.12 3.46
C ASN D 602 -69.02 18.84 4.14
N ALA D 603 -68.86 20.12 3.80
CA ALA D 603 -67.70 20.90 4.26
C ALA D 603 -67.77 21.33 5.73
N ALA D 604 -68.97 21.43 6.30
CA ALA D 604 -69.11 21.82 7.71
C ALA D 604 -68.33 20.89 8.63
N ASP D 605 -68.36 19.60 8.33
CA ASP D 605 -67.64 18.57 9.10
C ASP D 605 -66.19 18.38 8.66
N ALA D 606 -65.90 18.69 7.39
CA ALA D 606 -64.54 18.54 6.85
C ALA D 606 -64.13 19.80 6.07
N PRO D 607 -63.93 20.92 6.78
CA PRO D 607 -63.80 22.23 6.12
C PRO D 607 -62.49 22.51 5.38
N THR D 608 -61.47 21.67 5.54
CA THR D 608 -60.16 21.94 4.94
C THR D 608 -59.81 21.09 3.72
N GLU D 609 -60.79 20.40 3.16
CA GLU D 609 -60.61 19.75 1.85
C GLU D 609 -60.35 20.84 0.81
N THR D 610 -59.46 20.57 -0.14
CA THR D 610 -59.00 21.61 -1.09
C THR D 610 -60.11 22.15 -1.98
N CYS D 611 -61.16 21.35 -2.18
CA CYS D 611 -62.33 21.78 -2.95
C CYS D 611 -63.18 22.82 -2.21
N PHE D 612 -63.08 22.83 -0.89
CA PHE D 612 -63.85 23.74 -0.05
C PHE D 612 -63.05 24.94 0.42
N HIS D 614 -59.43 27.58 -0.32
CA HIS D 614 -58.30 28.09 -1.10
C HIS D 614 -57.06 28.12 -0.21
N TYR D 615 -55.97 27.55 -0.69
CA TYR D 615 -54.74 27.47 0.09
C TYR D 615 -53.75 28.57 -0.32
N GLU D 616 -53.49 29.49 0.60
CA GLU D 616 -52.59 30.64 0.38
C GLU D 616 -52.96 31.43 -0.87
N ALA E 25 10.06 -27.86 21.19
CA ALA E 25 8.62 -27.43 21.09
C ALA E 25 8.37 -26.27 20.11
N LYS E 26 9.41 -25.52 19.74
CA LYS E 26 9.31 -24.53 18.65
C LYS E 26 9.31 -25.24 17.29
N ARG E 28 7.12 -25.17 13.03
CA ARG E 28 6.23 -24.54 12.04
C ARG E 28 4.77 -24.87 12.36
N ALA E 29 3.85 -23.98 11.99
CA ALA E 29 2.42 -24.21 12.22
C ALA E 29 1.93 -25.49 11.51
N VAL E 30 2.40 -25.72 10.29
CA VAL E 30 2.09 -26.96 9.56
C VAL E 30 2.66 -28.23 10.20
N ASP E 31 3.79 -28.11 10.87
CA ASP E 31 4.37 -29.25 11.60
C ASP E 31 3.49 -29.64 12.78
N ALA E 32 3.00 -28.63 13.51
CA ALA E 32 2.03 -28.86 14.59
C ALA E 32 0.71 -29.45 14.07
N ALA E 33 0.32 -29.06 12.86
CA ALA E 33 -0.88 -29.60 12.24
C ALA E 33 -0.79 -31.10 12.03
N TYR E 35 0.92 -33.31 13.96
CA TYR E 35 0.67 -33.92 15.27
C TYR E 35 -0.83 -33.97 15.57
N VAL E 36 -1.53 -32.86 15.32
CA VAL E 36 -2.98 -32.80 15.58
C VAL E 36 -3.72 -33.83 14.71
N LEU E 37 -3.45 -33.87 13.42
CA LEU E 37 -4.10 -34.81 12.50
C LEU E 37 -3.88 -36.27 12.90
N GLU E 38 -2.66 -36.58 13.35
CA GLU E 38 -2.30 -37.94 13.77
C GLU E 38 -3.00 -38.35 15.07
N LYS E 39 -2.98 -37.48 16.07
CA LYS E 39 -3.65 -37.76 17.34
C LYS E 39 -5.17 -37.82 17.19
N GLU E 40 -5.64 -37.26 16.10
CA GLU E 40 -7.07 -37.16 15.80
C GLU E 40 -7.53 -38.26 14.83
N GLY E 41 -6.62 -39.17 14.47
CA GLY E 41 -6.97 -40.41 13.77
C GLY E 41 -6.63 -40.52 12.28
N ILE E 42 -6.14 -39.46 11.66
CA ILE E 42 -5.92 -39.44 10.20
C ILE E 42 -4.69 -40.26 9.79
N THR E 43 -4.90 -41.17 8.83
CA THR E 43 -3.82 -41.97 8.22
C THR E 43 -3.77 -41.86 6.70
N THR E 44 -4.74 -41.17 6.10
CA THR E 44 -4.85 -41.08 4.63
C THR E 44 -5.21 -39.67 4.20
N ALA E 45 -4.78 -39.31 2.99
CA ALA E 45 -5.10 -38.00 2.42
C ALA E 45 -5.12 -38.07 0.90
N PHE E 46 -6.14 -37.44 0.31
CA PHE E 46 -6.29 -37.39 -1.14
C PHE E 46 -6.10 -35.93 -1.55
N GLY E 47 -5.30 -35.68 -2.58
CA GLY E 47 -5.06 -34.30 -2.98
C GLY E 47 -4.31 -34.03 -4.25
N VAL E 48 -4.12 -32.74 -4.51
CA VAL E 48 -3.34 -32.26 -5.64
C VAL E 48 -2.50 -31.09 -5.13
N PRO E 49 -1.16 -31.23 -5.16
CA PRO E 49 -0.33 -30.18 -4.58
C PRO E 49 -0.20 -28.92 -5.45
N GLY E 50 0.34 -27.87 -4.84
CA GLY E 50 0.54 -26.58 -5.48
C GLY E 50 1.44 -25.72 -4.62
N ALA E 51 1.96 -24.65 -5.21
CA ALA E 51 2.93 -23.80 -4.51
C ALA E 51 2.37 -23.27 -3.18
N ALA E 52 1.11 -22.83 -3.18
CA ALA E 52 0.50 -22.25 -1.97
C ALA E 52 0.31 -23.25 -0.82
N ILE E 53 0.28 -24.56 -1.13
CA ILE E 53 0.11 -25.60 -0.12
C ILE E 53 1.35 -26.49 0.05
N ASN E 54 2.47 -26.10 -0.55
CA ASN E 54 3.74 -26.85 -0.41
C ASN E 54 4.24 -27.01 1.04
N PRO E 55 4.15 -25.96 1.88
CA PRO E 55 4.62 -26.13 3.26
C PRO E 55 3.90 -27.25 4.01
N PHE E 56 2.60 -27.40 3.76
CA PHE E 56 1.81 -28.50 4.32
C PHE E 56 2.34 -29.87 3.87
N TYR E 57 2.54 -30.01 2.56
CA TYR E 57 3.10 -31.24 1.98
C TYR E 57 4.49 -31.57 2.53
N SER E 58 5.28 -30.51 2.75
CA SER E 58 6.61 -30.66 3.35
C SER E 58 6.56 -31.21 4.77
N ALA E 59 5.65 -30.68 5.57
CA ALA E 59 5.45 -31.13 6.95
C ALA E 59 4.94 -32.57 7.02
N ARG E 61 5.53 -34.94 4.74
CA ARG E 61 6.64 -35.85 4.38
C ARG E 61 7.63 -36.02 5.52
N LYS E 62 7.96 -34.90 6.18
CA LYS E 62 8.86 -34.89 7.32
C LYS E 62 8.32 -35.72 8.49
N HIS E 63 7.01 -35.64 8.73
CA HIS E 63 6.38 -36.30 9.87
C HIS E 63 6.13 -37.78 9.64
N GLY E 64 5.74 -38.15 8.42
CA GLY E 64 5.35 -39.52 8.12
C GLY E 64 3.98 -39.87 8.70
N GLY E 65 3.50 -41.06 8.37
CA GLY E 65 2.27 -41.60 8.96
C GLY E 65 0.98 -41.34 8.19
N ILE E 66 1.03 -40.48 7.17
CA ILE E 66 -0.12 -40.26 6.28
C ILE E 66 0.20 -40.70 4.86
N ARG E 67 -0.65 -41.57 4.33
CA ARG E 67 -0.54 -42.03 2.95
C ARG E 67 -1.25 -41.03 2.04
N HIS E 68 -0.50 -40.42 1.11
CA HIS E 68 -1.09 -39.48 0.15
C HIS E 68 -1.38 -40.16 -1.20
N ILE E 69 -2.63 -40.02 -1.65
CA ILE E 69 -2.99 -40.43 -3.00
C ILE E 69 -3.17 -39.19 -3.88
N LEU E 70 -2.39 -39.12 -4.96
CA LEU E 70 -2.47 -38.03 -5.94
C LEU E 70 -3.65 -38.25 -6.89
N ALA E 71 -4.61 -37.32 -6.85
CA ALA E 71 -5.75 -37.37 -7.79
C ALA E 71 -5.39 -36.72 -9.13
N ARG E 72 -6.25 -36.91 -10.12
CA ARG E 72 -6.08 -36.30 -11.45
C ARG E 72 -7.21 -35.32 -11.75
N HIS E 73 -7.89 -34.91 -10.69
CA HIS E 73 -8.78 -33.74 -10.66
C HIS E 73 -9.04 -33.49 -9.18
N VAL E 74 -9.05 -32.22 -8.77
CA VAL E 74 -9.35 -31.87 -7.38
C VAL E 74 -10.73 -32.37 -6.96
N GLU E 75 -11.72 -32.26 -7.84
CA GLU E 75 -13.05 -32.83 -7.59
C GLU E 75 -12.96 -34.33 -7.28
N GLY E 76 -12.07 -35.01 -8.00
CA GLY E 76 -11.79 -36.42 -7.75
C GLY E 76 -11.28 -36.67 -6.35
N ALA E 77 -10.31 -35.85 -5.92
CA ALA E 77 -9.77 -35.93 -4.57
C ALA E 77 -10.84 -35.70 -3.50
N SER E 78 -11.74 -34.76 -3.76
CA SER E 78 -12.81 -34.43 -2.82
C SER E 78 -13.81 -35.60 -2.67
N HIS E 79 -14.18 -36.25 -3.77
CA HIS E 79 -15.14 -37.34 -3.71
C HIS E 79 -14.51 -38.66 -3.20
N ALA E 81 -12.36 -38.54 -0.70
CA ALA E 81 -12.51 -38.26 0.73
C ALA E 81 -13.91 -38.62 1.24
N GLU E 82 -14.94 -38.31 0.45
CA GLU E 82 -16.30 -38.63 0.81
C GLU E 82 -16.50 -40.15 0.97
N GLY E 83 -16.01 -40.89 -0.01
CA GLY E 83 -16.07 -42.35 0.03
C GLY E 83 -15.33 -42.93 1.22
N TYR E 84 -14.13 -42.39 1.48
CA TYR E 84 -13.31 -42.83 2.62
C TYR E 84 -14.07 -42.66 3.93
N THR E 85 -14.76 -41.53 4.08
CA THR E 85 -15.57 -41.26 5.27
C THR E 85 -16.72 -42.26 5.39
N ARG E 86 -17.49 -42.39 4.30
CA ARG E 86 -18.70 -43.19 4.30
C ARG E 86 -18.45 -44.70 4.48
N ALA E 87 -17.23 -45.14 4.25
CA ALA E 87 -16.88 -46.55 4.28
C ALA E 87 -16.94 -47.17 5.69
N THR E 88 -16.47 -46.44 6.70
CA THR E 88 -16.33 -46.98 8.05
C THR E 88 -16.60 -45.90 9.11
N ALA E 89 -17.22 -46.31 10.21
CA ALA E 89 -17.85 -45.41 11.21
C ALA E 89 -17.02 -44.21 11.70
N GLY E 90 -15.78 -44.45 12.12
CA GLY E 90 -14.95 -43.35 12.63
C GLY E 90 -14.19 -42.52 11.59
N ASN E 91 -14.29 -42.90 10.31
CA ASN E 91 -13.45 -42.32 9.25
C ASN E 91 -13.75 -40.87 8.92
N ILE E 92 -12.67 -40.09 8.75
CA ILE E 92 -12.77 -38.72 8.26
C ILE E 92 -11.80 -38.59 7.08
N GLY E 93 -12.36 -38.57 5.87
CA GLY E 93 -11.58 -38.38 4.65
C GLY E 93 -11.02 -36.98 4.56
N VAL E 94 -9.78 -36.87 4.10
CA VAL E 94 -9.09 -35.58 4.00
C VAL E 94 -8.78 -35.24 2.54
N CYS E 95 -9.07 -33.99 2.19
CA CYS E 95 -8.89 -33.49 0.83
C CYS E 95 -7.93 -32.29 0.82
N LEU E 96 -6.87 -32.39 0.02
CA LEU E 96 -5.80 -31.38 -0.01
C LEU E 96 -5.69 -30.68 -1.35
N GLY E 97 -5.60 -29.36 -1.34
CA GLY E 97 -5.46 -28.57 -2.57
C GLY E 97 -4.71 -27.26 -2.40
N THR E 98 -4.45 -26.59 -3.52
CA THR E 98 -3.77 -25.30 -3.49
C THR E 98 -4.80 -24.17 -3.34
N SER E 99 -4.37 -22.93 -3.60
CA SER E 99 -5.26 -21.78 -3.54
C SER E 99 -6.16 -21.71 -4.78
N GLY E 100 -7.02 -20.70 -4.81
CA GLY E 100 -7.76 -20.37 -6.02
C GLY E 100 -8.71 -21.43 -6.51
N PRO E 101 -8.50 -21.94 -7.75
CA PRO E 101 -9.45 -22.86 -8.37
C PRO E 101 -9.52 -24.25 -7.75
N ALA E 102 -8.53 -24.61 -6.94
CA ALA E 102 -8.57 -25.88 -6.23
C ALA E 102 -9.73 -25.86 -5.22
N GLY E 103 -9.87 -24.73 -4.53
CA GLY E 103 -10.96 -24.52 -3.57
C GLY E 103 -12.33 -24.48 -4.21
N THR E 104 -12.44 -23.87 -5.38
CA THR E 104 -13.71 -23.82 -6.09
C THR E 104 -14.11 -25.17 -6.72
N ASP E 105 -13.13 -26.07 -6.89
CA ASP E 105 -13.37 -27.43 -7.39
C ASP E 105 -13.81 -28.40 -6.28
N ILE E 107 -16.28 -27.43 -3.93
CA ILE E 107 -17.59 -26.97 -3.46
C ILE E 107 -18.66 -28.05 -3.63
N THR E 108 -18.64 -28.75 -4.76
CA THR E 108 -19.62 -29.81 -5.04
C THR E 108 -19.56 -30.93 -3.99
N ALA E 109 -18.34 -31.28 -3.57
CA ALA E 109 -18.16 -32.31 -2.55
C ALA E 109 -18.59 -31.85 -1.15
N LEU E 110 -18.26 -30.61 -0.81
CA LEU E 110 -18.69 -30.03 0.46
C LEU E 110 -20.22 -30.04 0.53
N TYR E 111 -20.86 -29.68 -0.60
CA TYR E 111 -22.32 -29.73 -0.71
C TYR E 111 -22.85 -31.15 -0.51
N SER E 112 -22.27 -32.10 -1.25
CA SER E 112 -22.66 -33.50 -1.18
C SER E 112 -22.56 -34.06 0.24
N ALA E 113 -21.44 -33.76 0.90
CA ALA E 113 -21.19 -34.25 2.26
C ALA E 113 -22.15 -33.60 3.25
N SER E 114 -22.31 -32.28 3.17
CA SER E 114 -23.28 -31.56 4.01
C SER E 114 -24.66 -32.18 3.87
N ALA E 115 -25.09 -32.33 2.62
CA ALA E 115 -26.43 -32.80 2.27
C ALA E 115 -26.77 -34.15 2.88
N ASP E 116 -25.79 -35.05 2.95
CA ASP E 116 -25.99 -36.39 3.50
C ASP E 116 -25.51 -36.52 4.98
N SER E 117 -25.25 -35.39 5.65
CA SER E 117 -24.86 -35.37 7.06
C SER E 117 -23.58 -36.15 7.36
N ILE E 118 -22.58 -36.04 6.48
CA ILE E 118 -21.29 -36.71 6.68
C ILE E 118 -20.13 -35.72 6.53
N PRO E 119 -19.03 -35.94 7.29
CA PRO E 119 -17.89 -35.03 7.24
C PRO E 119 -16.79 -35.39 6.23
N ILE E 120 -16.21 -34.38 5.60
CA ILE E 120 -14.85 -34.46 5.06
C ILE E 120 -14.09 -33.24 5.56
N LEU E 121 -12.77 -33.35 5.58
CA LEU E 121 -11.92 -32.21 5.94
C LEU E 121 -11.13 -31.73 4.72
N CYS E 122 -11.49 -30.56 4.23
CA CYS E 122 -10.78 -29.91 3.13
C CYS E 122 -9.77 -28.92 3.65
N ILE E 123 -8.56 -29.00 3.11
CA ILE E 123 -7.50 -28.07 3.46
C ILE E 123 -6.98 -27.45 2.16
N THR E 124 -7.07 -26.13 2.07
CA THR E 124 -6.57 -25.38 0.89
C THR E 124 -5.45 -24.44 1.26
N GLY E 125 -4.50 -24.28 0.34
CA GLY E 125 -3.48 -23.24 0.45
C GLY E 125 -4.10 -21.90 0.11
N GLN E 126 -3.36 -20.82 0.39
CA GLN E 126 -3.85 -19.46 0.17
C GLN E 126 -2.67 -18.48 0.15
N ALA E 127 -2.84 -17.36 -0.56
CA ALA E 127 -1.83 -16.30 -0.61
C ALA E 127 -1.60 -15.68 0.76
N PRO E 128 -0.44 -15.03 0.96
CA PRO E 128 -0.19 -14.42 2.27
C PRO E 128 -1.25 -13.39 2.68
N ARG E 129 -1.42 -13.18 3.98
CA ARG E 129 -2.48 -12.29 4.51
C ARG E 129 -2.38 -10.86 4.00
N ALA E 130 -1.15 -10.35 3.89
CA ALA E 130 -0.90 -8.98 3.45
C ALA E 130 -1.42 -8.71 2.04
N ARG E 131 -1.65 -9.78 1.28
CA ARG E 131 -2.01 -9.66 -0.13
C ARG E 131 -3.38 -10.22 -0.48
N LEU E 132 -4.17 -10.61 0.52
CA LEU E 132 -5.51 -11.16 0.27
C LEU E 132 -6.48 -10.22 -0.42
N HIS E 133 -6.26 -8.91 -0.31
CA HIS E 133 -7.15 -7.92 -0.94
C HIS E 133 -6.52 -7.13 -2.08
N LYS E 134 -5.23 -7.39 -2.34
CA LYS E 134 -4.64 -7.08 -3.65
C LYS E 134 -5.05 -8.28 -4.47
N GLU E 135 -5.10 -8.18 -5.79
CA GLU E 135 -5.58 -9.32 -6.58
C GLU E 135 -4.46 -10.32 -6.81
N ASP E 136 -3.99 -10.93 -5.73
CA ASP E 136 -2.83 -11.79 -5.80
C ASP E 136 -3.19 -13.03 -6.62
N PHE E 137 -2.25 -13.50 -7.43
CA PHE E 137 -2.47 -14.66 -8.31
C PHE E 137 -3.14 -15.84 -7.57
N GLN E 138 -4.27 -16.30 -8.11
CA GLN E 138 -5.02 -17.44 -7.57
C GLN E 138 -5.50 -17.22 -6.12
N ALA E 139 -5.82 -15.98 -5.79
CA ALA E 139 -6.37 -15.64 -4.48
C ALA E 139 -7.86 -15.38 -4.58
N VAL E 140 -8.64 -16.22 -3.90
CA VAL E 140 -10.10 -16.10 -3.91
C VAL E 140 -10.61 -16.20 -2.47
N ASP E 141 -11.77 -15.61 -2.23
CA ASP E 141 -12.43 -15.61 -0.93
C ASP E 141 -13.21 -16.91 -0.75
N ILE E 142 -12.48 -18.01 -0.63
CA ILE E 142 -13.05 -19.34 -0.51
C ILE E 142 -13.92 -19.48 0.74
N GLU E 143 -13.56 -18.75 1.78
CA GLU E 143 -14.34 -18.68 3.03
C GLU E 143 -15.81 -18.32 2.77
N ALA E 144 -16.04 -17.25 2.02
CA ALA E 144 -17.40 -16.80 1.67
C ALA E 144 -18.12 -17.79 0.76
N ILE E 145 -17.39 -18.35 -0.19
CA ILE E 145 -17.95 -19.28 -1.18
C ILE E 145 -18.40 -20.60 -0.55
N ALA E 146 -17.64 -21.09 0.42
CA ALA E 146 -17.88 -22.40 1.02
C ALA E 146 -18.83 -22.37 2.23
N LYS E 147 -19.04 -21.19 2.81
CA LYS E 147 -19.88 -21.01 4.01
C LYS E 147 -21.27 -21.67 3.96
N PRO E 148 -22.02 -21.48 2.85
CA PRO E 148 -23.37 -22.06 2.77
C PRO E 148 -23.45 -23.59 2.67
N VAL E 149 -22.32 -24.26 2.44
CA VAL E 149 -22.29 -25.72 2.29
C VAL E 149 -21.25 -26.42 3.18
N SER E 150 -21.00 -25.87 4.36
CA SER E 150 -20.13 -26.54 5.33
C SER E 150 -20.48 -26.08 6.75
N LYS E 151 -20.18 -26.93 7.72
CA LYS E 151 -20.41 -26.58 9.14
C LYS E 151 -19.47 -25.45 9.56
N ALA E 153 -16.25 -22.95 7.52
CA ALA E 153 -15.30 -22.61 6.48
C ALA E 153 -14.56 -21.38 6.96
N VAL E 154 -13.25 -21.50 7.15
CA VAL E 154 -12.48 -20.45 7.80
C VAL E 154 -11.09 -20.28 7.21
N THR E 155 -10.66 -19.02 7.07
CA THR E 155 -9.28 -18.68 6.75
C THR E 155 -8.53 -18.46 8.07
N VAL E 156 -7.47 -19.23 8.27
CA VAL E 156 -6.72 -19.16 9.53
C VAL E 156 -5.83 -17.92 9.53
N ARG E 157 -6.06 -17.02 10.48
CA ARG E 157 -5.43 -15.69 10.49
C ARG E 157 -4.12 -15.61 11.29
N GLU E 158 -3.83 -16.63 12.09
CA GLU E 158 -2.59 -16.69 12.88
C GLU E 158 -1.99 -18.08 12.87
N ALA E 159 -0.67 -18.16 12.83
CA ALA E 159 0.06 -19.43 12.86
C ALA E 159 -0.37 -20.31 14.03
N ALA E 160 -0.42 -19.71 15.22
CA ALA E 160 -0.76 -20.43 16.45
C ALA E 160 -2.20 -20.97 16.48
N LEU E 161 -3.07 -20.44 15.62
CA LEU E 161 -4.44 -20.92 15.48
C LEU E 161 -4.59 -22.15 14.56
N VAL E 162 -3.55 -22.48 13.79
CA VAL E 162 -3.63 -23.63 12.89
C VAL E 162 -4.04 -24.91 13.63
N PRO E 163 -3.29 -25.31 14.67
CA PRO E 163 -3.68 -26.51 15.42
C PRO E 163 -5.05 -26.40 16.13
N ARG E 164 -5.43 -25.17 16.51
CA ARG E 164 -6.70 -24.94 17.22
C ARG E 164 -7.92 -25.02 16.31
N VAL E 165 -7.78 -24.52 15.08
CA VAL E 165 -8.88 -24.60 14.10
C VAL E 165 -9.15 -26.07 13.75
N LEU E 166 -8.08 -26.84 13.58
CA LEU E 166 -8.21 -28.28 13.35
C LEU E 166 -8.84 -28.97 14.56
N GLN E 167 -8.41 -28.62 15.76
CA GLN E 167 -9.04 -29.10 16.99
C GLN E 167 -10.56 -28.86 16.96
N GLN E 168 -10.95 -27.61 16.65
CA GLN E 168 -12.36 -27.25 16.57
C GLN E 168 -13.08 -27.99 15.42
N ALA E 169 -12.37 -28.20 14.32
CA ALA E 169 -12.93 -28.83 13.13
C ALA E 169 -13.39 -30.26 13.40
N PHE E 170 -12.56 -31.02 14.12
CA PHE E 170 -12.89 -32.41 14.43
C PHE E 170 -14.03 -32.53 15.43
N HIS E 171 -14.17 -31.54 16.30
CA HIS E 171 -15.33 -31.49 17.18
C HIS E 171 -16.62 -31.34 16.36
N LEU E 172 -16.63 -30.37 15.44
CA LEU E 172 -17.81 -30.08 14.60
C LEU E 172 -18.16 -31.25 13.66
N ARG E 174 -17.66 -34.44 14.13
CA ARG E 174 -18.19 -35.58 14.88
C ARG E 174 -19.49 -35.27 15.65
N SER E 175 -19.68 -34.01 16.02
CA SER E 175 -20.76 -33.63 16.95
C SER E 175 -22.06 -33.28 16.24
N GLY E 176 -23.16 -33.39 16.99
CA GLY E 176 -24.51 -33.04 16.52
C GLY E 176 -24.84 -33.70 15.20
N ARG E 177 -25.37 -32.90 14.27
CA ARG E 177 -25.51 -33.32 12.89
C ARG E 177 -24.14 -33.19 12.23
N PRO E 178 -23.51 -34.31 11.87
CA PRO E 178 -22.19 -34.20 11.27
C PRO E 178 -22.19 -33.51 9.90
N GLY E 179 -21.11 -32.82 9.59
CA GLY E 179 -20.93 -32.18 8.29
C GLY E 179 -19.47 -31.82 8.03
N PRO E 180 -19.17 -31.35 6.80
CA PRO E 180 -17.80 -31.07 6.39
C PRO E 180 -17.24 -29.73 6.88
N VAL E 181 -15.91 -29.62 6.88
CA VAL E 181 -15.23 -28.37 7.23
C VAL E 181 -14.13 -28.08 6.22
N LEU E 182 -13.98 -26.79 5.90
CA LEU E 182 -12.88 -26.31 5.03
C LEU E 182 -11.95 -25.41 5.81
N VAL E 183 -10.66 -25.72 5.75
CA VAL E 183 -9.62 -24.93 6.42
C VAL E 183 -8.72 -24.31 5.35
N ASP E 184 -8.64 -22.98 5.37
CA ASP E 184 -7.91 -22.23 4.37
C ASP E 184 -6.65 -21.62 5.01
N LEU E 185 -5.48 -22.00 4.49
CA LEU E 185 -4.19 -21.69 5.15
C LEU E 185 -3.31 -20.75 4.32
N PRO E 186 -3.25 -19.45 4.70
CA PRO E 186 -2.32 -18.52 4.06
C PRO E 186 -0.86 -18.97 4.16
N PHE E 187 -0.09 -18.76 3.09
CA PHE E 187 1.28 -19.26 3.00
C PHE E 187 2.12 -18.87 4.22
N ASP E 188 2.07 -17.61 4.59
CA ASP E 188 2.89 -17.11 5.70
C ASP E 188 2.44 -17.68 7.06
N VAL E 189 1.15 -18.01 7.19
CA VAL E 189 0.64 -18.64 8.40
C VAL E 189 1.17 -20.08 8.56
N GLN E 190 1.25 -20.79 7.44
CA GLN E 190 1.79 -22.16 7.43
C GLN E 190 3.23 -22.25 7.92
N VAL E 191 4.08 -21.38 7.38
CA VAL E 191 5.54 -21.46 7.60
C VAL E 191 6.04 -20.78 8.89
N ALA E 192 5.19 -20.01 9.54
CA ALA E 192 5.58 -19.28 10.75
C ALA E 192 5.81 -20.21 11.93
N GLU E 193 6.78 -19.87 12.78
CA GLU E 193 7.09 -20.67 13.96
C GLU E 193 6.09 -20.42 15.07
N ILE E 194 5.70 -21.49 15.75
CA ILE E 194 4.85 -21.42 16.95
C ILE E 194 5.40 -22.32 18.03
N GLU E 195 4.96 -22.08 19.26
CA GLU E 195 5.26 -22.98 20.36
C GLU E 195 4.10 -23.95 20.55
N PHE E 196 4.40 -25.24 20.55
CA PHE E 196 3.37 -26.27 20.61
C PHE E 196 3.90 -27.53 21.29
N ASP E 197 3.22 -27.99 22.33
CA ASP E 197 3.54 -29.24 23.01
C ASP E 197 2.53 -30.30 22.60
N PRO E 198 2.92 -31.23 21.71
CA PRO E 198 1.98 -32.25 21.24
C PRO E 198 1.50 -33.21 22.32
N ASP E 199 2.33 -33.45 23.35
CA ASP E 199 1.92 -34.28 24.50
C ASP E 199 0.73 -33.67 25.25
N TYR E 201 -1.74 -31.95 23.81
CA TYR E 201 -2.93 -31.84 22.96
C TYR E 201 -3.98 -32.90 23.30
N GLU E 202 -5.21 -32.43 23.50
CA GLU E 202 -6.36 -33.29 23.85
C GLU E 202 -7.51 -33.08 22.86
N PRO E 203 -7.91 -34.14 22.14
CA PRO E 203 -9.13 -34.03 21.32
C PRO E 203 -10.34 -33.63 22.17
N LEU E 204 -11.19 -32.76 21.63
CA LEU E 204 -12.35 -32.26 22.36
C LEU E 204 -13.43 -33.33 22.50
N PRO E 205 -14.26 -33.25 23.55
CA PRO E 205 -15.33 -34.23 23.70
C PRO E 205 -16.38 -34.08 22.62
N VAL E 206 -16.97 -35.20 22.20
CA VAL E 206 -17.97 -35.19 21.14
C VAL E 206 -19.35 -34.91 21.75
N TYR E 207 -20.04 -33.90 21.24
CA TYR E 207 -21.39 -33.56 21.72
C TYR E 207 -22.47 -34.36 20.98
N LYS E 208 -23.34 -35.03 21.74
CA LYS E 208 -24.50 -35.73 21.20
C LYS E 208 -25.66 -35.69 22.19
N PRO E 209 -26.82 -35.17 21.77
CA PRO E 209 -27.98 -35.26 22.66
C PRO E 209 -28.51 -36.69 22.79
N ALA E 210 -29.13 -36.99 23.93
CA ALA E 210 -29.65 -38.31 24.23
C ALA E 210 -31.08 -38.22 24.75
N ALA E 211 -31.91 -39.16 24.33
CA ALA E 211 -33.30 -39.23 24.77
C ALA E 211 -33.40 -39.61 26.24
N SER E 212 -34.50 -39.23 26.87
CA SER E 212 -34.77 -39.61 28.26
C SER E 212 -35.65 -40.87 28.30
N ARG E 213 -35.57 -41.60 29.40
CA ARG E 213 -36.39 -42.80 29.62
C ARG E 213 -37.88 -42.50 29.40
N GLN E 215 -39.35 -40.19 27.47
CA GLN E 215 -39.69 -39.98 26.07
C GLN E 215 -39.81 -41.31 25.33
N ILE E 216 -38.88 -42.22 25.59
CA ILE E 216 -38.84 -43.51 24.93
C ILE E 216 -40.00 -44.39 25.38
N GLU E 217 -40.33 -44.35 26.66
CA GLU E 217 -41.50 -45.07 27.17
C GLU E 217 -42.78 -44.63 26.47
N LYS E 218 -42.94 -43.32 26.26
CA LYS E 218 -44.09 -42.77 25.53
C LYS E 218 -44.12 -43.28 24.08
N ALA E 219 -42.94 -43.34 23.45
CA ALA E 219 -42.82 -43.83 22.08
C ALA E 219 -43.22 -45.30 21.96
N VAL E 220 -42.76 -46.12 22.90
CA VAL E 220 -43.07 -47.56 22.89
C VAL E 220 -44.54 -47.78 23.24
N GLU E 221 -45.06 -47.02 24.20
CA GLU E 221 -46.49 -47.07 24.56
C GLU E 221 -47.37 -46.75 23.35
N LEU E 223 -46.29 -47.13 20.08
CA LEU E 223 -46.04 -48.23 19.14
C LEU E 223 -46.90 -49.46 19.42
N ILE E 224 -47.08 -49.80 20.70
CA ILE E 224 -47.85 -51.01 21.05
C ILE E 224 -49.35 -50.90 20.73
N GLN E 225 -49.91 -49.69 20.72
CA GLN E 225 -51.33 -49.52 20.36
C GLN E 225 -51.56 -49.32 18.85
N ALA E 226 -50.49 -49.34 18.06
CA ALA E 226 -50.58 -49.36 16.61
C ALA E 226 -50.90 -50.78 16.13
N GLU E 227 -51.86 -50.90 15.20
CA GLU E 227 -52.25 -52.19 14.64
C GLU E 227 -51.29 -52.68 13.56
N ARG E 228 -50.78 -51.75 12.76
CA ARG E 228 -49.97 -52.05 11.58
C ARG E 228 -48.76 -51.12 11.45
N PRO E 229 -47.84 -51.17 12.44
CA PRO E 229 -46.73 -50.22 12.49
C PRO E 229 -45.57 -50.60 11.59
N VAL E 230 -44.82 -49.61 11.14
CA VAL E 230 -43.59 -49.84 10.42
C VAL E 230 -42.47 -48.90 10.94
N ILE E 231 -41.26 -49.43 11.01
CA ILE E 231 -40.09 -48.63 11.37
C ILE E 231 -39.42 -48.18 10.09
N VAL E 232 -39.18 -46.87 9.98
CA VAL E 232 -38.41 -46.33 8.88
C VAL E 232 -37.03 -45.98 9.42
N ALA E 233 -36.03 -46.74 8.98
CA ALA E 233 -34.65 -46.62 9.47
C ALA E 233 -33.83 -45.79 8.49
N GLY E 234 -33.33 -44.65 8.94
CA GLY E 234 -32.61 -43.72 8.08
C GLY E 234 -31.11 -43.78 8.23
N GLY E 235 -30.41 -42.98 7.43
CA GLY E 235 -28.95 -42.91 7.45
C GLY E 235 -28.35 -42.44 8.76
N GLY E 236 -29.19 -41.87 9.64
CA GLY E 236 -28.77 -41.53 11.00
C GLY E 236 -28.41 -42.75 11.83
N VAL E 237 -29.10 -43.86 11.62
CA VAL E 237 -28.80 -45.13 12.30
C VAL E 237 -27.39 -45.56 11.96
N ILE E 238 -27.08 -45.54 10.66
CA ILE E 238 -25.75 -45.86 10.14
C ILE E 238 -24.69 -44.87 10.65
N ASN E 239 -25.04 -43.59 10.67
CA ASN E 239 -24.15 -42.54 11.16
C ASN E 239 -23.76 -42.77 12.61
N ALA E 240 -24.74 -43.20 13.42
CA ALA E 240 -24.54 -43.49 14.85
C ALA E 240 -23.89 -44.84 15.12
N ASP E 241 -23.73 -45.65 14.07
CA ASP E 241 -23.15 -47.00 14.19
C ASP E 241 -24.05 -47.91 15.05
N ALA E 242 -25.34 -47.89 14.73
CA ALA E 242 -26.37 -48.53 15.55
C ALA E 242 -27.23 -49.55 14.79
N ALA E 243 -26.65 -50.21 13.79
CA ALA E 243 -27.39 -51.17 12.96
C ALA E 243 -27.80 -52.43 13.74
N ALA E 244 -26.91 -52.97 14.55
CA ALA E 244 -27.21 -54.16 15.37
C ALA E 244 -28.36 -53.90 16.34
N LEU E 245 -28.34 -52.73 16.97
CA LEU E 245 -29.38 -52.32 17.93
C LEU E 245 -30.75 -52.10 17.27
N LEU E 246 -30.74 -51.56 16.04
CA LEU E 246 -31.99 -51.38 15.29
C LEU E 246 -32.64 -52.73 14.97
N GLN E 247 -31.84 -53.62 14.40
CA GLN E 247 -32.29 -54.98 14.12
C GLN E 247 -32.85 -55.62 15.40
N GLN E 248 -32.14 -55.49 16.51
CA GLN E 248 -32.58 -56.07 17.79
C GLN E 248 -33.92 -55.50 18.24
N PHE E 249 -34.09 -54.19 18.12
CA PHE E 249 -35.34 -53.54 18.52
C PHE E 249 -36.52 -54.00 17.65
N ALA E 250 -36.28 -54.13 16.34
CA ALA E 250 -37.29 -54.64 15.41
C ALA E 250 -37.68 -56.06 15.76
N GLU E 251 -36.67 -56.89 16.02
CA GLU E 251 -36.88 -58.30 16.40
C GLU E 251 -37.72 -58.43 17.68
N LEU E 252 -37.37 -57.64 18.70
CA LEU E 252 -38.06 -57.66 19.99
C LEU E 252 -39.52 -57.23 19.91
N THR E 253 -39.81 -56.26 19.04
CA THR E 253 -41.18 -55.73 18.87
C THR E 253 -41.95 -56.40 17.73
N SER E 254 -41.24 -57.15 16.89
CA SER E 254 -41.82 -57.79 15.71
C SER E 254 -42.41 -56.77 14.73
N VAL E 255 -41.70 -55.67 14.52
CA VAL E 255 -42.18 -54.58 13.66
C VAL E 255 -41.35 -54.53 12.37
N PRO E 256 -42.02 -54.62 11.20
CA PRO E 256 -41.31 -54.57 9.92
C PRO E 256 -40.49 -53.29 9.74
N VAL E 257 -39.36 -53.41 9.04
CA VAL E 257 -38.43 -52.31 8.82
C VAL E 257 -38.42 -51.88 7.35
N ILE E 258 -38.54 -50.56 7.14
CA ILE E 258 -38.35 -49.93 5.85
C ILE E 258 -37.10 -49.08 5.94
N PRO E 259 -35.98 -49.53 5.33
CA PRO E 259 -34.87 -48.58 5.29
C PRO E 259 -35.08 -47.50 4.23
N THR E 260 -34.64 -46.29 4.55
CA THR E 260 -34.50 -45.24 3.55
C THR E 260 -33.32 -45.63 2.66
N LEU E 261 -33.13 -44.95 1.53
CA LEU E 261 -31.97 -45.22 0.66
C LEU E 261 -30.65 -45.08 1.44
N GLY E 263 -30.43 -45.37 4.77
CA GLY E 263 -30.46 -46.38 5.83
C GLY E 263 -30.28 -47.80 5.34
N TRP E 264 -30.31 -47.98 4.02
CA TRP E 264 -30.21 -49.29 3.39
C TRP E 264 -29.00 -50.09 3.87
N GLY E 265 -29.27 -51.28 4.43
CA GLY E 265 -28.22 -52.15 4.94
C GLY E 265 -28.19 -52.29 6.45
N CYS E 266 -28.86 -51.40 7.17
CA CYS E 266 -28.83 -51.41 8.64
C CYS E 266 -29.62 -52.59 9.22
N ILE E 267 -30.48 -53.18 8.39
CA ILE E 267 -31.02 -54.53 8.63
C ILE E 267 -30.82 -55.32 7.31
N PRO E 268 -30.35 -56.59 7.39
CA PRO E 268 -30.06 -57.31 6.14
C PRO E 268 -31.30 -57.54 5.27
N ASP E 269 -31.11 -57.49 3.95
CA ASP E 269 -32.22 -57.63 3.00
C ASP E 269 -32.96 -58.98 3.10
N ASP E 270 -32.25 -60.03 3.51
CA ASP E 270 -32.85 -61.35 3.65
C ASP E 270 -33.49 -61.60 5.02
N HIS E 271 -33.45 -60.58 5.89
CA HIS E 271 -34.14 -60.64 7.18
C HIS E 271 -35.65 -60.73 6.96
N GLU E 272 -36.33 -61.48 7.82
CA GLU E 272 -37.77 -61.70 7.70
C GLU E 272 -38.60 -60.41 7.90
N LEU E 273 -38.03 -59.45 8.64
CA LEU E 273 -38.72 -58.20 8.98
C LEU E 273 -38.44 -57.03 8.04
N ALA E 275 -39.08 -55.07 5.04
CA ALA E 275 -40.30 -55.01 4.21
C ALA E 275 -40.13 -54.22 2.90
N GLY E 276 -38.89 -53.86 2.57
CA GLY E 276 -38.60 -53.15 1.33
C GLY E 276 -38.32 -51.65 1.52
N VAL E 278 -39.20 -47.50 0.20
CA VAL E 278 -40.36 -46.69 -0.14
C VAL E 278 -39.90 -45.43 -0.84
N GLY E 279 -40.70 -44.97 -1.83
CA GLY E 279 -40.40 -43.72 -2.52
C GLY E 279 -40.89 -43.63 -3.96
N LEU E 280 -40.38 -42.62 -4.66
CA LEU E 280 -40.83 -42.27 -6.00
C LEU E 280 -40.01 -42.95 -7.10
N GLN E 281 -38.76 -43.30 -6.78
CA GLN E 281 -37.86 -43.88 -7.79
C GLN E 281 -37.09 -45.11 -7.25
N THR E 282 -36.22 -44.92 -6.26
CA THR E 282 -35.46 -46.04 -5.69
C THR E 282 -36.29 -46.77 -4.62
N ALA E 283 -37.34 -47.45 -5.06
CA ALA E 283 -38.28 -48.08 -4.16
C ALA E 283 -38.81 -49.37 -4.76
N HIS E 284 -39.50 -50.15 -3.94
CA HIS E 284 -40.11 -51.40 -4.36
C HIS E 284 -41.63 -51.23 -4.40
N ARG E 285 -42.30 -52.03 -5.22
CA ARG E 285 -43.76 -52.00 -5.28
C ARG E 285 -44.34 -52.46 -3.94
N TYR E 286 -43.73 -53.49 -3.36
CA TYR E 286 -44.16 -54.01 -2.06
C TYR E 286 -43.91 -53.02 -0.93
N GLY E 287 -42.78 -52.32 -0.97
CA GLY E 287 -42.47 -51.29 0.01
C GLY E 287 -43.54 -50.20 0.05
N ASN E 288 -43.87 -49.64 -1.12
CA ASN E 288 -44.89 -48.60 -1.22
C ASN E 288 -46.26 -49.08 -0.74
N ALA E 289 -46.62 -50.31 -1.07
CA ALA E 289 -47.92 -50.87 -0.70
C ALA E 289 -48.01 -51.11 0.80
N THR E 290 -46.93 -51.58 1.40
CA THR E 290 -46.86 -51.80 2.84
C THR E 290 -46.99 -50.48 3.59
N LEU E 291 -46.30 -49.45 3.14
CA LEU E 291 -46.41 -48.14 3.79
C LEU E 291 -47.82 -47.58 3.69
N LEU E 292 -48.43 -47.67 2.51
CA LEU E 292 -49.80 -47.21 2.31
C LEU E 292 -50.83 -48.02 3.11
N ALA E 293 -50.49 -49.26 3.46
CA ALA E 293 -51.34 -50.09 4.32
C ALA E 293 -51.10 -49.84 5.81
N SER E 294 -49.95 -49.28 6.18
CA SER E 294 -49.59 -49.09 7.60
C SER E 294 -50.42 -48.02 8.32
N ASP E 295 -50.47 -48.08 9.65
CA ASP E 295 -51.12 -47.03 10.44
C ASP E 295 -50.14 -46.24 11.33
N VAL E 297 -45.73 -44.73 11.16
CA VAL E 297 -44.33 -44.67 10.76
C VAL E 297 -43.47 -44.25 11.96
N PHE E 298 -42.60 -45.18 12.40
CA PHE E 298 -41.69 -44.95 13.51
C PHE E 298 -40.33 -44.58 12.91
N GLY E 299 -40.11 -43.28 12.74
CA GLY E 299 -38.92 -42.77 12.06
C GLY E 299 -37.72 -42.63 12.98
N ILE E 300 -36.66 -43.37 12.67
CA ILE E 300 -35.42 -43.34 13.45
C ILE E 300 -34.24 -43.00 12.56
N GLY E 301 -33.65 -41.83 12.78
CA GLY E 301 -32.47 -41.40 12.03
C GLY E 301 -32.75 -41.03 10.58
N ASN E 302 -34.02 -40.79 10.27
CA ASN E 302 -34.42 -40.32 8.95
C ASN E 302 -34.84 -38.87 9.02
N ARG E 303 -34.78 -38.19 7.89
CA ARG E 303 -35.57 -36.99 7.65
C ARG E 303 -36.63 -37.51 6.70
N PHE E 304 -37.57 -36.70 6.26
CA PHE E 304 -38.63 -37.26 5.41
C PHE E 304 -38.46 -36.73 4.01
N ALA E 305 -37.46 -37.28 3.32
CA ALA E 305 -36.98 -36.76 2.05
C ALA E 305 -38.07 -36.71 0.99
N ASN E 306 -38.05 -35.62 0.24
CA ASN E 306 -38.90 -35.35 -0.92
C ASN E 306 -39.24 -36.59 -1.78
N ARG E 307 -38.24 -37.36 -2.16
CA ARG E 307 -38.43 -38.51 -3.06
C ARG E 307 -38.75 -39.82 -2.33
N HIS E 308 -38.70 -39.78 -1.00
CA HIS E 308 -39.19 -40.86 -0.16
C HIS E 308 -40.72 -40.75 0.05
N THR E 309 -41.20 -39.53 0.26
CA THR E 309 -42.60 -39.31 0.69
C THR E 309 -43.57 -39.02 -0.45
N GLY E 310 -43.11 -38.28 -1.45
CA GLY E 310 -44.00 -37.65 -2.41
C GLY E 310 -44.70 -36.52 -1.69
N SER E 311 -45.97 -36.30 -2.00
CA SER E 311 -46.77 -35.34 -1.24
C SER E 311 -46.91 -35.81 0.20
N VAL E 312 -46.48 -34.97 1.13
CA VAL E 312 -46.54 -35.26 2.57
C VAL E 312 -47.96 -35.62 3.06
N GLU E 313 -48.98 -34.95 2.52
CA GLU E 313 -50.37 -35.23 2.86
C GLU E 313 -50.73 -36.69 2.58
N LYS E 314 -50.25 -37.22 1.45
CA LYS E 314 -50.49 -38.61 1.07
C LYS E 314 -49.66 -39.60 1.90
N TYR E 315 -48.43 -39.23 2.21
CA TYR E 315 -47.53 -40.07 3.04
C TYR E 315 -48.05 -40.24 4.48
N THR E 316 -48.75 -39.23 4.99
CA THR E 316 -49.20 -39.22 6.40
C THR E 316 -50.67 -39.62 6.60
N GLU E 317 -51.43 -39.72 5.51
CA GLU E 317 -52.87 -40.02 5.56
C GLU E 317 -53.20 -41.23 6.45
N GLY E 318 -54.02 -40.99 7.48
CA GLY E 318 -54.51 -42.04 8.39
C GLY E 318 -53.42 -42.74 9.16
N ARG E 319 -52.39 -41.99 9.55
CA ARG E 319 -51.12 -42.59 9.97
C ARG E 319 -50.47 -41.72 11.04
N LYS E 320 -50.04 -42.32 12.14
CA LYS E 320 -49.31 -41.60 13.17
C LYS E 320 -47.81 -41.60 12.86
N ILE E 321 -47.12 -40.54 13.28
CA ILE E 321 -45.70 -40.37 12.96
C ILE E 321 -44.88 -40.13 14.22
N VAL E 322 -43.86 -40.96 14.42
CA VAL E 322 -42.85 -40.71 15.44
C VAL E 322 -41.54 -40.38 14.70
N HIS E 323 -40.80 -39.41 15.22
CA HIS E 323 -39.57 -38.96 14.56
C HIS E 323 -38.44 -38.74 15.57
N ILE E 324 -37.40 -39.56 15.46
CA ILE E 324 -36.23 -39.43 16.32
C ILE E 324 -35.04 -39.01 15.47
N ASP E 325 -34.49 -37.84 15.79
CA ASP E 325 -33.37 -37.26 15.04
C ASP E 325 -32.39 -36.60 16.01
N ILE E 326 -31.11 -36.56 15.63
CA ILE E 326 -30.10 -35.90 16.47
C ILE E 326 -30.19 -34.37 16.40
N GLU E 327 -30.79 -33.86 15.33
CA GLU E 327 -30.87 -32.43 15.05
C GLU E 327 -32.28 -31.88 15.31
N PRO E 328 -32.45 -31.00 16.32
CA PRO E 328 -33.75 -30.40 16.61
C PRO E 328 -34.47 -29.82 15.39
N THR E 329 -33.76 -29.05 14.58
CA THR E 329 -34.37 -28.35 13.45
C THR E 329 -34.68 -29.23 12.23
N GLN E 330 -34.41 -30.54 12.35
CA GLN E 330 -34.86 -31.52 11.35
C GLN E 330 -36.23 -32.09 11.67
N ILE E 331 -36.69 -31.88 12.90
CA ILE E 331 -37.97 -32.39 13.37
C ILE E 331 -39.05 -31.33 13.16
N GLY E 332 -39.98 -31.59 12.24
CA GLY E 332 -41.04 -30.63 11.91
C GLY E 332 -40.74 -29.77 10.68
N ARG E 333 -39.62 -30.06 10.02
CA ARG E 333 -39.17 -29.31 8.85
C ARG E 333 -40.02 -29.56 7.61
N VAL E 334 -40.41 -30.82 7.41
CA VAL E 334 -41.16 -31.22 6.23
C VAL E 334 -42.61 -31.60 6.60
N LEU E 335 -42.76 -32.29 7.73
CA LEU E 335 -44.07 -32.60 8.31
C LEU E 335 -44.02 -32.51 9.82
N CYS E 336 -45.17 -32.30 10.44
CA CYS E 336 -45.26 -32.21 11.90
C CYS E 336 -45.53 -33.57 12.53
N PRO E 337 -44.56 -34.13 13.28
CA PRO E 337 -44.75 -35.47 13.84
C PRO E 337 -45.67 -35.48 15.05
N ASP E 338 -46.31 -36.62 15.29
CA ASP E 338 -47.14 -36.79 16.49
C ASP E 338 -46.31 -36.75 17.78
N LEU E 339 -45.08 -37.25 17.73
CA LEU E 339 -44.21 -37.22 18.91
C LEU E 339 -42.93 -36.37 18.72
N GLY E 340 -41.94 -36.89 18.00
CA GLY E 340 -40.70 -36.12 17.80
C GLY E 340 -39.76 -36.04 19.01
N ILE E 341 -38.61 -36.68 18.91
CA ILE E 341 -37.61 -36.76 20.00
C ILE E 341 -36.21 -36.39 19.49
N VAL E 342 -35.50 -35.54 20.23
CA VAL E 342 -34.14 -35.16 19.88
C VAL E 342 -33.15 -36.13 20.53
N SER E 343 -32.46 -36.93 19.70
CA SER E 343 -31.50 -37.90 20.22
C SER E 343 -30.57 -38.48 19.14
N ASP E 344 -29.35 -38.81 19.57
CA ASP E 344 -28.48 -39.71 18.82
C ASP E 344 -29.18 -41.07 18.71
N ALA E 345 -28.99 -41.75 17.58
CA ALA E 345 -29.74 -42.98 17.29
C ALA E 345 -29.27 -44.17 18.13
N LYS E 346 -27.99 -44.19 18.48
CA LYS E 346 -27.45 -45.29 19.29
C LYS E 346 -27.96 -45.20 20.73
N ALA E 347 -27.94 -44.00 21.29
CA ALA E 347 -28.45 -43.77 22.65
C ALA E 347 -29.94 -44.05 22.75
N ALA E 348 -30.70 -43.63 21.73
CA ALA E 348 -32.14 -43.85 21.69
C ALA E 348 -32.50 -45.34 21.53
N LEU E 349 -31.76 -46.05 20.68
CA LEU E 349 -32.01 -47.47 20.44
C LEU E 349 -31.59 -48.35 21.62
N THR E 350 -30.57 -47.92 22.36
CA THR E 350 -30.19 -48.58 23.61
C THR E 350 -31.36 -48.57 24.61
N LEU E 351 -31.98 -47.40 24.78
CA LEU E 351 -33.18 -47.25 25.61
C LEU E 351 -34.37 -48.04 25.04
N LEU E 352 -34.60 -47.95 23.74
CA LEU E 352 -35.72 -48.63 23.09
C LEU E 352 -35.66 -50.16 23.30
N VAL E 353 -34.46 -50.73 23.18
CA VAL E 353 -34.25 -52.15 23.44
C VAL E 353 -34.52 -52.49 24.92
N GLU E 354 -34.00 -51.65 25.81
CA GLU E 354 -34.21 -51.81 27.25
C GLU E 354 -35.70 -51.76 27.63
N VAL E 355 -36.42 -50.78 27.10
CA VAL E 355 -37.84 -50.60 27.40
C VAL E 355 -38.67 -51.72 26.76
N ALA E 356 -38.32 -52.12 25.54
CA ALA E 356 -38.97 -53.26 24.89
C ALA E 356 -38.84 -54.55 25.71
N GLN E 357 -37.64 -54.81 26.22
CA GLN E 357 -37.36 -55.98 27.06
C GLN E 357 -38.21 -56.01 28.33
N GLU E 358 -38.44 -54.84 28.91
CA GLU E 358 -39.30 -54.71 30.10
C GLU E 358 -40.78 -54.93 29.77
N GLN E 360 -41.80 -56.82 27.33
CA GLN E 360 -41.86 -58.25 27.01
C GLN E 360 -41.95 -59.12 28.28
N LYS E 361 -41.26 -58.70 29.34
CA LYS E 361 -41.29 -59.43 30.63
C LYS E 361 -42.66 -59.32 31.29
N ALA E 362 -43.30 -58.16 31.16
CA ALA E 362 -44.75 -58.05 31.38
C ALA E 362 -45.44 -58.62 30.13
N GLY E 363 -46.76 -58.62 30.10
CA GLY E 363 -47.48 -59.18 28.95
C GLY E 363 -47.96 -58.10 28.00
N ARG E 364 -47.10 -57.12 27.73
CA ARG E 364 -47.53 -55.86 27.13
C ARG E 364 -47.16 -55.63 25.67
N LEU E 365 -46.25 -56.43 25.11
CA LEU E 365 -45.92 -56.36 23.68
C LEU E 365 -46.89 -57.22 22.88
N PRO E 366 -47.65 -56.61 21.95
CA PRO E 366 -48.62 -57.41 21.18
C PRO E 366 -47.97 -58.35 20.16
N CYS E 367 -48.69 -59.42 19.83
CA CYS E 367 -48.30 -60.34 18.77
C CYS E 367 -48.63 -59.68 17.44
N ARG E 368 -47.69 -59.72 16.48
CA ARG E 368 -47.88 -59.06 15.19
C ARG E 368 -47.74 -60.04 14.01
N LYS E 369 -48.10 -61.30 14.25
CA LYS E 369 -47.91 -62.38 13.29
C LYS E 369 -48.59 -62.11 11.94
N GLU E 370 -49.84 -61.66 11.98
CA GLU E 370 -50.63 -61.41 10.76
C GLU E 370 -50.09 -60.27 9.90
N TRP E 371 -49.76 -59.14 10.55
CA TRP E 371 -49.23 -57.96 9.85
C TRP E 371 -47.86 -58.23 9.20
N VAL E 372 -46.97 -58.90 9.94
CA VAL E 372 -45.68 -59.30 9.35
C VAL E 372 -45.88 -60.26 8.19
N ALA E 373 -46.88 -61.13 8.31
CA ALA E 373 -47.18 -62.14 7.28
C ALA E 373 -47.55 -61.50 5.96
N ASP E 374 -48.54 -60.61 5.97
CA ASP E 374 -49.01 -60.01 4.71
C ASP E 374 -48.06 -58.96 4.12
N CYS E 375 -47.14 -58.44 4.94
CA CYS E 375 -46.00 -57.66 4.43
C CYS E 375 -45.11 -58.54 3.56
N GLN E 376 -44.83 -59.74 4.06
CA GLN E 376 -44.03 -60.73 3.32
C GLN E 376 -44.75 -61.26 2.09
N GLN E 377 -46.08 -61.35 2.16
CA GLN E 377 -46.90 -61.77 1.02
C GLN E 377 -46.79 -60.76 -0.15
N ARG E 378 -46.82 -59.47 0.17
CA ARG E 378 -46.57 -58.42 -0.82
C ARG E 378 -45.17 -58.56 -1.40
N LYS E 379 -44.20 -58.83 -0.53
CA LYS E 379 -42.79 -58.90 -0.89
C LYS E 379 -42.46 -60.03 -1.88
N ARG E 380 -43.31 -61.06 -1.96
CA ARG E 380 -43.10 -62.16 -2.92
C ARG E 380 -44.09 -62.21 -4.10
N THR E 381 -44.92 -61.17 -4.26
CA THR E 381 -45.82 -61.09 -5.43
C THR E 381 -45.76 -59.78 -6.22
N LEU E 382 -45.36 -58.68 -5.57
CA LEU E 382 -45.32 -57.37 -6.21
C LEU E 382 -43.90 -57.07 -6.71
N LEU E 383 -43.49 -57.79 -7.76
CA LEU E 383 -42.11 -57.75 -8.25
C LEU E 383 -41.98 -57.13 -9.63
N ARG E 384 -40.72 -56.96 -10.05
CA ARG E 384 -40.40 -56.47 -11.39
C ARG E 384 -39.54 -57.51 -12.11
N LYS E 385 -39.83 -57.72 -13.39
CA LYS E 385 -39.11 -58.71 -14.18
C LYS E 385 -37.66 -58.29 -14.39
N THR E 386 -36.75 -59.24 -14.19
CA THR E 386 -35.30 -59.04 -14.44
C THR E 386 -34.71 -60.03 -15.45
N HIS E 387 -35.34 -61.18 -15.64
CA HIS E 387 -34.74 -62.23 -16.48
C HIS E 387 -35.12 -62.07 -17.97
N PHE E 388 -34.42 -61.14 -18.62
CA PHE E 388 -34.60 -60.86 -20.06
C PHE E 388 -33.44 -61.46 -20.86
N ASP E 389 -33.75 -62.18 -21.94
CA ASP E 389 -32.73 -62.75 -22.83
C ASP E 389 -32.46 -61.87 -24.06
N ASN E 390 -33.06 -60.67 -24.08
CA ASN E 390 -32.96 -59.74 -25.21
C ASN E 390 -31.52 -59.36 -25.60
N VAL E 391 -31.34 -59.11 -26.90
CA VAL E 391 -30.13 -58.50 -27.44
C VAL E 391 -30.59 -57.39 -28.39
N PRO E 392 -30.20 -56.12 -28.15
CA PRO E 392 -29.32 -55.65 -27.08
C PRO E 392 -29.93 -55.78 -25.67
N VAL E 393 -29.03 -55.78 -24.69
CA VAL E 393 -29.34 -56.18 -23.32
C VAL E 393 -30.25 -55.19 -22.61
N LYS E 394 -31.23 -55.72 -21.87
CA LYS E 394 -32.04 -54.89 -20.99
C LYS E 394 -31.31 -54.73 -19.64
N PRO E 395 -31.31 -53.50 -19.10
CA PRO E 395 -30.46 -53.22 -17.93
C PRO E 395 -30.84 -54.02 -16.68
N GLN E 396 -32.12 -54.37 -16.55
CA GLN E 396 -32.58 -55.12 -15.38
C GLN E 396 -32.00 -56.53 -15.33
N ARG E 397 -31.58 -57.07 -16.47
CA ARG E 397 -30.87 -58.36 -16.51
C ARG E 397 -29.46 -58.26 -15.92
N VAL E 398 -28.84 -57.08 -16.02
CA VAL E 398 -27.50 -56.87 -15.48
C VAL E 398 -27.50 -57.02 -13.97
N TYR E 399 -28.49 -56.43 -13.30
CA TYR E 399 -28.54 -56.43 -11.84
C TYR E 399 -28.80 -57.83 -11.28
N GLU E 400 -29.61 -58.61 -12.02
CA GLU E 400 -29.82 -60.03 -11.70
C GLU E 400 -28.50 -60.80 -11.69
N GLU E 401 -27.68 -60.59 -12.73
CA GLU E 401 -26.39 -61.28 -12.85
C GLU E 401 -25.38 -60.85 -11.80
N ASN E 403 -26.21 -59.86 -8.66
CA ASN E 403 -26.63 -60.54 -7.44
C ASN E 403 -26.13 -61.99 -7.37
N LYS E 404 -26.17 -62.70 -8.51
CA LYS E 404 -25.66 -64.07 -8.63
C LYS E 404 -24.13 -64.15 -8.52
N ALA E 405 -23.44 -63.20 -9.16
CA ALA E 405 -21.98 -63.26 -9.32
C ALA E 405 -21.21 -62.84 -8.07
N PHE E 406 -21.77 -61.95 -7.27
CA PHE E 406 -21.04 -61.42 -6.13
C PHE E 406 -21.60 -61.96 -4.83
N GLY E 407 -20.72 -62.06 -3.84
CA GLY E 407 -21.08 -62.61 -2.54
C GLY E 407 -21.90 -61.66 -1.69
N ARG E 408 -22.29 -62.13 -0.53
CA ARG E 408 -23.14 -61.39 0.41
C ARG E 408 -22.42 -60.16 1.00
N ASP E 409 -21.09 -60.22 1.07
CA ASP E 409 -20.27 -59.13 1.62
C ASP E 409 -19.96 -58.03 0.58
N VAL E 410 -20.59 -58.11 -0.59
CA VAL E 410 -20.38 -57.12 -1.65
C VAL E 410 -20.74 -55.71 -1.17
N CYS E 411 -20.02 -54.73 -1.70
CA CYS E 411 -20.19 -53.32 -1.33
C CYS E 411 -20.38 -52.44 -2.57
N TYR E 412 -21.61 -51.98 -2.79
CA TYR E 412 -21.96 -51.25 -4.00
C TYR E 412 -21.71 -49.75 -3.85
N VAL E 413 -21.16 -49.15 -4.89
CA VAL E 413 -20.93 -47.70 -4.96
C VAL E 413 -21.60 -47.16 -6.21
N THR E 414 -22.43 -46.14 -6.06
CA THR E 414 -23.13 -45.57 -7.21
C THR E 414 -23.57 -44.13 -6.93
N THR E 415 -24.14 -43.47 -7.94
CA THR E 415 -24.47 -42.05 -7.88
C THR E 415 -25.91 -41.74 -8.29
N ILE E 416 -26.13 -41.57 -9.59
CA ILE E 416 -27.42 -41.13 -10.12
C ILE E 416 -27.60 -41.57 -11.58
N GLY E 417 -28.85 -41.74 -11.98
CA GLY E 417 -29.20 -42.14 -13.34
C GLY E 417 -30.18 -43.30 -13.33
N LEU E 418 -30.64 -43.72 -14.50
CA LEU E 418 -31.44 -44.95 -14.63
C LEU E 418 -30.61 -46.14 -14.18
N SER E 419 -29.30 -46.03 -14.40
CA SER E 419 -28.32 -46.98 -13.88
C SER E 419 -28.50 -47.26 -12.40
N GLN E 420 -28.49 -46.19 -11.60
CA GLN E 420 -28.55 -46.28 -10.14
C GLN E 420 -29.96 -46.48 -9.58
N ILE E 421 -30.97 -45.95 -10.26
CA ILE E 421 -32.36 -46.13 -9.83
C ILE E 421 -32.75 -47.61 -9.91
N ALA E 422 -32.53 -48.20 -11.08
CA ALA E 422 -32.84 -49.62 -11.31
C ALA E 422 -31.95 -50.52 -10.44
N ALA E 423 -30.71 -50.10 -10.22
CA ALA E 423 -29.79 -50.82 -9.31
C ALA E 423 -30.35 -50.84 -7.89
N ALA E 424 -30.84 -49.70 -7.44
CA ALA E 424 -31.42 -49.56 -6.12
C ALA E 424 -32.69 -50.40 -5.95
N GLN E 425 -33.45 -50.60 -7.03
CA GLN E 425 -34.70 -51.35 -6.93
C GLN E 425 -34.57 -52.84 -7.22
N LEU E 427 -30.90 -54.62 -6.88
CA LEU E 427 -29.76 -55.19 -6.15
C LEU E 427 -30.10 -55.42 -4.69
N HIS E 428 -29.29 -56.21 -4.00
CA HIS E 428 -29.47 -56.48 -2.59
C HIS E 428 -28.18 -56.36 -1.78
N VAL E 429 -28.36 -55.86 -0.55
CA VAL E 429 -27.28 -55.47 0.34
C VAL E 429 -27.54 -56.10 1.70
N PHE E 430 -26.50 -56.50 2.42
CA PHE E 430 -26.66 -57.33 3.63
C PHE E 430 -25.91 -56.84 4.87
N LYS E 431 -25.40 -55.62 4.83
CA LYS E 431 -24.70 -55.01 5.95
C LYS E 431 -24.70 -53.49 5.79
N ASP E 432 -24.48 -52.77 6.88
CA ASP E 432 -24.46 -51.31 6.83
C ASP E 432 -23.16 -50.82 6.20
N ARG E 433 -23.25 -49.72 5.45
CA ARG E 433 -22.14 -49.18 4.66
C ARG E 433 -21.69 -50.11 3.53
N HIS E 434 -22.61 -50.93 3.03
CA HIS E 434 -22.41 -51.70 1.81
C HIS E 434 -23.29 -51.13 0.67
N TRP E 435 -23.90 -49.97 0.92
CA TRP E 435 -24.48 -49.14 -0.12
C TRP E 435 -23.96 -47.72 0.04
N ILE E 436 -22.96 -47.37 -0.77
CA ILE E 436 -22.35 -46.05 -0.72
C ILE E 436 -22.90 -45.19 -1.86
N ASN E 437 -23.77 -44.24 -1.51
CA ASN E 437 -24.54 -43.48 -2.48
C ASN E 437 -24.81 -42.04 -2.01
N CYS E 438 -24.43 -41.06 -2.82
CA CYS E 438 -24.68 -39.64 -2.52
C CYS E 438 -26.15 -39.28 -2.82
N GLY E 439 -27.02 -39.60 -1.87
CA GLY E 439 -28.47 -39.60 -2.08
C GLY E 439 -29.19 -38.26 -2.26
N GLN E 440 -28.65 -37.17 -1.71
CA GLN E 440 -29.33 -35.88 -1.78
C GLN E 440 -28.82 -34.96 -2.90
N ALA E 441 -27.51 -35.02 -3.19
CA ALA E 441 -26.89 -34.14 -4.19
C ALA E 441 -26.67 -34.85 -5.52
N GLY E 442 -26.27 -36.11 -5.47
CA GLY E 442 -26.03 -36.94 -6.67
C GLY E 442 -25.24 -36.28 -7.80
N PRO E 443 -24.01 -35.81 -7.52
CA PRO E 443 -23.23 -35.16 -8.56
C PRO E 443 -22.60 -36.18 -9.52
N LEU E 444 -22.83 -36.01 -10.82
CA LEU E 444 -22.24 -36.90 -11.82
C LEU E 444 -20.71 -36.86 -11.73
N GLY E 445 -20.08 -38.02 -11.90
CA GLY E 445 -18.63 -38.15 -11.77
C GLY E 445 -18.19 -38.70 -10.41
N TRP E 446 -19.14 -38.78 -9.48
CA TRP E 446 -18.87 -39.15 -8.09
C TRP E 446 -18.36 -40.59 -7.95
N THR E 447 -18.89 -41.49 -8.78
CA THR E 447 -18.76 -42.95 -8.60
C THR E 447 -17.33 -43.48 -8.56
N ILE E 448 -16.53 -43.13 -9.56
CA ILE E 448 -15.15 -43.63 -9.64
C ILE E 448 -14.31 -43.22 -8.42
N PRO E 449 -14.14 -41.89 -8.17
CA PRO E 449 -13.36 -41.50 -7.00
C PRO E 449 -13.92 -42.01 -5.67
N ALA E 450 -15.25 -41.98 -5.49
CA ALA E 450 -15.87 -42.50 -4.27
C ALA E 450 -15.49 -43.96 -4.02
N ALA E 451 -15.56 -44.77 -5.08
CA ALA E 451 -15.15 -46.16 -5.03
C ALA E 451 -13.70 -46.31 -4.59
N LEU E 452 -12.82 -45.52 -5.21
CA LEU E 452 -11.39 -45.57 -4.87
C LEU E 452 -11.16 -45.20 -3.41
N GLY E 453 -11.95 -44.25 -2.89
CA GLY E 453 -11.86 -43.84 -1.49
C GLY E 453 -12.28 -44.92 -0.51
N VAL E 454 -13.31 -45.69 -0.86
CA VAL E 454 -13.74 -46.83 -0.06
C VAL E 454 -12.65 -47.91 -0.03
N CYS E 455 -12.05 -48.18 -1.19
CA CYS E 455 -10.95 -49.14 -1.30
C CYS E 455 -9.72 -48.75 -0.49
N ALA E 456 -9.42 -47.46 -0.47
CA ALA E 456 -8.31 -46.94 0.32
C ALA E 456 -8.62 -47.03 1.81
N ALA E 457 -9.90 -46.90 2.16
CA ALA E 457 -10.36 -47.02 3.55
C ALA E 457 -10.33 -48.47 4.04
N ASP E 458 -10.57 -49.42 3.14
CA ASP E 458 -10.57 -50.85 3.48
C ASP E 458 -10.17 -51.72 2.27
N PRO E 459 -8.89 -52.12 2.20
CA PRO E 459 -8.39 -53.06 1.19
C PRO E 459 -9.05 -54.44 1.16
N LYS E 460 -9.76 -54.83 2.22
CA LYS E 460 -10.48 -56.11 2.27
C LYS E 460 -11.92 -55.99 1.71
N ARG E 461 -12.39 -54.77 1.49
CA ARG E 461 -13.76 -54.54 1.01
C ARG E 461 -13.94 -55.01 -0.45
N ASN E 462 -14.99 -55.79 -0.67
CA ASN E 462 -15.34 -56.29 -1.99
C ASN E 462 -16.17 -55.24 -2.73
N VAL E 463 -15.48 -54.21 -3.23
CA VAL E 463 -16.12 -53.02 -3.81
C VAL E 463 -16.53 -53.22 -5.27
N VAL E 464 -17.80 -52.92 -5.57
CA VAL E 464 -18.33 -53.00 -6.94
C VAL E 464 -19.14 -51.74 -7.23
N ALA E 465 -18.75 -51.02 -8.29
CA ALA E 465 -19.42 -49.76 -8.65
C ALA E 465 -20.37 -49.94 -9.83
N ILE E 466 -21.45 -49.15 -9.83
CA ILE E 466 -22.37 -49.10 -10.98
C ILE E 466 -22.42 -47.68 -11.52
N SER E 467 -22.22 -47.53 -12.83
CA SER E 467 -22.36 -46.25 -13.51
C SER E 467 -23.04 -46.40 -14.85
N GLY E 468 -23.73 -45.34 -15.27
CA GLY E 468 -24.12 -45.16 -16.67
C GLY E 468 -22.94 -44.53 -17.42
N ASP E 469 -23.07 -44.43 -18.74
CA ASP E 469 -21.98 -43.95 -19.59
C ASP E 469 -21.60 -42.49 -19.32
N PHE E 470 -22.60 -41.65 -19.03
CA PHE E 470 -22.37 -40.23 -18.79
C PHE E 470 -21.67 -40.00 -17.45
N ASP E 471 -22.18 -40.63 -16.39
CA ASP E 471 -21.53 -40.57 -15.07
C ASP E 471 -20.06 -41.02 -15.14
N PHE E 472 -19.85 -42.12 -15.86
CA PHE E 472 -18.52 -42.71 -16.05
C PHE E 472 -17.53 -41.72 -16.68
N GLN E 473 -18.01 -40.91 -17.62
CA GLN E 473 -17.15 -39.99 -18.38
C GLN E 473 -16.75 -38.70 -17.64
N PHE E 474 -17.65 -38.16 -16.80
CA PHE E 474 -17.38 -36.92 -16.05
C PHE E 474 -15.97 -36.86 -15.48
N LEU E 475 -15.60 -37.87 -14.69
CA LEU E 475 -14.27 -37.95 -14.06
C LEU E 475 -13.58 -39.26 -14.41
N ILE E 476 -13.62 -39.61 -15.70
CA ILE E 476 -13.08 -40.88 -16.21
C ILE E 476 -11.57 -41.07 -15.96
N GLU E 477 -10.84 -39.95 -15.92
CA GLU E 477 -9.39 -39.96 -15.74
C GLU E 477 -8.91 -40.47 -14.39
N GLU E 478 -9.80 -40.47 -13.39
CA GLU E 478 -9.45 -40.97 -12.05
C GLU E 478 -9.17 -42.48 -12.02
N LEU E 479 -9.59 -43.20 -13.07
CA LEU E 479 -9.20 -44.59 -13.24
C LEU E 479 -7.67 -44.74 -13.22
N ALA E 480 -6.96 -43.76 -13.77
CA ALA E 480 -5.48 -43.78 -13.77
C ALA E 480 -4.86 -43.65 -12.37
N VAL E 481 -5.61 -43.09 -11.42
CA VAL E 481 -5.22 -43.09 -10.00
C VAL E 481 -5.20 -44.54 -9.49
N GLY E 482 -6.27 -45.26 -9.81
CA GLY E 482 -6.39 -46.67 -9.49
C GLY E 482 -5.30 -47.54 -10.12
N ALA E 483 -4.78 -47.10 -11.27
CA ALA E 483 -3.68 -47.80 -11.94
C ALA E 483 -2.32 -47.45 -11.34
N GLN E 484 -2.05 -46.16 -11.16
CA GLN E 484 -0.75 -45.70 -10.66
C GLN E 484 -0.48 -46.26 -9.26
N PHE E 485 -1.40 -46.00 -8.35
CA PHE E 485 -1.42 -46.65 -7.05
C PHE E 485 -2.22 -47.91 -7.37
N ASN E 486 -1.97 -49.03 -6.71
CA ASN E 486 -2.63 -50.28 -7.17
C ASN E 486 -3.90 -50.55 -6.37
N ILE E 487 -4.97 -49.85 -6.74
CA ILE E 487 -6.23 -49.87 -5.99
C ILE E 487 -7.31 -50.58 -6.82
N PRO E 488 -7.48 -51.89 -6.59
CA PRO E 488 -8.41 -52.69 -7.40
C PRO E 488 -9.85 -52.69 -6.92
N TYR E 489 -10.77 -52.63 -7.89
CA TYR E 489 -12.19 -52.83 -7.67
C TYR E 489 -12.83 -53.15 -9.03
N ILE E 490 -14.12 -53.49 -9.03
CA ILE E 490 -14.83 -53.78 -10.28
C ILE E 490 -15.84 -52.68 -10.56
N HIS E 491 -15.80 -52.12 -11.77
CA HIS E 491 -16.73 -51.08 -12.18
C HIS E 491 -17.65 -51.57 -13.30
N VAL E 492 -18.94 -51.72 -12.96
CA VAL E 492 -19.95 -52.14 -13.93
C VAL E 492 -20.45 -50.89 -14.64
N LEU E 493 -20.27 -50.87 -15.95
CA LEU E 493 -20.66 -49.73 -16.79
C LEU E 493 -21.81 -50.15 -17.70
N VAL E 494 -22.99 -49.58 -17.47
CA VAL E 494 -24.15 -49.88 -18.30
C VAL E 494 -24.32 -48.75 -19.32
N ASN E 495 -24.07 -49.08 -20.59
CA ASN E 495 -23.93 -48.09 -21.66
C ASN E 495 -25.13 -48.09 -22.63
N ASN E 496 -25.88 -46.99 -22.63
CA ASN E 496 -26.98 -46.81 -23.58
C ASN E 496 -26.82 -45.59 -24.51
N ALA E 497 -25.64 -44.99 -24.50
CA ALA E 497 -25.32 -43.80 -25.31
C ALA E 497 -26.37 -42.68 -25.13
N TYR E 498 -26.80 -42.49 -23.89
CA TYR E 498 -27.90 -41.58 -23.54
C TYR E 498 -27.73 -41.00 -22.15
N LEU E 499 -28.24 -39.78 -21.96
CA LEU E 499 -28.59 -39.31 -20.63
C LEU E 499 -29.97 -39.91 -20.36
N GLY E 500 -29.97 -41.16 -19.90
CA GLY E 500 -31.19 -41.95 -19.80
C GLY E 500 -32.28 -41.32 -18.97
N LEU E 501 -31.95 -40.95 -17.73
CA LEU E 501 -32.92 -40.41 -16.79
C LEU E 501 -33.59 -39.14 -17.34
N ILE E 502 -32.78 -38.28 -17.95
CA ILE E 502 -33.25 -37.00 -18.49
C ILE E 502 -34.14 -37.23 -19.71
N ARG E 503 -33.73 -38.13 -20.60
CA ARG E 503 -34.58 -38.55 -21.73
C ARG E 503 -35.97 -38.97 -21.23
N GLN E 504 -35.99 -39.80 -20.19
CA GLN E 504 -37.26 -40.26 -19.61
C GLN E 504 -38.08 -39.10 -19.04
N SER E 505 -37.43 -38.17 -18.35
CA SER E 505 -38.13 -37.00 -17.78
C SER E 505 -38.66 -36.04 -18.86
N GLN E 506 -38.03 -36.07 -20.05
CA GLN E 506 -38.45 -35.22 -21.17
C GLN E 506 -39.72 -35.72 -21.87
N ARG E 507 -40.19 -36.92 -21.53
CA ARG E 507 -41.43 -37.47 -22.10
C ARG E 507 -42.61 -36.54 -21.86
N ALA E 508 -42.68 -36.00 -20.64
CA ALA E 508 -43.74 -35.04 -20.25
C ALA E 508 -43.76 -33.78 -21.12
N PHE E 509 -42.59 -33.40 -21.65
CA PHE E 509 -42.45 -32.26 -22.57
C PHE E 509 -42.47 -32.69 -24.05
N ASP E 510 -42.78 -33.96 -24.31
CA ASP E 510 -42.93 -34.50 -25.67
C ASP E 510 -41.70 -34.27 -26.56
N ASP E 512 -37.11 -35.33 -27.28
CA ASP E 512 -35.85 -36.07 -27.09
C ASP E 512 -34.73 -35.14 -27.59
N TYR E 513 -34.17 -34.36 -26.69
CA TYR E 513 -33.43 -33.15 -27.07
C TYR E 513 -32.20 -32.92 -26.18
N CYS E 514 -31.02 -32.94 -26.80
CA CYS E 514 -29.73 -32.75 -26.13
C CYS E 514 -29.39 -33.81 -25.09
N VAL E 515 -29.90 -35.02 -25.28
CA VAL E 515 -29.67 -36.11 -24.31
C VAL E 515 -28.95 -37.33 -24.89
N GLN E 516 -28.61 -37.29 -26.18
CA GLN E 516 -27.90 -38.39 -26.84
C GLN E 516 -26.39 -38.18 -26.86
N LEU E 517 -25.64 -39.27 -26.62
CA LEU E 517 -24.17 -39.26 -26.67
C LEU E 517 -23.62 -40.08 -27.84
N ALA E 518 -24.50 -40.64 -28.66
CA ALA E 518 -24.10 -41.53 -29.74
C ALA E 518 -23.43 -40.80 -30.91
N PHE E 519 -22.37 -41.41 -31.43
CA PHE E 519 -21.78 -41.01 -32.71
C PHE E 519 -20.99 -42.18 -33.31
N GLU E 520 -20.73 -42.12 -34.61
CA GLU E 520 -19.89 -43.11 -35.27
C GLU E 520 -18.44 -42.86 -34.94
N ASN E 521 -17.87 -43.70 -34.10
CA ASN E 521 -16.47 -43.56 -33.71
C ASN E 521 -15.58 -43.97 -34.89
N ILE E 522 -14.80 -43.02 -35.38
CA ILE E 522 -13.95 -43.24 -36.57
C ILE E 522 -12.80 -44.22 -36.33
N ASN E 523 -12.53 -44.57 -35.08
CA ASN E 523 -11.52 -45.55 -34.73
C ASN E 523 -12.09 -46.88 -34.26
N SER E 524 -13.41 -46.99 -34.13
CA SER E 524 -14.05 -48.16 -33.51
C SER E 524 -15.43 -48.54 -34.07
N SER E 525 -15.45 -49.46 -35.03
CA SER E 525 -16.71 -50.01 -35.56
C SER E 525 -17.41 -50.93 -34.55
N GLU E 526 -16.61 -51.60 -33.71
CA GLU E 526 -17.10 -52.56 -32.70
C GLU E 526 -18.22 -51.99 -31.82
N VAL E 527 -18.15 -50.69 -31.52
CA VAL E 527 -19.14 -50.02 -30.67
C VAL E 527 -20.45 -49.65 -31.39
N ASN E 528 -20.53 -49.88 -32.71
CA ASN E 528 -21.78 -49.70 -33.49
C ASN E 528 -22.46 -48.33 -33.29
N GLY E 529 -21.68 -47.26 -33.40
CA GLY E 529 -22.21 -45.90 -33.31
C GLY E 529 -22.70 -45.48 -31.93
N TYR E 530 -22.26 -46.19 -30.88
CA TYR E 530 -22.55 -45.83 -29.49
C TYR E 530 -21.64 -44.69 -29.00
N GLY E 531 -20.60 -44.36 -29.77
CA GLY E 531 -19.76 -43.20 -29.51
C GLY E 531 -18.43 -43.53 -28.85
N VAL E 532 -18.31 -43.19 -27.57
CA VAL E 532 -17.07 -43.40 -26.83
C VAL E 532 -16.76 -44.89 -26.70
N ASP E 533 -15.50 -45.24 -26.93
CA ASP E 533 -14.99 -46.58 -26.73
C ASP E 533 -14.37 -46.66 -25.34
N HIS E 534 -15.19 -47.05 -24.37
CA HIS E 534 -14.78 -47.09 -22.97
C HIS E 534 -13.69 -48.13 -22.69
N VAL E 535 -13.63 -49.18 -23.50
CA VAL E 535 -12.58 -50.21 -23.38
C VAL E 535 -11.19 -49.61 -23.72
N LYS E 536 -11.10 -48.93 -24.84
CA LYS E 536 -9.85 -48.28 -25.24
C LYS E 536 -9.45 -47.16 -24.27
N VAL E 537 -10.42 -46.39 -23.79
CA VAL E 537 -10.15 -45.32 -22.82
C VAL E 537 -9.62 -45.91 -21.51
N ALA E 538 -10.28 -46.97 -21.02
CA ALA E 538 -9.89 -47.62 -19.76
C ALA E 538 -8.51 -48.25 -19.84
N GLU E 539 -8.21 -48.88 -20.97
CA GLU E 539 -6.90 -49.49 -21.20
C GLU E 539 -5.79 -48.45 -21.27
N GLY E 540 -6.06 -47.36 -21.99
CA GLY E 540 -5.14 -46.24 -22.08
C GLY E 540 -4.82 -45.63 -20.72
N LEU E 541 -5.81 -45.61 -19.84
CA LEU E 541 -5.64 -45.12 -18.46
C LEU E 541 -4.94 -46.13 -17.53
N GLY E 542 -4.62 -47.32 -18.04
CA GLY E 542 -3.80 -48.31 -17.31
C GLY E 542 -4.59 -49.42 -16.65
N CYS E 543 -5.87 -49.49 -16.98
CA CYS E 543 -6.78 -50.45 -16.36
C CYS E 543 -7.14 -51.58 -17.32
N LYS E 544 -7.92 -52.53 -16.82
CA LYS E 544 -8.46 -53.59 -17.67
C LYS E 544 -9.95 -53.35 -17.89
N ALA E 545 -10.44 -53.87 -19.02
CA ALA E 545 -11.83 -53.65 -19.42
C ALA E 545 -12.35 -54.80 -20.30
N ILE E 546 -13.61 -55.16 -20.08
CA ILE E 546 -14.27 -56.18 -20.88
C ILE E 546 -15.59 -55.60 -21.38
N ARG E 547 -15.92 -55.89 -22.64
CA ARG E 547 -17.21 -55.50 -23.21
C ARG E 547 -18.11 -56.71 -23.44
N VAL E 548 -19.39 -56.55 -23.11
CA VAL E 548 -20.38 -57.61 -23.20
C VAL E 548 -21.56 -57.14 -24.05
N PHE E 549 -21.90 -57.93 -25.08
CA PHE E 549 -23.04 -57.65 -25.96
C PHE E 549 -24.26 -58.54 -25.68
N LYS E 550 -24.03 -59.72 -25.09
CA LYS E 550 -25.09 -60.70 -24.84
C LYS E 550 -25.26 -60.99 -23.34
N PRO E 551 -26.51 -61.22 -22.90
CA PRO E 551 -26.79 -61.45 -21.47
C PRO E 551 -26.08 -62.67 -20.85
N GLU E 552 -25.93 -63.74 -21.63
CA GLU E 552 -25.24 -64.94 -21.18
C GLU E 552 -23.72 -64.77 -20.98
N ASP E 553 -23.15 -63.72 -21.58
CA ASP E 553 -21.71 -63.39 -21.42
C ASP E 553 -21.40 -62.56 -20.18
N ILE E 554 -22.43 -62.14 -19.43
CA ILE E 554 -22.23 -61.29 -18.26
C ILE E 554 -21.58 -62.06 -17.10
N ALA E 555 -22.11 -63.23 -16.78
CA ALA E 555 -21.56 -64.04 -15.69
C ALA E 555 -20.07 -64.38 -15.89
N PRO E 556 -19.70 -64.94 -17.06
CA PRO E 556 -18.27 -65.19 -17.32
C PRO E 556 -17.40 -63.94 -17.24
N ALA E 557 -17.94 -62.80 -17.67
CA ALA E 557 -17.20 -61.54 -17.65
C ALA E 557 -16.82 -61.13 -16.22
N PHE E 558 -17.76 -61.31 -15.29
CA PHE E 558 -17.50 -61.02 -13.88
C PHE E 558 -16.43 -61.93 -13.28
N GLU E 559 -16.43 -63.20 -13.68
CA GLU E 559 -15.37 -64.15 -13.27
C GLU E 559 -14.01 -63.74 -13.84
N GLN E 560 -13.98 -63.39 -15.12
CA GLN E 560 -12.76 -62.85 -15.75
C GLN E 560 -12.26 -61.60 -15.01
N ALA E 561 -13.19 -60.71 -14.66
CA ALA E 561 -12.85 -59.48 -13.94
C ALA E 561 -12.19 -59.76 -12.59
N LYS E 562 -12.73 -60.71 -11.83
CA LYS E 562 -12.17 -61.12 -10.54
C LYS E 562 -10.73 -61.62 -10.66
N ALA E 563 -10.47 -62.36 -11.74
CA ALA E 563 -9.14 -62.90 -12.02
C ALA E 563 -8.13 -61.80 -12.37
N LEU E 564 -8.55 -60.89 -13.24
CA LEU E 564 -7.70 -59.75 -13.64
C LEU E 564 -7.32 -58.87 -12.46
N ALA E 566 -6.97 -59.80 -9.34
CA ALA E 566 -6.07 -60.52 -8.46
C ALA E 566 -4.62 -60.43 -8.93
N GLN E 567 -4.42 -60.57 -10.23
CA GLN E 567 -3.07 -60.60 -10.81
C GLN E 567 -2.51 -59.22 -11.13
N TYR E 568 -3.33 -58.33 -11.70
CA TYR E 568 -2.88 -57.00 -12.11
C TYR E 568 -3.05 -55.90 -11.05
N ARG E 569 -3.98 -56.10 -10.10
CA ARG E 569 -4.17 -55.16 -8.98
C ARG E 569 -4.60 -53.76 -9.42
N VAL E 570 -5.52 -53.70 -10.37
CA VAL E 570 -6.03 -52.43 -10.90
C VAL E 570 -7.55 -52.47 -11.05
N PRO E 571 -8.19 -51.30 -11.21
CA PRO E 571 -9.61 -51.30 -11.55
C PRO E 571 -9.90 -52.08 -12.82
N VAL E 572 -11.00 -52.83 -12.81
CA VAL E 572 -11.43 -53.59 -13.97
C VAL E 572 -12.85 -53.16 -14.34
N VAL E 573 -13.01 -52.64 -15.55
CA VAL E 573 -14.30 -52.15 -16.03
C VAL E 573 -15.01 -53.23 -16.82
N VAL E 574 -16.27 -53.50 -16.48
CA VAL E 574 -17.10 -54.40 -17.26
C VAL E 574 -18.20 -53.58 -17.93
N GLU E 575 -18.05 -53.34 -19.22
CA GLU E 575 -19.02 -52.58 -20.00
C GLU E 575 -20.10 -53.49 -20.59
N VAL E 576 -21.37 -53.17 -20.31
CA VAL E 576 -22.51 -53.86 -20.92
C VAL E 576 -23.23 -52.94 -21.90
N ILE E 577 -23.36 -53.37 -23.15
CA ILE E 577 -24.05 -52.60 -24.18
C ILE E 577 -25.56 -52.81 -24.03
N LEU E 578 -26.24 -51.76 -23.56
CA LEU E 578 -27.68 -51.82 -23.34
C LEU E 578 -28.45 -51.46 -24.60
N GLU E 579 -29.73 -51.83 -24.60
CA GLU E 579 -30.67 -51.26 -25.56
C GLU E 579 -30.75 -49.76 -25.27
N ARG E 580 -31.00 -48.98 -26.31
CA ARG E 580 -30.89 -47.52 -26.23
C ARG E 580 -31.90 -46.88 -25.29
N VAL E 581 -33.15 -47.34 -25.35
CA VAL E 581 -34.23 -46.74 -24.57
C VAL E 581 -34.93 -47.77 -23.70
N THR E 582 -34.87 -47.56 -22.38
CA THR E 582 -35.62 -48.35 -21.40
C THR E 582 -36.19 -47.41 -20.34
N ASN E 583 -37.51 -47.49 -20.13
CA ASN E 583 -38.20 -46.65 -19.15
C ASN E 583 -38.31 -47.37 -17.81
N ILE E 584 -37.60 -46.85 -16.81
CA ILE E 584 -37.58 -47.43 -15.48
C ILE E 584 -38.79 -46.95 -14.69
N SER E 585 -39.29 -47.80 -13.79
CA SER E 585 -40.47 -47.49 -12.99
C SER E 585 -40.23 -46.32 -12.05
N GLY E 587 -42.67 -42.49 -10.33
CA GLY E 587 -43.88 -41.66 -10.28
C GLY E 587 -43.74 -40.47 -9.36
N SER E 588 -44.77 -39.65 -9.29
CA SER E 588 -44.76 -38.45 -8.45
C SER E 588 -45.42 -38.68 -7.08
N GLU E 589 -46.06 -39.83 -6.90
CA GLU E 589 -46.65 -40.22 -5.60
C GLU E 589 -46.48 -41.72 -5.36
N LEU E 590 -46.53 -42.12 -4.11
CA LEU E 590 -46.39 -43.54 -3.74
C LEU E 590 -47.46 -44.43 -4.39
N ASP E 591 -48.69 -43.91 -4.52
CA ASP E 591 -49.82 -44.64 -5.13
C ASP E 591 -49.94 -44.44 -6.65
N ASN E 592 -48.86 -43.92 -7.25
CA ASN E 592 -48.89 -43.38 -8.59
C ASN E 592 -47.65 -43.78 -9.38
N VAL E 593 -46.86 -44.73 -8.86
CA VAL E 593 -45.64 -45.16 -9.54
C VAL E 593 -46.02 -45.97 -10.77
N GLU E 595 -45.38 -48.46 -14.01
CA GLU E 595 -44.63 -49.61 -14.50
C GLU E 595 -44.64 -49.64 -16.03
N PHE E 596 -43.51 -49.30 -16.64
CA PHE E 596 -43.37 -49.29 -18.10
C PHE E 596 -42.91 -50.65 -18.62
N GLU E 597 -41.89 -51.20 -17.97
CA GLU E 597 -41.38 -52.54 -18.27
C GLU E 597 -42.23 -53.60 -17.56
N ASP E 598 -42.04 -54.85 -17.96
CA ASP E 598 -42.85 -55.96 -17.44
C ASP E 598 -42.72 -56.10 -15.93
N ILE E 599 -43.87 -56.22 -15.26
CA ILE E 599 -43.89 -56.59 -13.84
C ILE E 599 -43.73 -58.10 -13.71
N ALA E 600 -43.70 -58.60 -12.48
CA ALA E 600 -43.55 -60.02 -12.22
C ALA E 600 -44.22 -60.43 -10.89
N ASP E 601 -44.78 -61.63 -10.86
CA ASP E 601 -45.41 -62.19 -9.65
C ASP E 601 -44.86 -63.57 -9.25
N ASN E 602 -43.75 -63.98 -9.86
CA ASN E 602 -43.10 -65.25 -9.55
C ASN E 602 -41.58 -65.18 -9.74
N ALA E 603 -40.88 -66.19 -9.24
CA ALA E 603 -39.41 -66.19 -9.22
C ALA E 603 -38.75 -66.41 -10.58
N ALA E 604 -39.45 -67.08 -11.50
CA ALA E 604 -38.90 -67.34 -12.84
C ALA E 604 -38.47 -66.05 -13.55
N ASP E 605 -39.29 -65.00 -13.39
CA ASP E 605 -39.03 -63.69 -13.97
C ASP E 605 -38.12 -62.81 -13.10
N ALA E 606 -38.13 -63.03 -11.78
CA ALA E 606 -37.32 -62.24 -10.84
C ALA E 606 -36.58 -63.15 -9.86
N PRO E 607 -35.63 -63.96 -10.37
CA PRO E 607 -35.04 -65.04 -9.59
C PRO E 607 -34.11 -64.65 -8.42
N THR E 608 -33.70 -63.37 -8.33
CA THR E 608 -32.71 -62.97 -7.30
C THR E 608 -33.29 -62.19 -6.11
N GLU E 609 -34.62 -62.18 -5.98
CA GLU E 609 -35.24 -61.69 -4.75
C GLU E 609 -34.82 -62.58 -3.58
N THR E 610 -34.55 -61.98 -2.42
CA THR E 610 -33.95 -62.70 -1.28
C THR E 610 -34.82 -63.85 -0.75
N CYS E 611 -36.11 -63.75 -0.99
CA CYS E 611 -37.07 -64.78 -0.61
C CYS E 611 -36.95 -66.03 -1.48
N PHE E 612 -36.43 -65.87 -2.71
CA PHE E 612 -36.27 -66.97 -3.64
C PHE E 612 -34.84 -67.49 -3.70
N HIS E 614 -30.86 -67.86 -1.59
CA HIS E 614 -29.94 -67.76 -0.46
C HIS E 614 -28.67 -67.05 -0.90
N TYR E 615 -28.26 -66.04 -0.13
CA TYR E 615 -27.08 -65.25 -0.46
C TYR E 615 -25.85 -65.67 0.36
N GLU E 616 -24.81 -66.15 -0.31
CA GLU E 616 -23.54 -66.59 0.31
C GLU E 616 -23.76 -67.62 1.42
N ALA F 25 -53.28 -31.00 22.99
CA ALA F 25 -51.89 -30.85 22.44
C ALA F 25 -51.80 -30.06 21.13
N LYS F 26 -52.94 -29.88 20.42
CA LYS F 26 -53.03 -28.96 19.27
C LYS F 26 -53.04 -27.52 19.76
N ARG F 28 -51.18 -23.20 18.81
CA ARG F 28 -50.42 -22.27 17.97
C ARG F 28 -48.92 -22.42 18.24
N ALA F 29 -48.11 -22.16 17.23
CA ALA F 29 -46.64 -22.24 17.37
C ALA F 29 -46.12 -21.34 18.49
N VAL F 30 -46.65 -20.12 18.55
CA VAL F 30 -46.29 -19.16 19.62
C VAL F 30 -46.73 -19.61 21.03
N ASP F 31 -47.83 -20.36 21.12
CA ASP F 31 -48.27 -20.93 22.40
C ASP F 31 -47.29 -22.00 22.90
N ALA F 32 -46.81 -22.83 21.97
CA ALA F 32 -45.76 -23.80 22.26
C ALA F 32 -44.45 -23.12 22.67
N ALA F 33 -44.15 -21.97 22.05
CA ALA F 33 -42.97 -21.19 22.38
C ALA F 33 -42.96 -20.75 23.85
N TYR F 35 -44.36 -22.40 26.48
CA TYR F 35 -43.97 -23.58 27.25
C TYR F 35 -42.46 -23.77 27.22
N VAL F 36 -41.85 -23.65 26.05
CA VAL F 36 -40.41 -23.82 25.92
C VAL F 36 -39.65 -22.77 26.74
N LEU F 37 -40.03 -21.51 26.57
CA LEU F 37 -39.37 -20.41 27.30
C LEU F 37 -39.47 -20.57 28.83
N GLU F 38 -40.63 -21.03 29.30
CA GLU F 38 -40.84 -21.25 30.74
C GLU F 38 -40.01 -22.41 31.28
N LYS F 39 -40.03 -23.54 30.59
CA LYS F 39 -39.24 -24.71 30.98
C LYS F 39 -37.73 -24.44 30.89
N GLU F 40 -37.37 -23.42 30.10
CA GLU F 40 -35.97 -23.06 29.88
C GLU F 40 -35.52 -21.91 30.80
N GLY F 41 -36.40 -21.47 31.71
CA GLY F 41 -36.03 -20.54 32.78
C GLY F 41 -36.46 -19.09 32.69
N ILE F 42 -37.07 -18.67 31.57
CA ILE F 42 -37.39 -17.25 31.37
C ILE F 42 -38.60 -16.79 32.17
N THR F 43 -38.42 -15.68 32.89
CA THR F 43 -39.46 -15.04 33.68
C THR F 43 -39.64 -13.55 33.33
N THR F 44 -38.76 -13.02 32.48
CA THR F 44 -38.75 -11.59 32.17
C THR F 44 -38.49 -11.34 30.68
N ALA F 45 -39.07 -10.26 30.17
CA ALA F 45 -38.90 -9.89 28.77
C ALA F 45 -38.96 -8.36 28.61
N PHE F 46 -38.05 -7.83 27.81
CA PHE F 46 -38.02 -6.40 27.49
C PHE F 46 -38.32 -6.25 26.03
N GLY F 47 -39.22 -5.34 25.68
CA GLY F 47 -39.58 -5.18 24.27
C GLY F 47 -40.45 -4.02 23.87
N VAL F 48 -40.76 -3.98 22.58
CA VAL F 48 -41.64 -3.00 21.97
C VAL F 48 -42.53 -3.74 20.98
N PRO F 49 -43.85 -3.81 21.25
CA PRO F 49 -44.72 -4.58 20.37
C PRO F 49 -45.00 -3.95 19.00
N GLY F 50 -45.55 -4.75 18.11
CA GLY F 50 -45.90 -4.32 16.75
C GLY F 50 -46.82 -5.36 16.11
N ALA F 51 -47.45 -5.00 15.00
CA ALA F 51 -48.42 -5.89 14.35
C ALA F 51 -47.80 -7.25 13.99
N ALA F 52 -46.58 -7.25 13.47
CA ALA F 52 -45.92 -8.49 13.04
C ALA F 52 -45.57 -9.46 14.19
N ILE F 53 -45.48 -8.94 15.41
CA ILE F 53 -45.15 -9.75 16.59
C ILE F 53 -46.33 -9.86 17.60
N ASN F 54 -47.51 -9.38 17.21
CA ASN F 54 -48.72 -9.47 18.08
C ASN F 54 -49.09 -10.91 18.51
N PRO F 55 -49.01 -11.90 17.59
CA PRO F 55 -49.35 -13.26 18.02
C PRO F 55 -48.49 -13.76 19.19
N PHE F 56 -47.21 -13.42 19.18
CA PHE F 56 -46.33 -13.75 20.29
C PHE F 56 -46.80 -13.10 21.60
N TYR F 57 -47.07 -11.81 21.55
CA TYR F 57 -47.59 -11.06 22.72
C TYR F 57 -48.91 -11.64 23.23
N SER F 58 -49.75 -12.10 22.31
CA SER F 58 -51.01 -12.74 22.64
C SER F 58 -50.82 -14.03 23.40
N ALA F 59 -49.87 -14.84 22.94
CA ALA F 59 -49.54 -16.11 23.58
C ALA F 59 -48.93 -15.91 24.97
N ARG F 61 -49.53 -13.34 27.01
CA ARG F 61 -50.58 -12.90 27.94
C ARG F 61 -51.47 -14.06 28.36
N LYS F 62 -51.83 -14.90 27.39
CA LYS F 62 -52.66 -16.09 27.63
C LYS F 62 -51.97 -17.07 28.57
N HIS F 63 -50.65 -17.23 28.42
CA HIS F 63 -49.88 -18.20 29.20
C HIS F 63 -49.54 -17.72 30.61
N GLY F 64 -49.21 -16.43 30.74
CA GLY F 64 -48.76 -15.87 32.01
C GLY F 64 -47.34 -16.30 32.35
N GLY F 65 -46.80 -15.76 33.44
CA GLY F 65 -45.49 -16.18 33.95
C GLY F 65 -44.28 -15.40 33.45
N ILE F 66 -44.47 -14.53 32.47
CA ILE F 66 -43.39 -13.64 32.02
C ILE F 66 -43.80 -12.18 32.25
N ARG F 67 -42.93 -11.46 32.96
CA ARG F 67 -43.12 -10.04 33.19
C ARG F 67 -42.55 -9.24 32.02
N HIS F 68 -43.40 -8.48 31.33
CA HIS F 68 -42.96 -7.64 30.21
C HIS F 68 -42.70 -6.20 30.63
N ILE F 69 -41.50 -5.69 30.33
CA ILE F 69 -41.20 -4.26 30.46
C ILE F 69 -41.21 -3.61 29.08
N LEU F 70 -42.05 -2.60 28.92
CA LEU F 70 -42.12 -1.81 27.69
C LEU F 70 -40.99 -0.79 27.68
N ALA F 71 -40.10 -0.90 26.69
CA ALA F 71 -39.04 0.09 26.48
C ALA F 71 -39.56 1.28 25.67
N ARG F 72 -38.76 2.34 25.63
CA ARG F 72 -39.06 3.55 24.84
C ARG F 72 -38.02 3.76 23.74
N HIS F 73 -37.31 2.68 23.43
CA HIS F 73 -36.50 2.52 22.22
C HIS F 73 -36.14 1.04 22.16
N VAL F 74 -36.21 0.44 20.98
CA VAL F 74 -35.84 -0.98 20.83
C VAL F 74 -34.39 -1.25 21.25
N GLU F 75 -33.47 -0.34 20.92
CA GLU F 75 -32.10 -0.41 21.41
C GLU F 75 -32.09 -0.47 22.94
N GLY F 76 -32.97 0.30 23.57
CA GLY F 76 -33.12 0.28 25.02
C GLY F 76 -33.50 -1.09 25.54
N ALA F 77 -34.48 -1.72 24.89
CA ALA F 77 -34.91 -3.07 25.25
C ALA F 77 -33.76 -4.08 25.10
N SER F 78 -32.97 -3.89 24.06
CA SER F 78 -31.83 -4.77 23.78
C SER F 78 -30.80 -4.73 24.89
N HIS F 79 -30.45 -3.53 25.32
CA HIS F 79 -29.40 -3.34 26.33
C HIS F 79 -29.90 -3.67 27.74
N ALA F 81 -31.87 -6.27 28.20
CA ALA F 81 -31.65 -7.71 28.14
C ALA F 81 -30.19 -8.07 28.46
N GLU F 82 -29.24 -7.28 27.95
CA GLU F 82 -27.81 -7.51 28.22
C GLU F 82 -27.51 -7.40 29.71
N GLY F 83 -28.01 -6.34 30.33
CA GLY F 83 -27.84 -6.13 31.77
C GLY F 83 -28.46 -7.24 32.59
N TYR F 84 -29.67 -7.67 32.19
CA TYR F 84 -30.37 -8.78 32.84
C TYR F 84 -29.53 -10.05 32.84
N THR F 85 -28.91 -10.33 31.70
CA THR F 85 -28.04 -11.51 31.56
C THR F 85 -26.80 -11.41 32.43
N ARG F 86 -26.13 -10.27 32.34
CA ARG F 86 -24.85 -10.06 33.04
C ARG F 86 -24.98 -9.98 34.57
N ALA F 87 -26.19 -9.75 35.06
CA ALA F 87 -26.43 -9.59 36.50
C ALA F 87 -26.21 -10.86 37.32
N THR F 88 -26.67 -12.00 36.80
CA THR F 88 -26.67 -13.26 37.57
C THR F 88 -26.39 -14.45 36.65
N ALA F 89 -25.67 -15.45 37.18
CA ALA F 89 -25.03 -16.53 36.38
C ALA F 89 -25.90 -17.28 35.36
N GLY F 90 -27.09 -17.72 35.75
CA GLY F 90 -27.95 -18.45 34.81
C GLY F 90 -28.86 -17.62 33.93
N ASN F 91 -28.84 -16.30 34.09
CA ASN F 91 -29.81 -15.42 33.43
C ASN F 91 -29.62 -15.30 31.92
N ILE F 92 -30.74 -15.31 31.21
CA ILE F 92 -30.77 -15.03 29.78
C ILE F 92 -31.85 -13.97 29.51
N GLY F 93 -31.39 -12.74 29.28
CA GLY F 93 -32.28 -11.62 28.97
C GLY F 93 -32.92 -11.79 27.61
N VAL F 94 -34.20 -11.44 27.53
CA VAL F 94 -34.99 -11.61 26.30
C VAL F 94 -35.45 -10.24 25.76
N CYS F 95 -35.27 -10.06 24.46
CA CYS F 95 -35.57 -8.83 23.76
C CYS F 95 -36.60 -9.07 22.65
N LEU F 96 -37.72 -8.35 22.72
CA LEU F 96 -38.85 -8.56 21.80
C LEU F 96 -39.11 -7.34 20.91
N GLY F 97 -39.30 -7.58 19.62
CA GLY F 97 -39.58 -6.50 18.66
C GLY F 97 -40.38 -6.94 17.46
N THR F 98 -40.79 -5.96 16.65
CA THR F 98 -41.56 -6.24 15.44
C THR F 98 -40.61 -6.49 14.26
N SER F 99 -41.15 -6.49 13.04
CA SER F 99 -40.34 -6.68 11.84
C SER F 99 -39.58 -5.40 11.50
N GLY F 100 -38.78 -5.47 10.43
CA GLY F 100 -38.15 -4.29 9.84
C GLY F 100 -37.16 -3.59 10.74
N PRO F 101 -37.43 -2.31 11.08
CA PRO F 101 -36.45 -1.49 11.78
C PRO F 101 -36.24 -1.87 13.24
N ALA F 102 -37.14 -2.66 13.81
CA ALA F 102 -36.94 -3.17 15.18
C ALA F 102 -35.72 -4.08 15.21
N GLY F 103 -35.61 -4.93 14.21
CA GLY F 103 -34.49 -5.83 14.07
C GLY F 103 -33.18 -5.13 13.82
N THR F 104 -33.20 -4.08 13.02
CA THR F 104 -31.98 -3.30 12.75
C THR F 104 -31.56 -2.43 13.94
N ASP F 105 -32.48 -2.17 14.88
CA ASP F 105 -32.15 -1.44 16.12
C ASP F 105 -31.54 -2.35 17.22
N ILE F 107 -29.00 -4.66 16.43
CA ILE F 107 -27.71 -5.14 15.95
C ILE F 107 -26.58 -4.72 16.88
N THR F 108 -26.65 -3.49 17.40
CA THR F 108 -25.63 -2.98 18.32
C THR F 108 -25.50 -3.84 19.58
N ALA F 109 -26.64 -4.29 20.11
CA ALA F 109 -26.66 -5.12 21.31
C ALA F 109 -26.17 -6.54 21.04
N LEU F 110 -26.57 -7.09 19.90
CA LEU F 110 -26.10 -8.41 19.49
C LEU F 110 -24.59 -8.40 19.39
N TYR F 111 -24.06 -7.30 18.82
CA TYR F 111 -22.60 -7.10 18.71
C TYR F 111 -21.95 -7.04 20.10
N SER F 112 -22.50 -6.19 20.96
CA SER F 112 -22.02 -6.00 22.33
C SER F 112 -21.97 -7.32 23.10
N ALA F 113 -23.05 -8.09 23.00
CA ALA F 113 -23.19 -9.35 23.71
C ALA F 113 -22.22 -10.41 23.16
N SER F 114 -22.15 -10.52 21.84
CA SER F 114 -21.16 -11.39 21.16
C SER F 114 -19.75 -11.06 21.63
N ALA F 115 -19.40 -9.78 21.54
CA ALA F 115 -18.08 -9.26 21.84
C ALA F 115 -17.58 -9.62 23.24
N ASP F 116 -18.50 -9.62 24.21
CA ASP F 116 -18.18 -9.94 25.61
C ASP F 116 -18.56 -11.38 26.04
N SER F 117 -18.82 -12.25 25.07
CA SER F 117 -19.11 -13.68 25.30
C SER F 117 -20.30 -13.95 26.20
N ILE F 118 -21.36 -13.19 25.98
CA ILE F 118 -22.56 -13.20 26.78
C ILE F 118 -23.80 -13.37 25.90
N PRO F 119 -24.81 -14.14 26.36
CA PRO F 119 -26.01 -14.32 25.58
C PRO F 119 -27.15 -13.33 25.85
N ILE F 120 -27.85 -12.93 24.79
CA ILE F 120 -29.24 -12.46 24.88
C ILE F 120 -30.07 -13.21 23.83
N LEU F 121 -31.37 -13.29 24.05
CA LEU F 121 -32.27 -13.88 23.05
C LEU F 121 -33.15 -12.78 22.46
N CYS F 122 -32.92 -12.48 21.19
CA CYS F 122 -33.74 -11.54 20.43
C CYS F 122 -34.79 -12.27 19.63
N ILE F 123 -36.04 -11.82 19.74
CA ILE F 123 -37.12 -12.39 18.97
C ILE F 123 -37.79 -11.26 18.19
N THR F 124 -37.84 -11.39 16.87
CA THR F 124 -38.48 -10.38 16.01
C THR F 124 -39.64 -10.95 15.21
N GLY F 125 -40.65 -10.12 14.99
CA GLY F 125 -41.73 -10.45 14.06
C GLY F 125 -41.23 -10.32 12.63
N GLN F 126 -42.01 -10.81 11.68
CA GLN F 126 -41.64 -10.80 10.26
C GLN F 126 -42.88 -11.01 9.40
N ALA F 127 -42.84 -10.49 8.17
CA ALA F 127 -43.92 -10.64 7.21
C ALA F 127 -44.09 -12.12 6.82
N PRO F 128 -45.27 -12.49 6.30
CA PRO F 128 -45.48 -13.89 5.91
C PRO F 128 -44.45 -14.40 4.89
N ARG F 129 -44.22 -15.71 4.89
CA ARG F 129 -43.19 -16.32 4.02
C ARG F 129 -43.43 -16.06 2.53
N ALA F 130 -44.70 -16.12 2.12
CA ALA F 130 -45.08 -15.93 0.72
C ALA F 130 -44.69 -14.55 0.19
N ARG F 131 -44.46 -13.60 1.10
CA ARG F 131 -44.21 -12.22 0.72
C ARG F 131 -42.83 -11.68 1.13
N LEU F 132 -41.94 -12.56 1.57
CA LEU F 132 -40.58 -12.14 1.98
C LEU F 132 -39.72 -11.57 0.86
N HIS F 133 -40.03 -11.91 -0.40
CA HIS F 133 -39.26 -11.41 -1.55
C HIS F 133 -40.03 -10.44 -2.44
N LYS F 134 -41.30 -10.21 -2.13
CA LYS F 134 -42.01 -9.03 -2.59
C LYS F 134 -41.58 -7.98 -1.57
N GLU F 135 -41.63 -6.69 -1.88
CA GLU F 135 -41.12 -5.70 -0.90
C GLU F 135 -42.19 -5.37 0.13
N ASP F 136 -42.54 -6.37 0.93
CA ASP F 136 -43.65 -6.25 1.88
C ASP F 136 -43.26 -5.20 2.93
N PHE F 137 -44.21 -4.39 3.33
CA PHE F 137 -43.99 -3.32 4.32
C PHE F 137 -43.19 -3.80 5.53
N GLN F 138 -42.09 -3.12 5.83
CA GLN F 138 -41.21 -3.43 6.97
C GLN F 138 -40.65 -4.86 6.95
N ALA F 139 -40.38 -5.37 5.75
CA ALA F 139 -39.75 -6.69 5.59
C ALA F 139 -38.29 -6.54 5.18
N VAL F 140 -37.39 -7.02 6.03
CA VAL F 140 -35.96 -6.92 5.81
C VAL F 140 -35.32 -8.28 6.09
N ASP F 141 -34.20 -8.56 5.43
CA ASP F 141 -33.46 -9.81 5.61
C ASP F 141 -32.57 -9.70 6.84
N ILE F 142 -33.22 -9.69 8.01
CA ILE F 142 -32.54 -9.56 9.31
C ILE F 142 -31.58 -10.73 9.56
N GLU F 143 -31.92 -11.88 9.02
CA GLU F 143 -31.07 -13.08 9.06
C GLU F 143 -29.64 -12.81 8.54
N ALA F 144 -29.54 -12.22 7.35
CA ALA F 144 -28.23 -11.89 6.76
C ALA F 144 -27.51 -10.77 7.53
N ILE F 145 -28.27 -9.78 7.99
CA ILE F 145 -27.72 -8.61 8.69
C ILE F 145 -27.11 -9.00 10.04
N ALA F 146 -27.78 -9.92 10.76
CA ALA F 146 -27.39 -10.29 12.13
C ALA F 146 -26.36 -11.41 12.20
N LYS F 147 -26.19 -12.16 11.11
CA LYS F 147 -25.28 -13.32 11.04
C LYS F 147 -23.86 -13.07 11.59
N PRO F 148 -23.21 -11.98 11.17
CA PRO F 148 -21.83 -11.74 11.62
C PRO F 148 -21.65 -11.40 13.11
N VAL F 149 -22.74 -11.12 13.83
CA VAL F 149 -22.66 -10.73 15.24
C VAL F 149 -23.60 -11.53 16.14
N SER F 150 -23.80 -12.80 15.81
CA SER F 150 -24.55 -13.71 16.68
C SER F 150 -24.13 -15.15 16.44
N LYS F 151 -24.29 -16.00 17.45
CA LYS F 151 -23.99 -17.43 17.31
C LYS F 151 -24.98 -18.09 16.35
N ALA F 153 -28.50 -16.68 13.84
CA ALA F 153 -29.56 -15.77 13.41
C ALA F 153 -30.35 -16.49 12.35
N VAL F 154 -31.63 -16.75 12.60
CA VAL F 154 -32.43 -17.61 11.74
C VAL F 154 -33.87 -17.13 11.61
N THR F 155 -34.38 -17.21 10.38
CA THR F 155 -35.80 -17.03 10.08
C THR F 155 -36.46 -18.40 10.12
N VAL F 156 -37.43 -18.57 11.01
CA VAL F 156 -38.09 -19.87 11.21
C VAL F 156 -39.08 -20.11 10.06
N ARG F 157 -38.84 -21.20 9.32
CA ARG F 157 -39.57 -21.47 8.07
C ARG F 157 -40.81 -22.36 8.22
N GLU F 158 -40.97 -23.00 9.38
CA GLU F 158 -42.14 -23.84 9.66
C GLU F 158 -42.64 -23.61 11.08
N ALA F 159 -43.96 -23.67 11.26
CA ALA F 159 -44.59 -23.52 12.57
C ALA F 159 -44.02 -24.51 13.59
N ALA F 160 -43.93 -25.77 13.18
CA ALA F 160 -43.44 -26.85 14.05
C ALA F 160 -41.96 -26.71 14.47
N LEU F 161 -41.20 -25.89 13.74
CA LEU F 161 -39.80 -25.61 14.08
C LEU F 161 -39.63 -24.48 15.12
N VAL F 162 -40.69 -23.73 15.41
CA VAL F 162 -40.61 -22.65 16.39
C VAL F 162 -40.06 -23.13 17.75
N PRO F 163 -40.70 -24.16 18.35
CA PRO F 163 -40.16 -24.67 19.62
C PRO F 163 -38.76 -25.29 19.51
N ARG F 164 -38.44 -25.84 18.34
CA ARG F 164 -37.16 -26.50 18.11
C ARG F 164 -36.00 -25.52 17.94
N VAL F 165 -36.25 -24.39 17.27
CA VAL F 165 -35.23 -23.36 17.10
C VAL F 165 -34.88 -22.72 18.46
N LEU F 166 -35.90 -22.51 19.30
CA LEU F 166 -35.69 -22.05 20.67
C LEU F 166 -34.91 -23.08 21.49
N GLN F 167 -35.28 -24.36 21.35
CA GLN F 167 -34.53 -25.45 21.98
C GLN F 167 -33.03 -25.41 21.61
N GLN F 168 -32.76 -25.24 20.32
CA GLN F 168 -31.39 -25.13 19.82
C GLN F 168 -30.71 -23.84 20.28
N ALA F 169 -31.49 -22.77 20.40
CA ALA F 169 -30.97 -21.46 20.80
C ALA F 169 -30.39 -21.46 22.21
N PHE F 170 -31.10 -22.09 23.14
CA PHE F 170 -30.66 -22.16 24.54
C PHE F 170 -29.42 -23.02 24.71
N HIS F 171 -29.30 -24.05 23.85
CA HIS F 171 -28.08 -24.85 23.82
C HIS F 171 -26.88 -23.99 23.45
N LEU F 172 -27.00 -23.23 22.36
CA LEU F 172 -25.90 -22.38 21.86
C LEU F 172 -25.56 -21.23 22.82
N ARG F 174 -25.79 -21.21 26.07
CA ARG F 174 -25.12 -21.72 27.27
C ARG F 174 -23.80 -22.45 26.99
N SER F 175 -23.66 -23.02 25.79
CA SER F 175 -22.55 -23.93 25.47
C SER F 175 -21.32 -23.21 24.92
N GLY F 176 -20.17 -23.87 25.05
CA GLY F 176 -18.90 -23.38 24.52
C GLY F 176 -18.63 -21.95 24.92
N ARG F 177 -18.22 -21.14 23.96
CA ARG F 177 -18.15 -19.70 24.14
C ARG F 177 -19.57 -19.15 24.03
N PRO F 178 -20.14 -18.64 25.13
CA PRO F 178 -21.51 -18.14 25.03
C PRO F 178 -21.65 -16.93 24.10
N GLY F 179 -22.82 -16.81 23.47
CA GLY F 179 -23.15 -15.67 22.63
C GLY F 179 -24.65 -15.54 22.39
N PRO F 180 -25.06 -14.44 21.74
CA PRO F 180 -26.48 -14.16 21.53
C PRO F 180 -27.10 -14.87 20.33
N VAL F 181 -28.42 -14.97 20.34
CA VAL F 181 -29.18 -15.56 19.25
C VAL F 181 -30.36 -14.68 18.85
N LEU F 182 -30.63 -14.60 17.56
CA LEU F 182 -31.79 -13.90 17.03
C LEU F 182 -32.73 -14.88 16.35
N VAL F 183 -34.00 -14.84 16.75
CA VAL F 183 -35.03 -15.69 16.15
C VAL F 183 -36.06 -14.80 15.44
N ASP F 184 -36.24 -15.03 14.14
CA ASP F 184 -37.11 -14.21 13.30
C ASP F 184 -38.35 -15.02 12.92
N LEU F 185 -39.53 -14.54 13.31
CA LEU F 185 -40.77 -15.31 13.23
C LEU F 185 -41.77 -14.71 12.24
N PRO F 186 -41.90 -15.31 11.04
CA PRO F 186 -42.92 -14.87 10.09
C PRO F 186 -44.34 -14.98 10.67
N PHE F 187 -45.20 -13.99 10.37
CA PHE F 187 -46.55 -13.90 10.93
C PHE F 187 -47.33 -15.21 10.80
N ASP F 188 -47.33 -15.79 9.60
CA ASP F 188 -48.08 -17.03 9.35
C ASP F 188 -47.51 -18.24 10.10
N VAL F 189 -46.20 -18.23 10.36
CA VAL F 189 -45.54 -19.29 11.14
C VAL F 189 -45.97 -19.23 12.61
N GLN F 190 -46.07 -18.02 13.14
CA GLN F 190 -46.51 -17.82 14.53
C GLN F 190 -47.91 -18.37 14.80
N VAL F 191 -48.86 -18.05 13.92
CA VAL F 191 -50.28 -18.34 14.17
C VAL F 191 -50.73 -19.75 13.75
N ALA F 192 -49.89 -20.47 13.02
CA ALA F 192 -50.25 -21.81 12.53
C ALA F 192 -50.31 -22.84 13.66
N GLU F 193 -51.24 -23.79 13.53
CA GLU F 193 -51.44 -24.84 14.52
C GLU F 193 -50.39 -25.93 14.37
N ILE F 194 -49.86 -26.39 15.51
CA ILE F 194 -48.93 -27.53 15.54
C ILE F 194 -49.36 -28.49 16.65
N GLU F 195 -48.82 -29.71 16.60
CA GLU F 195 -48.97 -30.65 17.70
C GLU F 195 -47.72 -30.59 18.55
N PHE F 196 -47.90 -30.40 19.85
CA PHE F 196 -46.79 -30.24 20.80
C PHE F 196 -47.20 -30.73 22.19
N ASP F 197 -46.40 -31.64 22.73
CA ASP F 197 -46.60 -32.11 24.11
C ASP F 197 -45.53 -31.47 24.99
N PRO F 198 -45.93 -30.48 25.82
CA PRO F 198 -44.95 -29.79 26.66
C PRO F 198 -44.33 -30.68 27.75
N ASP F 199 -45.06 -31.68 28.22
CA ASP F 199 -44.52 -32.66 29.18
C ASP F 199 -43.32 -33.42 28.60
N TYR F 201 -41.08 -32.13 26.46
CA TYR F 201 -39.97 -31.24 26.12
C TYR F 201 -38.83 -31.34 27.12
N GLU F 202 -37.62 -31.56 26.61
CA GLU F 202 -36.41 -31.68 27.41
C GLU F 202 -35.35 -30.68 26.95
N PRO F 203 -34.93 -29.77 27.84
CA PRO F 203 -33.80 -28.90 27.49
C PRO F 203 -32.55 -29.74 27.14
N LEU F 204 -31.80 -29.29 26.14
CA LEU F 204 -30.62 -30.03 25.67
C LEU F 204 -29.46 -29.92 26.65
N PRO F 205 -28.56 -30.92 26.66
CA PRO F 205 -27.43 -30.85 27.58
C PRO F 205 -26.44 -29.73 27.17
N VAL F 206 -25.83 -29.09 28.16
CA VAL F 206 -24.90 -27.99 27.89
C VAL F 206 -23.51 -28.54 27.61
N TYR F 207 -22.93 -28.16 26.47
CA TYR F 207 -21.58 -28.60 26.11
C TYR F 207 -20.51 -27.69 26.68
N LYS F 208 -19.55 -28.28 27.39
CA LYS F 208 -18.39 -27.55 27.91
C LYS F 208 -17.15 -28.45 27.93
N PRO F 209 -16.06 -28.03 27.27
CA PRO F 209 -14.81 -28.81 27.39
C PRO F 209 -14.19 -28.70 28.78
N ALA F 210 -13.48 -29.75 29.19
CA ALA F 210 -12.85 -29.81 30.50
C ALA F 210 -11.39 -30.23 30.37
N ALA F 211 -10.52 -29.60 31.15
CA ALA F 211 -9.10 -29.94 31.17
C ALA F 211 -8.86 -31.32 31.79
N SER F 212 -7.73 -31.93 31.43
CA SER F 212 -7.35 -33.22 32.00
C SER F 212 -6.39 -33.00 33.16
N ARG F 213 -6.34 -33.98 34.06
CA ARG F 213 -5.42 -33.96 35.21
C ARG F 213 -3.98 -33.68 34.76
N GLN F 215 -2.82 -32.08 32.06
CA GLN F 215 -2.60 -30.70 31.61
C GLN F 215 -2.43 -29.76 32.79
N ILE F 216 -3.28 -29.92 33.80
CA ILE F 216 -3.27 -29.06 34.97
C ILE F 216 -2.03 -29.30 35.82
N GLU F 217 -1.61 -30.56 35.95
CA GLU F 217 -0.35 -30.88 36.62
C GLU F 217 0.84 -30.15 35.98
N LYS F 218 0.89 -30.15 34.66
CA LYS F 218 1.93 -29.45 33.91
C LYS F 218 1.89 -27.93 34.18
N ALA F 219 0.68 -27.38 34.23
CA ALA F 219 0.50 -25.96 34.51
C ALA F 219 0.99 -25.57 35.90
N VAL F 220 0.66 -26.39 36.90
CA VAL F 220 1.07 -26.12 38.28
C VAL F 220 2.58 -26.36 38.44
N GLU F 221 3.11 -27.39 37.79
CA GLU F 221 4.56 -27.62 37.79
C GLU F 221 5.33 -26.43 37.21
N LEU F 223 4.02 -23.22 37.15
CA LEU F 223 3.78 -22.13 38.10
C LEU F 223 4.76 -22.16 39.29
N ILE F 224 5.07 -23.35 39.81
CA ILE F 224 5.95 -23.45 40.99
C ILE F 224 7.40 -23.06 40.70
N GLN F 225 7.86 -23.21 39.46
CA GLN F 225 9.23 -22.80 39.14
C GLN F 225 9.36 -21.34 38.68
N ALA F 226 8.22 -20.63 38.66
CA ALA F 226 8.22 -19.19 38.45
C ALA F 226 8.60 -18.46 39.74
N GLU F 227 9.47 -17.47 39.63
CA GLU F 227 9.91 -16.68 40.79
C GLU F 227 8.92 -15.58 41.17
N ARG F 228 8.29 -14.97 40.18
CA ARG F 228 7.40 -13.82 40.37
C ARG F 228 6.13 -13.93 39.51
N PRO F 229 5.31 -14.96 39.77
CA PRO F 229 4.13 -15.21 38.93
C PRO F 229 2.92 -14.34 39.28
N VAL F 230 2.09 -14.07 38.28
CA VAL F 230 0.78 -13.44 38.50
C VAL F 230 -0.31 -14.21 37.77
N ILE F 231 -1.49 -14.27 38.39
CA ILE F 231 -2.69 -14.82 37.78
C ILE F 231 -3.47 -13.66 37.18
N VAL F 232 -3.79 -13.78 35.89
CA VAL F 232 -4.70 -12.83 35.23
C VAL F 232 -6.06 -13.49 35.08
N ALA F 233 -7.03 -13.00 35.84
CA ALA F 233 -8.37 -13.59 35.90
C ALA F 233 -9.32 -12.80 35.01
N GLY F 234 -9.86 -13.46 33.99
CA GLY F 234 -10.70 -12.81 33.00
C GLY F 234 -12.18 -13.06 33.21
N GLY F 235 -12.99 -12.44 32.37
CA GLY F 235 -14.45 -12.57 32.43
C GLY F 235 -14.97 -13.98 32.26
N GLY F 236 -14.13 -14.89 31.75
CA GLY F 236 -14.46 -16.31 31.66
C GLY F 236 -14.66 -16.97 33.01
N VAL F 237 -13.92 -16.50 34.01
CA VAL F 237 -14.07 -16.98 35.39
C VAL F 237 -15.49 -16.65 35.88
N ILE F 238 -15.89 -15.40 35.67
CA ILE F 238 -17.24 -14.94 36.02
C ILE F 238 -18.30 -15.67 35.20
N ASN F 239 -18.05 -15.86 33.91
CA ASN F 239 -18.98 -16.56 33.01
C ASN F 239 -19.23 -17.99 33.51
N ALA F 240 -18.18 -18.65 34.00
CA ALA F 240 -18.26 -20.02 34.51
C ALA F 240 -18.78 -20.12 35.96
N ASP F 241 -18.97 -18.97 36.61
CA ASP F 241 -19.42 -18.88 38.00
C ASP F 241 -18.40 -19.52 38.94
N ALA F 242 -17.14 -19.12 38.77
CA ALA F 242 -16.01 -19.77 39.44
C ALA F 242 -15.14 -18.80 40.26
N ALA F 243 -15.74 -17.75 40.80
CA ALA F 243 -15.00 -16.74 41.57
C ALA F 243 -14.43 -17.26 42.90
N ALA F 244 -15.23 -18.04 43.62
CA ALA F 244 -14.80 -18.62 44.90
C ALA F 244 -13.60 -19.55 44.70
N LEU F 245 -13.66 -20.36 43.65
CA LEU F 245 -12.59 -21.31 43.32
C LEU F 245 -11.29 -20.61 42.86
N LEU F 246 -11.43 -19.50 42.15
CA LEU F 246 -10.25 -18.71 41.74
C LEU F 246 -9.54 -18.12 42.96
N GLN F 247 -10.31 -17.48 43.84
CA GLN F 247 -9.80 -16.97 45.10
C GLN F 247 -9.08 -18.06 45.89
N GLN F 248 -9.72 -19.22 45.99
CA GLN F 248 -9.15 -20.36 46.71
C GLN F 248 -7.80 -20.81 46.12
N PHE F 249 -7.73 -20.89 44.79
CA PHE F 249 -6.50 -21.30 44.10
C PHE F 249 -5.37 -20.31 44.32
N ALA F 250 -5.69 -19.02 44.27
CA ALA F 250 -4.72 -17.95 44.52
C ALA F 250 -4.21 -18.03 45.95
N GLU F 251 -5.14 -18.23 46.90
CA GLU F 251 -4.80 -18.37 48.31
C GLU F 251 -3.87 -19.56 48.58
N LEU F 252 -4.20 -20.72 48.01
CA LEU F 252 -3.40 -21.93 48.19
C LEU F 252 -1.98 -21.82 47.62
N THR F 253 -1.83 -21.10 46.51
CA THR F 253 -0.53 -20.95 45.85
C THR F 253 0.20 -19.67 46.25
N SER F 254 -0.52 -18.76 46.92
CA SER F 254 0.01 -17.46 47.32
C SER F 254 0.46 -16.61 46.13
N VAL F 255 -0.34 -16.63 45.06
CA VAL F 255 0.01 -15.92 43.82
C VAL F 255 -0.92 -14.71 43.63
N PRO F 256 -0.35 -13.50 43.50
CA PRO F 256 -1.15 -12.29 43.27
C PRO F 256 -2.06 -12.37 42.05
N VAL F 257 -3.23 -11.76 42.15
CA VAL F 257 -4.24 -11.78 41.09
C VAL F 257 -4.39 -10.40 40.43
N ILE F 258 -4.38 -10.41 39.10
CA ILE F 258 -4.71 -9.26 38.30
C ILE F 258 -6.02 -9.55 37.57
N PRO F 259 -7.14 -8.96 38.01
CA PRO F 259 -8.33 -9.12 37.17
C PRO F 259 -8.27 -8.25 35.93
N THR F 260 -8.78 -8.79 34.83
CA THR F 260 -9.07 -8.00 33.64
C THR F 260 -10.27 -7.11 33.98
N LEU F 261 -10.58 -6.12 33.14
CA LEU F 261 -11.77 -5.30 33.39
C LEU F 261 -13.05 -6.15 33.45
N GLY F 263 -12.99 -9.42 34.29
CA GLY F 263 -12.82 -10.30 35.46
C GLY F 263 -12.93 -9.58 36.80
N TRP F 264 -12.99 -8.25 36.76
CA TRP F 264 -13.04 -7.41 37.97
C TRP F 264 -14.14 -7.83 38.93
N GLY F 265 -13.75 -8.18 40.16
CA GLY F 265 -14.69 -8.61 41.20
C GLY F 265 -14.60 -10.09 41.57
N CYS F 266 -13.94 -10.89 40.75
CA CYS F 266 -13.87 -12.34 40.99
C CYS F 266 -12.97 -12.68 42.18
N ILE F 267 -12.15 -11.70 42.57
CA ILE F 267 -11.50 -11.69 43.88
C ILE F 267 -11.71 -10.28 44.48
N PRO F 268 -12.11 -10.19 45.76
CA PRO F 268 -12.44 -8.85 46.28
C PRO F 268 -11.25 -7.87 46.26
N ASP F 269 -11.53 -6.59 46.03
CA ASP F 269 -10.48 -5.55 45.95
C ASP F 269 -9.65 -5.39 47.23
N ASP F 270 -10.25 -5.67 48.38
CA ASP F 270 -9.54 -5.55 49.66
C ASP F 270 -8.80 -6.84 50.07
N HIS F 271 -8.82 -7.86 49.21
CA HIS F 271 -8.04 -9.07 49.42
C HIS F 271 -6.54 -8.76 49.34
N GLU F 272 -5.75 -9.45 50.15
CA GLU F 272 -4.31 -9.21 50.22
C GLU F 272 -3.57 -9.54 48.92
N LEU F 273 -4.14 -10.46 48.13
CA LEU F 273 -3.51 -10.95 46.90
C LEU F 273 -3.94 -10.21 45.62
N ALA F 275 -3.67 -7.58 43.15
CA ALA F 275 -2.54 -6.70 42.86
C ALA F 275 -2.86 -5.54 41.92
N GLY F 276 -4.14 -5.34 41.61
CA GLY F 276 -4.59 -4.26 40.73
C GLY F 276 -4.91 -4.71 39.32
N VAL F 278 -4.46 -4.04 34.95
CA VAL F 278 -3.40 -3.75 33.99
C VAL F 278 -4.00 -3.27 32.68
N GLY F 279 -3.30 -2.35 32.01
CA GLY F 279 -3.72 -1.90 30.68
C GLY F 279 -3.38 -0.46 30.34
N LEU F 280 -3.99 0.03 29.27
CA LEU F 280 -3.66 1.34 28.70
C LEU F 280 -4.53 2.47 29.24
N GLN F 281 -5.72 2.13 29.73
CA GLN F 281 -6.65 3.15 30.21
C GLN F 281 -7.28 2.79 31.57
N THR F 282 -8.09 1.74 31.62
CA THR F 282 -8.74 1.30 32.87
C THR F 282 -7.79 0.41 33.68
N ALA F 283 -6.73 1.02 34.19
CA ALA F 283 -5.67 0.29 34.89
C ALA F 283 -5.09 1.14 36.02
N HIS F 284 -4.29 0.49 36.87
CA HIS F 284 -3.62 1.17 37.97
C HIS F 284 -2.12 1.27 37.67
N ARG F 285 -1.46 2.25 38.28
CA ARG F 285 -0.01 2.39 38.14
C ARG F 285 0.70 1.18 38.76
N TYR F 286 0.20 0.74 39.90
CA TYR F 286 0.77 -0.44 40.59
C TYR F 286 0.54 -1.73 39.82
N GLY F 287 -0.65 -1.87 39.23
CA GLY F 287 -0.96 -3.01 38.37
C GLY F 287 0.02 -3.17 37.22
N ASN F 288 0.22 -2.10 36.46
CA ASN F 288 1.16 -2.12 35.32
C ASN F 288 2.60 -2.42 35.76
N ALA F 289 3.01 -1.87 36.90
CA ALA F 289 4.37 -2.06 37.41
C ALA F 289 4.59 -3.49 37.89
N THR F 290 3.59 -4.07 38.54
CA THR F 290 3.62 -5.46 38.98
C THR F 290 3.75 -6.40 37.79
N LEU F 291 2.95 -6.16 36.75
CA LEU F 291 3.02 -7.01 35.56
C LEU F 291 4.37 -6.92 34.88
N LEU F 292 4.89 -5.70 34.72
CA LEU F 292 6.21 -5.50 34.12
C LEU F 292 7.34 -6.10 34.96
N ALA F 293 7.10 -6.27 36.25
CA ALA F 293 8.07 -6.91 37.14
C ALA F 293 7.95 -8.44 37.16
N SER F 294 6.79 -8.97 36.77
CA SER F 294 6.52 -10.42 36.85
C SER F 294 7.32 -11.25 35.83
N ASP F 295 7.48 -12.54 36.09
CA ASP F 295 8.11 -13.46 35.14
C ASP F 295 7.15 -14.51 34.58
N VAL F 297 2.65 -14.88 33.41
CA VAL F 297 1.21 -14.59 33.42
C VAL F 297 0.42 -15.89 33.27
N PHE F 298 -0.32 -16.23 34.32
CA PHE F 298 -1.19 -17.42 34.35
C PHE F 298 -2.61 -16.96 34.00
N GLY F 299 -2.92 -17.01 32.71
CA GLY F 299 -4.20 -16.51 32.19
C GLY F 299 -5.33 -17.51 32.31
N ILE F 300 -6.37 -17.14 33.07
CA ILE F 300 -7.54 -18.00 33.26
C ILE F 300 -8.82 -17.24 32.88
N GLY F 301 -9.46 -17.69 31.80
CA GLY F 301 -10.72 -17.10 31.37
C GLY F 301 -10.58 -15.72 30.75
N ASN F 302 -9.35 -15.36 30.37
CA ASN F 302 -9.10 -14.11 29.66
C ASN F 302 -8.78 -14.40 28.21
N ARG F 303 -8.96 -13.40 27.36
CA ARG F 303 -8.29 -13.33 26.07
C ARG F 303 -7.28 -12.22 26.34
N PHE F 304 -6.42 -11.87 25.41
CA PHE F 304 -5.40 -10.88 25.75
C PHE F 304 -5.69 -9.59 25.03
N ALA F 305 -6.69 -8.88 25.55
CA ALA F 305 -7.30 -7.76 24.86
C ALA F 305 -6.31 -6.66 24.56
N ASN F 306 -6.46 -6.11 23.35
CA ASN F 306 -5.73 -4.96 22.84
C ASN F 306 -5.35 -3.88 23.88
N ARG F 307 -6.33 -3.43 24.68
CA ARG F 307 -6.10 -2.35 25.65
C ARG F 307 -5.65 -2.84 27.03
N HIS F 308 -5.59 -4.15 27.21
CA HIS F 308 -4.96 -4.77 28.37
C HIS F 308 -3.46 -4.91 28.16
N THR F 309 -3.04 -5.30 26.96
CA THR F 309 -1.65 -5.65 26.70
C THR F 309 -0.79 -4.52 26.15
N GLY F 310 -1.37 -3.68 25.30
CA GLY F 310 -0.60 -2.78 24.45
C GLY F 310 0.07 -3.65 23.40
N SER F 311 1.29 -3.30 23.03
CA SER F 311 2.09 -4.14 22.14
C SER F 311 2.37 -5.48 22.82
N VAL F 312 1.96 -6.55 22.15
CA VAL F 312 2.15 -7.91 22.62
C VAL F 312 3.61 -8.23 22.97
N GLU F 313 4.54 -7.75 22.15
CA GLU F 313 5.97 -7.97 22.38
C GLU F 313 6.40 -7.44 23.75
N LYS F 314 5.87 -6.27 24.12
CA LYS F 314 6.19 -5.65 25.41
C LYS F 314 5.50 -6.36 26.57
N TYR F 315 4.27 -6.79 26.37
CA TYR F 315 3.51 -7.53 27.39
C TYR F 315 4.14 -8.89 27.74
N THR F 316 4.81 -9.51 26.77
CA THR F 316 5.37 -10.87 26.91
C THR F 316 6.85 -10.91 27.26
N GLU F 317 7.53 -9.78 27.13
CA GLU F 317 8.98 -9.70 27.31
C GLU F 317 9.45 -10.38 28.61
N GLY F 318 10.34 -11.36 28.47
CA GLY F 318 10.97 -12.05 29.60
C GLY F 318 10.01 -12.77 30.51
N ARG F 319 8.96 -13.33 29.92
CA ARG F 319 7.79 -13.73 30.68
C ARG F 319 7.13 -14.95 30.05
N LYS F 320 6.85 -15.97 30.86
CA LYS F 320 6.12 -17.14 30.37
C LYS F 320 4.60 -16.91 30.43
N ILE F 321 3.88 -17.55 29.52
CA ILE F 321 2.44 -17.36 29.41
C ILE F 321 1.69 -18.69 29.44
N VAL F 322 0.76 -18.83 30.38
CA VAL F 322 -0.21 -19.93 30.38
C VAL F 322 -1.56 -19.33 30.04
N HIS F 323 -2.35 -20.06 29.25
CA HIS F 323 -3.64 -19.56 28.79
C HIS F 323 -4.71 -20.65 28.82
N ILE F 324 -5.68 -20.49 29.71
CA ILE F 324 -6.81 -21.41 29.82
C ILE F 324 -8.08 -20.71 29.35
N ASP F 325 -8.70 -21.26 28.30
CA ASP F 325 -9.90 -20.68 27.71
C ASP F 325 -10.85 -21.80 27.26
N ILE F 326 -12.16 -21.53 27.28
CA ILE F 326 -13.16 -22.50 26.85
C ILE F 326 -13.18 -22.69 25.33
N GLU F 327 -12.69 -21.68 24.60
CA GLU F 327 -12.73 -21.66 23.14
C GLU F 327 -11.34 -21.90 22.54
N PRO F 328 -11.18 -23.01 21.79
CA PRO F 328 -9.89 -23.33 21.15
C PRO F 328 -9.30 -22.18 20.35
N THR F 329 -10.13 -21.54 19.53
CA THR F 329 -9.67 -20.50 18.60
C THR F 329 -9.39 -19.15 19.25
N GLN F 330 -9.53 -19.06 20.58
CA GLN F 330 -9.09 -17.88 21.34
C GLN F 330 -7.66 -18.04 21.87
N ILE F 331 -7.14 -19.26 21.81
CA ILE F 331 -5.78 -19.55 22.28
C ILE F 331 -4.81 -19.45 21.10
N GLY F 332 -3.95 -18.43 21.14
CA GLY F 332 -2.97 -18.19 20.06
C GLY F 332 -3.42 -17.14 19.06
N ARG F 333 -4.57 -16.51 19.33
CA ARG F 333 -5.16 -15.52 18.41
C ARG F 333 -4.39 -14.20 18.40
N VAL F 334 -3.91 -13.79 19.58
CA VAL F 334 -3.22 -12.51 19.74
C VAL F 334 -1.74 -12.72 20.04
N LEU F 335 -1.45 -13.72 20.89
CA LEU F 335 -0.08 -14.15 21.16
C LEU F 335 -0.03 -15.66 21.32
N CYS F 336 1.15 -16.24 21.12
CA CYS F 336 1.32 -17.69 21.25
C CYS F 336 1.75 -18.06 22.67
N PRO F 337 0.89 -18.81 23.39
CA PRO F 337 1.21 -19.11 24.79
C PRO F 337 2.24 -20.23 24.92
N ASP F 338 2.97 -20.24 26.03
CA ASP F 338 3.89 -21.34 26.33
C ASP F 338 3.15 -22.65 26.56
N LEU F 339 1.95 -22.61 27.14
CA LEU F 339 1.16 -23.82 27.38
C LEU F 339 -0.18 -23.84 26.60
N GLY F 340 -1.18 -23.10 27.08
CA GLY F 340 -2.48 -23.10 26.40
C GLY F 340 -3.33 -24.37 26.58
N ILE F 341 -4.43 -24.25 27.31
CA ILE F 341 -5.33 -25.39 27.62
C ILE F 341 -6.79 -25.02 27.32
N VAL F 342 -7.51 -25.92 26.65
CA VAL F 342 -8.93 -25.71 26.34
C VAL F 342 -9.80 -26.27 27.47
N SER F 343 -10.48 -25.38 28.17
CA SER F 343 -11.31 -25.78 29.32
C SER F 343 -12.26 -24.70 29.81
N ASP F 344 -13.43 -25.13 30.27
CA ASP F 344 -14.31 -24.32 31.10
C ASP F 344 -13.52 -23.95 32.37
N ALA F 345 -13.74 -22.73 32.87
CA ALA F 345 -12.94 -22.18 33.96
C ALA F 345 -13.24 -22.83 35.32
N LYS F 346 -14.49 -23.26 35.51
CA LYS F 346 -14.89 -23.93 36.75
C LYS F 346 -14.28 -25.31 36.85
N ALA F 347 -14.35 -26.07 35.77
CA ALA F 347 -13.75 -27.41 35.70
C ALA F 347 -12.23 -27.36 35.91
N ALA F 348 -11.59 -26.39 35.25
CA ALA F 348 -10.14 -26.21 35.34
C ALA F 348 -9.72 -25.81 36.75
N LEU F 349 -10.47 -24.90 37.36
CA LEU F 349 -10.15 -24.41 38.70
C LEU F 349 -10.39 -25.46 39.79
N THR F 350 -11.37 -26.33 39.57
CA THR F 350 -11.61 -27.48 40.45
C THR F 350 -10.38 -28.38 40.49
N LEU F 351 -9.83 -28.69 39.32
CA LEU F 351 -8.57 -29.44 39.21
C LEU F 351 -7.38 -28.69 39.81
N LEU F 352 -7.27 -27.40 39.50
CA LEU F 352 -6.15 -26.58 39.98
C LEU F 352 -6.08 -26.55 41.51
N VAL F 353 -7.23 -26.41 42.16
CA VAL F 353 -7.33 -26.46 43.62
C VAL F 353 -6.92 -27.84 44.14
N GLU F 354 -7.43 -28.89 43.51
CA GLU F 354 -7.12 -30.27 43.87
C GLU F 354 -5.61 -30.57 43.76
N VAL F 355 -5.01 -30.14 42.64
CA VAL F 355 -3.59 -30.36 42.39
C VAL F 355 -2.72 -29.53 43.33
N ALA F 356 -3.13 -28.27 43.58
CA ALA F 356 -2.45 -27.41 44.55
C ALA F 356 -2.43 -28.01 45.96
N GLN F 357 -3.56 -28.56 46.39
CA GLN F 357 -3.68 -29.19 47.71
C GLN F 357 -2.76 -30.40 47.86
N GLU F 358 -2.56 -31.16 46.77
CA GLU F 358 -1.63 -32.29 46.77
C GLU F 358 -0.17 -31.84 46.81
N GLN F 360 0.80 -29.07 48.21
CA GLN F 360 0.90 -28.51 49.55
C GLN F 360 1.15 -29.60 50.60
N LYS F 361 0.53 -30.78 50.42
CA LYS F 361 0.72 -31.91 51.33
C LYS F 361 2.14 -32.49 51.22
N ALA F 362 2.68 -32.51 50.00
CA ALA F 362 4.12 -32.66 49.81
C ALA F 362 4.76 -31.29 50.10
N GLY F 363 6.07 -31.19 49.99
CA GLY F 363 6.74 -29.91 50.30
C GLY F 363 7.06 -29.12 49.05
N ARG F 364 6.11 -29.07 48.13
CA ARG F 364 6.41 -28.67 46.75
C ARG F 364 5.91 -27.28 46.32
N LEU F 365 5.03 -26.66 47.10
CA LEU F 365 4.61 -25.27 46.81
C LEU F 365 5.57 -24.28 47.47
N PRO F 366 6.25 -23.45 46.67
CA PRO F 366 7.18 -22.48 47.26
C PRO F 366 6.52 -21.37 48.06
N CYS F 367 7.28 -20.82 49.01
CA CYS F 367 6.86 -19.65 49.77
C CYS F 367 7.06 -18.42 48.89
N ARG F 368 6.06 -17.54 48.86
CA ARG F 368 6.10 -16.36 47.98
C ARG F 368 5.94 -15.04 48.77
N LYS F 369 6.41 -15.05 50.01
CA LYS F 369 6.24 -13.93 50.95
C LYS F 369 6.78 -12.61 50.40
N GLU F 370 7.99 -12.65 49.86
CA GLU F 370 8.69 -11.46 49.33
C GLU F 370 7.98 -10.83 48.14
N TRP F 371 7.63 -11.65 47.15
CA TRP F 371 6.98 -11.18 45.92
C TRP F 371 5.59 -10.58 46.20
N VAL F 372 4.81 -11.26 47.05
CA VAL F 372 3.52 -10.75 47.50
C VAL F 372 3.68 -9.40 48.21
N ALA F 373 4.74 -9.30 49.02
CA ALA F 373 5.01 -8.12 49.82
C ALA F 373 5.25 -6.89 48.95
N ASP F 374 6.18 -6.99 47.99
CA ASP F 374 6.52 -5.80 47.16
C ASP F 374 5.45 -5.46 46.11
N CYS F 375 4.57 -6.41 45.81
CA CYS F 375 3.34 -6.10 45.06
C CYS F 375 2.43 -5.18 45.87
N GLN F 376 2.28 -5.50 47.15
CA GLN F 376 1.53 -4.65 48.08
C GLN F 376 2.19 -3.29 48.33
N GLN F 377 3.53 -3.26 48.31
CA GLN F 377 4.28 -2.00 48.48
C GLN F 377 3.98 -1.04 47.33
N ARG F 378 3.94 -1.57 46.10
CA ARG F 378 3.55 -0.79 44.93
C ARG F 378 2.14 -0.27 45.09
N LYS F 379 1.28 -1.14 45.59
CA LYS F 379 -0.16 -0.86 45.72
C LYS F 379 -0.47 0.29 46.67
N ARG F 380 0.43 0.59 47.59
CA ARG F 380 0.22 1.69 48.54
C ARG F 380 1.14 2.91 48.34
N THR F 381 1.88 2.96 47.23
CA THR F 381 2.67 4.17 46.88
C THR F 381 2.46 4.71 45.45
N LEU F 382 2.05 3.86 44.51
CA LEU F 382 1.87 4.29 43.12
C LEU F 382 0.40 4.63 42.86
N LEU F 383 -0.05 5.75 43.44
CA LEU F 383 -1.47 6.12 43.45
C LEU F 383 -1.76 7.39 42.63
N ARG F 384 -3.04 7.70 42.50
CA ARG F 384 -3.50 8.92 41.83
C ARG F 384 -4.33 9.76 42.79
N LYS F 385 -4.12 11.07 42.76
CA LYS F 385 -4.83 11.98 43.67
C LYS F 385 -6.32 12.01 43.37
N THR F 386 -7.13 11.93 44.41
CA THR F 386 -8.60 12.05 44.30
C THR F 386 -9.19 13.17 45.15
N HIS F 387 -8.50 13.58 46.21
CA HIS F 387 -9.07 14.54 47.16
C HIS F 387 -8.84 15.99 46.72
N PHE F 388 -9.64 16.45 45.77
CA PHE F 388 -9.60 17.81 45.24
C PHE F 388 -10.77 18.65 45.80
N ASP F 389 -10.47 19.84 46.31
CA ASP F 389 -11.51 20.76 46.82
C ASP F 389 -11.94 21.80 45.77
N ASN F 390 -11.45 21.66 44.54
CA ASN F 390 -11.69 22.62 43.47
C ASN F 390 -13.16 22.83 43.15
N VAL F 391 -13.46 24.05 42.69
CA VAL F 391 -14.75 24.40 42.12
C VAL F 391 -14.46 25.21 40.84
N PRO F 392 -14.93 24.75 39.67
CA PRO F 392 -15.74 23.56 39.43
C PRO F 392 -15.03 22.23 39.73
N VAL F 393 -15.84 21.21 39.98
CA VAL F 393 -15.39 19.94 40.56
C VAL F 393 -14.51 19.13 39.62
N LYS F 394 -13.45 18.55 40.17
CA LYS F 394 -12.63 17.60 39.43
C LYS F 394 -13.26 16.20 39.55
N PRO F 395 -13.33 15.47 38.42
CA PRO F 395 -14.09 14.21 38.39
C PRO F 395 -13.57 13.14 39.37
N GLN F 396 -12.26 13.14 39.60
CA GLN F 396 -11.66 12.15 40.50
C GLN F 396 -12.12 12.29 41.95
N ARG F 397 -12.59 13.47 42.33
CA ARG F 397 -13.21 13.69 43.64
C ARG F 397 -14.58 13.00 43.75
N VAL F 398 -15.28 12.87 42.63
CA VAL F 398 -16.59 12.21 42.61
C VAL F 398 -16.48 10.74 43.00
N TYR F 399 -15.47 10.05 42.47
CA TYR F 399 -15.31 8.61 42.70
C TYR F 399 -14.90 8.32 44.15
N GLU F 400 -14.11 9.21 44.73
CA GLU F 400 -13.78 9.16 46.15
C GLU F 400 -15.04 9.19 47.01
N GLU F 401 -15.95 10.13 46.73
CA GLU F 401 -17.18 10.28 47.51
C GLU F 401 -18.14 9.10 47.33
N ASN F 403 -17.15 5.91 46.78
CA ASN F 403 -16.58 4.86 47.63
C ASN F 403 -17.00 4.99 49.09
N LYS F 404 -16.99 6.22 49.59
CA LYS F 404 -17.42 6.53 50.96
C LYS F 404 -18.93 6.34 51.17
N ALA F 405 -19.72 6.79 50.20
CA ALA F 405 -21.17 6.86 50.36
C ALA F 405 -21.88 5.52 50.22
N PHE F 406 -21.33 4.62 49.41
CA PHE F 406 -21.99 3.35 49.13
C PHE F 406 -21.30 2.19 49.85
N GLY F 407 -22.10 1.18 50.15
CA GLY F 407 -21.62 0.00 50.87
C GLY F 407 -20.79 -0.93 50.00
N ARG F 408 -20.28 -1.98 50.63
CA ARG F 408 -19.40 -2.94 49.95
C ARG F 408 -20.17 -3.79 48.92
N ASP F 409 -21.48 -3.93 49.11
CA ASP F 409 -22.35 -4.68 48.18
C ASP F 409 -22.83 -3.86 46.97
N VAL F 410 -22.27 -2.67 46.78
CA VAL F 410 -22.61 -1.81 45.65
C VAL F 410 -22.35 -2.51 44.31
N CYS F 411 -23.18 -2.20 43.32
CA CYS F 411 -23.05 -2.76 41.98
C CYS F 411 -23.03 -1.65 40.94
N TYR F 412 -21.86 -1.44 40.34
CA TYR F 412 -21.67 -0.34 39.39
C TYR F 412 -21.97 -0.75 37.96
N VAL F 413 -22.65 0.13 37.24
CA VAL F 413 -22.99 -0.08 35.83
C VAL F 413 -22.46 1.13 35.06
N THR F 414 -21.69 0.87 34.00
CA THR F 414 -21.11 1.95 33.20
C THR F 414 -20.76 1.47 31.78
N THR F 415 -20.34 2.40 30.93
CA THR F 415 -20.11 2.11 29.50
C THR F 415 -18.74 2.56 28.99
N ILE F 416 -18.63 3.83 28.61
CA ILE F 416 -17.43 4.36 27.98
C ILE F 416 -17.31 5.87 28.19
N GLY F 417 -16.09 6.38 28.18
CA GLY F 417 -15.81 7.81 28.35
C GLY F 417 -14.75 8.04 29.40
N LEU F 418 -14.36 9.31 29.59
CA LEU F 418 -13.48 9.67 30.71
C LEU F 418 -14.20 9.37 32.03
N SER F 419 -15.53 9.47 31.98
CA SER F 419 -16.39 9.07 33.09
C SER F 419 -16.11 7.66 33.59
N GLN F 420 -16.12 6.67 32.68
CA GLN F 420 -15.91 5.26 33.07
C GLN F 420 -14.44 4.85 33.19
N ILE F 421 -13.54 5.50 32.45
CA ILE F 421 -12.10 5.20 32.57
C ILE F 421 -11.62 5.55 33.98
N ALA F 422 -11.88 6.78 34.40
CA ALA F 422 -11.52 7.26 35.73
C ALA F 422 -12.25 6.49 36.83
N ALA F 423 -13.50 6.12 36.56
CA ALA F 423 -14.30 5.29 37.48
C ALA F 423 -13.64 3.93 37.69
N ALA F 424 -13.19 3.34 36.58
CA ALA F 424 -12.52 2.04 36.62
C ALA F 424 -11.20 2.09 37.36
N GLN F 425 -10.50 3.24 37.30
CA GLN F 425 -9.19 3.33 37.96
C GLN F 425 -9.24 3.86 39.40
N LEU F 427 -12.74 3.59 41.51
CA LEU F 427 -13.79 2.90 42.27
C LEU F 427 -13.31 1.52 42.71
N HIS F 428 -14.04 0.93 43.68
CA HIS F 428 -13.73 -0.41 44.16
C HIS F 428 -14.95 -1.32 44.27
N VAL F 429 -14.72 -2.59 43.95
CA VAL F 429 -15.75 -3.60 43.80
C VAL F 429 -15.32 -4.84 44.63
N PHE F 430 -16.29 -5.54 45.21
CA PHE F 430 -15.99 -6.59 46.21
C PHE F 430 -16.66 -7.94 45.99
N LYS F 431 -17.25 -8.12 44.81
CA LYS F 431 -17.91 -9.37 44.45
C LYS F 431 -18.03 -9.44 42.93
N ASP F 432 -18.23 -10.65 42.41
CA ASP F 432 -18.36 -10.85 40.96
C ASP F 432 -19.75 -10.39 40.48
N ARG F 433 -19.78 -9.81 39.28
CA ARG F 433 -20.97 -9.18 38.70
C ARG F 433 -21.44 -7.96 39.49
N HIS F 434 -20.50 -7.29 40.14
CA HIS F 434 -20.73 -5.97 40.73
C HIS F 434 -19.99 -4.90 39.93
N TRP F 435 -19.46 -5.29 38.77
CA TRP F 435 -19.01 -4.36 37.73
C TRP F 435 -19.62 -4.79 36.40
N ILE F 436 -20.70 -4.11 36.00
CA ILE F 436 -21.42 -4.42 34.76
C ILE F 436 -21.02 -3.40 33.69
N ASN F 437 -20.20 -3.84 32.74
CA ASN F 437 -19.56 -2.95 31.76
C ASN F 437 -19.34 -3.64 30.42
N CYS F 438 -19.84 -3.02 29.35
CA CYS F 438 -19.66 -3.53 27.99
C CYS F 438 -18.27 -3.22 27.46
N GLY F 439 -17.31 -4.04 27.85
CA GLY F 439 -15.88 -3.74 27.68
C GLY F 439 -15.28 -3.72 26.28
N GLN F 440 -15.86 -4.48 25.36
CA GLN F 440 -15.29 -4.61 24.00
C GLN F 440 -15.95 -3.70 22.96
N ALA F 441 -17.25 -3.47 23.08
CA ALA F 441 -18.00 -2.67 22.11
C ALA F 441 -18.30 -1.26 22.60
N GLY F 442 -18.58 -1.13 23.90
CA GLY F 442 -18.83 0.17 24.55
C GLY F 442 -19.74 1.14 23.79
N PRO F 443 -20.99 0.72 23.48
CA PRO F 443 -21.89 1.59 22.73
C PRO F 443 -22.52 2.64 23.63
N LEU F 444 -22.39 3.91 23.25
CA LEU F 444 -22.98 5.00 24.01
C LEU F 444 -24.51 4.82 24.09
N GLY F 445 -25.06 5.14 25.26
CA GLY F 445 -26.48 4.93 25.54
C GLY F 445 -26.76 3.67 26.33
N TRP F 446 -25.74 2.82 26.49
CA TRP F 446 -25.88 1.49 27.11
C TRP F 446 -26.27 1.55 28.59
N THR F 447 -25.75 2.55 29.29
CA THR F 447 -25.77 2.58 30.76
C THR F 447 -27.16 2.57 31.40
N ILE F 448 -28.04 3.45 30.96
CA ILE F 448 -29.39 3.53 31.54
C ILE F 448 -30.16 2.20 31.40
N PRO F 449 -30.37 1.72 30.17
CA PRO F 449 -31.10 0.46 30.03
C PRO F 449 -30.43 -0.71 30.72
N ALA F 450 -29.10 -0.82 30.59
CA ALA F 450 -28.35 -1.89 31.24
C ALA F 450 -28.60 -1.92 32.75
N ALA F 451 -28.55 -0.75 33.37
CA ALA F 451 -28.85 -0.59 34.79
C ALA F 451 -30.25 -1.08 35.13
N LEU F 452 -31.23 -0.67 34.33
CA LEU F 452 -32.62 -1.08 34.54
C LEU F 452 -32.78 -2.60 34.43
N GLY F 453 -32.03 -3.20 33.51
CA GLY F 453 -32.03 -4.66 33.33
C GLY F 453 -31.49 -5.42 34.53
N VAL F 454 -30.43 -4.89 35.12
CA VAL F 454 -29.86 -5.46 36.35
C VAL F 454 -30.89 -5.38 37.49
N CYS F 455 -31.54 -4.23 37.62
CA CYS F 455 -32.55 -4.03 38.66
C CYS F 455 -33.75 -4.96 38.52
N ALA F 456 -34.16 -5.22 37.27
CA ALA F 456 -35.23 -6.17 36.97
C ALA F 456 -34.79 -7.60 37.27
N ALA F 457 -33.51 -7.89 37.08
CA ALA F 457 -32.93 -9.19 37.38
C ALA F 457 -32.84 -9.45 38.89
N ASP F 458 -32.61 -8.39 39.66
CA ASP F 458 -32.46 -8.49 41.12
C ASP F 458 -32.88 -7.19 41.83
N PRO F 459 -34.13 -7.15 42.32
CA PRO F 459 -34.65 -6.01 43.11
C PRO F 459 -33.90 -5.71 44.41
N LYS F 460 -33.08 -6.65 44.89
CA LYS F 460 -32.25 -6.46 46.09
C LYS F 460 -30.89 -5.81 45.78
N ARG F 461 -30.50 -5.77 44.51
CA ARG F 461 -29.19 -5.26 44.10
C ARG F 461 -29.08 -3.74 44.30
N ASN F 462 -28.02 -3.32 44.98
CA ASN F 462 -27.72 -1.90 45.23
C ASN F 462 -27.03 -1.29 44.00
N VAL F 463 -27.84 -1.02 42.96
CA VAL F 463 -27.31 -0.60 41.65
C VAL F 463 -27.00 0.90 41.58
N VAL F 464 -25.79 1.21 41.12
CA VAL F 464 -25.35 2.59 40.95
C VAL F 464 -24.66 2.74 39.59
N ALA F 465 -25.17 3.64 38.75
CA ALA F 465 -24.63 3.83 37.40
C ALA F 465 -23.76 5.07 37.33
N ILE F 466 -22.74 5.02 36.46
CA ILE F 466 -21.90 6.19 36.14
C ILE F 466 -21.99 6.50 34.66
N SER F 467 -22.32 7.75 34.33
CA SER F 467 -22.30 8.21 32.94
C SER F 467 -21.71 9.62 32.82
N GLY F 468 -21.12 9.89 31.65
CA GLY F 468 -20.88 11.26 31.20
C GLY F 468 -22.14 11.82 30.55
N ASP F 469 -22.14 13.12 30.25
CA ASP F 469 -23.35 13.79 29.72
C ASP F 469 -23.79 13.26 28.35
N PHE F 470 -22.83 12.91 27.50
CA PHE F 470 -23.14 12.43 26.15
C PHE F 470 -23.75 11.02 26.18
N ASP F 471 -23.13 10.12 26.95
CA ASP F 471 -23.67 8.76 27.16
C ASP F 471 -25.09 8.84 27.73
N PHE F 472 -25.27 9.71 28.71
CA PHE F 472 -26.57 9.91 29.36
C PHE F 472 -27.68 10.31 28.38
N GLN F 473 -27.33 11.11 27.37
CA GLN F 473 -28.29 11.66 26.42
C GLN F 473 -28.74 10.70 25.31
N PHE F 474 -27.84 9.84 24.85
CA PHE F 474 -28.14 8.89 23.76
C PHE F 474 -29.52 8.20 23.89
N LEU F 475 -29.75 7.57 25.04
CA LEU F 475 -31.00 6.87 25.34
C LEU F 475 -31.63 7.40 26.64
N ILE F 476 -31.65 8.72 26.78
CA ILE F 476 -32.12 9.40 27.98
C ILE F 476 -33.59 9.11 28.32
N GLU F 477 -34.40 8.84 27.29
CA GLU F 477 -35.84 8.59 27.44
C GLU F 477 -36.18 7.31 28.22
N GLU F 478 -35.23 6.38 28.30
CA GLU F 478 -35.43 5.12 29.02
C GLU F 478 -35.60 5.32 30.53
N LEU F 479 -35.21 6.48 31.04
CA LEU F 479 -35.52 6.86 32.42
C LEU F 479 -37.03 6.76 32.69
N ALA F 480 -37.84 7.10 31.70
CA ALA F 480 -39.31 7.03 31.85
C ALA F 480 -39.84 5.58 31.99
N VAL F 481 -39.05 4.60 31.53
CA VAL F 481 -39.33 3.19 31.79
C VAL F 481 -39.19 2.93 33.29
N GLY F 482 -38.10 3.43 33.86
CA GLY F 482 -37.86 3.35 35.29
C GLY F 482 -38.93 4.03 36.13
N ALA F 483 -39.58 5.05 35.56
CA ALA F 483 -40.66 5.76 36.23
C ALA F 483 -41.99 5.01 36.10
N GLN F 484 -42.35 4.62 34.88
CA GLN F 484 -43.64 3.97 34.61
C GLN F 484 -43.77 2.69 35.42
N PHE F 485 -42.80 1.80 35.24
CA PHE F 485 -42.63 0.63 36.07
C PHE F 485 -41.78 1.19 37.19
N ASN F 486 -41.88 0.71 38.42
CA ASN F 486 -41.18 1.40 39.51
C ASN F 486 -39.84 0.74 39.81
N ILE F 487 -38.86 1.05 38.96
CA ILE F 487 -37.53 0.41 39.02
C ILE F 487 -36.49 1.42 39.51
N PRO F 488 -36.20 1.42 40.83
CA PRO F 488 -35.29 2.41 41.38
C PRO F 488 -33.80 2.01 41.32
N TYR F 489 -32.97 2.99 41.03
CA TYR F 489 -31.51 2.91 41.17
C TYR F 489 -30.96 4.33 41.21
N ILE F 490 -29.65 4.48 41.44
CA ILE F 490 -29.02 5.80 41.47
C ILE F 490 -28.12 5.96 40.25
N HIS F 491 -28.30 7.06 39.53
CA HIS F 491 -27.48 7.35 38.36
C HIS F 491 -26.60 8.57 38.58
N VAL F 492 -25.29 8.34 38.68
CA VAL F 492 -24.34 9.44 38.85
C VAL F 492 -23.96 9.96 37.48
N LEU F 493 -24.24 11.25 37.26
CA LEU F 493 -24.00 11.89 35.98
C LEU F 493 -22.90 12.93 36.16
N VAL F 494 -21.75 12.69 35.54
CA VAL F 494 -20.63 13.63 35.58
C VAL F 494 -20.61 14.47 34.30
N ASN F 495 -20.93 15.76 34.43
CA ASN F 495 -21.22 16.63 33.29
C ASN F 495 -20.12 17.66 33.05
N ASN F 496 -19.43 17.53 31.91
CA ASN F 496 -18.42 18.51 31.49
C ASN F 496 -18.74 19.20 30.16
N ALA F 497 -19.98 19.04 29.67
CA ALA F 497 -20.42 19.63 28.40
C ALA F 497 -19.44 19.33 27.24
N TYR F 498 -18.95 18.09 27.22
CA TYR F 498 -17.90 17.67 26.29
C TYR F 498 -18.03 16.20 25.95
N LEU F 499 -17.58 15.84 24.73
CA LEU F 499 -17.17 14.47 24.45
C LEU F 499 -15.74 14.39 24.97
N GLY F 500 -15.61 14.13 26.27
CA GLY F 500 -14.33 14.24 26.98
C GLY F 500 -13.22 13.39 26.40
N LEU F 501 -13.48 12.09 26.27
CA LEU F 501 -12.47 11.13 25.79
C LEU F 501 -11.96 11.51 24.40
N ILE F 502 -12.86 11.94 23.53
CA ILE F 502 -12.53 12.29 22.15
C ILE F 502 -11.70 13.57 22.10
N ARG F 503 -12.12 14.58 22.88
CA ARG F 503 -11.34 15.80 23.03
C ARG F 503 -9.90 15.47 23.42
N GLN F 504 -9.73 14.59 24.40
CA GLN F 504 -8.39 14.17 24.82
C GLN F 504 -7.61 13.49 23.70
N SER F 505 -8.28 12.59 22.95
CA SER F 505 -7.63 11.89 21.83
C SER F 505 -7.24 12.83 20.68
N GLN F 506 -7.95 13.96 20.57
CA GLN F 506 -7.68 14.95 19.53
C GLN F 506 -6.45 15.81 19.81
N ARG F 507 -5.86 15.69 21.01
CA ARG F 507 -4.64 16.43 21.35
C ARG F 507 -3.49 16.10 20.39
N ALA F 508 -3.37 14.82 20.04
CA ALA F 508 -2.36 14.34 19.07
C ALA F 508 -2.51 14.97 17.70
N PHE F 509 -3.73 15.36 17.34
CA PHE F 509 -4.02 16.07 16.08
C PHE F 509 -4.06 17.59 16.25
N ASP F 510 -3.71 18.08 17.43
CA ASP F 510 -3.60 19.52 17.69
C ASP F 510 -4.92 20.30 17.47
N ASP F 512 -9.47 20.88 18.76
CA ASP F 512 -10.62 20.74 19.64
C ASP F 512 -11.85 21.04 18.75
N TYR F 513 -12.42 19.98 18.16
CA TYR F 513 -13.27 20.11 16.98
C TYR F 513 -14.43 19.12 16.98
N CYS F 514 -15.65 19.65 17.01
CA CYS F 514 -16.89 18.86 17.03
C CYS F 514 -17.08 18.01 18.27
N VAL F 515 -16.49 18.42 19.39
CA VAL F 515 -16.56 17.65 20.64
C VAL F 515 -17.25 18.37 21.81
N GLN F 516 -17.68 19.61 21.59
CA GLN F 516 -18.37 20.40 22.61
C GLN F 516 -19.89 20.26 22.51
N LEU F 517 -20.55 20.17 23.68
CA LEU F 517 -22.02 20.13 23.79
C LEU F 517 -22.60 21.38 24.45
N ALA F 518 -21.74 22.34 24.80
CA ALA F 518 -22.14 23.53 25.53
C ALA F 518 -22.97 24.51 24.69
N PHE F 519 -24.01 25.07 25.30
CA PHE F 519 -24.70 26.25 24.75
C PHE F 519 -25.47 26.95 25.87
N GLU F 520 -25.82 28.21 25.62
CA GLU F 520 -26.64 28.98 26.58
C GLU F 520 -28.09 28.51 26.50
N ASN F 521 -28.53 27.77 27.50
CA ASN F 521 -29.90 27.29 27.55
C ASN F 521 -30.83 28.47 27.84
N ILE F 522 -31.71 28.76 26.88
CA ILE F 522 -32.62 29.92 26.99
C ILE F 522 -33.68 29.77 28.09
N ASN F 523 -33.81 28.56 28.65
CA ASN F 523 -34.73 28.30 29.76
C ASN F 523 -34.03 28.10 31.10
N SER F 524 -32.71 28.10 31.12
CA SER F 524 -31.93 27.71 32.32
C SER F 524 -30.58 28.43 32.49
N SER F 525 -30.58 29.52 33.25
CA SER F 525 -29.34 30.21 33.63
C SER F 525 -28.49 29.38 34.60
N GLU F 526 -29.17 28.63 35.46
CA GLU F 526 -28.51 27.86 36.53
C GLU F 526 -27.40 26.94 36.02
N VAL F 527 -27.54 26.43 34.78
CA VAL F 527 -26.54 25.55 34.18
C VAL F 527 -25.31 26.25 33.57
N ASN F 528 -25.30 27.59 33.59
CA ASN F 528 -24.12 28.39 33.21
C ASN F 528 -23.54 28.04 31.83
N GLY F 529 -24.40 27.93 30.82
CA GLY F 529 -23.95 27.64 29.46
C GLY F 529 -23.41 26.24 29.22
N TYR F 530 -23.74 25.30 30.11
CA TYR F 530 -23.36 23.88 29.93
C TYR F 530 -24.31 23.15 28.98
N GLY F 531 -25.42 23.79 28.62
CA GLY F 531 -26.32 23.29 27.58
C GLY F 531 -27.56 22.62 28.15
N VAL F 532 -27.60 21.30 28.02
CA VAL F 532 -28.77 20.53 28.46
C VAL F 532 -28.96 20.63 29.97
N ASP F 533 -30.21 20.84 30.37
CA ASP F 533 -30.61 20.84 31.77
C ASP F 533 -31.11 19.45 32.13
N HIS F 534 -30.21 18.61 32.60
CA HIS F 534 -30.50 17.21 32.90
C HIS F 534 -31.49 17.04 34.05
N VAL F 535 -31.53 18.01 34.96
CA VAL F 535 -32.50 18.00 36.06
C VAL F 535 -33.94 18.15 35.56
N LYS F 536 -34.18 19.13 34.69
CA LYS F 536 -35.50 19.32 34.09
C LYS F 536 -35.91 18.16 33.19
N VAL F 537 -34.95 17.64 32.43
CA VAL F 537 -35.22 16.49 31.56
C VAL F 537 -35.59 15.25 32.39
N ALA F 538 -34.83 14.99 33.44
CA ALA F 538 -35.07 13.84 34.32
C ALA F 538 -36.41 13.92 35.04
N GLU F 539 -36.75 15.11 35.51
CA GLU F 539 -38.02 15.33 36.21
C GLU F 539 -39.22 15.19 35.27
N GLY F 540 -39.08 15.73 34.05
CA GLY F 540 -40.11 15.57 33.02
C GLY F 540 -40.36 14.12 32.65
N LEU F 541 -39.31 13.31 32.68
CA LEU F 541 -39.40 11.87 32.43
C LEU F 541 -39.94 11.06 33.63
N GLY F 542 -40.23 11.75 34.73
CA GLY F 542 -40.91 11.13 35.88
C GLY F 542 -39.99 10.73 37.03
N CYS F 543 -38.73 11.14 36.93
CA CYS F 543 -37.69 10.76 37.88
C CYS F 543 -37.37 11.91 38.84
N LYS F 544 -36.49 11.63 39.79
CA LYS F 544 -35.93 12.65 40.65
C LYS F 544 -34.50 12.93 40.26
N ALA F 545 -34.05 14.15 40.53
CA ALA F 545 -32.73 14.59 40.13
C ALA F 545 -32.20 15.68 41.08
N ILE F 546 -30.89 15.61 41.35
CA ILE F 546 -30.20 16.60 42.18
C ILE F 546 -28.95 17.07 41.45
N ARG F 547 -28.71 18.38 41.48
CA ARG F 547 -27.50 18.97 40.88
C ARG F 547 -26.54 19.47 41.97
N VAL F 548 -25.25 19.18 41.76
CA VAL F 548 -24.19 19.50 42.72
C VAL F 548 -23.11 20.33 42.02
N PHE F 549 -22.81 21.50 42.61
CA PHE F 549 -21.76 22.40 42.11
C PHE F 549 -20.45 22.33 42.93
N LYS F 550 -20.56 21.94 44.20
CA LYS F 550 -19.42 21.95 45.12
C LYS F 550 -19.11 20.53 45.65
N PRO F 551 -17.81 20.21 45.86
CA PRO F 551 -17.42 18.83 46.26
C PRO F 551 -18.00 18.37 47.61
N GLU F 552 -18.13 19.31 48.55
CA GLU F 552 -18.70 19.00 49.88
C GLU F 552 -20.21 18.70 49.87
N ASP F 553 -20.90 19.07 48.78
CA ASP F 553 -22.33 18.77 48.61
C ASP F 553 -22.61 17.39 48.00
N ILE F 554 -21.56 16.66 47.63
CA ILE F 554 -21.71 15.35 46.98
C ILE F 554 -22.22 14.29 47.97
N ALA F 555 -21.59 14.21 49.14
CA ALA F 555 -22.00 13.23 50.16
C ALA F 555 -23.47 13.39 50.58
N PRO F 556 -23.89 14.62 50.96
CA PRO F 556 -25.30 14.84 51.29
C PRO F 556 -26.26 14.51 50.16
N ALA F 557 -25.85 14.76 48.92
CA ALA F 557 -26.67 14.48 47.74
C ALA F 557 -26.97 12.98 47.62
N PHE F 558 -25.94 12.15 47.84
CA PHE F 558 -26.10 10.70 47.81
C PHE F 558 -27.07 10.19 48.90
N GLU F 559 -27.02 10.80 50.08
CA GLU F 559 -27.96 10.48 51.15
C GLU F 559 -29.40 10.88 50.78
N GLN F 560 -29.55 12.08 50.24
CA GLN F 560 -30.82 12.55 49.69
C GLN F 560 -31.36 11.58 48.64
N ALA F 561 -30.47 11.14 47.74
CA ALA F 561 -30.83 10.21 46.67
C ALA F 561 -31.38 8.87 47.20
N LYS F 562 -30.73 8.32 48.21
CA LYS F 562 -31.16 7.07 48.86
C LYS F 562 -32.56 7.20 49.48
N ALA F 563 -32.85 8.36 50.05
CA ALA F 563 -34.17 8.64 50.65
C ALA F 563 -35.28 8.75 49.59
N LEU F 564 -34.98 9.48 48.51
CA LEU F 564 -35.93 9.65 47.40
C LEU F 564 -36.29 8.32 46.73
N ALA F 566 -36.35 5.36 48.18
CA ALA F 566 -37.14 4.56 49.10
C ALA F 566 -38.62 4.92 49.07
N GLN F 567 -38.91 6.22 49.03
CA GLN F 567 -40.31 6.69 49.08
C GLN F 567 -40.97 6.76 47.71
N TYR F 568 -40.25 7.23 46.69
CA TYR F 568 -40.82 7.40 45.34
C TYR F 568 -40.65 6.17 44.43
N ARG F 569 -39.65 5.34 44.68
CA ARG F 569 -39.44 4.09 43.92
C ARG F 569 -39.15 4.34 42.44
N VAL F 570 -38.30 5.32 42.16
CA VAL F 570 -37.93 5.67 40.79
C VAL F 570 -36.42 5.92 40.68
N PRO F 571 -35.88 5.91 39.44
CA PRO F 571 -34.49 6.31 39.28
C PRO F 571 -34.23 7.71 39.81
N VAL F 572 -33.09 7.89 40.47
CA VAL F 572 -32.69 9.20 40.99
C VAL F 572 -31.33 9.58 40.40
N VAL F 573 -31.30 10.70 39.68
CA VAL F 573 -30.11 11.17 39.00
C VAL F 573 -29.37 12.18 39.86
N VAL F 574 -28.08 11.95 40.09
CA VAL F 574 -27.24 12.92 40.80
C VAL F 574 -26.24 13.50 39.80
N GLU F 575 -26.52 14.73 39.36
CA GLU F 575 -25.66 15.40 38.39
C GLU F 575 -24.58 16.22 39.09
N VAL F 576 -23.32 15.97 38.73
CA VAL F 576 -22.19 16.77 39.23
C VAL F 576 -21.61 17.62 38.10
N ILE F 577 -21.55 18.92 38.33
CA ILE F 577 -20.99 19.86 37.36
C ILE F 577 -19.46 19.83 37.45
N LEU F 578 -18.82 19.26 36.43
CA LEU F 578 -17.37 19.14 36.40
C LEU F 578 -16.72 20.36 35.78
N GLU F 579 -15.42 20.50 36.03
CA GLU F 579 -14.60 21.42 35.24
C GLU F 579 -14.63 20.90 33.81
N ARG F 580 -14.49 21.81 32.86
CA ARG F 580 -14.70 21.49 31.45
C ARG F 580 -13.67 20.51 30.88
N VAL F 581 -12.40 20.72 31.22
CA VAL F 581 -11.31 19.92 30.67
C VAL F 581 -10.45 19.28 31.77
N THR F 582 -10.44 17.95 31.78
CA THR F 582 -9.58 17.15 32.64
C THR F 582 -8.99 15.98 31.83
N ASN F 583 -7.67 15.87 31.83
CA ASN F 583 -6.99 14.79 31.10
C ASN F 583 -6.71 13.61 32.01
N ILE F 584 -7.37 12.49 31.72
CA ILE F 584 -7.26 11.28 32.51
C ILE F 584 -6.02 10.48 32.07
N SER F 585 -5.40 9.80 33.02
CA SER F 585 -4.17 9.04 32.73
C SER F 585 -4.41 7.89 31.76
N GLY F 587 -2.15 5.73 28.05
CA GLY F 587 -1.00 5.61 27.16
C GLY F 587 -1.16 4.50 26.14
N SER F 588 -0.18 4.36 25.25
CA SER F 588 -0.24 3.32 24.22
C SER F 588 0.55 2.06 24.60
N GLU F 589 1.29 2.11 25.70
CA GLU F 589 2.01 0.95 26.25
C GLU F 589 1.95 0.95 27.77
N LEU F 590 2.13 -0.22 28.38
CA LEU F 590 2.13 -0.37 29.84
C LEU F 590 3.21 0.48 30.53
N ASP F 591 4.37 0.61 29.89
CA ASP F 591 5.50 1.41 30.43
C ASP F 591 5.47 2.88 29.98
N ASN F 592 4.33 3.30 29.44
CA ASN F 592 4.23 4.55 28.70
C ASN F 592 2.97 5.33 29.08
N VAL F 593 2.29 4.93 30.15
CA VAL F 593 1.04 5.58 30.56
C VAL F 593 1.41 6.94 31.14
N GLU F 595 0.69 10.49 33.13
CA GLU F 595 -0.03 11.11 34.24
C GLU F 595 -0.12 12.62 34.02
N PHE F 596 -1.32 13.10 33.69
CA PHE F 596 -1.55 14.53 33.46
C PHE F 596 -1.94 15.23 34.75
N GLU F 597 -2.87 14.62 35.47
CA GLU F 597 -3.30 15.11 36.78
C GLU F 597 -2.35 14.64 37.87
N ASP F 598 -2.46 15.24 39.04
CA ASP F 598 -1.55 14.95 40.16
C ASP F 598 -1.57 13.48 40.55
N ILE F 599 -0.37 12.90 40.67
CA ILE F 599 -0.20 11.57 41.27
C ILE F 599 -0.25 11.68 42.79
N ALA F 600 -0.15 10.54 43.47
CA ALA F 600 -0.19 10.52 44.93
C ALA F 600 0.59 9.32 45.48
N ASP F 601 1.24 9.52 46.63
CA ASP F 601 1.99 8.44 47.30
C ASP F 601 1.57 8.21 48.76
N ASN F 602 0.45 8.81 49.16
CA ASN F 602 -0.07 8.67 50.52
C ASN F 602 -1.60 8.78 50.55
N ALA F 603 -2.19 8.42 51.68
CA ALA F 603 -3.64 8.32 51.82
C ALA F 603 -4.36 9.68 51.89
N ALA F 604 -3.69 10.74 52.33
CA ALA F 604 -4.32 12.05 52.42
C ALA F 604 -4.88 12.51 51.07
N ASP F 605 -4.13 12.22 50.00
CA ASP F 605 -4.53 12.57 48.63
C ASP F 605 -5.44 11.51 47.98
N ALA F 606 -5.30 10.25 48.41
CA ALA F 606 -6.09 9.15 47.85
C ALA F 606 -6.69 8.29 48.96
N PRO F 607 -7.61 8.87 49.75
CA PRO F 607 -8.08 8.23 51.00
C PRO F 607 -8.96 6.98 50.87
N THR F 608 -9.44 6.64 49.68
CA THR F 608 -10.37 5.51 49.52
C THR F 608 -9.76 4.25 48.89
N GLU F 609 -8.44 4.18 48.80
CA GLU F 609 -7.77 2.92 48.45
C GLU F 609 -8.06 1.90 49.54
N THR F 610 -8.26 0.64 49.15
CA THR F 610 -8.72 -0.40 50.11
C THR F 610 -7.73 -0.68 51.24
N CYS F 611 -6.45 -0.39 51.00
CA CYS F 611 -5.43 -0.55 52.02
C CYS F 611 -5.53 0.52 53.11
N PHE F 612 -6.15 1.65 52.78
CA PHE F 612 -6.30 2.78 53.69
C PHE F 612 -7.66 2.84 54.36
N HIS F 614 -11.44 0.56 55.42
CA HIS F 614 -12.27 -0.63 55.58
C HIS F 614 -13.62 -0.40 54.90
N TYR F 615 -14.03 -1.34 54.05
CA TYR F 615 -15.27 -1.21 53.30
C TYR F 615 -16.42 -1.96 53.98
N GLU F 616 -17.38 -1.19 54.48
CA GLU F 616 -18.56 -1.67 55.20
C GLU F 616 -18.18 -2.54 56.39
#